data_2JMD
#
_entry.id   2JMD
#
_cell.length_a   1.000
_cell.length_b   1.000
_cell.length_c   1.000
_cell.angle_alpha   90.00
_cell.angle_beta   90.00
_cell.angle_gamma   90.00
#
_symmetry.space_group_name_H-M   'P 1'
#
loop_
_entity.id
_entity.type
_entity.pdbx_description
1 polymer 'TNF receptor-associated factor 6'
2 non-polymer 'ZINC ION'
#
_entity_poly.entity_id   1
_entity_poly.type   'polypeptide(L)'
_entity_poly.pdbx_seq_one_letter_code
;GPLGSKYECPICLMALREAVQTPCGHRFCKACIIKSIRDAGHKCPVDNEILLENQLFPDNFAK
;
_entity_poly.pdbx_strand_id   A
#
# COMPACT_ATOMS: atom_id res chain seq x y z
N GLY A 1 -5.58 -10.68 15.83
CA GLY A 1 -6.87 -10.93 16.48
C GLY A 1 -7.82 -11.64 15.55
N PRO A 2 -9.00 -11.07 15.26
CA PRO A 2 -9.96 -11.67 14.33
C PRO A 2 -9.36 -11.83 12.94
N LEU A 3 -9.71 -12.91 12.28
CA LEU A 3 -9.16 -13.20 10.98
C LEU A 3 -10.19 -12.81 9.92
N GLY A 4 -9.79 -11.96 8.99
CA GLY A 4 -10.71 -11.49 7.97
C GLY A 4 -10.51 -10.01 7.71
N SER A 5 -9.53 -9.71 6.89
CA SER A 5 -9.18 -8.34 6.58
C SER A 5 -10.17 -7.71 5.61
N LYS A 6 -10.48 -6.45 5.83
CA LYS A 6 -11.30 -5.68 4.92
C LYS A 6 -10.61 -4.34 4.64
N TYR A 7 -9.98 -4.23 3.47
CA TYR A 7 -9.10 -3.11 3.13
C TYR A 7 -8.11 -2.84 4.26
N GLU A 8 -7.10 -3.66 4.32
CA GLU A 8 -6.16 -3.63 5.41
C GLU A 8 -4.75 -3.72 4.86
N CYS A 9 -3.83 -3.12 5.55
CA CYS A 9 -2.44 -3.16 5.16
C CYS A 9 -1.80 -4.39 5.81
N PRO A 10 -1.44 -5.41 5.01
CA PRO A 10 -0.86 -6.66 5.51
C PRO A 10 0.52 -6.43 6.11
N ILE A 11 1.12 -5.32 5.78
CA ILE A 11 2.44 -4.96 6.25
C ILE A 11 2.44 -4.75 7.77
N CYS A 12 1.45 -4.04 8.25
CA CYS A 12 1.37 -3.71 9.67
C CYS A 12 0.16 -4.37 10.33
N LEU A 13 -0.69 -4.97 9.51
CA LEU A 13 -1.97 -5.53 9.94
C LEU A 13 -2.84 -4.47 10.61
N MET A 14 -2.73 -3.23 10.13
CA MET A 14 -3.53 -2.12 10.64
C MET A 14 -4.41 -1.58 9.54
N ALA A 15 -5.41 -0.79 9.92
CA ALA A 15 -6.28 -0.12 8.96
C ALA A 15 -5.45 0.85 8.11
N LEU A 16 -5.91 1.10 6.91
CA LEU A 16 -5.12 1.84 5.94
C LEU A 16 -4.98 3.29 6.34
N ARG A 17 -3.76 3.74 6.55
CA ARG A 17 -3.48 5.11 6.86
C ARG A 17 -3.22 5.91 5.59
N GLU A 18 -4.12 6.88 5.31
CA GLU A 18 -4.07 7.73 4.11
C GLU A 18 -4.39 6.97 2.82
N ALA A 19 -4.31 5.64 2.89
CA ALA A 19 -4.67 4.72 1.81
C ALA A 19 -4.05 5.10 0.46
N VAL A 20 -2.89 4.57 0.16
CA VAL A 20 -2.29 4.82 -1.12
C VAL A 20 -2.46 3.62 -2.04
N GLN A 21 -3.18 3.83 -3.12
CA GLN A 21 -3.43 2.78 -4.06
C GLN A 21 -2.25 2.60 -5.01
N THR A 22 -1.88 1.37 -5.20
CA THR A 22 -0.86 1.01 -6.15
C THR A 22 -1.50 0.81 -7.52
N PRO A 23 -0.72 0.86 -8.62
CA PRO A 23 -1.22 0.52 -9.97
C PRO A 23 -1.66 -0.94 -10.04
N CYS A 24 -1.20 -1.72 -9.08
CA CYS A 24 -1.58 -3.10 -8.90
C CYS A 24 -3.05 -3.19 -8.43
N GLY A 25 -3.55 -2.11 -7.87
CA GLY A 25 -4.92 -2.09 -7.39
C GLY A 25 -5.02 -2.36 -5.91
N HIS A 26 -3.89 -2.53 -5.26
CA HIS A 26 -3.86 -2.78 -3.84
C HIS A 26 -3.59 -1.49 -3.08
N ARG A 27 -4.33 -1.27 -2.01
CA ARG A 27 -4.17 -0.08 -1.21
C ARG A 27 -3.40 -0.41 0.05
N PHE A 28 -2.45 0.44 0.39
CA PHE A 28 -1.59 0.25 1.56
C PHE A 28 -1.51 1.56 2.31
N CYS A 29 -1.01 1.52 3.54
CA CYS A 29 -0.76 2.74 4.28
C CYS A 29 0.33 3.54 3.59
N LYS A 30 0.26 4.84 3.72
CA LYS A 30 1.15 5.77 3.03
C LYS A 30 2.61 5.66 3.52
N ALA A 31 2.84 4.94 4.60
CA ALA A 31 4.18 4.81 5.12
C ALA A 31 4.67 3.37 5.06
N CYS A 32 3.77 2.43 5.33
CA CYS A 32 4.11 1.03 5.39
C CYS A 32 4.63 0.52 4.05
N ILE A 33 3.95 0.89 2.97
CA ILE A 33 4.35 0.46 1.65
C ILE A 33 5.68 1.08 1.26
N ILE A 34 5.88 2.36 1.60
CA ILE A 34 7.13 3.05 1.30
C ILE A 34 8.30 2.40 2.02
N LYS A 35 8.09 2.03 3.28
CA LYS A 35 9.14 1.46 4.10
C LYS A 35 9.33 -0.03 3.76
N SER A 36 8.54 -0.52 2.84
CA SER A 36 8.71 -1.89 2.39
C SER A 36 9.34 -1.92 0.99
N ILE A 37 9.24 -0.81 0.26
CA ILE A 37 9.72 -0.80 -1.12
C ILE A 37 11.05 -0.11 -1.27
N ARG A 38 11.38 0.80 -0.39
CA ARG A 38 12.68 1.46 -0.46
C ARG A 38 13.63 0.90 0.58
N ASP A 39 13.19 -0.17 1.23
CA ASP A 39 13.99 -0.84 2.24
C ASP A 39 14.38 -2.24 1.80
N ALA A 40 13.38 -3.04 1.44
CA ALA A 40 13.62 -4.39 0.96
C ALA A 40 13.76 -4.39 -0.56
N GLY A 41 12.67 -4.09 -1.24
CA GLY A 41 12.69 -4.00 -2.68
C GLY A 41 11.40 -3.40 -3.16
N HIS A 42 11.40 -2.92 -4.39
CA HIS A 42 10.22 -2.23 -4.91
C HIS A 42 9.16 -3.21 -5.40
N LYS A 43 8.38 -3.73 -4.47
CA LYS A 43 7.32 -4.65 -4.77
C LYS A 43 6.21 -4.55 -3.73
N CYS A 44 5.00 -4.92 -4.11
CA CYS A 44 3.94 -5.08 -3.14
C CYS A 44 4.06 -6.47 -2.52
N PRO A 45 4.13 -6.57 -1.20
CA PRO A 45 4.44 -7.84 -0.51
C PRO A 45 3.44 -8.96 -0.76
N VAL A 46 2.19 -8.60 -1.05
CA VAL A 46 1.13 -9.59 -1.25
C VAL A 46 1.39 -10.47 -2.49
N ASP A 47 1.68 -9.81 -3.61
CA ASP A 47 1.75 -10.51 -4.90
C ASP A 47 2.99 -10.16 -5.71
N ASN A 48 3.90 -9.41 -5.10
CA ASN A 48 5.22 -9.08 -5.67
C ASN A 48 5.19 -8.34 -7.01
N GLU A 49 4.25 -7.43 -7.18
CA GLU A 49 4.29 -6.55 -8.34
C GLU A 49 5.22 -5.38 -8.06
N ILE A 50 5.89 -4.89 -9.09
CA ILE A 50 6.85 -3.82 -8.94
C ILE A 50 6.12 -2.53 -8.53
N LEU A 51 6.50 -1.98 -7.40
CA LEU A 51 5.83 -0.79 -6.90
C LEU A 51 6.84 0.31 -6.62
N LEU A 52 6.60 1.47 -7.19
CA LEU A 52 7.45 2.64 -7.02
C LEU A 52 6.71 3.70 -6.22
N GLU A 53 7.45 4.52 -5.49
CA GLU A 53 6.87 5.56 -4.64
C GLU A 53 6.03 6.55 -5.45
N ASN A 54 6.51 6.89 -6.63
CA ASN A 54 5.82 7.86 -7.49
C ASN A 54 4.59 7.25 -8.16
N GLN A 55 4.51 5.93 -8.13
CA GLN A 55 3.36 5.21 -8.69
C GLN A 55 2.22 5.15 -7.69
N LEU A 56 2.51 5.46 -6.44
CA LEU A 56 1.50 5.49 -5.40
C LEU A 56 0.64 6.74 -5.50
N PHE A 57 -0.65 6.55 -5.41
CA PHE A 57 -1.58 7.65 -5.39
C PHE A 57 -2.54 7.48 -4.24
N PRO A 58 -2.65 8.49 -3.35
CA PRO A 58 -3.60 8.44 -2.24
C PRO A 58 -5.02 8.26 -2.76
N ASP A 59 -5.76 7.40 -2.12
CA ASP A 59 -7.10 7.07 -2.53
C ASP A 59 -8.04 8.19 -2.18
N ASN A 60 -8.91 8.52 -3.10
CA ASN A 60 -9.87 9.55 -2.83
C ASN A 60 -11.12 8.95 -2.24
N PHE A 61 -11.26 9.13 -0.95
CA PHE A 61 -12.38 8.60 -0.21
C PHE A 61 -13.45 9.65 -0.02
N ALA A 62 -13.27 10.77 -0.70
CA ALA A 62 -14.22 11.88 -0.63
C ALA A 62 -15.35 11.72 -1.65
N LYS A 63 -15.34 10.61 -2.36
CA LYS A 63 -16.40 10.34 -3.32
C LYS A 63 -17.57 9.56 -2.70
N GLY A 1 -13.21 -16.11 6.96
CA GLY A 1 -13.87 -16.26 5.66
C GLY A 1 -12.91 -16.04 4.52
N PRO A 2 -13.40 -15.63 3.34
CA PRO A 2 -12.55 -15.38 2.17
C PRO A 2 -11.76 -14.07 2.32
N LEU A 3 -10.59 -14.03 1.71
CA LEU A 3 -9.78 -12.81 1.68
C LEU A 3 -10.52 -11.68 0.96
N GLY A 4 -11.06 -12.03 -0.21
CA GLY A 4 -11.78 -11.07 -1.03
C GLY A 4 -10.97 -9.82 -1.30
N SER A 5 -11.55 -8.69 -1.02
CA SER A 5 -10.88 -7.41 -1.10
C SER A 5 -11.24 -6.60 0.13
N LYS A 6 -10.25 -6.23 0.91
CA LYS A 6 -10.49 -5.54 2.15
C LYS A 6 -9.70 -4.24 2.22
N TYR A 7 -9.93 -3.49 3.26
CA TYR A 7 -9.35 -2.16 3.40
C TYR A 7 -8.25 -2.17 4.43
N GLU A 8 -7.64 -3.32 4.54
CA GLU A 8 -6.55 -3.53 5.46
C GLU A 8 -5.21 -3.35 4.73
N CYS A 9 -4.29 -2.67 5.36
CA CYS A 9 -2.91 -2.63 4.91
C CYS A 9 -2.21 -3.84 5.51
N PRO A 10 -1.90 -4.86 4.69
CA PRO A 10 -1.35 -6.14 5.19
C PRO A 10 0.00 -6.00 5.87
N ILE A 11 0.69 -4.91 5.57
CA ILE A 11 2.00 -4.67 6.16
C ILE A 11 1.89 -4.44 7.67
N CYS A 12 0.91 -3.66 8.08
CA CYS A 12 0.72 -3.36 9.48
C CYS A 12 -0.41 -4.21 10.08
N LEU A 13 -1.29 -4.71 9.22
CA LEU A 13 -2.48 -5.48 9.61
C LEU A 13 -3.42 -4.68 10.50
N MET A 14 -3.33 -3.37 10.45
CA MET A 14 -4.22 -2.52 11.23
C MET A 14 -5.36 -2.01 10.37
N ALA A 15 -5.04 -1.09 9.46
CA ALA A 15 -6.01 -0.43 8.61
C ALA A 15 -5.27 0.42 7.61
N LEU A 16 -5.97 1.26 6.88
CA LEU A 16 -5.34 2.16 5.95
C LEU A 16 -5.13 3.53 6.57
N ARG A 17 -3.89 3.85 6.89
CA ARG A 17 -3.56 5.18 7.38
C ARG A 17 -3.81 6.23 6.33
N GLU A 18 -3.31 6.00 5.13
CA GLU A 18 -3.46 7.00 4.08
C GLU A 18 -4.29 6.50 2.92
N ALA A 19 -4.47 5.18 2.86
CA ALA A 19 -5.20 4.53 1.78
C ALA A 19 -4.67 4.93 0.41
N VAL A 20 -3.54 4.37 0.03
CA VAL A 20 -2.98 4.65 -1.28
C VAL A 20 -3.18 3.47 -2.22
N GLN A 21 -3.95 3.70 -3.27
CA GLN A 21 -4.23 2.69 -4.27
C GLN A 21 -2.98 2.42 -5.11
N THR A 22 -2.58 1.18 -5.19
CA THR A 22 -1.43 0.78 -5.97
C THR A 22 -1.85 0.46 -7.40
N PRO A 23 -0.91 0.50 -8.36
CA PRO A 23 -1.22 0.22 -9.76
C PRO A 23 -1.67 -1.22 -10.02
N CYS A 24 -1.31 -2.14 -9.12
CA CYS A 24 -1.72 -3.52 -9.24
C CYS A 24 -3.18 -3.72 -8.84
N GLY A 25 -3.55 -3.12 -7.72
CA GLY A 25 -4.90 -3.27 -7.23
C GLY A 25 -4.94 -3.61 -5.75
N HIS A 26 -4.19 -2.87 -4.95
CA HIS A 26 -4.18 -3.01 -3.50
C HIS A 26 -4.12 -1.63 -2.87
N ARG A 27 -4.44 -1.55 -1.60
CA ARG A 27 -4.26 -0.31 -0.88
C ARG A 27 -3.41 -0.53 0.34
N PHE A 28 -2.50 0.39 0.57
CA PHE A 28 -1.58 0.33 1.69
C PHE A 28 -1.50 1.70 2.34
N CYS A 29 -0.88 1.76 3.49
CA CYS A 29 -0.58 3.05 4.08
C CYS A 29 0.68 3.58 3.40
N LYS A 30 0.78 4.89 3.25
CA LYS A 30 1.89 5.49 2.53
C LYS A 30 3.18 5.45 3.37
N ALA A 31 3.07 4.99 4.59
CA ALA A 31 4.22 4.94 5.46
C ALA A 31 4.61 3.51 5.74
N CYS A 32 3.69 2.58 5.49
CA CYS A 32 4.00 1.18 5.61
C CYS A 32 4.62 0.66 4.33
N ILE A 33 3.99 0.98 3.19
CA ILE A 33 4.46 0.46 1.91
C ILE A 33 5.81 1.04 1.50
N ILE A 34 6.00 2.34 1.70
CA ILE A 34 7.25 3.00 1.33
C ILE A 34 8.43 2.46 2.13
N LYS A 35 8.21 2.26 3.42
CA LYS A 35 9.27 1.83 4.32
C LYS A 35 9.54 0.32 4.13
N SER A 36 8.77 -0.29 3.25
CA SER A 36 8.96 -1.69 2.90
C SER A 36 9.59 -1.81 1.51
N ILE A 37 9.38 -0.81 0.67
CA ILE A 37 9.82 -0.90 -0.73
C ILE A 37 11.06 -0.08 -1.01
N ARG A 38 11.35 0.93 -0.20
CA ARG A 38 12.46 1.83 -0.48
C ARG A 38 13.80 1.22 -0.10
N ASP A 39 13.76 0.16 0.69
CA ASP A 39 14.99 -0.47 1.14
C ASP A 39 15.05 -1.94 0.74
N ALA A 40 14.01 -2.69 1.11
CA ALA A 40 13.95 -4.11 0.80
C ALA A 40 13.81 -4.35 -0.70
N GLY A 41 12.70 -3.93 -1.27
CA GLY A 41 12.49 -4.11 -2.69
C GLY A 41 11.27 -3.38 -3.16
N HIS A 42 11.36 -2.77 -4.33
CA HIS A 42 10.24 -2.02 -4.91
C HIS A 42 9.22 -2.94 -5.55
N LYS A 43 8.58 -3.72 -4.73
CA LYS A 43 7.57 -4.65 -5.16
C LYS A 43 6.56 -4.84 -4.05
N CYS A 44 5.37 -5.24 -4.40
CA CYS A 44 4.36 -5.56 -3.42
C CYS A 44 4.81 -6.77 -2.61
N PRO A 45 4.77 -6.69 -1.28
CA PRO A 45 5.11 -7.83 -0.42
C PRO A 45 4.09 -8.96 -0.58
N VAL A 46 2.91 -8.59 -1.07
CA VAL A 46 1.80 -9.51 -1.24
C VAL A 46 1.88 -10.21 -2.61
N ASP A 47 1.54 -9.50 -3.66
CA ASP A 47 1.43 -10.08 -5.00
C ASP A 47 2.71 -9.91 -5.82
N ASN A 48 3.75 -9.37 -5.20
CA ASN A 48 5.10 -9.27 -5.78
C ASN A 48 5.13 -8.57 -7.13
N GLU A 49 4.25 -7.61 -7.32
CA GLU A 49 4.25 -6.82 -8.53
C GLU A 49 5.17 -5.63 -8.33
N ILE A 50 5.70 -5.10 -9.43
CA ILE A 50 6.59 -3.96 -9.35
C ILE A 50 5.82 -2.76 -8.82
N LEU A 51 6.23 -2.26 -7.68
CA LEU A 51 5.53 -1.19 -7.02
C LEU A 51 6.50 -0.05 -6.77
N LEU A 52 6.18 1.10 -7.32
CA LEU A 52 7.09 2.24 -7.29
C LEU A 52 6.55 3.34 -6.39
N GLU A 53 7.46 4.03 -5.74
CA GLU A 53 7.16 5.12 -4.81
C GLU A 53 6.52 6.29 -5.56
N ASN A 54 6.97 6.51 -6.78
CA ASN A 54 6.50 7.61 -7.62
C ASN A 54 5.03 7.44 -7.98
N GLN A 55 4.58 6.21 -8.12
CA GLN A 55 3.24 5.92 -8.58
C GLN A 55 2.24 5.85 -7.44
N LEU A 56 2.75 5.88 -6.22
CA LEU A 56 1.91 5.94 -5.04
C LEU A 56 1.37 7.35 -4.86
N PHE A 57 0.12 7.45 -4.45
CA PHE A 57 -0.52 8.75 -4.31
C PHE A 57 0.01 9.50 -3.09
N PRO A 58 0.11 10.84 -3.20
CA PRO A 58 0.54 11.70 -2.09
C PRO A 58 -0.40 11.58 -0.89
N ASP A 59 0.15 11.68 0.31
CA ASP A 59 -0.62 11.48 1.54
C ASP A 59 -1.31 12.74 1.99
N ASN A 60 -1.96 12.65 3.13
CA ASN A 60 -2.81 13.72 3.63
C ASN A 60 -2.15 14.54 4.73
N PHE A 61 -0.84 14.43 4.90
CA PHE A 61 -0.21 15.14 6.00
C PHE A 61 1.15 15.72 5.61
N ALA A 62 1.48 16.82 6.25
CA ALA A 62 2.79 17.44 6.07
C ALA A 62 3.76 16.78 7.02
N LYS A 63 3.24 16.40 8.17
CA LYS A 63 3.99 15.70 9.20
C LYS A 63 3.01 15.18 10.23
N GLY A 1 -9.59 -14.50 -0.23
CA GLY A 1 -9.36 -13.35 0.66
C GLY A 1 -10.61 -12.52 0.80
N PRO A 2 -10.47 -11.21 1.04
CA PRO A 2 -11.60 -10.28 1.17
C PRO A 2 -12.40 -10.20 -0.11
N LEU A 3 -13.69 -9.97 0.03
CA LEU A 3 -14.53 -9.78 -1.12
C LEU A 3 -14.45 -8.33 -1.52
N GLY A 4 -14.18 -8.09 -2.79
CA GLY A 4 -13.98 -6.72 -3.24
C GLY A 4 -12.56 -6.26 -2.96
N SER A 5 -12.39 -4.97 -2.84
CA SER A 5 -11.08 -4.40 -2.58
C SER A 5 -10.66 -4.67 -1.13
N LYS A 6 -9.37 -4.85 -0.91
CA LYS A 6 -8.85 -5.02 0.43
C LYS A 6 -8.56 -3.64 1.03
N TYR A 7 -9.14 -3.37 2.19
CA TYR A 7 -8.95 -2.07 2.84
C TYR A 7 -8.07 -2.24 4.07
N GLU A 8 -7.46 -3.38 4.15
CA GLU A 8 -6.55 -3.69 5.20
C GLU A 8 -5.14 -3.64 4.65
N CYS A 9 -4.31 -2.85 5.26
CA CYS A 9 -2.91 -2.83 4.92
C CYS A 9 -2.22 -3.95 5.71
N PRO A 10 -1.81 -5.05 5.03
CA PRO A 10 -1.24 -6.21 5.70
C PRO A 10 0.12 -5.93 6.33
N ILE A 11 0.75 -4.86 5.88
CA ILE A 11 2.04 -4.46 6.39
C ILE A 11 1.95 -4.03 7.86
N CYS A 12 0.92 -3.26 8.19
CA CYS A 12 0.75 -2.80 9.57
C CYS A 12 -0.30 -3.62 10.29
N LEU A 13 -1.24 -4.18 9.53
CA LEU A 13 -2.36 -4.96 10.05
C LEU A 13 -3.28 -4.09 10.91
N MET A 14 -3.25 -2.78 10.70
CA MET A 14 -4.16 -1.88 11.42
C MET A 14 -5.37 -1.60 10.55
N ALA A 15 -5.13 -0.83 9.49
CA ALA A 15 -6.13 -0.32 8.58
C ALA A 15 -5.42 0.53 7.56
N LEU A 16 -6.13 1.42 6.91
CA LEU A 16 -5.49 2.34 5.99
C LEU A 16 -5.27 3.67 6.69
N ARG A 17 -4.03 3.93 7.07
CA ARG A 17 -3.69 5.18 7.73
C ARG A 17 -3.83 6.37 6.77
N GLU A 18 -3.33 6.18 5.56
CA GLU A 18 -3.39 7.23 4.55
C GLU A 18 -4.18 6.78 3.34
N ALA A 19 -4.40 5.47 3.23
CA ALA A 19 -5.08 4.86 2.09
C ALA A 19 -4.43 5.25 0.75
N VAL A 20 -3.35 4.57 0.41
CA VAL A 20 -2.70 4.80 -0.86
C VAL A 20 -2.99 3.66 -1.84
N GLN A 21 -3.67 4.01 -2.89
CA GLN A 21 -4.05 3.08 -3.92
C GLN A 21 -2.87 2.88 -4.88
N THR A 22 -2.53 1.64 -5.13
CA THR A 22 -1.44 1.35 -6.04
C THR A 22 -1.99 0.95 -7.41
N PRO A 23 -1.22 1.15 -8.50
CA PRO A 23 -1.66 0.79 -9.85
C PRO A 23 -1.89 -0.73 -10.00
N CYS A 24 -1.25 -1.49 -9.13
CA CYS A 24 -1.38 -2.93 -9.12
C CYS A 24 -2.74 -3.34 -8.52
N GLY A 25 -3.41 -2.40 -7.86
CA GLY A 25 -4.72 -2.69 -7.29
C GLY A 25 -4.65 -3.13 -5.84
N HIS A 26 -3.61 -2.69 -5.16
CA HIS A 26 -3.47 -2.96 -3.73
C HIS A 26 -3.59 -1.63 -3.02
N ARG A 27 -4.02 -1.61 -1.79
CA ARG A 27 -4.20 -0.35 -1.12
C ARG A 27 -3.52 -0.43 0.26
N PHE A 28 -2.58 0.47 0.51
CA PHE A 28 -1.75 0.42 1.72
C PHE A 28 -1.73 1.78 2.42
N CYS A 29 -0.85 1.92 3.40
CA CYS A 29 -0.61 3.20 4.04
C CYS A 29 0.65 3.83 3.46
N LYS A 30 0.72 5.16 3.54
CA LYS A 30 1.83 5.94 2.97
C LYS A 30 3.14 5.69 3.71
N ALA A 31 3.07 5.04 4.85
CA ALA A 31 4.28 4.83 5.63
C ALA A 31 4.60 3.35 5.70
N CYS A 32 3.59 2.53 5.52
CA CYS A 32 3.77 1.11 5.56
C CYS A 32 4.39 0.59 4.27
N ILE A 33 3.81 0.96 3.13
CA ILE A 33 4.30 0.46 1.85
C ILE A 33 5.68 1.03 1.52
N ILE A 34 5.88 2.32 1.78
CA ILE A 34 7.13 2.98 1.44
C ILE A 34 8.32 2.38 2.19
N LYS A 35 8.14 2.11 3.48
CA LYS A 35 9.25 1.60 4.27
C LYS A 35 9.44 0.09 4.03
N SER A 36 8.57 -0.48 3.22
CA SER A 36 8.68 -1.88 2.87
C SER A 36 9.19 -2.05 1.44
N ILE A 37 9.26 -0.94 0.70
CA ILE A 37 9.73 -1.00 -0.68
C ILE A 37 11.02 -0.20 -0.92
N ARG A 38 11.45 0.56 0.07
CA ARG A 38 12.61 1.42 -0.15
C ARG A 38 13.91 0.77 0.29
N ASP A 39 13.82 -0.30 1.07
CA ASP A 39 15.03 -1.00 1.48
C ASP A 39 15.05 -2.43 0.93
N ALA A 40 13.94 -3.12 1.07
CA ALA A 40 13.83 -4.49 0.55
C ALA A 40 13.87 -4.48 -0.97
N GLY A 41 12.86 -3.90 -1.57
CA GLY A 41 12.80 -3.78 -2.99
C GLY A 41 11.51 -3.14 -3.40
N HIS A 42 11.47 -2.60 -4.60
CA HIS A 42 10.27 -1.91 -5.05
C HIS A 42 9.28 -2.87 -5.66
N LYS A 43 8.59 -3.59 -4.80
CA LYS A 43 7.56 -4.52 -5.20
C LYS A 43 6.50 -4.63 -4.12
N CYS A 44 5.27 -4.90 -4.52
CA CYS A 44 4.22 -5.17 -3.57
C CYS A 44 4.34 -6.61 -3.10
N PRO A 45 4.47 -6.82 -1.78
CA PRO A 45 4.86 -8.12 -1.22
C PRO A 45 3.90 -9.28 -1.50
N VAL A 46 2.63 -8.97 -1.69
CA VAL A 46 1.63 -10.01 -1.86
C VAL A 46 1.79 -10.81 -3.17
N ASP A 47 2.00 -10.12 -4.28
CA ASP A 47 2.15 -10.78 -5.59
C ASP A 47 3.51 -10.49 -6.21
N ASN A 48 4.34 -9.79 -5.45
CA ASN A 48 5.73 -9.46 -5.82
C ASN A 48 5.83 -8.72 -7.16
N GLU A 49 4.86 -7.89 -7.45
CA GLU A 49 4.90 -7.08 -8.67
C GLU A 49 5.62 -5.77 -8.40
N ILE A 50 6.27 -5.22 -9.41
CA ILE A 50 7.08 -4.03 -9.23
C ILE A 50 6.19 -2.84 -8.88
N LEU A 51 6.46 -2.25 -7.74
CA LEU A 51 5.68 -1.15 -7.24
C LEU A 51 6.61 0.03 -6.93
N LEU A 52 6.35 1.16 -7.55
CA LEU A 52 7.19 2.34 -7.37
C LEU A 52 6.56 3.28 -6.36
N GLU A 53 7.41 4.01 -5.64
CA GLU A 53 6.98 4.96 -4.63
C GLU A 53 6.20 6.09 -5.28
N ASN A 54 6.69 6.55 -6.41
CA ASN A 54 6.03 7.61 -7.20
C ASN A 54 4.68 7.14 -7.72
N GLN A 55 4.56 5.85 -7.96
CA GLN A 55 3.34 5.24 -8.50
C GLN A 55 2.22 5.15 -7.48
N LEU A 56 2.50 5.46 -6.23
CA LEU A 56 1.47 5.44 -5.20
C LEU A 56 0.48 6.58 -5.47
N PHE A 57 -0.79 6.29 -5.34
CA PHE A 57 -1.81 7.28 -5.56
C PHE A 57 -2.63 7.46 -4.29
N PRO A 58 -3.13 8.67 -4.04
CA PRO A 58 -4.11 8.90 -2.98
C PRO A 58 -5.38 8.11 -3.28
N ASP A 59 -6.10 7.70 -2.24
CA ASP A 59 -7.34 6.93 -2.43
C ASP A 59 -8.30 7.70 -3.32
N ASN A 60 -8.70 7.07 -4.43
CA ASN A 60 -9.42 7.78 -5.47
C ASN A 60 -10.93 7.64 -5.37
N PHE A 61 -11.44 6.99 -4.32
CA PHE A 61 -12.90 6.89 -4.17
C PHE A 61 -13.49 8.29 -4.03
N ALA A 62 -12.85 9.07 -3.18
CA ALA A 62 -13.15 10.48 -3.05
C ALA A 62 -11.85 11.22 -3.29
N LYS A 63 -11.88 12.19 -4.16
CA LYS A 63 -10.65 12.85 -4.57
C LYS A 63 -10.83 14.35 -4.54
N GLY A 1 -8.55 -7.65 8.94
CA GLY A 1 -9.45 -7.93 10.06
C GLY A 1 -10.36 -9.08 9.73
N PRO A 2 -11.63 -9.02 10.13
CA PRO A 2 -12.62 -10.03 9.77
C PRO A 2 -12.78 -10.10 8.26
N LEU A 3 -12.98 -11.32 7.74
CA LEU A 3 -13.07 -11.60 6.30
C LEU A 3 -11.70 -11.47 5.61
N GLY A 4 -11.02 -10.37 5.87
CA GLY A 4 -9.71 -10.12 5.34
C GLY A 4 -9.27 -8.71 5.64
N SER A 5 -8.21 -8.26 5.01
CA SER A 5 -7.77 -6.90 5.19
C SER A 5 -8.23 -6.04 4.02
N LYS A 6 -9.43 -5.51 4.13
CA LYS A 6 -9.92 -4.55 3.20
C LYS A 6 -10.03 -3.22 3.91
N TYR A 7 -9.50 -2.18 3.28
CA TYR A 7 -9.34 -0.86 3.90
C TYR A 7 -8.46 -0.97 5.14
N GLU A 8 -7.64 -2.00 5.13
CA GLU A 8 -6.66 -2.27 6.14
C GLU A 8 -5.40 -2.72 5.43
N CYS A 9 -4.30 -2.05 5.69
CA CYS A 9 -3.02 -2.29 5.05
C CYS A 9 -2.54 -3.72 5.29
N PRO A 10 -2.43 -4.54 4.23
CA PRO A 10 -1.97 -5.94 4.33
C PRO A 10 -0.53 -6.04 4.84
N ILE A 11 0.23 -4.96 4.73
CA ILE A 11 1.58 -4.92 5.25
C ILE A 11 1.60 -4.99 6.79
N CYS A 12 0.72 -4.22 7.43
CA CYS A 12 0.75 -4.12 8.87
C CYS A 12 -0.46 -4.78 9.55
N LEU A 13 -1.57 -4.84 8.83
CA LEU A 13 -2.85 -5.33 9.36
C LEU A 13 -3.36 -4.48 10.52
N MET A 14 -2.92 -3.23 10.59
CA MET A 14 -3.42 -2.33 11.62
C MET A 14 -4.55 -1.47 11.08
N ALA A 15 -4.22 -0.61 10.13
CA ALA A 15 -5.15 0.35 9.56
C ALA A 15 -4.50 0.96 8.34
N LEU A 16 -5.12 1.97 7.76
CA LEU A 16 -4.52 2.72 6.69
C LEU A 16 -4.11 4.10 7.18
N ARG A 17 -2.85 4.42 7.05
CA ARG A 17 -2.35 5.74 7.42
C ARG A 17 -2.88 6.84 6.49
N GLU A 18 -2.85 6.58 5.18
CA GLU A 18 -3.35 7.54 4.19
C GLU A 18 -4.23 6.89 3.14
N ALA A 19 -4.22 5.55 3.11
CA ALA A 19 -4.94 4.79 2.09
C ALA A 19 -4.44 5.08 0.68
N VAL A 20 -3.33 4.46 0.31
CA VAL A 20 -2.81 4.62 -1.04
C VAL A 20 -2.98 3.35 -1.86
N GLN A 21 -3.77 3.48 -2.90
CA GLN A 21 -4.03 2.40 -3.82
C GLN A 21 -2.90 2.28 -4.84
N THR A 22 -2.46 1.07 -5.07
CA THR A 22 -1.42 0.80 -6.03
C THR A 22 -2.03 0.53 -7.42
N PRO A 23 -1.24 0.63 -8.50
CA PRO A 23 -1.70 0.33 -9.88
C PRO A 23 -2.25 -1.08 -10.00
N CYS A 24 -1.67 -2.00 -9.24
CA CYS A 24 -2.08 -3.40 -9.25
C CYS A 24 -3.43 -3.61 -8.57
N GLY A 25 -3.88 -2.62 -7.82
CA GLY A 25 -5.16 -2.72 -7.16
C GLY A 25 -5.05 -3.19 -5.74
N HIS A 26 -3.98 -2.80 -5.08
CA HIS A 26 -3.77 -3.12 -3.68
C HIS A 26 -3.75 -1.83 -2.90
N ARG A 27 -4.11 -1.87 -1.66
CA ARG A 27 -4.22 -0.65 -0.91
C ARG A 27 -3.34 -0.74 0.34
N PHE A 28 -2.41 0.17 0.47
CA PHE A 28 -1.46 0.14 1.56
C PHE A 28 -1.38 1.51 2.21
N CYS A 29 -0.66 1.58 3.30
CA CYS A 29 -0.35 2.87 3.88
C CYS A 29 0.85 3.45 3.18
N LYS A 30 0.89 4.76 3.08
CA LYS A 30 1.97 5.45 2.41
C LYS A 30 3.22 5.51 3.33
N ALA A 31 3.14 4.84 4.45
CA ALA A 31 4.24 4.75 5.36
C ALA A 31 4.74 3.33 5.43
N CYS A 32 3.82 2.39 5.27
CA CYS A 32 4.15 0.98 5.28
C CYS A 32 4.75 0.55 3.96
N ILE A 33 4.13 0.95 2.85
CA ILE A 33 4.62 0.55 1.53
C ILE A 33 6.00 1.14 1.24
N ILE A 34 6.19 2.40 1.60
CA ILE A 34 7.46 3.09 1.39
C ILE A 34 8.58 2.42 2.20
N LYS A 35 8.28 2.07 3.43
CA LYS A 35 9.27 1.48 4.33
C LYS A 35 9.47 -0.01 4.00
N SER A 36 8.73 -0.51 3.04
CA SER A 36 8.88 -1.88 2.63
C SER A 36 9.61 -1.96 1.29
N ILE A 37 9.60 -0.86 0.54
CA ILE A 37 10.14 -0.88 -0.82
C ILE A 37 11.52 -0.22 -0.91
N ARG A 38 11.84 0.62 0.06
CA ARG A 38 13.17 1.24 0.07
C ARG A 38 14.04 0.61 1.14
N ASP A 39 13.48 -0.40 1.81
CA ASP A 39 14.18 -1.10 2.88
C ASP A 39 14.36 -2.58 2.54
N ALA A 40 13.25 -3.25 2.24
CA ALA A 40 13.30 -4.66 1.91
C ALA A 40 13.42 -4.87 0.41
N GLY A 41 12.31 -4.75 -0.28
CA GLY A 41 12.31 -4.94 -1.71
C GLY A 41 11.42 -3.94 -2.38
N HIS A 42 11.86 -3.39 -3.49
CA HIS A 42 11.15 -2.32 -4.16
C HIS A 42 9.98 -2.87 -5.00
N LYS A 43 9.14 -3.65 -4.33
CA LYS A 43 8.00 -4.32 -4.92
C LYS A 43 6.89 -4.38 -3.88
N CYS A 44 5.65 -4.52 -4.31
CA CYS A 44 4.59 -4.72 -3.37
C CYS A 44 4.57 -6.18 -2.90
N PRO A 45 4.66 -6.41 -1.58
CA PRO A 45 4.86 -7.76 -1.02
C PRO A 45 3.71 -8.74 -1.29
N VAL A 46 2.52 -8.22 -1.51
CA VAL A 46 1.36 -9.07 -1.74
C VAL A 46 1.46 -9.85 -3.06
N ASP A 47 1.78 -9.15 -4.13
CA ASP A 47 1.77 -9.75 -5.47
C ASP A 47 3.12 -9.72 -6.16
N ASN A 48 4.16 -9.29 -5.44
CA ASN A 48 5.55 -9.28 -5.95
C ASN A 48 5.71 -8.48 -7.24
N GLU A 49 4.95 -7.41 -7.38
CA GLU A 49 5.04 -6.56 -8.56
C GLU A 49 5.84 -5.29 -8.24
N ILE A 50 6.49 -4.75 -9.25
CA ILE A 50 7.32 -3.57 -9.06
C ILE A 50 6.47 -2.36 -8.69
N LEU A 51 6.78 -1.79 -7.55
CA LEU A 51 6.04 -0.67 -7.04
C LEU A 51 6.92 0.57 -7.05
N LEU A 52 6.46 1.61 -7.70
CA LEU A 52 7.15 2.89 -7.72
C LEU A 52 6.42 3.86 -6.80
N GLU A 53 7.18 4.66 -6.06
CA GLU A 53 6.60 5.56 -5.05
C GLU A 53 5.63 6.55 -5.68
N ASN A 54 5.97 7.02 -6.86
CA ASN A 54 5.16 8.01 -7.58
C ASN A 54 3.88 7.39 -8.14
N GLN A 55 3.83 6.07 -8.18
CA GLN A 55 2.71 5.34 -8.76
C GLN A 55 1.57 5.15 -7.77
N LEU A 56 1.80 5.51 -6.52
CA LEU A 56 0.78 5.39 -5.49
C LEU A 56 -0.36 6.37 -5.76
N PHE A 57 -1.58 5.92 -5.58
CA PHE A 57 -2.74 6.76 -5.77
C PHE A 57 -3.52 6.88 -4.47
N PRO A 58 -3.42 8.02 -3.79
CA PRO A 58 -4.18 8.28 -2.55
C PRO A 58 -5.68 8.22 -2.80
N ASP A 59 -6.41 7.70 -1.84
CA ASP A 59 -7.85 7.52 -2.00
C ASP A 59 -8.60 8.43 -1.03
N ASN A 60 -9.73 8.94 -1.46
CA ASN A 60 -10.53 9.84 -0.66
C ASN A 60 -11.63 9.09 0.10
N PHE A 61 -11.63 7.78 0.02
CA PHE A 61 -12.62 6.98 0.72
C PHE A 61 -12.51 7.20 2.23
N ALA A 62 -11.30 7.13 2.76
CA ALA A 62 -11.09 7.25 4.19
C ALA A 62 -9.73 7.86 4.52
N LYS A 63 -9.67 8.52 5.66
CA LYS A 63 -8.43 9.07 6.18
C LYS A 63 -8.20 8.53 7.57
N GLY A 1 -9.92 -7.31 12.79
CA GLY A 1 -10.94 -6.25 12.85
C GLY A 1 -12.33 -6.82 12.72
N PRO A 2 -13.37 -6.06 13.13
CA PRO A 2 -14.78 -6.51 13.05
C PRO A 2 -15.25 -6.72 11.59
N LEU A 3 -14.68 -5.98 10.67
CA LEU A 3 -15.02 -6.11 9.26
C LEU A 3 -13.83 -6.66 8.50
N GLY A 4 -14.08 -7.64 7.64
CA GLY A 4 -13.04 -8.12 6.76
C GLY A 4 -12.73 -7.08 5.72
N SER A 5 -11.60 -6.44 5.88
CA SER A 5 -11.26 -5.28 5.09
C SER A 5 -10.47 -5.64 3.84
N LYS A 6 -11.06 -5.40 2.69
CA LYS A 6 -10.34 -5.44 1.44
C LYS A 6 -9.33 -4.29 1.43
N TYR A 7 -9.77 -3.16 1.96
CA TYR A 7 -8.92 -2.02 2.08
C TYR A 7 -8.17 -2.12 3.41
N GLU A 8 -7.04 -2.78 3.39
CA GLU A 8 -6.26 -3.01 4.59
C GLU A 8 -4.81 -3.12 4.21
N CYS A 9 -3.95 -2.59 5.05
CA CYS A 9 -2.52 -2.67 4.84
C CYS A 9 -1.98 -3.94 5.51
N PRO A 10 -1.59 -4.94 4.69
CA PRO A 10 -1.05 -6.23 5.18
C PRO A 10 0.25 -6.05 5.95
N ILE A 11 0.89 -4.92 5.74
CA ILE A 11 2.12 -4.61 6.43
C ILE A 11 1.88 -4.45 7.95
N CYS A 12 0.80 -3.74 8.30
CA CYS A 12 0.54 -3.45 9.72
C CYS A 12 -0.66 -4.25 10.29
N LEU A 13 -1.56 -4.69 9.40
CA LEU A 13 -2.80 -5.42 9.79
C LEU A 13 -3.75 -4.56 10.62
N MET A 14 -3.60 -3.26 10.53
CA MET A 14 -4.49 -2.36 11.25
C MET A 14 -5.63 -1.91 10.35
N ALA A 15 -5.26 -1.12 9.36
CA ALA A 15 -6.17 -0.51 8.42
C ALA A 15 -5.31 0.25 7.43
N LEU A 16 -5.88 1.21 6.75
CA LEU A 16 -5.12 2.09 5.89
C LEU A 16 -5.04 3.45 6.53
N ARG A 17 -3.84 4.00 6.65
CA ARG A 17 -3.71 5.34 7.21
C ARG A 17 -4.12 6.38 6.17
N GLU A 18 -3.27 6.57 5.17
CA GLU A 18 -3.57 7.53 4.13
C GLU A 18 -4.25 6.85 2.95
N ALA A 19 -4.16 5.52 2.94
CA ALA A 19 -4.69 4.69 1.87
C ALA A 19 -4.06 5.02 0.51
N VAL A 20 -2.91 4.41 0.25
CA VAL A 20 -2.24 4.62 -1.02
C VAL A 20 -2.41 3.41 -1.92
N GLN A 21 -3.06 3.63 -3.04
CA GLN A 21 -3.32 2.59 -4.01
C GLN A 21 -2.07 2.34 -4.85
N THR A 22 -1.73 1.08 -5.02
CA THR A 22 -0.63 0.68 -5.85
C THR A 22 -1.13 0.47 -7.28
N PRO A 23 -0.21 0.44 -8.27
CA PRO A 23 -0.58 0.26 -9.68
C PRO A 23 -1.31 -1.05 -9.94
N CYS A 24 -1.02 -2.07 -9.14
CA CYS A 24 -1.67 -3.36 -9.29
C CYS A 24 -3.13 -3.31 -8.82
N GLY A 25 -3.40 -2.44 -7.87
CA GLY A 25 -4.76 -2.30 -7.36
C GLY A 25 -4.88 -2.69 -5.91
N HIS A 26 -3.82 -2.53 -5.15
CA HIS A 26 -3.81 -2.85 -3.74
C HIS A 26 -3.56 -1.59 -2.95
N ARG A 27 -3.95 -1.55 -1.71
CA ARG A 27 -3.77 -0.34 -0.94
C ARG A 27 -3.00 -0.61 0.35
N PHE A 28 -2.12 0.30 0.66
CA PHE A 28 -1.24 0.23 1.83
C PHE A 28 -1.21 1.59 2.50
N CYS A 29 -0.60 1.67 3.66
CA CYS A 29 -0.42 2.96 4.30
C CYS A 29 0.76 3.67 3.64
N LYS A 30 0.71 4.99 3.64
CA LYS A 30 1.67 5.84 2.93
C LYS A 30 3.06 5.81 3.59
N ALA A 31 3.14 5.20 4.76
CA ALA A 31 4.40 5.10 5.45
C ALA A 31 4.85 3.64 5.54
N CYS A 32 3.89 2.74 5.68
CA CYS A 32 4.19 1.33 5.78
C CYS A 32 4.80 0.80 4.48
N ILE A 33 4.19 1.17 3.36
CA ILE A 33 4.63 0.65 2.07
C ILE A 33 6.00 1.21 1.69
N ILE A 34 6.23 2.49 1.94
CA ILE A 34 7.48 3.13 1.63
C ILE A 34 8.62 2.52 2.44
N LYS A 35 8.36 2.26 3.71
CA LYS A 35 9.39 1.77 4.62
C LYS A 35 9.64 0.27 4.38
N SER A 36 8.86 -0.30 3.48
CA SER A 36 9.05 -1.69 3.11
C SER A 36 9.67 -1.81 1.71
N ILE A 37 9.55 -0.77 0.91
CA ILE A 37 10.03 -0.82 -0.47
C ILE A 37 11.34 -0.07 -0.67
N ARG A 38 11.77 0.65 0.35
CA ARG A 38 13.04 1.38 0.26
C ARG A 38 14.17 0.57 0.87
N ASP A 39 13.81 -0.58 1.42
CA ASP A 39 14.77 -1.46 2.07
C ASP A 39 14.88 -2.79 1.34
N ALA A 40 13.76 -3.47 1.20
CA ALA A 40 13.72 -4.77 0.56
C ALA A 40 13.79 -4.62 -0.95
N GLY A 41 12.74 -4.06 -1.52
CA GLY A 41 12.71 -3.82 -2.94
C GLY A 41 11.44 -3.13 -3.30
N HIS A 42 11.36 -2.60 -4.50
CA HIS A 42 10.19 -1.85 -4.90
C HIS A 42 9.15 -2.74 -5.55
N LYS A 43 8.45 -3.47 -4.73
CA LYS A 43 7.36 -4.32 -5.14
C LYS A 43 6.39 -4.44 -4.00
N CYS A 44 5.16 -4.78 -4.29
CA CYS A 44 4.19 -5.02 -3.25
C CYS A 44 4.42 -6.42 -2.64
N PRO A 45 4.44 -6.51 -1.30
CA PRO A 45 4.77 -7.77 -0.61
C PRO A 45 3.77 -8.90 -0.88
N VAL A 46 2.54 -8.56 -1.23
CA VAL A 46 1.53 -9.58 -1.40
C VAL A 46 1.56 -10.27 -2.79
N ASP A 47 1.39 -9.51 -3.85
CA ASP A 47 1.34 -10.07 -5.19
C ASP A 47 2.60 -9.80 -6.00
N ASN A 48 3.57 -9.17 -5.37
CA ASN A 48 4.91 -8.94 -5.95
C ASN A 48 4.94 -8.23 -7.31
N GLU A 49 4.02 -7.33 -7.53
CA GLU A 49 4.09 -6.48 -8.71
C GLU A 49 5.09 -5.37 -8.50
N ILE A 50 5.68 -4.91 -9.59
CA ILE A 50 6.68 -3.87 -9.51
C ILE A 50 6.01 -2.59 -9.05
N LEU A 51 6.49 -2.07 -7.94
CA LEU A 51 5.81 -0.98 -7.31
C LEU A 51 6.61 0.29 -7.44
N LEU A 52 5.97 1.30 -7.95
CA LEU A 52 6.59 2.59 -8.12
C LEU A 52 6.09 3.55 -7.06
N GLU A 53 7.00 4.29 -6.46
CA GLU A 53 6.67 5.19 -5.36
C GLU A 53 5.73 6.30 -5.82
N ASN A 54 5.98 6.79 -7.03
CA ASN A 54 5.13 7.81 -7.65
C ASN A 54 3.73 7.28 -7.93
N GLN A 55 3.66 5.98 -8.20
CA GLN A 55 2.39 5.33 -8.54
C GLN A 55 1.57 4.97 -7.30
N LEU A 56 2.17 5.12 -6.12
CA LEU A 56 1.43 4.99 -4.87
C LEU A 56 0.50 6.17 -4.74
N PHE A 57 -0.80 5.88 -4.74
CA PHE A 57 -1.84 6.91 -4.77
C PHE A 57 -1.83 7.60 -6.13
N PRO A 58 -2.95 7.56 -6.87
CA PRO A 58 -3.03 8.17 -8.20
C PRO A 58 -2.67 9.65 -8.15
N ASP A 59 -1.83 10.05 -9.07
CA ASP A 59 -1.30 11.40 -9.05
C ASP A 59 -2.21 12.33 -9.78
N ASN A 60 -2.80 13.24 -9.04
CA ASN A 60 -3.60 14.29 -9.60
C ASN A 60 -2.74 15.53 -9.69
N PHE A 61 -2.91 16.27 -10.77
CA PHE A 61 -2.07 17.43 -11.05
C PHE A 61 -2.19 18.48 -9.94
N ALA A 62 -3.41 18.76 -9.51
CA ALA A 62 -3.62 19.70 -8.43
C ALA A 62 -3.66 18.96 -7.09
N LYS A 63 -2.67 19.19 -6.27
CA LYS A 63 -2.59 18.55 -4.97
C LYS A 63 -2.21 19.59 -3.93
N GLY A 1 -11.17 -10.23 13.04
CA GLY A 1 -12.48 -9.56 13.12
C GLY A 1 -13.17 -9.56 11.79
N PRO A 2 -14.25 -8.79 11.62
CA PRO A 2 -14.97 -8.68 10.34
C PRO A 2 -14.06 -8.12 9.25
N LEU A 3 -14.19 -8.65 8.05
CA LEU A 3 -13.40 -8.18 6.93
C LEU A 3 -13.74 -6.73 6.60
N GLY A 4 -15.04 -6.44 6.57
CA GLY A 4 -15.49 -5.10 6.21
C GLY A 4 -15.15 -4.78 4.78
N SER A 5 -15.12 -3.51 4.44
CA SER A 5 -14.65 -3.10 3.15
C SER A 5 -13.12 -3.11 3.15
N LYS A 6 -12.51 -3.29 1.98
CA LYS A 6 -11.07 -3.44 1.95
C LYS A 6 -10.34 -2.12 2.02
N TYR A 7 -10.17 -1.64 3.23
CA TYR A 7 -9.38 -0.48 3.52
C TYR A 7 -8.29 -0.85 4.51
N GLU A 8 -7.89 -2.09 4.46
CA GLU A 8 -6.89 -2.60 5.36
C GLU A 8 -5.55 -2.77 4.65
N CYS A 9 -4.51 -2.16 5.22
CA CYS A 9 -3.15 -2.30 4.73
C CYS A 9 -2.58 -3.63 5.22
N PRO A 10 -2.30 -4.57 4.30
CA PRO A 10 -1.81 -5.92 4.65
C PRO A 10 -0.44 -5.89 5.33
N ILE A 11 0.29 -4.80 5.16
CA ILE A 11 1.59 -4.66 5.80
C ILE A 11 1.48 -4.55 7.32
N CYS A 12 0.54 -3.75 7.78
CA CYS A 12 0.40 -3.52 9.21
C CYS A 12 -0.78 -4.28 9.80
N LEU A 13 -1.71 -4.67 8.94
CA LEU A 13 -2.94 -5.38 9.32
C LEU A 13 -3.83 -4.51 10.20
N MET A 14 -3.63 -3.20 10.14
CA MET A 14 -4.44 -2.30 10.95
C MET A 14 -5.50 -1.63 10.11
N ALA A 15 -5.08 -0.69 9.29
CA ALA A 15 -5.98 0.13 8.51
C ALA A 15 -5.15 0.93 7.52
N LEU A 16 -5.76 1.84 6.80
CA LEU A 16 -5.01 2.68 5.89
C LEU A 16 -4.71 4.01 6.55
N ARG A 17 -3.46 4.21 6.92
CA ARG A 17 -3.06 5.47 7.53
C ARG A 17 -3.12 6.61 6.52
N GLU A 18 -2.61 6.37 5.32
CA GLU A 18 -2.60 7.40 4.29
C GLU A 18 -3.51 7.03 3.13
N ALA A 19 -3.88 5.75 3.08
CA ALA A 19 -4.72 5.20 2.01
C ALA A 19 -4.12 5.39 0.61
N VAL A 20 -3.20 4.51 0.25
CA VAL A 20 -2.59 4.56 -1.07
C VAL A 20 -2.84 3.28 -1.85
N GLN A 21 -3.64 3.40 -2.89
CA GLN A 21 -3.96 2.28 -3.76
C GLN A 21 -2.85 2.06 -4.78
N THR A 22 -2.45 0.82 -4.93
CA THR A 22 -1.39 0.45 -5.86
C THR A 22 -1.98 0.02 -7.21
N PRO A 23 -1.18 0.05 -8.29
CA PRO A 23 -1.63 -0.31 -9.66
C PRO A 23 -2.24 -1.71 -9.73
N CYS A 24 -1.65 -2.64 -9.01
CA CYS A 24 -2.10 -4.01 -9.02
C CYS A 24 -3.43 -4.20 -8.28
N GLY A 25 -3.81 -3.20 -7.50
CA GLY A 25 -5.10 -3.24 -6.83
C GLY A 25 -5.01 -3.61 -5.37
N HIS A 26 -3.97 -3.16 -4.69
CA HIS A 26 -3.83 -3.40 -3.26
C HIS A 26 -3.79 -2.07 -2.56
N ARG A 27 -4.29 -2.00 -1.36
CA ARG A 27 -4.32 -0.73 -0.66
C ARG A 27 -3.38 -0.79 0.56
N PHE A 28 -2.51 0.20 0.66
CA PHE A 28 -1.50 0.25 1.72
C PHE A 28 -1.45 1.62 2.36
N CYS A 29 -0.72 1.73 3.46
CA CYS A 29 -0.40 3.03 4.01
C CYS A 29 0.87 3.53 3.36
N LYS A 30 1.00 4.84 3.20
CA LYS A 30 2.13 5.40 2.46
C LYS A 30 3.39 5.43 3.32
N ALA A 31 3.27 5.02 4.57
CA ALA A 31 4.43 4.96 5.43
C ALA A 31 4.75 3.52 5.78
N CYS A 32 3.84 2.62 5.45
CA CYS A 32 4.11 1.20 5.56
C CYS A 32 4.73 0.70 4.28
N ILE A 33 4.12 1.06 3.14
CA ILE A 33 4.56 0.57 1.85
C ILE A 33 5.94 1.13 1.45
N ILE A 34 6.16 2.43 1.70
CA ILE A 34 7.43 3.05 1.33
C ILE A 34 8.58 2.42 2.12
N LYS A 35 8.35 2.19 3.41
CA LYS A 35 9.39 1.67 4.28
C LYS A 35 9.55 0.17 4.07
N SER A 36 8.74 -0.38 3.20
CA SER A 36 8.85 -1.77 2.84
C SER A 36 9.48 -1.89 1.44
N ILE A 37 9.37 -0.83 0.63
CA ILE A 37 9.87 -0.88 -0.74
C ILE A 37 11.20 -0.14 -0.89
N ARG A 38 11.57 0.64 0.11
CA ARG A 38 12.92 1.21 0.15
C ARG A 38 13.80 0.38 1.06
N ASP A 39 13.23 -0.70 1.58
CA ASP A 39 13.92 -1.55 2.52
C ASP A 39 14.12 -2.95 1.95
N ALA A 40 13.07 -3.53 1.38
CA ALA A 40 13.19 -4.81 0.72
C ALA A 40 13.49 -4.62 -0.77
N GLY A 41 12.52 -4.08 -1.48
CA GLY A 41 12.68 -3.80 -2.88
C GLY A 41 11.46 -3.09 -3.40
N HIS A 42 11.54 -2.53 -4.60
CA HIS A 42 10.44 -1.77 -5.15
C HIS A 42 9.42 -2.67 -5.84
N LYS A 43 8.76 -3.46 -5.03
CA LYS A 43 7.70 -4.33 -5.46
C LYS A 43 6.75 -4.51 -4.29
N CYS A 44 5.48 -4.72 -4.56
CA CYS A 44 4.53 -4.95 -3.49
C CYS A 44 4.77 -6.33 -2.87
N PRO A 45 5.01 -6.39 -1.54
CA PRO A 45 5.42 -7.63 -0.86
C PRO A 45 4.38 -8.74 -0.95
N VAL A 46 3.14 -8.35 -1.11
CA VAL A 46 2.04 -9.29 -1.16
C VAL A 46 1.99 -10.10 -2.47
N ASP A 47 2.39 -9.51 -3.59
CA ASP A 47 2.28 -10.20 -4.89
C ASP A 47 3.46 -9.96 -5.83
N ASN A 48 4.49 -9.27 -5.35
CA ASN A 48 5.77 -9.09 -6.07
C ASN A 48 5.65 -8.40 -7.44
N GLU A 49 4.75 -7.46 -7.56
CA GLU A 49 4.63 -6.64 -8.77
C GLU A 49 5.45 -5.39 -8.57
N ILE A 50 6.12 -4.92 -9.63
CA ILE A 50 7.02 -3.76 -9.50
C ILE A 50 6.24 -2.50 -9.16
N LEU A 51 6.60 -1.90 -8.05
CA LEU A 51 5.92 -0.74 -7.55
C LEU A 51 6.89 0.41 -7.37
N LEU A 52 6.50 1.56 -7.87
CA LEU A 52 7.30 2.74 -7.75
C LEU A 52 6.66 3.67 -6.72
N GLU A 53 7.48 4.46 -6.06
CA GLU A 53 7.05 5.29 -4.94
C GLU A 53 6.03 6.37 -5.35
N ASN A 54 6.17 6.90 -6.55
CA ASN A 54 5.24 7.93 -7.02
C ASN A 54 4.01 7.33 -7.70
N GLN A 55 3.95 5.99 -7.76
CA GLN A 55 2.77 5.28 -8.24
C GLN A 55 1.71 5.26 -7.15
N LEU A 56 2.16 5.56 -5.96
CA LEU A 56 1.33 5.62 -4.78
C LEU A 56 0.49 6.88 -4.78
N PHE A 57 -0.59 6.85 -3.97
CA PHE A 57 -1.49 8.00 -3.68
C PHE A 57 -2.30 8.50 -4.88
N PRO A 58 -3.60 8.77 -4.66
CA PRO A 58 -4.42 9.43 -5.65
C PRO A 58 -3.91 10.84 -5.90
N ASP A 59 -3.92 11.29 -7.14
CA ASP A 59 -3.49 12.65 -7.44
C ASP A 59 -4.61 13.61 -7.09
N ASN A 60 -4.25 14.86 -6.79
CA ASN A 60 -5.22 15.94 -6.48
C ASN A 60 -5.82 15.77 -5.07
N PHE A 61 -5.75 14.55 -4.55
CA PHE A 61 -6.27 14.22 -3.23
C PHE A 61 -5.55 15.00 -2.13
N ALA A 62 -4.24 15.02 -2.19
CA ALA A 62 -3.46 15.81 -1.25
C ALA A 62 -2.80 16.96 -1.99
N LYS A 63 -3.57 17.96 -2.24
CA LYS A 63 -3.15 19.12 -2.98
C LYS A 63 -3.18 20.31 -2.05
N GLY A 1 -10.07 -16.06 1.74
CA GLY A 1 -11.23 -15.61 0.95
C GLY A 1 -10.80 -14.70 -0.16
N PRO A 2 -11.73 -14.27 -1.02
CA PRO A 2 -11.40 -13.40 -2.16
C PRO A 2 -10.98 -12.01 -1.71
N LEU A 3 -10.09 -11.41 -2.46
CA LEU A 3 -9.56 -10.11 -2.13
C LEU A 3 -10.03 -9.09 -3.15
N GLY A 4 -10.69 -8.06 -2.68
CA GLY A 4 -11.17 -7.03 -3.58
C GLY A 4 -11.58 -5.80 -2.81
N SER A 5 -12.33 -6.00 -1.75
CA SER A 5 -12.75 -4.92 -0.87
C SER A 5 -11.78 -4.80 0.32
N LYS A 6 -10.50 -5.02 0.05
CA LYS A 6 -9.50 -5.04 1.10
C LYS A 6 -9.11 -3.61 1.50
N TYR A 7 -9.48 -3.23 2.71
CA TYR A 7 -9.12 -1.94 3.28
C TYR A 7 -8.20 -2.12 4.47
N GLU A 8 -7.73 -3.34 4.64
CA GLU A 8 -6.78 -3.64 5.67
C GLU A 8 -5.38 -3.74 5.07
N CYS A 9 -4.49 -2.90 5.54
CA CYS A 9 -3.11 -2.89 5.08
C CYS A 9 -2.41 -4.15 5.59
N PRO A 10 -2.07 -5.08 4.69
CA PRO A 10 -1.54 -6.39 5.09
C PRO A 10 -0.16 -6.31 5.75
N ILE A 11 0.53 -5.20 5.52
CA ILE A 11 1.85 -4.99 6.12
C ILE A 11 1.76 -4.82 7.65
N CYS A 12 0.80 -4.03 8.10
CA CYS A 12 0.68 -3.72 9.51
C CYS A 12 -0.53 -4.42 10.14
N LEU A 13 -1.46 -4.80 9.28
CA LEU A 13 -2.73 -5.41 9.68
C LEU A 13 -3.64 -4.39 10.37
N MET A 14 -3.39 -3.13 10.09
CA MET A 14 -4.18 -2.04 10.63
C MET A 14 -4.96 -1.36 9.52
N ALA A 15 -5.88 -0.50 9.91
CA ALA A 15 -6.65 0.29 8.96
C ALA A 15 -5.73 1.20 8.17
N LEU A 16 -6.16 1.57 6.98
CA LEU A 16 -5.35 2.38 6.08
C LEU A 16 -5.24 3.79 6.61
N ARG A 17 -4.02 4.22 6.89
CA ARG A 17 -3.83 5.60 7.33
C ARG A 17 -3.94 6.57 6.15
N GLU A 18 -3.25 6.23 5.05
CA GLU A 18 -3.24 7.11 3.88
C GLU A 18 -3.93 6.46 2.69
N ALA A 19 -4.13 5.14 2.78
CA ALA A 19 -4.80 4.35 1.74
C ALA A 19 -4.23 4.58 0.34
N VAL A 20 -2.95 4.32 0.17
CA VAL A 20 -2.36 4.49 -1.15
C VAL A 20 -2.56 3.23 -1.98
N GLN A 21 -3.31 3.38 -3.06
CA GLN A 21 -3.66 2.28 -3.94
C GLN A 21 -2.52 1.99 -4.92
N THR A 22 -2.21 0.73 -5.10
CA THR A 22 -1.21 0.30 -6.04
C THR A 22 -1.89 -0.14 -7.35
N PRO A 23 -1.15 -0.16 -8.48
CA PRO A 23 -1.72 -0.50 -9.80
C PRO A 23 -2.25 -1.95 -9.86
N CYS A 24 -1.73 -2.79 -8.99
CA CYS A 24 -2.16 -4.17 -8.92
C CYS A 24 -3.56 -4.29 -8.31
N GLY A 25 -3.91 -3.34 -7.45
CA GLY A 25 -5.21 -3.36 -6.81
C GLY A 25 -5.11 -3.59 -5.33
N HIS A 26 -4.13 -2.97 -4.69
CA HIS A 26 -3.95 -3.08 -3.26
C HIS A 26 -3.88 -1.71 -2.62
N ARG A 27 -4.11 -1.66 -1.33
CA ARG A 27 -4.05 -0.43 -0.58
C ARG A 27 -3.08 -0.60 0.59
N PHE A 28 -2.26 0.38 0.81
CA PHE A 28 -1.28 0.36 1.89
C PHE A 28 -1.23 1.71 2.59
N CYS A 29 -0.63 1.76 3.76
CA CYS A 29 -0.39 3.01 4.43
C CYS A 29 0.93 3.61 3.93
N LYS A 30 1.08 4.91 4.07
CA LYS A 30 2.24 5.63 3.51
C LYS A 30 3.54 5.27 4.24
N ALA A 31 3.44 4.64 5.38
CA ALA A 31 4.63 4.33 6.14
C ALA A 31 4.83 2.84 6.21
N CYS A 32 3.90 2.13 5.61
CA CYS A 32 4.02 0.70 5.49
C CYS A 32 4.63 0.35 4.13
N ILE A 33 4.01 0.86 3.07
CA ILE A 33 4.46 0.54 1.72
C ILE A 33 5.83 1.15 1.41
N ILE A 34 6.05 2.39 1.84
CA ILE A 34 7.31 3.06 1.61
C ILE A 34 8.45 2.34 2.33
N LYS A 35 8.19 1.92 3.55
CA LYS A 35 9.19 1.25 4.36
C LYS A 35 9.34 -0.21 3.91
N SER A 36 8.56 -0.61 2.94
CA SER A 36 8.69 -1.92 2.37
C SER A 36 9.35 -1.83 0.98
N ILE A 37 9.31 -0.64 0.37
CA ILE A 37 9.86 -0.51 -0.99
C ILE A 37 11.21 0.20 -0.99
N ARG A 38 11.56 0.84 0.11
CA ARG A 38 12.90 1.43 0.25
C ARG A 38 13.75 0.58 1.18
N ASP A 39 13.16 -0.51 1.68
CA ASP A 39 13.85 -1.38 2.61
C ASP A 39 14.01 -2.77 2.01
N ALA A 40 12.92 -3.32 1.50
CA ALA A 40 12.94 -4.61 0.85
C ALA A 40 13.23 -4.46 -0.65
N GLY A 41 12.31 -3.86 -1.36
CA GLY A 41 12.50 -3.62 -2.78
C GLY A 41 11.34 -2.87 -3.37
N HIS A 42 11.53 -2.27 -4.55
CA HIS A 42 10.47 -1.52 -5.20
C HIS A 42 9.45 -2.44 -5.84
N LYS A 43 8.55 -2.93 -5.02
CA LYS A 43 7.48 -3.83 -5.41
C LYS A 43 6.56 -4.03 -4.22
N CYS A 44 5.31 -4.37 -4.45
CA CYS A 44 4.43 -4.69 -3.35
C CYS A 44 4.77 -6.08 -2.82
N PRO A 45 5.03 -6.20 -1.51
CA PRO A 45 5.58 -7.42 -0.91
C PRO A 45 4.69 -8.66 -1.04
N VAL A 46 3.38 -8.46 -1.10
CA VAL A 46 2.46 -9.58 -1.08
C VAL A 46 2.37 -10.29 -2.44
N ASP A 47 2.02 -9.56 -3.46
CA ASP A 47 1.83 -10.14 -4.79
C ASP A 47 3.01 -9.86 -5.72
N ASN A 48 4.05 -9.25 -5.15
CA ASN A 48 5.34 -9.00 -5.83
C ASN A 48 5.21 -8.34 -7.21
N GLU A 49 4.34 -7.36 -7.31
CA GLU A 49 4.19 -6.58 -8.52
C GLU A 49 5.12 -5.40 -8.46
N ILE A 50 5.70 -5.02 -9.57
CA ILE A 50 6.66 -3.94 -9.60
C ILE A 50 5.96 -2.63 -9.28
N LEU A 51 6.42 -1.98 -8.23
CA LEU A 51 5.82 -0.76 -7.76
C LEU A 51 6.87 0.33 -7.68
N LEU A 52 6.55 1.46 -8.25
CA LEU A 52 7.45 2.59 -8.21
C LEU A 52 6.89 3.63 -7.25
N GLU A 53 7.77 4.43 -6.67
CA GLU A 53 7.39 5.39 -5.64
C GLU A 53 6.45 6.46 -6.18
N ASN A 54 6.66 6.86 -7.42
CA ASN A 54 5.82 7.88 -8.06
C ASN A 54 4.42 7.38 -8.35
N GLN A 55 4.24 6.06 -8.34
CA GLN A 55 2.93 5.45 -8.61
C GLN A 55 1.94 5.75 -7.49
N LEU A 56 2.46 6.00 -6.31
CA LEU A 56 1.62 6.27 -5.15
C LEU A 56 0.97 7.63 -5.29
N PHE A 57 -0.22 7.77 -4.73
CA PHE A 57 -1.01 9.00 -4.85
C PHE A 57 -0.30 10.21 -4.25
N PRO A 58 -0.69 11.43 -4.68
CA PRO A 58 -0.16 12.68 -4.11
C PRO A 58 -0.45 12.76 -2.61
N ASP A 59 0.46 13.38 -1.89
CA ASP A 59 0.43 13.36 -0.45
C ASP A 59 -0.60 14.33 0.11
N ASN A 60 -1.64 13.78 0.70
CA ASN A 60 -2.75 14.53 1.28
C ASN A 60 -2.32 15.38 2.47
N PHE A 61 -1.47 14.84 3.31
CA PHE A 61 -1.11 15.52 4.54
C PHE A 61 0.34 15.96 4.50
N ALA A 62 0.54 17.24 4.35
CA ALA A 62 1.87 17.81 4.36
C ALA A 62 1.96 18.84 5.47
N LYS A 63 2.60 18.46 6.55
CA LYS A 63 2.73 19.30 7.71
C LYS A 63 3.96 18.87 8.50
N GLY A 1 -15.23 -10.22 6.52
CA GLY A 1 -14.54 -10.41 5.24
C GLY A 1 -14.64 -9.18 4.36
N PRO A 2 -13.56 -8.79 3.66
CA PRO A 2 -13.58 -7.65 2.74
C PRO A 2 -14.59 -7.84 1.61
N LEU A 3 -15.22 -6.76 1.19
CA LEU A 3 -16.17 -6.83 0.10
C LEU A 3 -15.60 -6.10 -1.11
N GLY A 4 -15.32 -6.86 -2.16
CA GLY A 4 -14.71 -6.29 -3.37
C GLY A 4 -13.23 -6.01 -3.19
N SER A 5 -12.91 -5.25 -2.17
CA SER A 5 -11.55 -4.90 -1.84
C SER A 5 -11.47 -4.62 -0.35
N LYS A 6 -10.27 -4.58 0.18
CA LYS A 6 -10.09 -4.31 1.58
C LYS A 6 -9.45 -2.96 1.80
N TYR A 7 -9.73 -2.38 2.94
CA TYR A 7 -9.14 -1.12 3.35
C TYR A 7 -8.16 -1.36 4.48
N GLU A 8 -7.73 -2.60 4.58
CA GLU A 8 -6.77 -3.02 5.56
C GLU A 8 -5.40 -3.14 4.91
N CYS A 9 -4.41 -2.48 5.51
CA CYS A 9 -3.03 -2.52 5.05
C CYS A 9 -2.46 -3.88 5.39
N PRO A 10 -2.11 -4.69 4.38
CA PRO A 10 -1.73 -6.10 4.60
C PRO A 10 -0.43 -6.27 5.38
N ILE A 11 0.39 -5.24 5.43
CA ILE A 11 1.62 -5.27 6.22
C ILE A 11 1.32 -5.29 7.73
N CYS A 12 0.40 -4.46 8.16
CA CYS A 12 0.14 -4.25 9.57
C CYS A 12 -1.19 -4.87 10.02
N LEU A 13 -2.05 -5.15 9.06
CA LEU A 13 -3.38 -5.73 9.30
C LEU A 13 -4.25 -4.77 10.11
N MET A 14 -4.25 -3.50 9.72
CA MET A 14 -5.08 -2.48 10.34
C MET A 14 -5.56 -1.50 9.29
N ALA A 15 -6.39 -0.54 9.69
CA ALA A 15 -6.91 0.48 8.78
C ALA A 15 -5.77 1.35 8.25
N LEU A 16 -5.94 1.84 7.04
CA LEU A 16 -4.91 2.60 6.36
C LEU A 16 -4.74 3.96 7.03
N ARG A 17 -3.50 4.32 7.35
CA ARG A 17 -3.24 5.61 7.99
C ARG A 17 -3.42 6.78 7.01
N GLU A 18 -2.87 6.66 5.82
CA GLU A 18 -3.00 7.71 4.81
C GLU A 18 -3.81 7.23 3.62
N ALA A 19 -4.00 5.91 3.53
CA ALA A 19 -4.72 5.27 2.44
C ALA A 19 -4.13 5.58 1.06
N VAL A 20 -3.16 4.77 0.66
CA VAL A 20 -2.57 4.91 -0.67
C VAL A 20 -2.72 3.63 -1.49
N GLN A 21 -3.42 3.74 -2.59
CA GLN A 21 -3.59 2.63 -3.50
C GLN A 21 -2.34 2.48 -4.38
N THR A 22 -1.95 1.25 -4.60
CA THR A 22 -0.76 0.93 -5.35
C THR A 22 -1.12 0.59 -6.80
N PRO A 23 -0.14 0.68 -7.73
CA PRO A 23 -0.36 0.43 -9.17
C PRO A 23 -0.85 -0.98 -9.48
N CYS A 24 -0.55 -1.96 -8.63
CA CYS A 24 -1.04 -3.30 -8.86
C CYS A 24 -2.44 -3.53 -8.25
N GLY A 25 -2.86 -2.61 -7.38
CA GLY A 25 -4.22 -2.69 -6.86
C GLY A 25 -4.31 -3.13 -5.42
N HIS A 26 -3.37 -2.73 -4.60
CA HIS A 26 -3.43 -3.01 -3.17
C HIS A 26 -3.50 -1.69 -2.44
N ARG A 27 -4.08 -1.68 -1.27
CA ARG A 27 -4.10 -0.49 -0.46
C ARG A 27 -3.18 -0.62 0.75
N PHE A 28 -2.38 0.39 0.97
CA PHE A 28 -1.41 0.42 2.07
C PHE A 28 -1.46 1.76 2.76
N CYS A 29 -0.87 1.83 3.93
CA CYS A 29 -0.60 3.09 4.57
C CYS A 29 0.65 3.67 3.92
N LYS A 30 0.79 4.98 3.95
CA LYS A 30 1.85 5.67 3.22
C LYS A 30 3.20 5.49 3.93
N ALA A 31 3.14 4.98 5.15
CA ALA A 31 4.34 4.81 5.93
C ALA A 31 4.61 3.33 6.13
N CYS A 32 3.78 2.50 5.55
CA CYS A 32 4.00 1.08 5.55
C CYS A 32 4.66 0.65 4.26
N ILE A 33 4.02 0.95 3.13
CA ILE A 33 4.53 0.49 1.84
C ILE A 33 5.85 1.18 1.45
N ILE A 34 5.95 2.48 1.69
CA ILE A 34 7.15 3.24 1.34
C ILE A 34 8.38 2.74 2.09
N LYS A 35 8.18 2.45 3.37
CA LYS A 35 9.27 2.01 4.23
C LYS A 35 9.59 0.52 3.99
N SER A 36 8.85 -0.11 3.11
CA SER A 36 9.10 -1.49 2.77
C SER A 36 9.75 -1.61 1.39
N ILE A 37 9.58 -0.60 0.56
CA ILE A 37 10.03 -0.69 -0.83
C ILE A 37 11.32 0.08 -1.10
N ARG A 38 11.74 0.88 -0.14
CA ARG A 38 13.04 1.54 -0.26
C ARG A 38 14.09 0.83 0.58
N ASP A 39 13.69 -0.26 1.21
CA ASP A 39 14.61 -1.09 1.99
C ASP A 39 14.73 -2.47 1.37
N ALA A 40 13.60 -3.08 1.03
CA ALA A 40 13.64 -4.36 0.36
C ALA A 40 13.82 -4.15 -1.14
N GLY A 41 12.76 -3.73 -1.78
CA GLY A 41 12.80 -3.47 -3.20
C GLY A 41 11.48 -2.91 -3.66
N HIS A 42 11.41 -2.43 -4.87
CA HIS A 42 10.18 -1.83 -5.37
C HIS A 42 9.21 -2.87 -5.91
N LYS A 43 8.69 -3.67 -5.01
CA LYS A 43 7.64 -4.61 -5.30
C LYS A 43 6.84 -4.82 -4.03
N CYS A 44 5.56 -5.16 -4.16
CA CYS A 44 4.77 -5.40 -2.98
C CYS A 44 4.97 -6.84 -2.52
N PRO A 45 4.93 -7.08 -1.20
CA PRO A 45 5.11 -8.42 -0.64
C PRO A 45 3.99 -9.38 -1.02
N VAL A 46 2.86 -8.83 -1.45
CA VAL A 46 1.69 -9.62 -1.76
C VAL A 46 1.87 -10.43 -3.07
N ASP A 47 1.80 -9.78 -4.22
CA ASP A 47 1.88 -10.51 -5.49
C ASP A 47 3.22 -10.30 -6.19
N ASN A 48 4.12 -9.61 -5.51
CA ASN A 48 5.47 -9.32 -6.01
C ASN A 48 5.49 -8.57 -7.35
N GLU A 49 4.45 -7.79 -7.59
CA GLU A 49 4.45 -6.91 -8.74
C GLU A 49 5.29 -5.69 -8.46
N ILE A 50 5.93 -5.16 -9.48
CA ILE A 50 6.79 -4.00 -9.32
C ILE A 50 5.96 -2.79 -8.96
N LEU A 51 6.29 -2.22 -7.83
CA LEU A 51 5.54 -1.14 -7.27
C LEU A 51 6.42 0.08 -7.21
N LEU A 52 6.01 1.13 -7.89
CA LEU A 52 6.78 2.36 -7.92
C LEU A 52 6.17 3.38 -6.98
N GLU A 53 7.03 4.16 -6.34
CA GLU A 53 6.63 5.12 -5.33
C GLU A 53 5.79 6.25 -5.95
N ASN A 54 6.20 6.70 -7.12
CA ASN A 54 5.44 7.72 -7.85
C ASN A 54 4.11 7.19 -8.36
N GLN A 55 4.07 5.89 -8.66
CA GLN A 55 2.86 5.25 -9.19
C GLN A 55 1.78 5.06 -8.14
N LEU A 56 2.11 5.33 -6.89
CA LEU A 56 1.11 5.34 -5.83
C LEU A 56 0.15 6.47 -6.12
N PHE A 57 -1.12 6.21 -5.93
CA PHE A 57 -2.13 7.23 -6.16
C PHE A 57 -1.91 8.38 -5.20
N PRO A 58 -1.97 9.61 -5.71
CA PRO A 58 -1.39 10.78 -5.05
C PRO A 58 -1.98 11.08 -3.68
N ASP A 59 -1.12 11.50 -2.79
CA ASP A 59 -1.49 11.81 -1.43
C ASP A 59 -1.16 13.26 -1.15
N ASN A 60 -2.18 14.06 -1.02
CA ASN A 60 -1.99 15.48 -0.81
C ASN A 60 -2.22 15.85 0.63
N PHE A 61 -1.32 16.64 1.15
CA PHE A 61 -1.37 17.09 2.51
C PHE A 61 -0.69 18.43 2.60
N ALA A 62 -0.95 19.19 3.63
CA ALA A 62 -0.34 20.49 3.79
C ALA A 62 0.17 20.68 5.21
N LYS A 63 1.48 20.70 5.34
CA LYS A 63 2.14 20.84 6.62
C LYS A 63 3.54 21.36 6.41
N GLY A 1 -6.51 -8.33 9.17
CA GLY A 1 -7.54 -9.33 9.52
C GLY A 1 -8.03 -10.06 8.29
N PRO A 2 -9.33 -9.93 7.95
CA PRO A 2 -9.92 -10.59 6.80
C PRO A 2 -9.44 -10.00 5.47
N LEU A 3 -9.41 -10.82 4.45
CA LEU A 3 -8.98 -10.40 3.14
C LEU A 3 -10.20 -10.37 2.22
N GLY A 4 -10.43 -9.24 1.60
CA GLY A 4 -11.57 -9.13 0.72
C GLY A 4 -11.81 -7.71 0.24
N SER A 5 -13.06 -7.36 0.12
CA SER A 5 -13.48 -6.05 -0.38
C SER A 5 -13.07 -4.91 0.56
N LYS A 6 -13.06 -5.17 1.86
CA LYS A 6 -12.62 -4.17 2.80
C LYS A 6 -11.12 -4.00 2.66
N TYR A 7 -10.67 -2.76 2.60
CA TYR A 7 -9.26 -2.51 2.39
C TYR A 7 -8.53 -2.37 3.70
N GLU A 8 -7.49 -3.14 3.83
CA GLU A 8 -6.58 -3.08 4.94
C GLU A 8 -5.19 -3.05 4.38
N CYS A 9 -4.27 -2.55 5.15
CA CYS A 9 -2.88 -2.55 4.76
C CYS A 9 -2.32 -3.93 5.10
N PRO A 10 -2.06 -4.77 4.10
CA PRO A 10 -1.65 -6.18 4.33
C PRO A 10 -0.35 -6.31 5.12
N ILE A 11 0.44 -5.26 5.12
CA ILE A 11 1.66 -5.23 5.89
C ILE A 11 1.40 -5.26 7.40
N CYS A 12 0.44 -4.47 7.85
CA CYS A 12 0.17 -4.36 9.29
C CYS A 12 -1.19 -4.96 9.66
N LEU A 13 -1.98 -5.29 8.64
CA LEU A 13 -3.32 -5.87 8.78
C LEU A 13 -4.22 -4.99 9.62
N MET A 14 -4.05 -3.69 9.46
CA MET A 14 -4.87 -2.71 10.11
C MET A 14 -5.54 -1.86 9.06
N ALA A 15 -6.51 -1.06 9.47
CA ALA A 15 -7.13 -0.10 8.58
C ALA A 15 -6.09 0.88 8.08
N LEU A 16 -6.34 1.46 6.94
CA LEU A 16 -5.34 2.28 6.27
C LEU A 16 -5.12 3.58 7.02
N ARG A 17 -3.87 3.86 7.40
CA ARG A 17 -3.57 5.08 8.14
C ARG A 17 -3.73 6.30 7.25
N GLU A 18 -3.21 6.20 6.03
CA GLU A 18 -3.25 7.32 5.09
C GLU A 18 -3.89 6.92 3.76
N ALA A 19 -3.96 5.61 3.54
CA ALA A 19 -4.55 5.02 2.34
C ALA A 19 -3.87 5.47 1.04
N VAL A 20 -2.75 4.82 0.73
CA VAL A 20 -2.10 5.01 -0.57
C VAL A 20 -2.33 3.82 -1.46
N GLN A 21 -2.99 4.05 -2.56
CA GLN A 21 -3.30 2.99 -3.50
C GLN A 21 -2.09 2.72 -4.40
N THR A 22 -1.75 1.46 -4.53
CA THR A 22 -0.67 1.07 -5.40
C THR A 22 -1.23 0.79 -6.80
N PRO A 23 -0.42 0.95 -7.85
CA PRO A 23 -0.86 0.68 -9.23
C PRO A 23 -1.22 -0.79 -9.45
N CYS A 24 -0.68 -1.65 -8.61
CA CYS A 24 -0.90 -3.08 -8.75
C CYS A 24 -2.26 -3.49 -8.18
N GLY A 25 -2.85 -2.63 -7.37
CA GLY A 25 -4.18 -2.90 -6.86
C GLY A 25 -4.20 -3.26 -5.38
N HIS A 26 -3.41 -2.57 -4.59
CA HIS A 26 -3.44 -2.73 -3.14
C HIS A 26 -3.46 -1.36 -2.50
N ARG A 27 -3.86 -1.29 -1.25
CA ARG A 27 -3.85 -0.03 -0.55
C ARG A 27 -3.09 -0.21 0.77
N PHE A 28 -2.26 0.76 1.11
CA PHE A 28 -1.39 0.66 2.28
C PHE A 28 -1.34 1.96 3.05
N CYS A 29 -0.74 1.92 4.23
CA CYS A 29 -0.45 3.12 5.00
C CYS A 29 0.77 3.83 4.38
N LYS A 30 0.93 5.11 4.67
CA LYS A 30 1.93 5.94 4.01
C LYS A 30 3.34 5.58 4.45
N ALA A 31 3.45 4.84 5.54
CA ALA A 31 4.75 4.49 6.06
C ALA A 31 5.00 3.00 6.02
N CYS A 32 4.01 2.27 5.56
CA CYS A 32 4.14 0.84 5.45
C CYS A 32 4.74 0.45 4.10
N ILE A 33 4.01 0.72 3.02
CA ILE A 33 4.45 0.30 1.69
C ILE A 33 5.70 1.06 1.24
N ILE A 34 5.76 2.35 1.55
CA ILE A 34 6.88 3.18 1.13
C ILE A 34 8.18 2.70 1.76
N LYS A 35 8.15 2.34 3.03
CA LYS A 35 9.34 1.90 3.74
C LYS A 35 9.66 0.43 3.39
N SER A 36 8.82 -0.19 2.58
CA SER A 36 9.08 -1.54 2.14
C SER A 36 9.56 -1.59 0.70
N ILE A 37 9.25 -0.57 -0.09
CA ILE A 37 9.63 -0.60 -1.51
C ILE A 37 10.84 0.28 -1.78
N ARG A 38 11.17 1.14 -0.85
CA ARG A 38 12.36 1.96 -0.99
C ARG A 38 13.49 1.39 -0.16
N ASP A 39 13.22 0.27 0.51
CA ASP A 39 14.18 -0.29 1.46
C ASP A 39 14.31 -1.81 1.32
N ALA A 40 13.20 -2.51 1.45
CA ALA A 40 13.21 -3.97 1.39
C ALA A 40 13.26 -4.46 -0.06
N GLY A 41 12.19 -4.24 -0.80
CA GLY A 41 12.14 -4.64 -2.19
C GLY A 41 11.22 -3.74 -2.94
N HIS A 42 11.50 -3.48 -4.21
CA HIS A 42 10.77 -2.47 -4.99
C HIS A 42 9.48 -3.06 -5.59
N LYS A 43 8.90 -3.97 -4.85
CA LYS A 43 7.67 -4.64 -5.25
C LYS A 43 6.82 -4.87 -4.02
N CYS A 44 5.52 -4.98 -4.19
CA CYS A 44 4.64 -5.23 -3.07
C CYS A 44 4.95 -6.59 -2.46
N PRO A 45 5.13 -6.66 -1.14
CA PRO A 45 5.45 -7.91 -0.45
C PRO A 45 4.31 -8.91 -0.55
N VAL A 46 3.14 -8.40 -0.86
CA VAL A 46 1.92 -9.18 -0.94
C VAL A 46 1.99 -10.19 -2.09
N ASP A 47 1.87 -9.72 -3.32
CA ASP A 47 1.86 -10.60 -4.48
C ASP A 47 3.03 -10.34 -5.43
N ASN A 48 4.03 -9.62 -4.93
CA ASN A 48 5.32 -9.41 -5.61
C ASN A 48 5.21 -8.64 -6.92
N GLU A 49 4.30 -7.70 -6.97
CA GLU A 49 4.13 -6.86 -8.14
C GLU A 49 5.01 -5.63 -8.03
N ILE A 50 5.62 -5.24 -9.14
CA ILE A 50 6.57 -4.13 -9.17
C ILE A 50 5.87 -2.81 -8.87
N LEU A 51 6.35 -2.13 -7.85
CA LEU A 51 5.79 -0.88 -7.46
C LEU A 51 6.73 0.26 -7.68
N LEU A 52 6.24 1.27 -8.36
CA LEU A 52 6.98 2.49 -8.56
C LEU A 52 6.37 3.55 -7.63
N GLU A 53 7.22 4.29 -6.93
CA GLU A 53 6.76 5.25 -5.94
C GLU A 53 5.92 6.35 -6.57
N ASN A 54 6.29 6.78 -7.75
CA ASN A 54 5.54 7.83 -8.44
C ASN A 54 4.22 7.30 -9.01
N GLN A 55 4.09 5.98 -9.05
CA GLN A 55 2.86 5.35 -9.48
C GLN A 55 1.89 5.17 -8.32
N LEU A 56 2.37 5.43 -7.10
CA LEU A 56 1.51 5.35 -5.91
C LEU A 56 0.57 6.53 -5.91
N PHE A 57 -0.67 6.27 -5.62
CA PHE A 57 -1.63 7.34 -5.45
C PHE A 57 -1.46 7.90 -4.07
N PRO A 58 -1.16 9.21 -3.96
CA PRO A 58 -0.94 9.85 -2.68
C PRO A 58 -2.20 9.87 -1.84
N ASP A 59 -2.01 9.95 -0.53
CA ASP A 59 -3.09 9.95 0.45
C ASP A 59 -4.22 10.89 0.07
N ASN A 60 -5.29 10.31 -0.40
CA ASN A 60 -6.42 11.08 -0.92
C ASN A 60 -7.54 11.14 0.09
N PHE A 61 -7.50 10.26 1.06
CA PHE A 61 -8.60 10.10 1.99
C PHE A 61 -8.47 11.08 3.15
N ALA A 62 -9.57 11.77 3.42
CA ALA A 62 -9.59 12.76 4.47
C ALA A 62 -10.21 12.17 5.73
N LYS A 63 -9.62 12.50 6.85
CA LYS A 63 -10.04 11.96 8.11
C LYS A 63 -10.15 13.10 9.13
N GLY A 1 -14.31 -17.62 7.46
CA GLY A 1 -14.48 -17.18 8.85
C GLY A 1 -15.17 -15.84 8.91
N PRO A 2 -14.84 -14.99 9.88
CA PRO A 2 -15.41 -13.66 9.99
C PRO A 2 -14.83 -12.71 8.95
N LEU A 3 -15.52 -11.64 8.67
CA LEU A 3 -15.02 -10.67 7.74
C LEU A 3 -14.43 -9.49 8.50
N GLY A 4 -13.20 -9.16 8.18
CA GLY A 4 -12.58 -8.01 8.75
C GLY A 4 -12.84 -6.78 7.91
N SER A 5 -11.79 -6.15 7.48
CA SER A 5 -11.92 -5.02 6.61
C SER A 5 -10.95 -5.16 5.45
N LYS A 6 -11.36 -4.68 4.29
CA LYS A 6 -10.46 -4.60 3.17
C LYS A 6 -9.81 -3.22 3.18
N TYR A 7 -10.33 -2.37 4.08
CA TYR A 7 -9.73 -1.07 4.39
C TYR A 7 -8.62 -1.28 5.42
N GLU A 8 -7.90 -2.37 5.25
CA GLU A 8 -6.83 -2.76 6.12
C GLU A 8 -5.55 -2.92 5.33
N CYS A 9 -4.50 -2.27 5.79
CA CYS A 9 -3.20 -2.38 5.18
C CYS A 9 -2.58 -3.72 5.58
N PRO A 10 -2.40 -4.65 4.63
CA PRO A 10 -1.88 -6.00 4.90
C PRO A 10 -0.46 -5.99 5.48
N ILE A 11 0.24 -4.89 5.31
CA ILE A 11 1.58 -4.76 5.89
C ILE A 11 1.52 -4.70 7.44
N CYS A 12 0.57 -3.92 7.97
CA CYS A 12 0.49 -3.72 9.42
C CYS A 12 -0.72 -4.41 10.04
N LEU A 13 -1.76 -4.62 9.24
CA LEU A 13 -3.03 -5.23 9.68
C LEU A 13 -3.79 -4.35 10.67
N MET A 14 -3.51 -3.05 10.63
CA MET A 14 -4.22 -2.15 11.53
C MET A 14 -5.44 -1.58 10.83
N ALA A 15 -5.18 -0.77 9.83
CA ALA A 15 -6.18 -0.10 9.05
C ALA A 15 -5.47 0.66 7.97
N LEU A 16 -6.13 1.54 7.28
CA LEU A 16 -5.47 2.39 6.32
C LEU A 16 -5.19 3.72 6.95
N ARG A 17 -3.94 3.97 7.28
CA ARG A 17 -3.54 5.23 7.87
C ARG A 17 -3.66 6.35 6.84
N GLU A 18 -3.20 6.07 5.63
CA GLU A 18 -3.16 7.09 4.60
C GLU A 18 -3.91 6.63 3.34
N ALA A 19 -4.20 5.33 3.28
CA ALA A 19 -4.91 4.70 2.16
C ALA A 19 -4.31 5.04 0.79
N VAL A 20 -3.28 4.30 0.42
CA VAL A 20 -2.65 4.47 -0.87
C VAL A 20 -2.86 3.24 -1.74
N GLN A 21 -3.52 3.43 -2.86
CA GLN A 21 -3.74 2.37 -3.81
C GLN A 21 -2.50 2.16 -4.67
N THR A 22 -2.04 0.94 -4.75
CA THR A 22 -0.94 0.58 -5.62
C THR A 22 -1.44 0.40 -7.05
N PRO A 23 -0.54 0.38 -8.06
CA PRO A 23 -0.93 0.15 -9.46
C PRO A 23 -1.62 -1.20 -9.66
N CYS A 24 -1.28 -2.18 -8.81
CA CYS A 24 -1.88 -3.49 -8.87
C CYS A 24 -3.27 -3.50 -8.19
N GLY A 25 -3.57 -2.47 -7.41
CA GLY A 25 -4.89 -2.35 -6.82
C GLY A 25 -4.98 -2.86 -5.39
N HIS A 26 -4.03 -2.49 -4.56
CA HIS A 26 -4.09 -2.83 -3.13
C HIS A 26 -4.09 -1.56 -2.34
N ARG A 27 -4.64 -1.61 -1.15
CA ARG A 27 -4.65 -0.47 -0.26
C ARG A 27 -3.64 -0.68 0.87
N PHE A 28 -2.73 0.28 1.01
CA PHE A 28 -1.71 0.26 2.06
C PHE A 28 -1.60 1.62 2.72
N CYS A 29 -0.86 1.68 3.81
CA CYS A 29 -0.54 2.97 4.40
C CYS A 29 0.69 3.55 3.72
N LYS A 30 0.76 4.86 3.67
CA LYS A 30 1.83 5.57 2.97
C LYS A 30 3.18 5.38 3.66
N ALA A 31 3.16 4.84 4.85
CA ALA A 31 4.37 4.69 5.62
C ALA A 31 4.72 3.23 5.76
N CYS A 32 3.76 2.38 5.45
CA CYS A 32 4.02 0.96 5.44
C CYS A 32 4.56 0.54 4.08
N ILE A 33 3.90 1.01 3.01
CA ILE A 33 4.29 0.62 1.65
C ILE A 33 5.65 1.20 1.27
N ILE A 34 5.90 2.45 1.63
CA ILE A 34 7.18 3.10 1.35
C ILE A 34 8.30 2.38 2.08
N LYS A 35 8.05 2.04 3.34
CA LYS A 35 9.04 1.40 4.19
C LYS A 35 9.16 -0.11 3.84
N SER A 36 8.49 -0.51 2.79
CA SER A 36 8.67 -1.84 2.25
C SER A 36 9.47 -1.77 0.93
N ILE A 37 9.37 -0.64 0.24
CA ILE A 37 9.96 -0.54 -1.10
C ILE A 37 11.25 0.28 -1.12
N ARG A 38 11.48 1.05 -0.07
CA ARG A 38 12.77 1.73 0.08
C ARG A 38 13.63 0.93 1.05
N ASP A 39 13.10 -0.21 1.43
CA ASP A 39 13.71 -1.01 2.47
C ASP A 39 14.18 -2.34 1.91
N ALA A 40 13.26 -3.09 1.32
CA ALA A 40 13.60 -4.34 0.70
C ALA A 40 13.91 -4.13 -0.77
N GLY A 41 12.89 -3.78 -1.52
CA GLY A 41 13.04 -3.51 -2.92
C GLY A 41 11.79 -2.91 -3.47
N HIS A 42 11.84 -2.41 -4.68
CA HIS A 42 10.70 -1.75 -5.27
C HIS A 42 9.72 -2.75 -5.89
N LYS A 43 8.99 -3.44 -5.04
CA LYS A 43 7.96 -4.37 -5.47
C LYS A 43 6.86 -4.47 -4.42
N CYS A 44 5.68 -4.85 -4.86
CA CYS A 44 4.53 -5.03 -4.00
C CYS A 44 4.76 -6.22 -3.08
N PRO A 45 4.56 -6.04 -1.77
CA PRO A 45 4.82 -7.07 -0.76
C PRO A 45 3.91 -8.30 -0.88
N VAL A 46 2.75 -8.14 -1.48
CA VAL A 46 1.79 -9.25 -1.52
C VAL A 46 1.85 -10.07 -2.81
N ASP A 47 1.78 -9.43 -3.96
CA ASP A 47 1.75 -10.17 -5.24
C ASP A 47 3.07 -10.07 -5.99
N ASN A 48 4.03 -9.41 -5.37
CA ASN A 48 5.39 -9.26 -5.89
C ASN A 48 5.45 -8.60 -7.28
N GLU A 49 4.51 -7.72 -7.56
CA GLU A 49 4.57 -6.92 -8.78
C GLU A 49 5.57 -5.78 -8.59
N ILE A 50 6.27 -5.41 -9.64
CA ILE A 50 7.24 -4.31 -9.54
C ILE A 50 6.53 -2.99 -9.27
N LEU A 51 6.91 -2.36 -8.18
CA LEU A 51 6.25 -1.19 -7.68
C LEU A 51 7.19 0.00 -7.60
N LEU A 52 6.78 1.11 -8.17
CA LEU A 52 7.58 2.32 -8.15
C LEU A 52 6.95 3.35 -7.23
N GLU A 53 7.79 4.13 -6.58
CA GLU A 53 7.37 5.09 -5.56
C GLU A 53 6.50 6.21 -6.12
N ASN A 54 6.81 6.66 -7.33
CA ASN A 54 6.05 7.74 -7.97
C ASN A 54 4.64 7.28 -8.35
N GLN A 55 4.46 5.98 -8.44
CA GLN A 55 3.18 5.42 -8.85
C GLN A 55 2.23 5.27 -7.67
N LEU A 56 2.71 5.51 -6.46
CA LEU A 56 1.86 5.43 -5.29
C LEU A 56 0.97 6.66 -5.20
N PHE A 57 -0.32 6.44 -5.14
CA PHE A 57 -1.29 7.53 -5.05
C PHE A 57 -2.34 7.18 -4.01
N PRO A 58 -3.09 8.18 -3.50
CA PRO A 58 -4.18 7.94 -2.54
C PRO A 58 -5.27 7.08 -3.18
N ASP A 59 -5.96 6.28 -2.36
CA ASP A 59 -7.02 5.40 -2.85
C ASP A 59 -8.00 6.18 -3.70
N ASN A 60 -8.35 5.63 -4.82
CA ASN A 60 -9.05 6.39 -5.83
C ASN A 60 -10.49 6.64 -5.51
N PHE A 61 -10.72 7.80 -4.92
CA PHE A 61 -12.05 8.38 -4.82
C PHE A 61 -12.11 9.56 -5.78
N ALA A 62 -10.96 9.82 -6.40
CA ALA A 62 -10.83 10.91 -7.34
C ALA A 62 -11.58 10.59 -8.62
N LYS A 63 -12.28 11.55 -9.11
CA LYS A 63 -13.05 11.41 -10.32
C LYS A 63 -13.07 12.74 -11.06
N GLY A 1 -15.92 -8.79 6.11
CA GLY A 1 -16.89 -8.37 5.09
C GLY A 1 -16.81 -9.26 3.87
N PRO A 2 -16.94 -8.70 2.66
CA PRO A 2 -16.79 -9.45 1.41
C PRO A 2 -15.40 -10.05 1.29
N LEU A 3 -15.30 -11.23 0.73
CA LEU A 3 -14.03 -11.90 0.61
C LEU A 3 -13.18 -11.25 -0.48
N GLY A 4 -11.98 -10.86 -0.12
CA GLY A 4 -11.09 -10.24 -1.07
C GLY A 4 -11.15 -8.73 -1.00
N SER A 5 -12.19 -8.21 -0.39
CA SER A 5 -12.33 -6.78 -0.25
C SER A 5 -11.97 -6.34 1.14
N LYS A 6 -10.85 -5.68 1.27
CA LYS A 6 -10.36 -5.23 2.55
C LYS A 6 -9.62 -3.92 2.42
N TYR A 7 -9.66 -3.14 3.48
CA TYR A 7 -8.95 -1.87 3.54
C TYR A 7 -7.82 -2.00 4.55
N GLU A 8 -7.51 -3.22 4.90
CA GLU A 8 -6.46 -3.49 5.84
C GLU A 8 -5.12 -3.55 5.11
N CYS A 9 -4.26 -2.58 5.39
CA CYS A 9 -2.89 -2.57 4.89
C CYS A 9 -2.15 -3.76 5.50
N PRO A 10 -1.78 -4.76 4.68
CA PRO A 10 -1.22 -6.02 5.17
C PRO A 10 0.14 -5.87 5.85
N ILE A 11 0.81 -4.77 5.57
CA ILE A 11 2.11 -4.53 6.16
C ILE A 11 2.00 -4.31 7.67
N CYS A 12 1.02 -3.52 8.08
CA CYS A 12 0.82 -3.21 9.48
C CYS A 12 -0.32 -4.05 10.06
N LEU A 13 -1.22 -4.48 9.16
CA LEU A 13 -2.40 -5.25 9.52
C LEU A 13 -3.37 -4.43 10.38
N MET A 14 -3.25 -3.11 10.29
CA MET A 14 -4.14 -2.25 11.06
C MET A 14 -5.32 -1.80 10.22
N ALA A 15 -5.03 -0.96 9.23
CA ALA A 15 -6.03 -0.34 8.37
C ALA A 15 -5.28 0.55 7.40
N LEU A 16 -5.96 1.49 6.79
CA LEU A 16 -5.31 2.45 5.92
C LEU A 16 -5.17 3.78 6.64
N ARG A 17 -3.95 4.11 7.03
CA ARG A 17 -3.72 5.38 7.70
C ARG A 17 -3.93 6.55 6.73
N GLU A 18 -3.38 6.41 5.52
CA GLU A 18 -3.52 7.44 4.50
C GLU A 18 -4.33 6.94 3.31
N ALA A 19 -4.47 5.62 3.24
CA ALA A 19 -5.15 4.96 2.12
C ALA A 19 -4.53 5.33 0.78
N VAL A 20 -3.37 4.78 0.49
CA VAL A 20 -2.74 5.00 -0.80
C VAL A 20 -2.88 3.76 -1.68
N GLN A 21 -3.64 3.92 -2.74
CA GLN A 21 -3.88 2.85 -3.67
C GLN A 21 -2.74 2.72 -4.67
N THR A 22 -2.41 1.51 -5.01
CA THR A 22 -1.39 1.24 -6.00
C THR A 22 -2.07 0.88 -7.33
N PRO A 23 -1.35 1.01 -8.47
CA PRO A 23 -1.89 0.59 -9.79
C PRO A 23 -2.13 -0.92 -9.83
N CYS A 24 -1.47 -1.62 -8.92
CA CYS A 24 -1.61 -3.06 -8.77
C CYS A 24 -2.95 -3.39 -8.09
N GLY A 25 -3.59 -2.37 -7.50
CA GLY A 25 -4.88 -2.55 -6.87
C GLY A 25 -4.79 -2.92 -5.41
N HIS A 26 -3.66 -2.66 -4.81
CA HIS A 26 -3.48 -2.94 -3.40
C HIS A 26 -3.50 -1.64 -2.63
N ARG A 27 -4.10 -1.64 -1.46
CA ARG A 27 -4.18 -0.44 -0.65
C ARG A 27 -3.19 -0.54 0.50
N PHE A 28 -2.45 0.53 0.73
CA PHE A 28 -1.45 0.57 1.79
C PHE A 28 -1.46 1.92 2.49
N CYS A 29 -0.73 2.03 3.58
CA CYS A 29 -0.51 3.31 4.23
C CYS A 29 0.72 3.99 3.61
N LYS A 30 0.75 5.31 3.68
CA LYS A 30 1.81 6.10 3.06
C LYS A 30 3.17 5.89 3.75
N ALA A 31 3.17 5.27 4.92
CA ALA A 31 4.40 5.10 5.67
C ALA A 31 4.77 3.63 5.78
N CYS A 32 3.84 2.76 5.45
CA CYS A 32 4.11 1.34 5.47
C CYS A 32 4.75 0.89 4.16
N ILE A 33 4.08 1.19 3.05
CA ILE A 33 4.49 0.69 1.76
C ILE A 33 5.82 1.27 1.26
N ILE A 34 6.01 2.57 1.46
CA ILE A 34 7.20 3.24 0.94
C ILE A 34 8.47 2.69 1.60
N LYS A 35 8.41 2.50 2.90
CA LYS A 35 9.57 2.01 3.65
C LYS A 35 9.68 0.48 3.55
N SER A 36 8.77 -0.11 2.81
CA SER A 36 8.81 -1.52 2.60
C SER A 36 9.31 -1.82 1.18
N ILE A 37 9.19 -0.85 0.28
CA ILE A 37 9.60 -1.06 -1.10
C ILE A 37 10.93 -0.40 -1.42
N ARG A 38 11.30 0.64 -0.71
CA ARG A 38 12.60 1.24 -0.95
C ARG A 38 13.63 0.75 0.06
N ASP A 39 13.20 -0.16 0.92
CA ASP A 39 14.11 -0.74 1.91
C ASP A 39 14.18 -2.26 1.77
N ALA A 40 13.04 -2.92 1.85
CA ALA A 40 13.02 -4.38 1.80
C ALA A 40 12.99 -4.89 0.37
N GLY A 41 11.86 -4.72 -0.29
CA GLY A 41 11.73 -5.16 -1.66
C GLY A 41 10.91 -4.20 -2.46
N HIS A 42 11.40 -3.83 -3.63
CA HIS A 42 10.80 -2.74 -4.43
C HIS A 42 9.61 -3.25 -5.26
N LYS A 43 8.95 -4.25 -4.73
CA LYS A 43 7.80 -4.85 -5.34
C LYS A 43 6.79 -5.21 -4.27
N CYS A 44 5.51 -5.27 -4.63
CA CYS A 44 4.48 -5.62 -3.66
C CYS A 44 4.71 -7.03 -3.14
N PRO A 45 4.81 -7.19 -1.81
CA PRO A 45 5.25 -8.44 -1.19
C PRO A 45 4.31 -9.63 -1.45
N VAL A 46 3.07 -9.35 -1.79
CA VAL A 46 2.11 -10.42 -1.99
C VAL A 46 2.23 -11.12 -3.37
N ASP A 47 2.23 -10.35 -4.45
CA ASP A 47 2.27 -10.94 -5.81
C ASP A 47 3.52 -10.56 -6.59
N ASN A 48 4.46 -9.90 -5.91
CA ASN A 48 5.79 -9.59 -6.48
C ASN A 48 5.75 -8.68 -7.72
N GLU A 49 4.83 -7.72 -7.74
CA GLU A 49 4.79 -6.74 -8.82
C GLU A 49 5.56 -5.50 -8.48
N ILE A 50 6.29 -4.97 -9.45
CA ILE A 50 7.18 -3.85 -9.23
C ILE A 50 6.40 -2.60 -8.88
N LEU A 51 6.70 -2.05 -7.74
CA LEU A 51 6.00 -0.87 -7.28
C LEU A 51 6.94 0.30 -7.14
N LEU A 52 6.55 1.43 -7.69
CA LEU A 52 7.32 2.65 -7.65
C LEU A 52 6.66 3.60 -6.68
N GLU A 53 7.46 4.32 -5.91
CA GLU A 53 6.96 5.19 -4.84
C GLU A 53 6.05 6.28 -5.40
N ASN A 54 6.40 6.81 -6.56
CA ASN A 54 5.62 7.85 -7.24
C ASN A 54 4.24 7.33 -7.62
N GLN A 55 4.15 6.04 -7.90
CA GLN A 55 2.92 5.41 -8.35
C GLN A 55 1.88 5.25 -7.24
N LEU A 56 2.30 5.52 -6.01
CA LEU A 56 1.37 5.53 -4.90
C LEU A 56 0.48 6.76 -4.99
N PHE A 57 -0.81 6.54 -4.99
CA PHE A 57 -1.77 7.61 -5.13
C PHE A 57 -2.83 7.47 -4.06
N PRO A 58 -3.03 8.49 -3.21
CA PRO A 58 -4.03 8.43 -2.16
C PRO A 58 -5.43 8.22 -2.72
N ASP A 59 -6.10 7.21 -2.22
CA ASP A 59 -7.50 6.97 -2.52
C ASP A 59 -8.32 7.98 -1.75
N ASN A 60 -7.82 8.29 -0.57
CA ASN A 60 -8.39 9.31 0.29
C ASN A 60 -8.03 10.67 -0.30
N PHE A 61 -9.04 11.39 -0.76
CA PHE A 61 -8.80 12.64 -1.47
C PHE A 61 -8.50 13.78 -0.52
N ALA A 62 -7.75 14.75 -0.99
CA ALA A 62 -7.37 15.88 -0.19
C ALA A 62 -8.53 16.83 0.01
N LYS A 63 -9.18 16.71 1.15
CA LYS A 63 -10.28 17.57 1.50
C LYS A 63 -9.81 18.58 2.53
N GLY A 1 -4.69 -14.71 -3.11
CA GLY A 1 -4.96 -15.01 -1.68
C GLY A 1 -6.27 -14.41 -1.23
N PRO A 2 -6.27 -13.18 -0.69
CA PRO A 2 -7.49 -12.50 -0.23
C PRO A 2 -8.48 -12.29 -1.38
N LEU A 3 -9.76 -12.37 -1.07
CA LEU A 3 -10.79 -12.20 -2.08
C LEU A 3 -11.00 -10.72 -2.37
N GLY A 4 -10.93 -10.38 -3.64
CA GLY A 4 -11.17 -9.01 -4.05
C GLY A 4 -10.05 -8.10 -3.63
N SER A 5 -10.35 -6.82 -3.53
CA SER A 5 -9.39 -5.85 -3.06
C SER A 5 -9.31 -5.89 -1.54
N LYS A 6 -8.15 -5.54 -1.00
CA LYS A 6 -7.96 -5.51 0.43
C LYS A 6 -7.88 -4.07 0.93
N TYR A 7 -8.64 -3.77 1.97
CA TYR A 7 -8.74 -2.43 2.52
C TYR A 7 -8.05 -2.34 3.87
N GLU A 8 -7.26 -3.32 4.15
CA GLU A 8 -6.43 -3.34 5.32
C GLU A 8 -4.99 -3.53 4.91
N CYS A 9 -4.15 -2.56 5.23
CA CYS A 9 -2.73 -2.61 4.91
C CYS A 9 -2.09 -3.84 5.56
N PRO A 10 -1.74 -4.87 4.76
CA PRO A 10 -1.18 -6.13 5.28
C PRO A 10 0.17 -5.95 5.95
N ILE A 11 0.84 -4.86 5.62
CA ILE A 11 2.14 -4.57 6.16
C ILE A 11 2.07 -4.33 7.67
N CYS A 12 1.08 -3.56 8.09
CA CYS A 12 0.90 -3.27 9.51
C CYS A 12 -0.17 -4.17 10.11
N LEU A 13 -1.10 -4.62 9.27
CA LEU A 13 -2.25 -5.45 9.66
C LEU A 13 -3.19 -4.69 10.61
N MET A 14 -3.12 -3.38 10.58
CA MET A 14 -4.02 -2.56 11.38
C MET A 14 -5.19 -2.08 10.54
N ALA A 15 -4.89 -1.21 9.60
CA ALA A 15 -5.88 -0.56 8.73
C ALA A 15 -5.14 0.33 7.74
N LEU A 16 -5.87 1.12 6.99
CA LEU A 16 -5.25 2.06 6.06
C LEU A 16 -5.28 3.45 6.66
N ARG A 17 -4.14 3.96 7.08
CA ARG A 17 -4.10 5.33 7.57
C ARG A 17 -4.22 6.31 6.43
N GLU A 18 -3.47 6.07 5.36
CA GLU A 18 -3.43 7.00 4.26
C GLU A 18 -4.23 6.45 3.07
N ALA A 19 -4.49 5.16 3.09
CA ALA A 19 -5.12 4.46 1.98
C ALA A 19 -4.51 4.86 0.62
N VAL A 20 -3.30 4.42 0.36
CA VAL A 20 -2.66 4.69 -0.92
C VAL A 20 -2.78 3.47 -1.81
N GLN A 21 -3.54 3.63 -2.86
CA GLN A 21 -3.80 2.55 -3.78
C GLN A 21 -2.64 2.40 -4.78
N THR A 22 -2.23 1.17 -5.01
CA THR A 22 -1.17 0.87 -5.94
C THR A 22 -1.77 0.64 -7.33
N PRO A 23 -0.95 0.69 -8.41
CA PRO A 23 -1.44 0.44 -9.77
C PRO A 23 -2.02 -0.98 -9.94
N CYS A 24 -1.54 -1.92 -9.14
CA CYS A 24 -2.05 -3.29 -9.17
C CYS A 24 -3.42 -3.41 -8.49
N GLY A 25 -3.80 -2.40 -7.72
CA GLY A 25 -5.11 -2.39 -7.10
C GLY A 25 -5.09 -2.87 -5.66
N HIS A 26 -4.03 -2.55 -4.94
CA HIS A 26 -3.94 -2.89 -3.53
C HIS A 26 -3.86 -1.59 -2.75
N ARG A 27 -4.33 -1.59 -1.52
CA ARG A 27 -4.24 -0.39 -0.72
C ARG A 27 -3.36 -0.60 0.51
N PHE A 28 -2.50 0.37 0.77
CA PHE A 28 -1.56 0.33 1.88
C PHE A 28 -1.51 1.69 2.55
N CYS A 29 -0.82 1.78 3.68
CA CYS A 29 -0.54 3.07 4.27
C CYS A 29 0.68 3.66 3.59
N LYS A 30 0.76 4.99 3.50
CA LYS A 30 1.82 5.66 2.76
C LYS A 30 3.18 5.49 3.43
N ALA A 31 3.18 5.01 4.67
CA ALA A 31 4.42 4.89 5.39
C ALA A 31 4.77 3.44 5.61
N CYS A 32 3.80 2.58 5.44
CA CYS A 32 4.07 1.16 5.50
C CYS A 32 4.61 0.68 4.15
N ILE A 33 3.95 1.10 3.07
CA ILE A 33 4.33 0.65 1.74
C ILE A 33 5.69 1.21 1.29
N ILE A 34 5.94 2.49 1.57
CA ILE A 34 7.19 3.12 1.17
C ILE A 34 8.36 2.46 1.89
N LYS A 35 8.18 2.20 3.17
CA LYS A 35 9.25 1.65 3.98
C LYS A 35 9.37 0.14 3.75
N SER A 36 8.57 -0.38 2.84
CA SER A 36 8.71 -1.75 2.41
C SER A 36 9.30 -1.83 0.99
N ILE A 37 9.16 -0.76 0.21
CA ILE A 37 9.59 -0.82 -1.18
C ILE A 37 10.91 -0.10 -1.43
N ARG A 38 11.31 0.76 -0.53
CA ARG A 38 12.65 1.35 -0.62
C ARG A 38 13.55 0.72 0.42
N ASP A 39 13.04 -0.30 1.07
CA ASP A 39 13.75 -0.94 2.15
C ASP A 39 14.07 -2.39 1.79
N ALA A 40 13.04 -3.14 1.45
CA ALA A 40 13.22 -4.52 1.03
C ALA A 40 13.50 -4.56 -0.47
N GLY A 41 12.52 -4.18 -1.24
CA GLY A 41 12.66 -4.10 -2.68
C GLY A 41 11.48 -3.38 -3.26
N HIS A 42 11.61 -2.86 -4.46
CA HIS A 42 10.52 -2.11 -5.07
C HIS A 42 9.47 -3.02 -5.65
N LYS A 43 8.70 -3.62 -4.76
CA LYS A 43 7.62 -4.50 -5.14
C LYS A 43 6.57 -4.50 -4.04
N CYS A 44 5.33 -4.73 -4.40
CA CYS A 44 4.30 -4.87 -3.42
C CYS A 44 4.45 -6.22 -2.71
N PRO A 45 4.44 -6.23 -1.37
CA PRO A 45 4.75 -7.43 -0.58
C PRO A 45 3.74 -8.56 -0.76
N VAL A 46 2.55 -8.22 -1.23
CA VAL A 46 1.50 -9.20 -1.39
C VAL A 46 1.62 -10.02 -2.68
N ASP A 47 1.58 -9.34 -3.83
CA ASP A 47 1.57 -10.01 -5.13
C ASP A 47 2.89 -9.88 -5.87
N ASN A 48 3.86 -9.27 -5.20
CA ASN A 48 5.24 -9.16 -5.68
C ASN A 48 5.39 -8.50 -7.05
N GLU A 49 4.53 -7.55 -7.38
CA GLU A 49 4.71 -6.81 -8.63
C GLU A 49 5.59 -5.60 -8.35
N ILE A 50 6.38 -5.21 -9.34
CA ILE A 50 7.34 -4.13 -9.13
C ILE A 50 6.61 -2.81 -8.89
N LEU A 51 6.85 -2.22 -7.74
CA LEU A 51 6.14 -1.06 -7.31
C LEU A 51 7.08 0.11 -7.11
N LEU A 52 6.73 1.24 -7.70
CA LEU A 52 7.54 2.43 -7.61
C LEU A 52 6.92 3.40 -6.61
N GLU A 53 7.79 4.11 -5.90
CA GLU A 53 7.40 5.01 -4.82
C GLU A 53 6.55 6.17 -5.34
N ASN A 54 6.96 6.70 -6.49
CA ASN A 54 6.26 7.80 -7.15
C ASN A 54 4.88 7.39 -7.63
N GLN A 55 4.74 6.13 -7.99
CA GLN A 55 3.54 5.64 -8.66
C GLN A 55 2.38 5.43 -7.70
N LEU A 56 2.64 5.55 -6.41
CA LEU A 56 1.59 5.41 -5.41
C LEU A 56 0.63 6.58 -5.54
N PHE A 57 -0.65 6.29 -5.49
CA PHE A 57 -1.65 7.33 -5.59
C PHE A 57 -1.77 8.10 -4.29
N PRO A 58 -2.26 9.36 -4.35
CA PRO A 58 -2.42 10.21 -3.17
C PRO A 58 -3.36 9.62 -2.14
N ASP A 59 -3.11 9.91 -0.88
CA ASP A 59 -3.86 9.37 0.24
C ASP A 59 -5.36 9.69 0.14
N ASN A 60 -6.13 8.66 -0.19
CA ASN A 60 -7.56 8.76 -0.39
C ASN A 60 -8.31 9.01 0.92
N PHE A 61 -7.87 8.34 1.96
CA PHE A 61 -8.56 8.33 3.24
C PHE A 61 -8.33 9.63 4.02
N ALA A 62 -9.38 10.16 4.62
CA ALA A 62 -9.29 11.38 5.40
C ALA A 62 -8.47 11.15 6.67
N LYS A 63 -7.65 12.12 7.02
CA LYS A 63 -6.72 11.98 8.12
C LYS A 63 -7.35 12.48 9.42
N GLY A 1 -16.26 -8.59 2.59
CA GLY A 1 -15.98 -9.49 3.72
C GLY A 1 -14.58 -9.30 4.25
N PRO A 2 -14.28 -9.85 5.45
CA PRO A 2 -12.93 -9.76 6.07
C PRO A 2 -11.84 -10.37 5.17
N LEU A 3 -12.21 -11.38 4.41
CA LEU A 3 -11.29 -12.04 3.51
C LEU A 3 -11.66 -11.72 2.07
N GLY A 4 -10.67 -11.34 1.28
CA GLY A 4 -10.89 -11.04 -0.12
C GLY A 4 -10.45 -9.64 -0.47
N SER A 5 -11.39 -8.77 -0.77
CA SER A 5 -11.10 -7.38 -0.97
C SER A 5 -10.90 -6.72 0.38
N LYS A 6 -9.93 -5.82 0.49
CA LYS A 6 -9.61 -5.23 1.77
C LYS A 6 -9.61 -3.72 1.71
N TYR A 7 -10.05 -3.11 2.79
CA TYR A 7 -9.97 -1.68 2.99
C TYR A 7 -8.93 -1.42 4.07
N GLU A 8 -8.11 -2.41 4.28
CA GLU A 8 -7.09 -2.40 5.31
C GLU A 8 -5.73 -2.73 4.69
N CYS A 9 -4.70 -2.10 5.21
CA CYS A 9 -3.33 -2.32 4.79
C CYS A 9 -2.83 -3.64 5.36
N PRO A 10 -2.60 -4.65 4.50
CA PRO A 10 -2.16 -5.99 4.95
C PRO A 10 -0.78 -5.97 5.60
N ILE A 11 0.00 -4.93 5.34
CA ILE A 11 1.33 -4.82 5.92
C ILE A 11 1.27 -4.65 7.44
N CYS A 12 0.38 -3.80 7.90
CA CYS A 12 0.27 -3.52 9.32
C CYS A 12 -0.91 -4.25 9.93
N LEU A 13 -1.90 -4.58 9.10
CA LEU A 13 -3.15 -5.22 9.51
C LEU A 13 -3.89 -4.39 10.58
N MET A 14 -3.61 -3.10 10.63
CA MET A 14 -4.29 -2.25 11.58
C MET A 14 -5.46 -1.56 10.93
N ALA A 15 -5.20 -0.95 9.78
CA ALA A 15 -6.16 -0.14 9.03
C ALA A 15 -5.43 0.50 7.88
N LEU A 16 -6.04 1.49 7.25
CA LEU A 16 -5.33 2.35 6.32
C LEU A 16 -5.05 3.66 7.00
N ARG A 17 -3.80 4.06 7.01
CA ARG A 17 -3.46 5.35 7.57
C ARG A 17 -3.76 6.44 6.54
N GLU A 18 -2.89 6.56 5.55
CA GLU A 18 -3.05 7.58 4.52
C GLU A 18 -3.87 7.04 3.35
N ALA A 19 -3.99 5.69 3.31
CA ALA A 19 -4.69 4.97 2.25
C ALA A 19 -4.04 5.20 0.89
N VAL A 20 -3.01 4.41 0.60
CA VAL A 20 -2.28 4.52 -0.65
C VAL A 20 -2.63 3.36 -1.59
N GLN A 21 -3.22 3.71 -2.70
CA GLN A 21 -3.55 2.75 -3.73
C GLN A 21 -2.33 2.43 -4.58
N THR A 22 -2.12 1.17 -4.85
CA THR A 22 -1.08 0.75 -5.76
C THR A 22 -1.71 0.41 -7.11
N PRO A 23 -0.95 0.47 -8.22
CA PRO A 23 -1.48 0.17 -9.56
C PRO A 23 -1.96 -1.28 -9.68
N CYS A 24 -1.44 -2.15 -8.82
CA CYS A 24 -1.84 -3.54 -8.79
C CYS A 24 -3.20 -3.72 -8.10
N GLY A 25 -3.67 -2.69 -7.39
CA GLY A 25 -4.99 -2.72 -6.79
C GLY A 25 -4.99 -3.02 -5.30
N HIS A 26 -3.94 -2.63 -4.62
CA HIS A 26 -3.86 -2.86 -3.17
C HIS A 26 -3.91 -1.53 -2.47
N ARG A 27 -4.49 -1.52 -1.28
CA ARG A 27 -4.43 -0.33 -0.45
C ARG A 27 -3.49 -0.58 0.72
N PHE A 28 -2.55 0.33 0.91
CA PHE A 28 -1.61 0.25 2.02
C PHE A 28 -1.54 1.59 2.73
N CYS A 29 -0.63 1.69 3.69
CA CYS A 29 -0.36 2.96 4.33
C CYS A 29 0.89 3.59 3.74
N LYS A 30 1.01 4.89 3.91
CA LYS A 30 2.08 5.70 3.32
C LYS A 30 3.39 5.50 4.10
N ALA A 31 3.31 4.85 5.24
CA ALA A 31 4.48 4.58 6.05
C ALA A 31 4.74 3.09 6.11
N CYS A 32 3.81 2.32 5.57
CA CYS A 32 3.96 0.88 5.48
C CYS A 32 4.63 0.48 4.17
N ILE A 33 3.96 0.79 3.06
CA ILE A 33 4.43 0.36 1.76
C ILE A 33 5.75 1.04 1.36
N ILE A 34 5.86 2.33 1.64
CA ILE A 34 7.06 3.08 1.31
C ILE A 34 8.26 2.53 2.06
N LYS A 35 8.06 2.22 3.31
CA LYS A 35 9.14 1.79 4.16
C LYS A 35 9.47 0.30 3.91
N SER A 36 8.76 -0.30 2.98
CA SER A 36 9.03 -1.66 2.58
C SER A 36 9.74 -1.64 1.22
N ILE A 37 9.52 -0.58 0.46
CA ILE A 37 10.08 -0.50 -0.88
C ILE A 37 11.31 0.38 -0.93
N ARG A 38 11.60 1.05 0.18
CA ARG A 38 12.84 1.80 0.31
C ARG A 38 13.85 0.99 1.11
N ASP A 39 13.48 -0.23 1.46
CA ASP A 39 14.34 -1.08 2.26
C ASP A 39 14.64 -2.39 1.56
N ALA A 40 13.59 -3.12 1.21
CA ALA A 40 13.74 -4.43 0.58
C ALA A 40 13.93 -4.29 -0.92
N GLY A 41 12.90 -3.83 -1.57
CA GLY A 41 12.94 -3.62 -3.00
C GLY A 41 11.72 -2.89 -3.43
N HIS A 42 11.75 -2.34 -4.62
CA HIS A 42 10.59 -1.62 -5.12
C HIS A 42 9.60 -2.57 -5.78
N LYS A 43 8.93 -3.33 -4.94
CA LYS A 43 7.94 -4.27 -5.38
C LYS A 43 6.84 -4.42 -4.33
N CYS A 44 5.66 -4.74 -4.79
CA CYS A 44 4.54 -4.98 -3.92
C CYS A 44 4.75 -6.30 -3.20
N PRO A 45 4.73 -6.30 -1.87
CA PRO A 45 5.02 -7.48 -1.07
C PRO A 45 4.00 -8.61 -1.27
N VAL A 46 2.79 -8.25 -1.68
CA VAL A 46 1.72 -9.23 -1.78
C VAL A 46 1.81 -10.06 -3.08
N ASP A 47 1.80 -9.38 -4.21
CA ASP A 47 1.76 -10.07 -5.52
C ASP A 47 3.08 -9.97 -6.25
N ASN A 48 4.08 -9.40 -5.57
CA ASN A 48 5.46 -9.28 -6.07
C ASN A 48 5.57 -8.55 -7.41
N GLU A 49 4.67 -7.61 -7.63
CA GLU A 49 4.74 -6.76 -8.81
C GLU A 49 5.67 -5.59 -8.54
N ILE A 50 6.36 -5.13 -9.57
CA ILE A 50 7.26 -4.00 -9.39
C ILE A 50 6.47 -2.76 -9.06
N LEU A 51 6.76 -2.18 -7.92
CA LEU A 51 6.01 -1.08 -7.42
C LEU A 51 6.92 0.09 -7.19
N LEU A 52 6.58 1.21 -7.76
CA LEU A 52 7.40 2.39 -7.64
C LEU A 52 6.71 3.38 -6.73
N GLU A 53 7.49 4.26 -6.14
CA GLU A 53 7.00 5.25 -5.20
C GLU A 53 6.08 6.24 -5.91
N ASN A 54 6.42 6.55 -7.16
CA ASN A 54 5.60 7.42 -8.01
C ASN A 54 4.28 6.72 -8.40
N GLN A 55 4.28 5.40 -8.31
CA GLN A 55 3.11 4.59 -8.67
C GLN A 55 2.09 4.52 -7.54
N LEU A 56 2.49 4.97 -6.36
CA LEU A 56 1.58 5.02 -5.23
C LEU A 56 0.61 6.16 -5.42
N PHE A 57 -0.64 5.96 -5.00
CA PHE A 57 -1.75 6.92 -5.23
C PHE A 57 -2.15 6.89 -6.70
N PRO A 58 -3.38 7.27 -7.05
CA PRO A 58 -3.78 7.40 -8.46
C PRO A 58 -2.88 8.42 -9.17
N ASP A 59 -2.47 8.11 -10.39
CA ASP A 59 -1.47 8.91 -11.08
C ASP A 59 -2.10 10.06 -11.84
N ASN A 60 -3.41 10.18 -11.73
CA ASN A 60 -4.11 11.33 -12.26
C ASN A 60 -3.97 12.52 -11.30
N PHE A 61 -3.48 12.21 -10.09
CA PHE A 61 -3.35 13.16 -8.99
C PHE A 61 -4.69 13.82 -8.68
N ALA A 62 -5.53 13.11 -7.97
CA ALA A 62 -6.82 13.65 -7.61
C ALA A 62 -7.16 13.26 -6.18
N LYS A 63 -7.59 14.24 -5.42
CA LYS A 63 -7.99 14.03 -4.05
C LYS A 63 -9.35 14.67 -3.85
N GLY A 1 -10.89 -8.75 10.90
CA GLY A 1 -10.18 -9.75 11.72
C GLY A 1 -8.73 -9.82 11.36
N PRO A 2 -7.96 -10.78 11.90
CA PRO A 2 -6.54 -10.91 11.59
C PRO A 2 -6.34 -11.20 10.12
N LEU A 3 -5.64 -10.28 9.44
CA LEU A 3 -5.50 -10.25 7.99
C LEU A 3 -6.88 -10.44 7.35
N GLY A 4 -7.58 -9.35 7.20
CA GLY A 4 -8.91 -9.41 6.68
C GLY A 4 -9.85 -8.52 7.44
N SER A 5 -9.64 -7.23 7.33
CA SER A 5 -10.50 -6.23 7.92
C SER A 5 -10.84 -5.19 6.88
N LYS A 6 -11.94 -4.48 7.05
CA LYS A 6 -12.36 -3.52 6.06
C LYS A 6 -11.36 -2.35 6.01
N TYR A 7 -10.84 -2.08 4.81
CA TYR A 7 -9.76 -1.10 4.58
C TYR A 7 -8.58 -1.31 5.53
N GLU A 8 -7.75 -2.30 5.20
CA GLU A 8 -6.65 -2.72 6.06
C GLU A 8 -5.36 -2.80 5.26
N CYS A 9 -4.31 -2.20 5.81
CA CYS A 9 -2.99 -2.33 5.26
C CYS A 9 -2.36 -3.61 5.79
N PRO A 10 -2.14 -4.60 4.92
CA PRO A 10 -1.67 -5.93 5.33
C PRO A 10 -0.25 -5.92 5.89
N ILE A 11 0.51 -4.87 5.61
CA ILE A 11 1.85 -4.75 6.15
C ILE A 11 1.82 -4.58 7.68
N CYS A 12 0.92 -3.74 8.17
CA CYS A 12 0.84 -3.46 9.60
C CYS A 12 -0.32 -4.21 10.23
N LEU A 13 -1.28 -4.58 9.39
CA LEU A 13 -2.48 -5.34 9.79
C LEU A 13 -3.37 -4.55 10.74
N MET A 14 -3.23 -3.23 10.73
CA MET A 14 -4.06 -2.39 11.58
C MET A 14 -5.26 -1.86 10.80
N ALA A 15 -4.97 -1.01 9.83
CA ALA A 15 -5.97 -0.37 8.99
C ALA A 15 -5.22 0.41 7.94
N LEU A 16 -5.92 1.18 7.14
CA LEU A 16 -5.23 2.07 6.21
C LEU A 16 -5.04 3.41 6.88
N ARG A 17 -3.82 3.86 6.93
CA ARG A 17 -3.51 5.13 7.54
C ARG A 17 -3.85 6.26 6.56
N GLU A 18 -3.01 6.45 5.55
CA GLU A 18 -3.26 7.47 4.53
C GLU A 18 -4.05 6.89 3.36
N ALA A 19 -4.07 5.56 3.29
CA ALA A 19 -4.75 4.81 2.25
C ALA A 19 -4.24 5.17 0.84
N VAL A 20 -3.16 4.53 0.44
CA VAL A 20 -2.61 4.73 -0.90
C VAL A 20 -2.70 3.44 -1.71
N GLN A 21 -3.45 3.51 -2.80
CA GLN A 21 -3.60 2.36 -3.68
C GLN A 21 -2.43 2.26 -4.66
N THR A 22 -2.07 1.05 -5.00
CA THR A 22 -1.09 0.78 -6.03
C THR A 22 -1.83 0.60 -7.38
N PRO A 23 -1.13 0.77 -8.52
CA PRO A 23 -1.73 0.60 -9.86
C PRO A 23 -2.37 -0.78 -10.04
N CYS A 24 -1.71 -1.80 -9.51
CA CYS A 24 -2.20 -3.17 -9.60
C CYS A 24 -3.49 -3.37 -8.80
N GLY A 25 -3.58 -2.71 -7.66
CA GLY A 25 -4.82 -2.77 -6.89
C GLY A 25 -4.62 -3.24 -5.45
N HIS A 26 -3.67 -2.66 -4.75
CA HIS A 26 -3.50 -2.92 -3.33
C HIS A 26 -3.54 -1.62 -2.59
N ARG A 27 -4.09 -1.61 -1.41
CA ARG A 27 -4.09 -0.41 -0.60
C ARG A 27 -3.26 -0.57 0.64
N PHE A 28 -2.42 0.42 0.89
CA PHE A 28 -1.50 0.41 2.01
C PHE A 28 -1.48 1.77 2.66
N CYS A 29 -0.82 1.85 3.79
CA CYS A 29 -0.52 3.13 4.38
C CYS A 29 0.67 3.72 3.65
N LYS A 30 0.73 5.03 3.59
CA LYS A 30 1.77 5.72 2.83
C LYS A 30 3.14 5.60 3.52
N ALA A 31 3.14 5.10 4.73
CA ALA A 31 4.38 5.00 5.48
C ALA A 31 4.76 3.55 5.70
N CYS A 32 3.83 2.63 5.49
CA CYS A 32 4.15 1.22 5.59
C CYS A 32 4.72 0.71 4.28
N ILE A 33 4.08 1.06 3.18
CA ILE A 33 4.53 0.56 1.88
C ILE A 33 5.88 1.15 1.47
N ILE A 34 6.07 2.44 1.70
CA ILE A 34 7.30 3.12 1.35
C ILE A 34 8.48 2.57 2.13
N LYS A 35 8.29 2.32 3.42
CA LYS A 35 9.37 1.88 4.29
C LYS A 35 9.66 0.38 4.06
N SER A 36 8.88 -0.22 3.17
CA SER A 36 9.09 -1.61 2.81
C SER A 36 9.73 -1.70 1.42
N ILE A 37 9.55 -0.67 0.61
CA ILE A 37 10.03 -0.70 -0.78
C ILE A 37 11.29 0.14 -0.96
N ARG A 38 11.68 0.86 0.07
CA ARG A 38 12.91 1.62 0.05
C ARG A 38 14.04 0.87 0.72
N ASP A 39 13.74 -0.33 1.22
CA ASP A 39 14.72 -1.09 1.99
C ASP A 39 14.72 -2.57 1.66
N ALA A 40 13.56 -3.21 1.82
CA ALA A 40 13.45 -4.64 1.61
C ALA A 40 13.37 -4.99 0.13
N GLY A 41 12.30 -4.56 -0.50
CA GLY A 41 12.12 -4.82 -1.90
C GLY A 41 11.24 -3.79 -2.53
N HIS A 42 11.61 -3.32 -3.69
CA HIS A 42 10.90 -2.24 -4.37
C HIS A 42 9.70 -2.82 -5.13
N LYS A 43 8.90 -3.59 -4.41
CA LYS A 43 7.78 -4.32 -4.98
C LYS A 43 6.66 -4.39 -3.96
N CYS A 44 5.45 -4.57 -4.42
CA CYS A 44 4.36 -4.85 -3.53
C CYS A 44 4.34 -6.35 -3.23
N PRO A 45 4.41 -6.73 -1.95
CA PRO A 45 4.61 -8.12 -1.55
C PRO A 45 3.45 -9.06 -1.93
N VAL A 46 2.27 -8.50 -2.12
CA VAL A 46 1.08 -9.31 -2.39
C VAL A 46 1.16 -10.06 -3.75
N ASP A 47 1.52 -9.34 -4.81
CA ASP A 47 1.58 -9.96 -6.15
C ASP A 47 2.98 -9.90 -6.73
N ASN A 48 3.92 -9.44 -5.91
CA ASN A 48 5.33 -9.35 -6.29
C ASN A 48 5.56 -8.50 -7.54
N GLU A 49 4.74 -7.47 -7.72
CA GLU A 49 4.93 -6.55 -8.81
C GLU A 49 5.86 -5.45 -8.41
N ILE A 50 6.66 -4.99 -9.35
CA ILE A 50 7.57 -3.88 -9.11
C ILE A 50 6.76 -2.62 -8.86
N LEU A 51 6.97 -2.04 -7.71
CA LEU A 51 6.20 -0.91 -7.29
C LEU A 51 7.07 0.31 -7.11
N LEU A 52 6.65 1.40 -7.70
CA LEU A 52 7.34 2.67 -7.57
C LEU A 52 6.50 3.61 -6.72
N GLU A 53 7.16 4.45 -5.95
CA GLU A 53 6.52 5.45 -5.10
C GLU A 53 5.71 6.40 -5.96
N ASN A 54 6.21 6.65 -7.16
CA ASN A 54 5.57 7.53 -8.15
C ASN A 54 4.23 6.95 -8.59
N GLN A 55 4.16 5.63 -8.58
CA GLN A 55 3.01 4.88 -9.06
C GLN A 55 1.87 4.88 -8.05
N LEU A 56 2.15 5.27 -6.82
CA LEU A 56 1.14 5.25 -5.77
C LEU A 56 0.12 6.35 -6.00
N PHE A 57 -1.14 6.01 -5.80
CA PHE A 57 -2.22 6.96 -5.96
C PHE A 57 -2.22 7.96 -4.81
N PRO A 58 -2.92 9.10 -4.97
CA PRO A 58 -3.02 10.10 -3.91
C PRO A 58 -3.67 9.54 -2.66
N ASP A 59 -3.23 10.01 -1.52
CA ASP A 59 -3.75 9.56 -0.26
C ASP A 59 -5.17 10.06 -0.08
N ASN A 60 -5.97 9.29 0.61
CA ASN A 60 -7.37 9.65 0.81
C ASN A 60 -7.54 10.43 2.09
N PHE A 61 -6.47 10.51 2.85
CA PHE A 61 -6.46 11.27 4.08
C PHE A 61 -6.62 12.76 3.80
N ALA A 62 -5.86 13.28 2.84
CA ALA A 62 -5.92 14.67 2.48
C ALA A 62 -7.01 14.93 1.45
N LYS A 63 -8.13 15.42 1.91
CA LYS A 63 -9.22 15.80 1.05
C LYS A 63 -9.38 17.31 1.11
N GLY A 1 -5.32 -12.10 8.23
CA GLY A 1 -5.93 -12.77 9.39
C GLY A 1 -7.41 -12.49 9.46
N PRO A 2 -7.90 -11.89 10.57
CA PRO A 2 -9.32 -11.56 10.72
C PRO A 2 -9.72 -10.39 9.81
N LEU A 3 -10.97 -10.37 9.41
CA LEU A 3 -11.49 -9.30 8.58
C LEU A 3 -12.52 -8.50 9.35
N GLY A 4 -12.19 -7.24 9.59
CA GLY A 4 -13.12 -6.33 10.20
C GLY A 4 -13.55 -5.28 9.21
N SER A 5 -12.57 -4.67 8.60
CA SER A 5 -12.78 -3.69 7.57
C SER A 5 -11.86 -4.03 6.42
N LYS A 6 -12.23 -3.73 5.20
CA LYS A 6 -11.31 -4.01 4.12
C LYS A 6 -10.39 -2.82 3.88
N TYR A 7 -10.64 -1.74 4.61
CA TYR A 7 -9.67 -0.66 4.69
C TYR A 7 -8.55 -1.10 5.60
N GLU A 8 -7.69 -1.92 5.03
CA GLU A 8 -6.64 -2.62 5.73
C GLU A 8 -5.36 -2.62 4.89
N CYS A 9 -4.28 -2.21 5.50
CA CYS A 9 -2.97 -2.30 4.91
C CYS A 9 -2.34 -3.62 5.33
N PRO A 10 -2.11 -4.55 4.38
CA PRO A 10 -1.63 -5.90 4.71
C PRO A 10 -0.22 -5.92 5.31
N ILE A 11 0.52 -4.85 5.11
CA ILE A 11 1.85 -4.74 5.70
C ILE A 11 1.78 -4.67 7.22
N CYS A 12 0.86 -3.88 7.74
CA CYS A 12 0.73 -3.73 9.18
C CYS A 12 -0.43 -4.56 9.73
N LEU A 13 -1.36 -4.90 8.83
CA LEU A 13 -2.57 -5.66 9.16
C LEU A 13 -3.43 -4.95 10.21
N MET A 14 -3.27 -3.63 10.31
CA MET A 14 -4.07 -2.88 11.25
C MET A 14 -5.27 -2.30 10.52
N ALA A 15 -5.00 -1.35 9.65
CA ALA A 15 -6.02 -0.62 8.91
C ALA A 15 -5.30 0.23 7.88
N LEU A 16 -5.97 1.19 7.29
CA LEU A 16 -5.32 2.11 6.40
C LEU A 16 -5.07 3.43 7.10
N ARG A 17 -3.84 3.85 7.13
CA ARG A 17 -3.48 5.14 7.66
C ARG A 17 -3.79 6.26 6.66
N GLU A 18 -3.14 6.20 5.50
CA GLU A 18 -3.30 7.26 4.51
C GLU A 18 -4.11 6.79 3.32
N ALA A 19 -4.27 5.47 3.22
CA ALA A 19 -4.96 4.82 2.10
C ALA A 19 -4.33 5.18 0.75
N VAL A 20 -3.18 4.61 0.47
CA VAL A 20 -2.53 4.81 -0.81
C VAL A 20 -2.66 3.57 -1.69
N GLN A 21 -3.34 3.75 -2.79
CA GLN A 21 -3.62 2.70 -3.72
C GLN A 21 -2.43 2.45 -4.64
N THR A 22 -2.17 1.20 -4.92
CA THR A 22 -1.15 0.81 -5.87
C THR A 22 -1.78 0.51 -7.23
N PRO A 23 -0.99 0.57 -8.33
CA PRO A 23 -1.50 0.30 -9.70
C PRO A 23 -2.16 -1.08 -9.80
N CYS A 24 -1.64 -2.04 -9.07
CA CYS A 24 -2.19 -3.37 -9.05
C CYS A 24 -3.54 -3.45 -8.28
N GLY A 25 -3.84 -2.42 -7.51
CA GLY A 25 -5.14 -2.34 -6.85
C GLY A 25 -5.12 -2.79 -5.41
N HIS A 26 -4.09 -2.40 -4.67
CA HIS A 26 -4.05 -2.70 -3.23
C HIS A 26 -3.81 -1.41 -2.50
N ARG A 27 -4.44 -1.22 -1.38
CA ARG A 27 -4.24 -0.02 -0.61
C ARG A 27 -3.36 -0.27 0.60
N PHE A 28 -2.44 0.65 0.83
CA PHE A 28 -1.46 0.55 1.90
C PHE A 28 -1.38 1.87 2.65
N CYS A 29 -0.63 1.89 3.73
CA CYS A 29 -0.33 3.12 4.43
C CYS A 29 0.90 3.77 3.79
N LYS A 30 0.93 5.10 3.84
CA LYS A 30 2.01 5.90 3.22
C LYS A 30 3.35 5.70 3.94
N ALA A 31 3.31 5.09 5.10
CA ALA A 31 4.53 4.84 5.87
C ALA A 31 4.80 3.35 5.96
N CYS A 32 3.87 2.55 5.46
CA CYS A 32 4.07 1.11 5.39
C CYS A 32 4.67 0.72 4.05
N ILE A 33 3.97 1.05 2.96
CA ILE A 33 4.41 0.62 1.63
C ILE A 33 5.72 1.28 1.23
N ILE A 34 5.87 2.57 1.50
CA ILE A 34 7.08 3.28 1.16
C ILE A 34 8.27 2.73 1.93
N LYS A 35 8.07 2.46 3.19
CA LYS A 35 9.13 2.01 4.07
C LYS A 35 9.39 0.51 3.88
N SER A 36 8.62 -0.13 3.02
CA SER A 36 8.80 -1.53 2.74
C SER A 36 9.46 -1.70 1.36
N ILE A 37 9.36 -0.67 0.53
CA ILE A 37 9.86 -0.79 -0.84
C ILE A 37 11.21 -0.10 -1.01
N ARG A 38 11.53 0.79 -0.11
CA ARG A 38 12.86 1.42 -0.14
C ARG A 38 13.76 0.77 0.91
N ASP A 39 13.22 -0.23 1.58
CA ASP A 39 13.96 -0.95 2.61
C ASP A 39 14.18 -2.40 2.22
N ALA A 40 13.12 -3.05 1.74
CA ALA A 40 13.23 -4.43 1.26
C ALA A 40 13.50 -4.44 -0.25
N GLY A 41 12.49 -4.08 -1.02
CA GLY A 41 12.63 -4.03 -2.46
C GLY A 41 11.48 -3.28 -3.08
N HIS A 42 11.68 -2.72 -4.26
CA HIS A 42 10.64 -1.93 -4.92
C HIS A 42 9.61 -2.80 -5.63
N LYS A 43 8.86 -3.50 -4.83
CA LYS A 43 7.80 -4.37 -5.28
C LYS A 43 6.76 -4.45 -4.17
N CYS A 44 5.52 -4.72 -4.52
CA CYS A 44 4.51 -4.91 -3.51
C CYS A 44 4.63 -6.32 -2.90
N PRO A 45 4.80 -6.41 -1.57
CA PRO A 45 5.13 -7.68 -0.89
C PRO A 45 4.03 -8.73 -0.99
N VAL A 46 2.81 -8.30 -1.26
CA VAL A 46 1.70 -9.21 -1.32
C VAL A 46 1.63 -10.00 -2.65
N ASP A 47 1.67 -9.30 -3.77
CA ASP A 47 1.52 -9.93 -5.07
C ASP A 47 2.80 -9.90 -5.89
N ASN A 48 3.88 -9.39 -5.31
CA ASN A 48 5.21 -9.39 -5.93
C ASN A 48 5.27 -8.69 -7.30
N GLU A 49 4.49 -7.63 -7.45
CA GLU A 49 4.54 -6.82 -8.66
C GLU A 49 5.47 -5.64 -8.46
N ILE A 50 6.13 -5.21 -9.53
CA ILE A 50 7.09 -4.13 -9.45
C ILE A 50 6.37 -2.84 -9.08
N LEU A 51 6.77 -2.24 -7.98
CA LEU A 51 6.09 -1.08 -7.48
C LEU A 51 7.08 0.08 -7.35
N LEU A 52 6.72 1.20 -7.93
CA LEU A 52 7.55 2.39 -7.90
C LEU A 52 6.96 3.41 -6.95
N GLU A 53 7.80 4.21 -6.34
CA GLU A 53 7.38 5.18 -5.35
C GLU A 53 6.47 6.25 -5.95
N ASN A 54 6.78 6.65 -7.17
CA ASN A 54 5.95 7.61 -7.92
C ASN A 54 4.59 7.01 -8.25
N GLN A 55 4.56 5.69 -8.37
CA GLN A 55 3.37 4.94 -8.79
C GLN A 55 2.27 4.86 -7.75
N LEU A 56 2.53 5.29 -6.53
CA LEU A 56 1.51 5.25 -5.51
C LEU A 56 0.41 6.27 -5.81
N PHE A 57 -0.83 5.86 -5.62
CA PHE A 57 -1.96 6.71 -5.88
C PHE A 57 -2.65 7.07 -4.58
N PRO A 58 -2.74 8.36 -4.27
CA PRO A 58 -3.43 8.84 -3.08
C PRO A 58 -4.94 8.65 -3.20
N ASP A 59 -5.62 8.61 -2.06
CA ASP A 59 -7.07 8.43 -2.03
C ASP A 59 -7.78 9.74 -2.34
N ASN A 60 -7.01 10.72 -2.80
CA ASN A 60 -7.47 12.10 -3.08
C ASN A 60 -8.49 12.17 -4.20
N PHE A 61 -8.81 11.02 -4.80
CA PHE A 61 -9.93 10.94 -5.73
C PHE A 61 -11.23 11.27 -5.01
N ALA A 62 -11.23 11.02 -3.72
CA ALA A 62 -12.29 11.44 -2.84
C ALA A 62 -11.66 12.12 -1.65
N LYS A 63 -12.19 13.23 -1.24
CA LYS A 63 -11.64 13.93 -0.12
C LYS A 63 -12.76 14.52 0.68
N GLY A 1 -12.05 -13.30 13.72
CA GLY A 1 -13.27 -12.51 13.88
C GLY A 1 -13.92 -12.30 12.54
N PRO A 2 -14.38 -11.09 12.23
CA PRO A 2 -14.98 -10.80 10.93
C PRO A 2 -13.93 -10.76 9.82
N LEU A 3 -14.31 -11.21 8.62
CA LEU A 3 -13.43 -11.10 7.47
C LEU A 3 -13.19 -9.65 7.15
N GLY A 4 -14.25 -8.87 7.18
CA GLY A 4 -14.16 -7.45 6.93
C GLY A 4 -13.95 -7.16 5.47
N SER A 5 -13.52 -5.97 5.19
CA SER A 5 -13.26 -5.55 3.84
C SER A 5 -11.84 -4.98 3.76
N LYS A 6 -11.23 -5.02 2.58
CA LYS A 6 -9.84 -4.58 2.46
C LYS A 6 -9.67 -3.06 2.44
N TYR A 7 -9.99 -2.46 3.56
CA TYR A 7 -9.71 -1.06 3.83
C TYR A 7 -8.66 -1.02 4.92
N GLU A 8 -8.03 -2.16 5.08
CA GLU A 8 -7.00 -2.41 6.05
C GLU A 8 -5.70 -2.73 5.32
N CYS A 9 -4.62 -2.08 5.73
CA CYS A 9 -3.29 -2.38 5.21
C CYS A 9 -2.86 -3.75 5.69
N PRO A 10 -2.72 -4.72 4.77
CA PRO A 10 -2.41 -6.12 5.11
C PRO A 10 -1.02 -6.28 5.72
N ILE A 11 -0.17 -5.29 5.53
CA ILE A 11 1.15 -5.29 6.11
C ILE A 11 1.10 -5.19 7.64
N CYS A 12 0.25 -4.29 8.14
CA CYS A 12 0.17 -4.05 9.57
C CYS A 12 -1.08 -4.67 10.18
N LEU A 13 -2.08 -4.93 9.35
CA LEU A 13 -3.38 -5.47 9.77
C LEU A 13 -4.11 -4.51 10.71
N MET A 14 -3.78 -3.23 10.64
CA MET A 14 -4.43 -2.26 11.48
C MET A 14 -5.46 -1.42 10.73
N ALA A 15 -4.97 -0.59 9.82
CA ALA A 15 -5.83 0.36 9.11
C ALA A 15 -5.09 0.92 7.91
N LEU A 16 -5.63 1.98 7.31
CA LEU A 16 -4.95 2.71 6.25
C LEU A 16 -4.60 4.11 6.72
N ARG A 17 -3.35 4.54 6.50
CA ARG A 17 -2.90 5.88 6.91
C ARG A 17 -3.59 6.94 6.04
N GLU A 18 -3.10 7.10 4.82
CA GLU A 18 -3.76 7.94 3.81
C GLU A 18 -4.34 7.07 2.72
N ALA A 19 -4.24 5.74 2.92
CA ALA A 19 -4.72 4.74 1.97
C ALA A 19 -4.08 4.92 0.61
N VAL A 20 -2.87 4.43 0.43
CA VAL A 20 -2.22 4.60 -0.84
C VAL A 20 -2.50 3.42 -1.76
N GLN A 21 -3.17 3.70 -2.86
CA GLN A 21 -3.52 2.72 -3.84
C GLN A 21 -2.34 2.43 -4.75
N THR A 22 -2.03 1.17 -4.93
CA THR A 22 -0.98 0.76 -5.82
C THR A 22 -1.58 0.54 -7.21
N PRO A 23 -0.77 0.63 -8.28
CA PRO A 23 -1.23 0.40 -9.66
C PRO A 23 -1.75 -1.03 -9.88
N CYS A 24 -1.31 -1.97 -9.05
CA CYS A 24 -1.80 -3.34 -9.12
C CYS A 24 -3.19 -3.48 -8.47
N GLY A 25 -3.54 -2.53 -7.63
CA GLY A 25 -4.86 -2.54 -7.03
C GLY A 25 -4.88 -2.95 -5.57
N HIS A 26 -3.92 -2.51 -4.81
CA HIS A 26 -3.93 -2.74 -3.35
C HIS A 26 -3.88 -1.40 -2.67
N ARG A 27 -4.36 -1.32 -1.46
CA ARG A 27 -4.29 -0.08 -0.71
C ARG A 27 -3.59 -0.30 0.62
N PHE A 28 -2.62 0.56 0.92
CA PHE A 28 -1.73 0.38 2.08
C PHE A 28 -1.58 1.67 2.86
N CYS A 29 -0.93 1.60 3.99
CA CYS A 29 -0.52 2.78 4.70
C CYS A 29 0.62 3.46 3.96
N LYS A 30 0.82 4.71 4.25
CA LYS A 30 1.80 5.53 3.59
C LYS A 30 3.20 5.33 4.20
N ALA A 31 3.27 4.49 5.21
CA ALA A 31 4.54 4.16 5.80
C ALA A 31 4.86 2.69 5.59
N CYS A 32 3.84 1.84 5.72
CA CYS A 32 4.03 0.40 5.61
C CYS A 32 4.54 0.00 4.21
N ILE A 33 3.86 0.46 3.16
CA ILE A 33 4.28 0.10 1.80
C ILE A 33 5.62 0.75 1.42
N ILE A 34 5.78 2.00 1.78
CA ILE A 34 6.98 2.75 1.47
C ILE A 34 8.20 2.15 2.14
N LYS A 35 8.05 1.79 3.40
CA LYS A 35 9.18 1.32 4.21
C LYS A 35 9.49 -0.15 3.84
N SER A 36 8.73 -0.68 2.91
CA SER A 36 8.98 -2.02 2.40
C SER A 36 9.60 -1.93 0.99
N ILE A 37 9.33 -0.84 0.28
CA ILE A 37 9.81 -0.72 -1.09
C ILE A 37 10.99 0.23 -1.20
N ARG A 38 11.25 1.02 -0.17
CA ARG A 38 12.44 1.86 -0.17
C ARG A 38 13.57 1.13 0.52
N ASP A 39 13.26 -0.01 1.09
CA ASP A 39 14.22 -0.72 1.90
C ASP A 39 14.60 -2.06 1.33
N ALA A 40 13.61 -2.91 1.10
CA ALA A 40 13.89 -4.24 0.56
C ALA A 40 14.10 -4.15 -0.94
N GLY A 41 13.04 -3.79 -1.64
CA GLY A 41 13.10 -3.63 -3.06
C GLY A 41 11.83 -3.02 -3.56
N HIS A 42 11.83 -2.54 -4.78
CA HIS A 42 10.65 -1.89 -5.32
C HIS A 42 9.70 -2.88 -5.95
N LYS A 43 9.10 -3.69 -5.12
CA LYS A 43 8.06 -4.61 -5.51
C LYS A 43 7.07 -4.76 -4.37
N CYS A 44 5.84 -5.12 -4.69
CA CYS A 44 4.82 -5.34 -3.68
C CYS A 44 5.25 -6.49 -2.75
N PRO A 45 5.16 -6.29 -1.44
CA PRO A 45 5.50 -7.34 -0.47
C PRO A 45 4.54 -8.52 -0.58
N VAL A 46 3.35 -8.27 -1.08
CA VAL A 46 2.31 -9.27 -1.21
C VAL A 46 2.43 -10.04 -2.54
N ASP A 47 2.13 -9.35 -3.64
CA ASP A 47 2.04 -9.97 -4.97
C ASP A 47 3.31 -9.81 -5.81
N ASN A 48 4.35 -9.26 -5.19
CA ASN A 48 5.72 -9.13 -5.78
C ASN A 48 5.78 -8.40 -7.15
N GLU A 49 4.72 -7.69 -7.51
CA GLU A 49 4.71 -6.92 -8.74
C GLU A 49 5.65 -5.73 -8.61
N ILE A 50 6.22 -5.27 -9.71
CA ILE A 50 7.14 -4.15 -9.68
C ILE A 50 6.38 -2.89 -9.27
N LEU A 51 6.79 -2.30 -8.17
CA LEU A 51 6.05 -1.21 -7.61
C LEU A 51 6.90 0.06 -7.53
N LEU A 52 6.43 1.12 -8.16
CA LEU A 52 7.10 2.40 -8.13
C LEU A 52 6.45 3.30 -7.09
N GLU A 53 7.29 4.03 -6.36
CA GLU A 53 6.84 4.88 -5.25
C GLU A 53 5.95 6.02 -5.74
N ASN A 54 6.32 6.61 -6.85
CA ASN A 54 5.60 7.77 -7.37
C ASN A 54 4.26 7.38 -8.00
N GLN A 55 4.08 6.08 -8.21
CA GLN A 55 2.84 5.57 -8.77
C GLN A 55 1.77 5.41 -7.68
N LEU A 56 2.18 5.55 -6.43
CA LEU A 56 1.26 5.44 -5.30
C LEU A 56 0.42 6.71 -5.18
N PHE A 57 -0.89 6.54 -5.05
CA PHE A 57 -1.80 7.67 -4.89
C PHE A 57 -2.85 7.33 -3.84
N PRO A 58 -3.13 8.26 -2.92
CA PRO A 58 -4.15 8.04 -1.87
C PRO A 58 -5.55 7.80 -2.45
N ASP A 59 -6.28 6.89 -1.85
CA ASP A 59 -7.66 6.57 -2.22
C ASP A 59 -8.56 7.75 -1.91
N ASN A 60 -8.29 8.41 -0.80
CA ASN A 60 -9.04 9.57 -0.36
C ASN A 60 -8.22 10.83 -0.61
N PHE A 61 -8.75 11.97 -0.22
CA PHE A 61 -8.11 13.24 -0.48
C PHE A 61 -8.27 14.18 0.70
N ALA A 62 -7.38 15.14 0.78
CA ALA A 62 -7.43 16.18 1.78
C ALA A 62 -7.00 17.46 1.10
N LYS A 63 -7.56 18.59 1.50
CA LYS A 63 -7.24 19.82 0.82
C LYS A 63 -6.11 20.55 1.55
N GLY A 1 -13.79 -7.22 8.64
CA GLY A 1 -14.75 -6.42 9.41
C GLY A 1 -16.16 -6.88 9.16
N PRO A 2 -17.15 -6.37 9.94
CA PRO A 2 -18.57 -6.75 9.79
C PRO A 2 -19.08 -6.50 8.37
N LEU A 3 -18.65 -5.39 7.80
CA LEU A 3 -18.95 -5.08 6.43
C LEU A 3 -17.72 -5.33 5.59
N GLY A 4 -17.89 -6.08 4.51
CA GLY A 4 -16.78 -6.42 3.66
C GLY A 4 -16.17 -5.21 2.98
N SER A 5 -15.07 -4.76 3.52
CA SER A 5 -14.34 -3.64 2.97
C SER A 5 -12.87 -3.80 3.28
N LYS A 6 -12.01 -3.22 2.47
CA LYS A 6 -10.60 -3.37 2.70
C LYS A 6 -9.96 -2.05 3.08
N TYR A 7 -10.00 -1.76 4.37
CA TYR A 7 -9.31 -0.61 4.93
C TYR A 7 -8.15 -1.09 5.77
N GLU A 8 -7.82 -2.33 5.59
CA GLU A 8 -6.72 -2.95 6.27
C GLU A 8 -5.48 -2.90 5.41
N CYS A 9 -4.42 -2.38 5.97
CA CYS A 9 -3.11 -2.44 5.36
C CYS A 9 -2.51 -3.79 5.71
N PRO A 10 -2.31 -4.67 4.72
CA PRO A 10 -1.82 -6.05 4.97
C PRO A 10 -0.42 -6.05 5.60
N ILE A 11 0.30 -4.95 5.46
CA ILE A 11 1.61 -4.81 6.05
C ILE A 11 1.57 -4.82 7.58
N CYS A 12 0.62 -4.08 8.14
CA CYS A 12 0.56 -3.88 9.58
C CYS A 12 -0.75 -4.40 10.18
N LEU A 13 -1.62 -4.89 9.32
CA LEU A 13 -2.98 -5.35 9.69
C LEU A 13 -3.76 -4.27 10.44
N MET A 14 -3.42 -3.01 10.19
CA MET A 14 -4.11 -1.88 10.80
C MET A 14 -4.88 -1.14 9.74
N ALA A 15 -5.65 -0.15 10.17
CA ALA A 15 -6.41 0.67 9.25
C ALA A 15 -5.49 1.51 8.40
N LEU A 16 -5.92 1.81 7.19
CA LEU A 16 -5.13 2.56 6.24
C LEU A 16 -5.02 4.00 6.71
N ARG A 17 -3.82 4.38 7.13
CA ARG A 17 -3.59 5.75 7.55
C ARG A 17 -3.72 6.73 6.38
N GLU A 18 -3.12 6.40 5.26
CA GLU A 18 -3.11 7.29 4.12
C GLU A 18 -3.85 6.67 2.94
N ALA A 19 -4.07 5.36 3.03
CA ALA A 19 -4.75 4.57 1.99
C ALA A 19 -4.23 4.84 0.59
N VAL A 20 -3.03 4.35 0.29
CA VAL A 20 -2.47 4.52 -1.03
C VAL A 20 -2.52 3.22 -1.81
N GLN A 21 -3.27 3.23 -2.88
CA GLN A 21 -3.42 2.08 -3.73
C GLN A 21 -2.26 1.95 -4.70
N THR A 22 -1.79 0.75 -4.86
CA THR A 22 -0.79 0.42 -5.85
C THR A 22 -1.47 0.17 -7.21
N PRO A 23 -0.73 0.18 -8.34
CA PRO A 23 -1.31 -0.04 -9.69
C PRO A 23 -2.08 -1.36 -9.78
N CYS A 24 -1.57 -2.38 -9.11
CA CYS A 24 -2.18 -3.69 -9.06
C CYS A 24 -3.54 -3.65 -8.33
N GLY A 25 -3.73 -2.63 -7.51
CA GLY A 25 -4.98 -2.49 -6.80
C GLY A 25 -4.93 -2.98 -5.38
N HIS A 26 -3.81 -2.76 -4.71
CA HIS A 26 -3.68 -3.15 -3.32
C HIS A 26 -3.50 -1.91 -2.46
N ARG A 27 -4.08 -1.94 -1.28
CA ARG A 27 -4.11 -0.75 -0.42
C ARG A 27 -3.12 -0.89 0.72
N PHE A 28 -2.31 0.15 0.90
CA PHE A 28 -1.32 0.17 1.98
C PHE A 28 -1.27 1.55 2.60
N CYS A 29 -0.70 1.66 3.77
CA CYS A 29 -0.45 2.98 4.34
C CYS A 29 0.79 3.54 3.68
N LYS A 30 0.84 4.85 3.54
CA LYS A 30 1.91 5.53 2.81
C LYS A 30 3.25 5.44 3.56
N ALA A 31 3.22 4.99 4.79
CA ALA A 31 4.42 4.93 5.59
C ALA A 31 4.80 3.48 5.85
N CYS A 32 3.88 2.59 5.57
CA CYS A 32 4.14 1.18 5.63
C CYS A 32 4.74 0.70 4.31
N ILE A 33 4.15 1.15 3.20
CA ILE A 33 4.58 0.74 1.87
C ILE A 33 6.00 1.23 1.56
N ILE A 34 6.31 2.47 1.96
CA ILE A 34 7.63 3.02 1.76
C ILE A 34 8.66 2.22 2.55
N LYS A 35 8.30 1.85 3.76
CA LYS A 35 9.20 1.14 4.65
C LYS A 35 9.31 -0.34 4.24
N SER A 36 8.57 -0.71 3.21
CA SER A 36 8.67 -2.06 2.68
C SER A 36 9.43 -2.06 1.34
N ILE A 37 9.48 -0.90 0.68
CA ILE A 37 10.11 -0.83 -0.63
C ILE A 37 11.50 -0.20 -0.54
N ARG A 38 11.84 0.33 0.62
CA ARG A 38 13.18 0.86 0.83
C ARG A 38 14.05 -0.18 1.51
N ASP A 39 13.45 -1.33 1.84
CA ASP A 39 14.17 -2.39 2.51
C ASP A 39 14.25 -3.63 1.64
N ALA A 40 13.09 -4.12 1.21
CA ALA A 40 13.02 -5.28 0.35
C ALA A 40 13.41 -4.91 -1.07
N GLY A 41 12.61 -4.07 -1.67
CA GLY A 41 12.89 -3.60 -3.01
C GLY A 41 11.66 -2.95 -3.57
N HIS A 42 11.72 -2.56 -4.82
CA HIS A 42 10.57 -1.93 -5.45
C HIS A 42 9.55 -2.97 -5.90
N LYS A 43 8.76 -3.41 -4.96
CA LYS A 43 7.72 -4.37 -5.18
C LYS A 43 6.59 -4.10 -4.22
N CYS A 44 5.38 -4.48 -4.57
CA CYS A 44 4.34 -4.53 -3.58
C CYS A 44 4.55 -5.80 -2.76
N PRO A 45 4.43 -5.71 -1.43
CA PRO A 45 4.82 -6.80 -0.52
C PRO A 45 4.05 -8.10 -0.72
N VAL A 46 2.91 -8.02 -1.34
CA VAL A 46 2.09 -9.21 -1.54
C VAL A 46 2.35 -9.91 -2.88
N ASP A 47 1.90 -9.30 -3.97
CA ASP A 47 1.96 -9.91 -5.31
C ASP A 47 3.20 -9.46 -6.09
N ASN A 48 4.05 -8.70 -5.43
CA ASN A 48 5.39 -8.30 -5.90
C ASN A 48 5.51 -7.84 -7.36
N GLU A 49 4.75 -6.83 -7.75
CA GLU A 49 4.96 -6.22 -9.05
C GLU A 49 5.89 -5.01 -8.87
N ILE A 50 6.47 -4.53 -9.95
CA ILE A 50 7.39 -3.40 -9.85
C ILE A 50 6.64 -2.16 -9.41
N LEU A 51 6.96 -1.69 -8.24
CA LEU A 51 6.26 -0.58 -7.65
C LEU A 51 7.15 0.62 -7.49
N LEU A 52 6.67 1.76 -7.95
CA LEU A 52 7.36 3.02 -7.81
C LEU A 52 6.58 3.93 -6.90
N GLU A 53 7.27 4.79 -6.17
CA GLU A 53 6.65 5.71 -5.23
C GLU A 53 5.67 6.63 -5.95
N ASN A 54 6.03 6.99 -7.17
CA ASN A 54 5.19 7.82 -8.04
C ASN A 54 3.89 7.09 -8.39
N GLN A 55 3.95 5.77 -8.47
CA GLN A 55 2.80 4.96 -8.86
C GLN A 55 1.79 4.77 -7.74
N LEU A 56 2.10 5.20 -6.54
CA LEU A 56 1.15 5.10 -5.46
C LEU A 56 0.06 6.15 -5.65
N PHE A 57 -1.19 5.73 -5.60
CA PHE A 57 -2.30 6.65 -5.77
C PHE A 57 -3.48 6.26 -4.89
N PRO A 58 -3.96 7.17 -4.05
CA PRO A 58 -5.16 6.94 -3.27
C PRO A 58 -6.40 6.99 -4.15
N ASP A 59 -7.40 6.18 -3.82
CA ASP A 59 -8.68 6.22 -4.52
C ASP A 59 -9.38 7.53 -4.23
N ASN A 60 -9.21 8.01 -3.02
CA ASN A 60 -9.67 9.33 -2.64
C ASN A 60 -8.49 10.27 -2.80
N PHE A 61 -8.48 11.04 -3.87
CA PHE A 61 -7.32 11.85 -4.19
C PHE A 61 -7.18 13.00 -3.22
N ALA A 62 -6.06 13.05 -2.54
CA ALA A 62 -5.80 14.06 -1.55
C ALA A 62 -4.31 14.32 -1.45
N LYS A 63 -3.98 15.51 -1.04
CA LYS A 63 -2.60 15.87 -0.81
C LYS A 63 -2.36 16.03 0.68
N GLY A 1 -5.16 -11.89 5.64
CA GLY A 1 -5.57 -13.31 5.60
C GLY A 1 -6.21 -13.66 4.28
N PRO A 2 -6.38 -14.95 3.98
CA PRO A 2 -7.03 -15.44 2.75
C PRO A 2 -8.48 -14.98 2.63
N LEU A 3 -8.92 -14.77 1.39
CA LEU A 3 -10.27 -14.31 1.04
C LEU A 3 -10.64 -12.98 1.70
N GLY A 4 -10.36 -11.91 1.00
CA GLY A 4 -10.69 -10.61 1.50
C GLY A 4 -10.60 -9.57 0.41
N SER A 5 -11.74 -9.11 -0.05
CA SER A 5 -11.79 -8.08 -1.08
C SER A 5 -11.56 -6.70 -0.48
N LYS A 6 -11.50 -6.65 0.84
CA LYS A 6 -11.16 -5.44 1.56
C LYS A 6 -9.71 -5.09 1.26
N TYR A 7 -9.40 -3.82 1.28
CA TYR A 7 -8.05 -3.43 1.15
C TYR A 7 -7.48 -3.18 2.52
N GLU A 8 -6.47 -3.93 2.86
CA GLU A 8 -5.89 -3.90 4.17
C GLU A 8 -4.39 -3.98 4.04
N CYS A 9 -3.69 -3.15 4.79
CA CYS A 9 -2.26 -3.10 4.73
C CYS A 9 -1.66 -4.20 5.61
N PRO A 10 -1.09 -5.24 4.97
CA PRO A 10 -0.53 -6.40 5.69
C PRO A 10 0.72 -6.03 6.46
N ILE A 11 1.32 -4.92 6.10
CA ILE A 11 2.54 -4.46 6.70
C ILE A 11 2.29 -4.12 8.17
N CYS A 12 1.20 -3.44 8.45
CA CYS A 12 0.84 -3.07 9.80
C CYS A 12 -0.22 -4.03 10.36
N LEU A 13 -0.91 -4.71 9.44
CA LEU A 13 -1.97 -5.68 9.79
C LEU A 13 -3.13 -5.01 10.53
N MET A 14 -3.28 -3.70 10.39
CA MET A 14 -4.34 -3.00 11.08
C MET A 14 -5.44 -2.61 10.12
N ALA A 15 -5.14 -1.65 9.26
CA ALA A 15 -6.10 -1.09 8.33
C ALA A 15 -5.34 -0.19 7.39
N LEU A 16 -6.05 0.63 6.64
CA LEU A 16 -5.40 1.57 5.75
C LEU A 16 -5.30 2.92 6.42
N ARG A 17 -4.10 3.27 6.87
CA ARG A 17 -3.89 4.54 7.51
C ARG A 17 -3.95 5.70 6.51
N GLU A 18 -3.14 5.66 5.48
CA GLU A 18 -3.11 6.77 4.53
C GLU A 18 -3.85 6.37 3.25
N ALA A 19 -4.06 5.06 3.10
CA ALA A 19 -4.82 4.47 1.99
C ALA A 19 -4.35 4.92 0.60
N VAL A 20 -3.10 4.61 0.26
CA VAL A 20 -2.55 4.95 -1.04
C VAL A 20 -2.72 3.80 -2.03
N GLN A 21 -3.45 4.07 -3.09
CA GLN A 21 -3.75 3.08 -4.13
C GLN A 21 -2.55 2.84 -5.05
N THR A 22 -2.28 1.57 -5.32
CA THR A 22 -1.21 1.16 -6.19
C THR A 22 -1.76 0.82 -7.58
N PRO A 23 -0.91 0.82 -8.63
CA PRO A 23 -1.34 0.49 -10.00
C PRO A 23 -1.82 -0.96 -10.15
N CYS A 24 -1.38 -1.84 -9.26
CA CYS A 24 -1.78 -3.24 -9.32
C CYS A 24 -3.23 -3.42 -8.89
N GLY A 25 -3.70 -2.55 -8.02
CA GLY A 25 -5.06 -2.63 -7.53
C GLY A 25 -5.13 -2.97 -6.06
N HIS A 26 -4.22 -2.40 -5.30
CA HIS A 26 -4.20 -2.56 -3.85
C HIS A 26 -4.02 -1.22 -3.19
N ARG A 27 -4.33 -1.13 -1.92
CA ARG A 27 -4.10 0.10 -1.20
C ARG A 27 -3.31 -0.21 0.06
N PHE A 28 -2.37 0.65 0.39
CA PHE A 28 -1.50 0.47 1.55
C PHE A 28 -1.37 1.79 2.29
N CYS A 29 -0.72 1.77 3.43
CA CYS A 29 -0.44 3.02 4.12
C CYS A 29 0.84 3.64 3.57
N LYS A 30 0.89 4.95 3.57
CA LYS A 30 1.99 5.70 2.96
C LYS A 30 3.21 5.71 3.89
N ALA A 31 3.04 5.13 5.05
CA ALA A 31 4.13 5.04 6.01
C ALA A 31 4.53 3.60 6.17
N CYS A 32 3.71 2.72 5.65
CA CYS A 32 4.01 1.32 5.66
C CYS A 32 4.69 0.91 4.36
N ILE A 33 4.04 1.21 3.23
CA ILE A 33 4.51 0.74 1.95
C ILE A 33 5.86 1.35 1.55
N ILE A 34 6.06 2.64 1.87
CA ILE A 34 7.29 3.33 1.49
C ILE A 34 8.51 2.71 2.17
N LYS A 35 8.39 2.38 3.44
CA LYS A 35 9.52 1.82 4.20
C LYS A 35 9.69 0.32 3.87
N SER A 36 8.79 -0.21 3.05
CA SER A 36 8.92 -1.58 2.61
C SER A 36 9.39 -1.63 1.16
N ILE A 37 9.30 -0.51 0.45
CA ILE A 37 9.71 -0.49 -0.95
C ILE A 37 11.06 0.20 -1.14
N ARG A 38 11.43 1.08 -0.23
CA ARG A 38 12.73 1.74 -0.35
C ARG A 38 13.77 1.06 0.50
N ASP A 39 13.37 -0.01 1.18
CA ASP A 39 14.28 -0.76 2.05
C ASP A 39 14.48 -2.18 1.54
N ALA A 40 13.38 -2.90 1.39
CA ALA A 40 13.45 -4.28 0.93
C ALA A 40 13.52 -4.33 -0.59
N GLY A 41 12.45 -3.92 -1.22
CA GLY A 41 12.39 -3.86 -2.65
C GLY A 41 11.17 -3.13 -3.11
N HIS A 42 11.17 -2.63 -4.32
CA HIS A 42 10.06 -1.86 -4.82
C HIS A 42 9.00 -2.77 -5.40
N LYS A 43 8.26 -3.42 -4.52
CA LYS A 43 7.18 -4.30 -4.90
C LYS A 43 6.16 -4.37 -3.78
N CYS A 44 4.93 -4.70 -4.11
CA CYS A 44 3.92 -4.91 -3.10
C CYS A 44 4.06 -6.33 -2.51
N PRO A 45 4.08 -6.46 -1.18
CA PRO A 45 4.37 -7.74 -0.50
C PRO A 45 3.39 -8.87 -0.80
N VAL A 46 2.12 -8.53 -1.05
CA VAL A 46 1.11 -9.58 -1.21
C VAL A 46 1.12 -10.24 -2.59
N ASP A 47 1.04 -9.44 -3.65
CA ASP A 47 0.99 -10.00 -5.00
C ASP A 47 2.30 -9.82 -5.75
N ASN A 48 3.29 -9.28 -5.07
CA ASN A 48 4.67 -9.17 -5.58
C ASN A 48 4.78 -8.49 -6.95
N GLU A 49 4.01 -7.45 -7.17
CA GLU A 49 4.15 -6.67 -8.38
C GLU A 49 5.12 -5.55 -8.13
N ILE A 50 5.89 -5.18 -9.15
CA ILE A 50 6.86 -4.09 -9.00
C ILE A 50 6.13 -2.78 -8.79
N LEU A 51 6.40 -2.17 -7.67
CA LEU A 51 5.76 -0.96 -7.28
C LEU A 51 6.80 0.12 -7.01
N LEU A 52 6.75 1.17 -7.77
CA LEU A 52 7.68 2.25 -7.58
C LEU A 52 7.06 3.33 -6.72
N GLU A 53 7.89 4.15 -6.15
CA GLU A 53 7.47 5.20 -5.23
C GLU A 53 6.57 6.22 -5.94
N ASN A 54 6.91 6.52 -7.19
CA ASN A 54 6.10 7.41 -8.02
C ASN A 54 4.75 6.77 -8.38
N GLN A 55 4.72 5.45 -8.36
CA GLN A 55 3.52 4.68 -8.73
C GLN A 55 2.46 4.71 -7.63
N LEU A 56 2.84 5.20 -6.47
CA LEU A 56 1.93 5.33 -5.35
C LEU A 56 0.94 6.46 -5.61
N PHE A 57 -0.28 6.31 -5.11
CA PHE A 57 -1.33 7.29 -5.24
C PHE A 57 -0.86 8.66 -4.72
N PRO A 58 -0.76 9.66 -5.61
CA PRO A 58 -0.34 10.99 -5.21
C PRO A 58 -1.40 11.70 -4.40
N ASP A 59 -0.99 12.47 -3.44
CA ASP A 59 -1.91 13.24 -2.64
C ASP A 59 -1.96 14.64 -3.19
N ASN A 60 -3.11 15.03 -3.70
CA ASN A 60 -3.28 16.40 -4.22
C ASN A 60 -3.09 17.34 -3.04
N PHE A 61 -3.71 16.97 -1.95
CA PHE A 61 -3.51 17.55 -0.66
C PHE A 61 -3.93 16.50 0.34
N ALA A 62 -3.11 16.21 1.32
CA ALA A 62 -3.45 15.19 2.28
C ALA A 62 -4.50 15.71 3.25
N LYS A 63 -5.73 15.28 3.03
CA LYS A 63 -6.87 15.72 3.78
C LYS A 63 -7.96 14.67 3.69
N GLY A 1 -6.84 -9.25 7.59
CA GLY A 1 -8.01 -8.98 8.43
C GLY A 1 -8.89 -10.20 8.53
N PRO A 2 -10.09 -10.10 9.14
CA PRO A 2 -11.01 -11.22 9.27
C PRO A 2 -11.48 -11.75 7.91
N LEU A 3 -11.55 -10.85 6.94
CA LEU A 3 -11.83 -11.25 5.57
C LEU A 3 -10.87 -10.56 4.63
N GLY A 4 -9.78 -11.22 4.34
CA GLY A 4 -8.78 -10.68 3.44
C GLY A 4 -8.13 -9.42 3.97
N SER A 5 -7.48 -8.70 3.11
CA SER A 5 -6.93 -7.41 3.44
C SER A 5 -7.35 -6.39 2.39
N LYS A 6 -8.57 -5.94 2.49
CA LYS A 6 -9.09 -4.91 1.62
C LYS A 6 -9.34 -3.68 2.47
N TYR A 7 -8.84 -2.53 2.02
CA TYR A 7 -8.80 -1.31 2.83
C TYR A 7 -7.96 -1.52 4.08
N GLU A 8 -7.12 -2.51 4.04
CA GLU A 8 -6.24 -2.85 5.13
C GLU A 8 -4.83 -2.85 4.63
N CYS A 9 -3.91 -2.36 5.43
CA CYS A 9 -2.51 -2.40 5.10
C CYS A 9 -1.97 -3.73 5.60
N PRO A 10 -1.63 -4.67 4.69
CA PRO A 10 -1.15 -6.01 5.09
C PRO A 10 0.16 -5.92 5.87
N ILE A 11 0.84 -4.81 5.73
CA ILE A 11 2.06 -4.53 6.49
C ILE A 11 1.72 -4.38 7.98
N CYS A 12 0.65 -3.66 8.26
CA CYS A 12 0.20 -3.44 9.63
C CYS A 12 -0.76 -4.53 10.10
N LEU A 13 -1.48 -5.13 9.14
CA LEU A 13 -2.65 -5.96 9.43
C LEU A 13 -3.66 -5.14 10.21
N MET A 14 -3.70 -3.85 9.87
CA MET A 14 -4.57 -2.87 10.49
C MET A 14 -5.13 -1.95 9.42
N ALA A 15 -6.08 -1.11 9.80
CA ALA A 15 -6.72 -0.16 8.88
C ALA A 15 -5.70 0.80 8.28
N LEU A 16 -6.00 1.29 7.09
CA LEU A 16 -5.13 2.18 6.36
C LEU A 16 -5.09 3.53 7.03
N ARG A 17 -3.92 4.14 7.10
CA ARG A 17 -3.83 5.46 7.69
C ARG A 17 -4.28 6.55 6.71
N GLU A 18 -3.47 6.83 5.69
CA GLU A 18 -3.85 7.80 4.66
C GLU A 18 -4.42 7.10 3.43
N ALA A 19 -4.19 5.79 3.35
CA ALA A 19 -4.66 4.93 2.26
C ALA A 19 -4.07 5.30 0.91
N VAL A 20 -3.09 4.54 0.45
CA VAL A 20 -2.54 4.72 -0.88
C VAL A 20 -2.76 3.48 -1.74
N GLN A 21 -3.49 3.67 -2.81
CA GLN A 21 -3.79 2.62 -3.76
C GLN A 21 -2.59 2.42 -4.69
N THR A 22 -2.25 1.18 -4.92
CA THR A 22 -1.24 0.84 -5.89
C THR A 22 -1.92 0.49 -7.21
N PRO A 23 -1.24 0.67 -8.36
CA PRO A 23 -1.85 0.50 -9.69
C PRO A 23 -2.37 -0.92 -9.95
N CYS A 24 -1.79 -1.91 -9.29
CA CYS A 24 -2.23 -3.28 -9.45
C CYS A 24 -3.49 -3.58 -8.61
N GLY A 25 -3.75 -2.75 -7.60
CA GLY A 25 -4.98 -2.88 -6.85
C GLY A 25 -4.79 -3.34 -5.41
N HIS A 26 -3.88 -2.70 -4.70
CA HIS A 26 -3.71 -2.99 -3.27
C HIS A 26 -3.63 -1.66 -2.57
N ARG A 27 -4.02 -1.62 -1.33
CA ARG A 27 -3.92 -0.38 -0.60
C ARG A 27 -3.06 -0.55 0.63
N PHE A 28 -2.19 0.40 0.84
CA PHE A 28 -1.25 0.39 1.95
C PHE A 28 -1.24 1.75 2.60
N CYS A 29 -0.61 1.88 3.73
CA CYS A 29 -0.43 3.18 4.32
C CYS A 29 0.71 3.89 3.60
N LYS A 30 0.67 5.20 3.60
CA LYS A 30 1.58 6.02 2.80
C LYS A 30 3.03 5.95 3.28
N ALA A 31 3.26 5.40 4.46
CA ALA A 31 4.62 5.31 4.95
C ALA A 31 5.06 3.85 5.08
N CYS A 32 4.11 2.98 5.37
CA CYS A 32 4.39 1.56 5.52
C CYS A 32 4.90 0.99 4.21
N ILE A 33 4.24 1.34 3.12
CA ILE A 33 4.63 0.84 1.82
C ILE A 33 6.04 1.33 1.43
N ILE A 34 6.32 2.59 1.73
CA ILE A 34 7.63 3.18 1.41
C ILE A 34 8.73 2.48 2.19
N LYS A 35 8.48 2.23 3.47
CA LYS A 35 9.50 1.70 4.36
C LYS A 35 9.65 0.18 4.16
N SER A 36 8.83 -0.39 3.29
CA SER A 36 8.95 -1.79 2.96
C SER A 36 9.52 -1.96 1.54
N ILE A 37 9.38 -0.94 0.70
CA ILE A 37 9.83 -1.08 -0.70
C ILE A 37 11.17 -0.41 -0.93
N ARG A 38 11.63 0.32 0.07
CA ARG A 38 13.00 0.76 0.04
C ARG A 38 13.85 -0.11 0.97
N ASP A 39 13.21 -1.17 1.47
CA ASP A 39 13.82 -2.06 2.44
C ASP A 39 14.02 -3.44 1.83
N ALA A 40 12.95 -4.01 1.31
CA ALA A 40 13.04 -5.30 0.64
C ALA A 40 13.41 -5.07 -0.83
N GLY A 41 12.50 -4.46 -1.55
CA GLY A 41 12.70 -4.12 -2.94
C GLY A 41 11.54 -3.30 -3.41
N HIS A 42 11.65 -2.67 -4.56
CA HIS A 42 10.53 -1.89 -5.07
C HIS A 42 9.50 -2.79 -5.72
N LYS A 43 8.73 -3.43 -4.87
CA LYS A 43 7.69 -4.34 -5.29
C LYS A 43 6.62 -4.36 -4.22
N CYS A 44 5.38 -4.61 -4.62
CA CYS A 44 4.32 -4.75 -3.65
C CYS A 44 4.58 -6.02 -2.87
N PRO A 45 4.55 -5.97 -1.54
CA PRO A 45 4.87 -7.12 -0.69
C PRO A 45 4.00 -8.34 -1.00
N VAL A 46 2.76 -8.08 -1.37
CA VAL A 46 1.77 -9.12 -1.59
C VAL A 46 1.92 -9.87 -2.94
N ASP A 47 1.92 -9.15 -4.06
CA ASP A 47 1.94 -9.82 -5.38
C ASP A 47 3.30 -9.77 -6.03
N ASN A 48 4.28 -9.22 -5.31
CA ASN A 48 5.68 -9.16 -5.74
C ASN A 48 5.85 -8.48 -7.11
N GLU A 49 4.99 -7.53 -7.41
CA GLU A 49 5.08 -6.79 -8.66
C GLU A 49 5.89 -5.55 -8.44
N ILE A 50 6.70 -5.17 -9.41
CA ILE A 50 7.57 -4.01 -9.24
C ILE A 50 6.74 -2.74 -9.07
N LEU A 51 6.94 -2.10 -7.94
CA LEU A 51 6.17 -0.94 -7.58
C LEU A 51 7.08 0.26 -7.45
N LEU A 52 6.70 1.35 -8.10
CA LEU A 52 7.45 2.58 -8.00
C LEU A 52 6.79 3.49 -6.98
N GLU A 53 7.58 4.30 -6.31
CA GLU A 53 7.09 5.18 -5.24
C GLU A 53 6.13 6.24 -5.76
N ASN A 54 6.42 6.76 -6.96
CA ASN A 54 5.56 7.77 -7.60
C ASN A 54 4.22 7.17 -8.02
N GLN A 55 4.17 5.86 -8.12
CA GLN A 55 2.98 5.14 -8.60
C GLN A 55 1.88 5.02 -7.53
N LEU A 56 2.16 5.43 -6.31
CA LEU A 56 1.13 5.38 -5.26
C LEU A 56 0.04 6.40 -5.56
N PHE A 57 -1.22 5.99 -5.50
CA PHE A 57 -2.32 6.86 -5.87
C PHE A 57 -3.40 6.93 -4.79
N PRO A 58 -3.81 8.14 -4.38
CA PRO A 58 -5.03 8.33 -3.58
C PRO A 58 -6.28 8.16 -4.48
N ASP A 59 -7.47 8.03 -3.87
CA ASP A 59 -8.72 7.85 -4.63
C ASP A 59 -8.97 9.05 -5.54
N ASN A 60 -8.72 10.21 -5.00
CA ASN A 60 -8.82 11.45 -5.73
C ASN A 60 -7.54 12.20 -5.54
N PHE A 61 -7.04 12.79 -6.58
CA PHE A 61 -5.83 13.54 -6.45
C PHE A 61 -6.17 14.96 -6.08
N ALA A 62 -5.97 15.28 -4.81
CA ALA A 62 -6.26 16.58 -4.30
C ALA A 62 -5.07 17.50 -4.52
N LYS A 63 -5.31 18.54 -5.28
CA LYS A 63 -4.27 19.47 -5.66
C LYS A 63 -3.98 20.44 -4.53
N GLY A 1 -8.50 -18.89 4.27
CA GLY A 1 -7.36 -17.97 4.08
C GLY A 1 -7.82 -16.54 3.97
N PRO A 2 -7.11 -15.69 3.21
CA PRO A 2 -7.49 -14.28 3.02
C PRO A 2 -8.86 -14.15 2.36
N LEU A 3 -9.65 -13.19 2.82
CA LEU A 3 -10.94 -12.92 2.24
C LEU A 3 -10.79 -12.40 0.80
N GLY A 4 -9.84 -11.51 0.64
CA GLY A 4 -9.60 -10.89 -0.64
C GLY A 4 -9.12 -9.48 -0.47
N SER A 5 -10.04 -8.55 -0.41
CA SER A 5 -9.70 -7.18 -0.21
C SER A 5 -10.53 -6.58 0.93
N LYS A 6 -9.87 -5.84 1.77
CA LYS A 6 -10.49 -5.14 2.88
C LYS A 6 -9.74 -3.84 3.05
N TYR A 7 -10.38 -2.82 3.59
CA TYR A 7 -9.70 -1.55 3.73
C TYR A 7 -8.79 -1.59 4.95
N GLU A 8 -7.62 -2.17 4.75
CA GLU A 8 -6.66 -2.41 5.80
C GLU A 8 -5.28 -2.58 5.18
N CYS A 9 -4.27 -2.01 5.81
CA CYS A 9 -2.90 -2.12 5.35
C CYS A 9 -2.34 -3.49 5.74
N PRO A 10 -2.05 -4.35 4.75
CA PRO A 10 -1.54 -5.71 5.02
C PRO A 10 -0.17 -5.71 5.69
N ILE A 11 0.56 -4.62 5.56
CA ILE A 11 1.88 -4.52 6.16
C ILE A 11 1.82 -4.49 7.69
N CYS A 12 0.90 -3.71 8.22
CA CYS A 12 0.77 -3.57 9.66
C CYS A 12 -0.39 -4.40 10.20
N LEU A 13 -1.24 -4.87 9.27
CA LEU A 13 -2.47 -5.61 9.59
C LEU A 13 -3.37 -4.82 10.55
N MET A 14 -3.21 -3.50 10.59
CA MET A 14 -4.03 -2.66 11.45
C MET A 14 -5.16 -2.01 10.68
N ALA A 15 -4.81 -1.04 9.85
CA ALA A 15 -5.78 -0.25 9.11
C ALA A 15 -5.05 0.64 8.12
N LEU A 16 -5.77 1.21 7.16
CA LEU A 16 -5.18 2.12 6.18
C LEU A 16 -5.22 3.52 6.73
N ARG A 17 -4.07 4.08 7.06
CA ARG A 17 -4.04 5.43 7.60
C ARG A 17 -4.39 6.48 6.52
N GLU A 18 -3.77 6.36 5.35
CA GLU A 18 -4.08 7.27 4.25
C GLU A 18 -4.71 6.50 3.10
N ALA A 19 -4.53 5.18 3.13
CA ALA A 19 -4.95 4.30 2.05
C ALA A 19 -4.35 4.71 0.70
N VAL A 20 -3.11 4.32 0.46
CA VAL A 20 -2.48 4.59 -0.83
C VAL A 20 -2.58 3.38 -1.74
N GLN A 21 -3.26 3.57 -2.84
CA GLN A 21 -3.47 2.52 -3.79
C GLN A 21 -2.27 2.36 -4.69
N THR A 22 -1.96 1.12 -5.00
CA THR A 22 -0.97 0.78 -5.98
C THR A 22 -1.69 0.49 -7.30
N PRO A 23 -1.00 0.62 -8.45
CA PRO A 23 -1.59 0.32 -9.78
C PRO A 23 -2.19 -1.08 -9.86
N CYS A 24 -1.53 -2.05 -9.22
CA CYS A 24 -2.00 -3.42 -9.23
C CYS A 24 -3.36 -3.58 -8.51
N GLY A 25 -3.70 -2.60 -7.69
CA GLY A 25 -4.99 -2.62 -7.04
C GLY A 25 -4.92 -3.02 -5.59
N HIS A 26 -3.85 -2.65 -4.92
CA HIS A 26 -3.70 -2.94 -3.49
C HIS A 26 -3.55 -1.64 -2.73
N ARG A 27 -3.95 -1.63 -1.48
CA ARG A 27 -3.81 -0.42 -0.67
C ARG A 27 -3.00 -0.67 0.59
N PHE A 28 -2.15 0.28 0.88
CA PHE A 28 -1.25 0.24 2.02
C PHE A 28 -1.24 1.61 2.67
N CYS A 29 -0.65 1.72 3.84
CA CYS A 29 -0.45 3.04 4.43
C CYS A 29 0.72 3.72 3.74
N LYS A 30 0.69 5.04 3.71
CA LYS A 30 1.67 5.83 2.97
C LYS A 30 3.06 5.78 3.62
N ALA A 31 3.15 5.17 4.78
CA ALA A 31 4.43 5.08 5.48
C ALA A 31 4.88 3.64 5.54
N CYS A 32 3.92 2.72 5.67
CA CYS A 32 4.22 1.32 5.69
C CYS A 32 4.81 0.86 4.35
N ILE A 33 4.20 1.32 3.27
CA ILE A 33 4.64 0.90 1.95
C ILE A 33 6.06 1.42 1.64
N ILE A 34 6.34 2.66 2.05
CA ILE A 34 7.64 3.25 1.80
C ILE A 34 8.75 2.48 2.51
N LYS A 35 8.50 2.09 3.74
CA LYS A 35 9.52 1.42 4.54
C LYS A 35 9.65 -0.04 4.11
N SER A 36 8.82 -0.45 3.18
CA SER A 36 8.89 -1.79 2.66
C SER A 36 9.52 -1.79 1.27
N ILE A 37 9.40 -0.67 0.56
CA ILE A 37 9.87 -0.64 -0.82
C ILE A 37 11.21 0.08 -0.96
N ARG A 38 11.65 0.76 0.08
CA ARG A 38 12.96 1.41 0.02
C ARG A 38 14.05 0.50 0.57
N ASP A 39 13.66 -0.54 1.27
CA ASP A 39 14.67 -1.36 1.96
C ASP A 39 14.47 -2.85 1.69
N ALA A 40 13.29 -3.36 1.99
CA ALA A 40 13.01 -4.77 1.82
C ALA A 40 12.99 -5.14 0.34
N GLY A 41 12.01 -4.62 -0.37
CA GLY A 41 11.90 -4.89 -1.78
C GLY A 41 11.08 -3.83 -2.47
N HIS A 42 11.52 -3.40 -3.62
CA HIS A 42 10.86 -2.30 -4.34
C HIS A 42 9.69 -2.83 -5.18
N LYS A 43 8.94 -3.72 -4.58
CA LYS A 43 7.78 -4.33 -5.18
C LYS A 43 6.78 -4.61 -4.09
N CYS A 44 5.51 -4.69 -4.43
CA CYS A 44 4.51 -5.00 -3.42
C CYS A 44 4.56 -6.48 -3.06
N PRO A 45 4.68 -6.77 -1.76
CA PRO A 45 4.90 -8.15 -1.27
C PRO A 45 3.74 -9.10 -1.59
N VAL A 46 2.55 -8.54 -1.75
CA VAL A 46 1.35 -9.32 -1.95
C VAL A 46 1.37 -10.12 -3.27
N ASP A 47 1.71 -9.46 -4.38
CA ASP A 47 1.71 -10.13 -5.69
C ASP A 47 2.99 -9.86 -6.47
N ASN A 48 3.99 -9.31 -5.80
CA ASN A 48 5.33 -9.08 -6.38
C ASN A 48 5.32 -8.17 -7.61
N GLU A 49 4.45 -7.18 -7.62
CA GLU A 49 4.41 -6.26 -8.74
C GLU A 49 5.41 -5.15 -8.54
N ILE A 50 6.03 -4.72 -9.63
CA ILE A 50 6.99 -3.66 -9.57
C ILE A 50 6.28 -2.37 -9.18
N LEU A 51 6.69 -1.81 -8.08
CA LEU A 51 6.05 -0.65 -7.56
C LEU A 51 7.03 0.50 -7.44
N LEU A 52 6.65 1.60 -8.03
CA LEU A 52 7.44 2.81 -7.97
C LEU A 52 6.70 3.80 -7.11
N GLU A 53 7.42 4.65 -6.40
CA GLU A 53 6.81 5.66 -5.54
C GLU A 53 5.95 6.60 -6.37
N ASN A 54 6.35 6.75 -7.62
CA ASN A 54 5.65 7.57 -8.61
C ASN A 54 4.27 7.01 -8.88
N GLN A 55 4.15 5.70 -8.77
CA GLN A 55 2.91 4.98 -9.09
C GLN A 55 1.88 5.06 -7.97
N LEU A 56 2.32 5.44 -6.78
CA LEU A 56 1.42 5.48 -5.62
C LEU A 56 0.39 6.58 -5.77
N PHE A 57 -0.85 6.24 -5.54
CA PHE A 57 -1.95 7.20 -5.64
C PHE A 57 -2.11 7.98 -4.35
N PRO A 58 -2.65 9.21 -4.42
CA PRO A 58 -2.90 10.03 -3.23
C PRO A 58 -3.98 9.43 -2.34
N ASP A 59 -3.90 9.76 -1.04
CA ASP A 59 -4.77 9.22 0.04
C ASP A 59 -6.22 8.98 -0.41
N ASN A 60 -6.54 7.72 -0.65
CA ASN A 60 -7.88 7.31 -1.05
C ASN A 60 -8.87 7.52 0.08
N PHE A 61 -8.46 7.11 1.27
CA PHE A 61 -9.33 7.15 2.43
C PHE A 61 -8.55 7.55 3.68
N ALA A 62 -8.68 8.80 4.04
CA ALA A 62 -8.08 9.28 5.25
C ALA A 62 -9.12 9.97 6.09
N LYS A 63 -9.24 9.54 7.31
CA LYS A 63 -10.23 10.05 8.21
C LYS A 63 -9.65 10.11 9.61
N GLY A 1 -8.90 -10.71 16.84
CA GLY A 1 -9.09 -9.33 17.30
C GLY A 1 -10.12 -8.60 16.45
N PRO A 2 -9.75 -7.47 15.82
CA PRO A 2 -10.67 -6.71 14.96
C PRO A 2 -11.14 -7.53 13.77
N LEU A 3 -12.38 -7.31 13.37
CA LEU A 3 -12.98 -8.03 12.24
C LEU A 3 -12.30 -7.58 10.96
N GLY A 4 -11.94 -8.55 10.12
CA GLY A 4 -11.26 -8.25 8.89
C GLY A 4 -12.05 -7.31 8.03
N SER A 5 -11.46 -6.21 7.68
CA SER A 5 -12.08 -5.19 6.91
C SER A 5 -11.22 -4.84 5.71
N LYS A 6 -11.84 -4.28 4.69
CA LYS A 6 -11.15 -3.93 3.45
C LYS A 6 -10.11 -2.83 3.68
N TYR A 7 -10.40 -1.93 4.62
CA TYR A 7 -9.49 -0.84 4.92
C TYR A 7 -8.36 -1.31 5.83
N GLU A 8 -7.60 -2.27 5.34
CA GLU A 8 -6.51 -2.88 6.07
C GLU A 8 -5.40 -3.24 5.09
N CYS A 9 -4.21 -2.73 5.29
CA CYS A 9 -3.10 -3.11 4.46
C CYS A 9 -2.38 -4.30 5.09
N PRO A 10 -2.06 -5.32 4.28
CA PRO A 10 -1.47 -6.57 4.78
C PRO A 10 -0.10 -6.37 5.44
N ILE A 11 0.54 -5.23 5.16
CA ILE A 11 1.84 -4.95 5.75
C ILE A 11 1.77 -4.79 7.27
N CYS A 12 0.78 -4.05 7.76
CA CYS A 12 0.67 -3.84 9.20
C CYS A 12 -0.48 -4.63 9.79
N LEU A 13 -1.43 -5.02 8.93
CA LEU A 13 -2.65 -5.72 9.31
C LEU A 13 -3.45 -4.93 10.35
N MET A 14 -3.24 -3.63 10.40
CA MET A 14 -3.99 -2.80 11.33
C MET A 14 -5.17 -2.14 10.64
N ALA A 15 -4.87 -1.25 9.72
CA ALA A 15 -5.88 -0.47 9.01
C ALA A 15 -5.18 0.32 7.91
N LEU A 16 -5.90 1.19 7.25
CA LEU A 16 -5.29 2.07 6.26
C LEU A 16 -5.15 3.47 6.81
N ARG A 17 -3.93 3.84 7.16
CA ARG A 17 -3.67 5.18 7.68
C ARG A 17 -3.80 6.22 6.57
N GLU A 18 -3.26 5.91 5.40
CA GLU A 18 -3.24 6.88 4.31
C GLU A 18 -3.87 6.30 3.03
N ALA A 19 -4.01 4.98 3.01
CA ALA A 19 -4.70 4.25 1.93
C ALA A 19 -4.20 4.64 0.53
N VAL A 20 -2.90 4.52 0.30
CA VAL A 20 -2.33 4.86 -0.99
C VAL A 20 -2.59 3.78 -2.02
N GLN A 21 -3.30 4.17 -3.06
CA GLN A 21 -3.73 3.26 -4.11
C GLN A 21 -2.55 2.93 -5.04
N THR A 22 -2.41 1.65 -5.32
CA THR A 22 -1.35 1.16 -6.19
C THR A 22 -1.94 0.75 -7.55
N PRO A 23 -1.09 0.62 -8.60
CA PRO A 23 -1.52 0.20 -9.95
C PRO A 23 -2.23 -1.15 -9.94
N CYS A 24 -1.78 -2.06 -9.08
CA CYS A 24 -2.36 -3.39 -8.98
C CYS A 24 -3.77 -3.33 -8.38
N GLY A 25 -4.02 -2.30 -7.59
CA GLY A 25 -5.34 -2.13 -7.00
C GLY A 25 -5.37 -2.41 -5.52
N HIS A 26 -4.26 -2.19 -4.85
CA HIS A 26 -4.18 -2.35 -3.41
C HIS A 26 -3.96 -0.99 -2.77
N ARG A 27 -4.30 -0.86 -1.50
CA ARG A 27 -4.04 0.37 -0.78
C ARG A 27 -3.24 0.08 0.47
N PHE A 28 -2.28 0.94 0.77
CA PHE A 28 -1.40 0.74 1.90
C PHE A 28 -1.26 2.04 2.68
N CYS A 29 -0.74 1.96 3.88
CA CYS A 29 -0.41 3.16 4.63
C CYS A 29 0.84 3.79 4.02
N LYS A 30 0.98 5.11 4.16
CA LYS A 30 2.07 5.85 3.52
C LYS A 30 3.42 5.50 4.15
N ALA A 31 3.37 4.84 5.28
CA ALA A 31 4.59 4.45 5.98
C ALA A 31 4.75 2.95 6.00
N CYS A 32 3.78 2.26 5.42
CA CYS A 32 3.85 0.83 5.30
C CYS A 32 4.51 0.45 3.98
N ILE A 33 3.87 0.79 2.87
CA ILE A 33 4.33 0.37 1.56
C ILE A 33 5.65 1.02 1.16
N ILE A 34 5.80 2.31 1.45
CA ILE A 34 6.98 3.06 1.09
C ILE A 34 8.20 2.48 1.80
N LYS A 35 8.03 2.16 3.07
CA LYS A 35 9.11 1.65 3.90
C LYS A 35 9.34 0.16 3.58
N SER A 36 8.55 -0.39 2.69
CA SER A 36 8.74 -1.75 2.27
C SER A 36 9.32 -1.82 0.85
N ILE A 37 9.18 -0.74 0.09
CA ILE A 37 9.60 -0.78 -1.30
C ILE A 37 10.92 -0.08 -1.54
N ARG A 38 11.22 0.95 -0.77
CA ARG A 38 12.49 1.63 -0.94
C ARG A 38 13.49 1.14 0.10
N ASP A 39 13.07 0.18 0.87
CA ASP A 39 13.88 -0.35 1.97
C ASP A 39 14.23 -1.80 1.70
N ALA A 40 13.21 -2.61 1.47
CA ALA A 40 13.42 -4.02 1.17
C ALA A 40 13.66 -4.21 -0.32
N GLY A 41 12.61 -4.05 -1.09
CA GLY A 41 12.70 -4.15 -2.53
C GLY A 41 11.52 -3.47 -3.14
N HIS A 42 11.67 -2.98 -4.36
CA HIS A 42 10.61 -2.22 -4.99
C HIS A 42 9.54 -3.12 -5.57
N LYS A 43 8.78 -3.72 -4.68
CA LYS A 43 7.69 -4.58 -5.02
C LYS A 43 6.65 -4.57 -3.92
N CYS A 44 5.40 -4.82 -4.26
CA CYS A 44 4.39 -5.04 -3.25
C CYS A 44 4.76 -6.31 -2.49
N PRO A 45 4.89 -6.26 -1.16
CA PRO A 45 5.25 -7.45 -0.39
C PRO A 45 4.18 -8.54 -0.48
N VAL A 46 2.94 -8.12 -0.71
CA VAL A 46 1.83 -9.06 -0.79
C VAL A 46 1.76 -9.79 -2.15
N ASP A 47 1.72 -9.04 -3.25
CA ASP A 47 1.55 -9.66 -4.58
C ASP A 47 2.83 -9.67 -5.41
N ASN A 48 3.93 -9.22 -4.82
CA ASN A 48 5.27 -9.26 -5.45
C ASN A 48 5.33 -8.58 -6.83
N GLU A 49 4.57 -7.53 -7.01
CA GLU A 49 4.63 -6.75 -8.25
C GLU A 49 5.53 -5.56 -8.05
N ILE A 50 6.31 -5.21 -9.07
CA ILE A 50 7.27 -4.11 -8.93
C ILE A 50 6.53 -2.80 -8.73
N LEU A 51 6.82 -2.16 -7.62
CA LEU A 51 6.10 -0.97 -7.21
C LEU A 51 7.07 0.13 -6.81
N LEU A 52 6.82 1.33 -7.30
CA LEU A 52 7.65 2.48 -7.01
C LEU A 52 6.84 3.52 -6.26
N GLU A 53 7.50 4.41 -5.52
CA GLU A 53 6.81 5.45 -4.75
C GLU A 53 6.01 6.34 -5.71
N ASN A 54 6.57 6.58 -6.88
CA ASN A 54 5.96 7.40 -7.92
C ASN A 54 4.68 6.75 -8.45
N GLN A 55 4.66 5.42 -8.40
CA GLN A 55 3.54 4.64 -8.92
C GLN A 55 2.36 4.67 -7.96
N LEU A 56 2.61 5.11 -6.74
CA LEU A 56 1.57 5.23 -5.75
C LEU A 56 0.71 6.46 -6.05
N PHE A 57 -0.58 6.31 -5.94
CA PHE A 57 -1.47 7.44 -6.09
C PHE A 57 -1.36 8.31 -4.85
N PRO A 58 -1.52 9.63 -4.98
CA PRO A 58 -1.26 10.57 -3.89
C PRO A 58 -2.17 10.33 -2.71
N ASP A 59 -1.64 10.55 -1.53
CA ASP A 59 -2.40 10.37 -0.32
C ASP A 59 -3.35 11.55 -0.11
N ASN A 60 -4.53 11.40 -0.65
CA ASN A 60 -5.55 12.42 -0.62
C ASN A 60 -6.89 11.76 -0.46
N PHE A 61 -7.75 12.33 0.37
CA PHE A 61 -9.06 11.75 0.58
C PHE A 61 -10.16 12.71 0.12
N ALA A 62 -10.70 12.44 -1.04
CA ALA A 62 -11.78 13.24 -1.58
C ALA A 62 -12.88 12.34 -2.07
N LYS A 63 -14.10 12.64 -1.68
CA LYS A 63 -15.24 11.88 -2.11
C LYS A 63 -16.49 12.71 -1.89
N GLY A 1 -10.33 -6.55 7.68
CA GLY A 1 -10.89 -7.62 6.84
C GLY A 1 -10.45 -8.98 7.30
N PRO A 2 -11.35 -9.79 7.86
CA PRO A 2 -11.01 -11.15 8.32
C PRO A 2 -10.59 -12.03 7.14
N LEU A 3 -9.58 -12.86 7.37
CA LEU A 3 -9.06 -13.83 6.38
C LEU A 3 -8.91 -13.21 4.99
N GLY A 4 -8.02 -12.24 4.86
CA GLY A 4 -7.78 -11.62 3.57
C GLY A 4 -7.75 -10.12 3.67
N SER A 5 -6.61 -9.54 3.34
CA SER A 5 -6.44 -8.11 3.41
C SER A 5 -6.96 -7.46 2.13
N LYS A 6 -8.18 -6.99 2.21
CA LYS A 6 -8.82 -6.31 1.10
C LYS A 6 -9.00 -4.87 1.52
N TYR A 7 -8.34 -3.95 0.81
CA TYR A 7 -8.28 -2.53 1.22
C TYR A 7 -7.75 -2.43 2.65
N GLU A 8 -6.90 -3.38 2.99
CA GLU A 8 -6.27 -3.49 4.29
C GLU A 8 -4.78 -3.60 4.05
N CYS A 9 -4.01 -2.81 4.76
CA CYS A 9 -2.56 -2.84 4.63
C CYS A 9 -2.01 -4.09 5.34
N PRO A 10 -1.54 -5.10 4.58
CA PRO A 10 -1.04 -6.35 5.15
C PRO A 10 0.26 -6.15 5.91
N ILE A 11 0.91 -5.04 5.66
CA ILE A 11 2.16 -4.71 6.32
C ILE A 11 1.97 -4.49 7.82
N CYS A 12 0.92 -3.76 8.18
CA CYS A 12 0.64 -3.45 9.59
C CYS A 12 -0.54 -4.27 10.11
N LEU A 13 -1.27 -4.87 9.19
CA LEU A 13 -2.49 -5.67 9.45
C LEU A 13 -3.55 -4.86 10.22
N MET A 14 -3.46 -3.53 10.15
CA MET A 14 -4.42 -2.68 10.85
C MET A 14 -5.51 -2.16 9.91
N ALA A 15 -5.12 -1.27 9.03
CA ALA A 15 -6.04 -0.58 8.14
C ALA A 15 -5.25 0.30 7.20
N LEU A 16 -5.93 1.18 6.51
CA LEU A 16 -5.29 2.13 5.63
C LEU A 16 -5.07 3.43 6.39
N ARG A 17 -3.83 3.70 6.74
CA ARG A 17 -3.52 4.95 7.42
C ARG A 17 -3.67 6.10 6.43
N GLU A 18 -3.16 5.89 5.22
CA GLU A 18 -3.14 6.92 4.18
C GLU A 18 -3.86 6.49 2.91
N ALA A 19 -4.12 5.18 2.80
CA ALA A 19 -4.82 4.58 1.66
C ALA A 19 -4.16 4.92 0.33
N VAL A 20 -2.89 4.60 0.19
CA VAL A 20 -2.20 4.85 -1.06
C VAL A 20 -2.46 3.72 -2.06
N GLN A 21 -3.11 4.07 -3.15
CA GLN A 21 -3.51 3.11 -4.17
C GLN A 21 -2.35 2.74 -5.09
N THR A 22 -2.22 1.45 -5.34
CA THR A 22 -1.18 0.91 -6.19
C THR A 22 -1.79 0.40 -7.51
N PRO A 23 -0.98 0.29 -8.60
CA PRO A 23 -1.49 -0.12 -9.93
C PRO A 23 -2.25 -1.45 -9.91
N CYS A 24 -1.74 -2.41 -9.14
CA CYS A 24 -2.33 -3.74 -9.06
C CYS A 24 -3.65 -3.76 -8.25
N GLY A 25 -3.90 -2.71 -7.49
CA GLY A 25 -5.17 -2.60 -6.80
C GLY A 25 -5.09 -2.87 -5.31
N HIS A 26 -4.02 -2.47 -4.67
CA HIS A 26 -3.93 -2.59 -3.23
C HIS A 26 -3.82 -1.20 -2.66
N ARG A 27 -4.17 -1.03 -1.42
CA ARG A 27 -3.91 0.22 -0.76
C ARG A 27 -3.08 -0.03 0.48
N PHE A 28 -2.14 0.85 0.73
CA PHE A 28 -1.23 0.70 1.84
C PHE A 28 -1.14 2.00 2.61
N CYS A 29 -0.45 1.96 3.73
CA CYS A 29 -0.15 3.16 4.47
C CYS A 29 1.12 3.81 3.90
N LYS A 30 1.19 5.11 3.97
CA LYS A 30 2.26 5.88 3.34
C LYS A 30 3.59 5.73 4.08
N ALA A 31 3.53 5.15 5.27
CA ALA A 31 4.75 4.90 6.03
C ALA A 31 4.97 3.41 6.16
N CYS A 32 4.02 2.63 5.67
CA CYS A 32 4.18 1.19 5.64
C CYS A 32 4.82 0.77 4.32
N ILE A 33 4.15 1.07 3.20
CA ILE A 33 4.60 0.59 1.90
C ILE A 33 5.93 1.20 1.48
N ILE A 34 6.11 2.50 1.73
CA ILE A 34 7.32 3.19 1.32
C ILE A 34 8.55 2.59 2.01
N LYS A 35 8.42 2.33 3.29
CA LYS A 35 9.53 1.80 4.08
C LYS A 35 9.67 0.29 3.86
N SER A 36 8.82 -0.25 2.99
CA SER A 36 8.92 -1.63 2.62
C SER A 36 9.50 -1.75 1.21
N ILE A 37 9.33 -0.70 0.40
CA ILE A 37 9.76 -0.78 -1.00
C ILE A 37 11.07 -0.05 -1.26
N ARG A 38 11.44 0.89 -0.43
CA ARG A 38 12.74 1.54 -0.57
C ARG A 38 13.74 0.93 0.40
N ASP A 39 13.30 -0.08 1.12
CA ASP A 39 14.13 -0.70 2.14
C ASP A 39 14.39 -2.17 1.83
N ALA A 40 13.32 -2.95 1.70
CA ALA A 40 13.45 -4.38 1.46
C ALA A 40 13.40 -4.71 -0.03
N GLY A 41 12.25 -4.50 -0.62
CA GLY A 41 12.08 -4.77 -2.04
C GLY A 41 11.12 -3.80 -2.64
N HIS A 42 11.39 -3.33 -3.84
CA HIS A 42 10.62 -2.25 -4.46
C HIS A 42 9.35 -2.81 -5.12
N LYS A 43 8.60 -3.57 -4.36
CA LYS A 43 7.43 -4.28 -4.84
C LYS A 43 6.48 -4.53 -3.68
N CYS A 44 5.22 -4.81 -3.98
CA CYS A 44 4.28 -5.20 -2.96
C CYS A 44 4.47 -6.68 -2.58
N PRO A 45 4.57 -6.97 -1.29
CA PRO A 45 4.89 -8.33 -0.80
C PRO A 45 3.83 -9.38 -1.15
N VAL A 46 2.61 -8.92 -1.45
CA VAL A 46 1.52 -9.84 -1.74
C VAL A 46 1.64 -10.52 -3.12
N ASP A 47 1.47 -9.77 -4.20
CA ASP A 47 1.54 -10.36 -5.55
C ASP A 47 2.86 -10.03 -6.21
N ASN A 48 3.74 -9.40 -5.46
CA ASN A 48 5.12 -9.11 -5.87
C ASN A 48 5.21 -8.25 -7.12
N GLU A 49 4.26 -7.35 -7.28
CA GLU A 49 4.28 -6.41 -8.39
C GLU A 49 5.15 -5.22 -8.05
N ILE A 50 5.92 -4.76 -9.03
CA ILE A 50 6.86 -3.66 -8.82
C ILE A 50 6.11 -2.37 -8.53
N LEU A 51 6.38 -1.79 -7.39
CA LEU A 51 5.74 -0.57 -7.01
C LEU A 51 6.69 0.58 -7.03
N LEU A 52 6.27 1.65 -7.65
CA LEU A 52 7.06 2.86 -7.72
C LEU A 52 6.42 3.89 -6.82
N GLU A 53 7.23 4.69 -6.17
CA GLU A 53 6.76 5.72 -5.26
C GLU A 53 5.89 6.73 -6.01
N ASN A 54 6.26 7.00 -7.24
CA ASN A 54 5.54 7.90 -8.13
C ASN A 54 4.15 7.34 -8.46
N GLN A 55 4.05 6.02 -8.51
CA GLN A 55 2.82 5.33 -8.87
C GLN A 55 1.90 5.13 -7.67
N LEU A 56 2.44 5.33 -6.47
CA LEU A 56 1.65 5.18 -5.27
C LEU A 56 0.76 6.37 -5.11
N PHE A 57 -0.56 6.12 -4.98
CA PHE A 57 -1.56 7.17 -4.75
C PHE A 57 -1.71 8.07 -6.00
N PRO A 58 -2.95 8.49 -6.34
CA PRO A 58 -3.19 9.33 -7.53
C PRO A 58 -2.42 10.64 -7.45
N ASP A 59 -1.99 11.14 -8.60
CA ASP A 59 -1.17 12.33 -8.66
C ASP A 59 -1.98 13.58 -8.33
N ASN A 60 -1.66 14.20 -7.23
CA ASN A 60 -2.33 15.43 -6.81
C ASN A 60 -1.42 16.64 -6.98
N PHE A 61 -0.22 16.41 -7.47
CA PHE A 61 0.73 17.48 -7.57
C PHE A 61 1.07 17.80 -9.02
N ALA A 62 0.23 18.60 -9.64
CA ALA A 62 0.55 19.13 -10.95
C ALA A 62 1.21 20.48 -10.78
N LYS A 63 0.97 21.05 -9.61
CA LYS A 63 1.53 22.31 -9.19
C LYS A 63 1.34 22.44 -7.69
N GLY A 1 -10.20 -12.78 11.07
CA GLY A 1 -10.20 -11.42 10.52
C GLY A 1 -11.57 -10.80 10.57
N PRO A 2 -11.79 -9.79 11.45
CA PRO A 2 -13.10 -9.14 11.62
C PRO A 2 -13.63 -8.58 10.31
N LEU A 3 -12.76 -7.95 9.53
CA LEU A 3 -13.17 -7.38 8.26
C LEU A 3 -12.25 -7.85 7.14
N GLY A 4 -12.84 -8.48 6.14
CA GLY A 4 -12.07 -8.89 4.99
C GLY A 4 -12.17 -7.86 3.90
N SER A 5 -11.32 -6.86 3.95
CA SER A 5 -11.42 -5.74 3.06
C SER A 5 -10.05 -5.31 2.55
N LYS A 6 -10.03 -4.78 1.33
CA LYS A 6 -8.82 -4.26 0.73
C LYS A 6 -8.58 -2.81 1.16
N TYR A 7 -9.41 -2.33 2.08
CA TYR A 7 -9.20 -1.04 2.73
C TYR A 7 -8.39 -1.24 3.99
N GLU A 8 -7.86 -2.43 4.13
CA GLU A 8 -6.94 -2.77 5.18
C GLU A 8 -5.56 -2.96 4.58
N CYS A 9 -4.60 -2.20 5.07
CA CYS A 9 -3.21 -2.33 4.64
C CYS A 9 -2.66 -3.66 5.14
N PRO A 10 -2.41 -4.63 4.21
CA PRO A 10 -2.00 -5.99 4.58
C PRO A 10 -0.66 -6.06 5.32
N ILE A 11 0.14 -5.01 5.19
CA ILE A 11 1.43 -4.96 5.86
C ILE A 11 1.24 -4.89 7.39
N CYS A 12 0.31 -4.07 7.83
CA CYS A 12 0.08 -3.89 9.25
C CYS A 12 -1.17 -4.61 9.72
N LEU A 13 -2.07 -4.89 8.78
CA LEU A 13 -3.36 -5.54 9.04
C LEU A 13 -4.21 -4.72 10.02
N MET A 14 -4.03 -3.41 10.02
CA MET A 14 -4.84 -2.53 10.85
C MET A 14 -5.97 -1.91 10.03
N ALA A 15 -5.58 -1.06 9.10
CA ALA A 15 -6.48 -0.31 8.23
C ALA A 15 -5.61 0.54 7.34
N LEU A 16 -6.21 1.43 6.57
CA LEU A 16 -5.42 2.37 5.79
C LEU A 16 -5.21 3.63 6.60
N ARG A 17 -3.99 3.80 7.11
CA ARG A 17 -3.70 4.97 7.92
C ARG A 17 -3.72 6.22 7.04
N GLU A 18 -3.08 6.12 5.88
CA GLU A 18 -2.99 7.25 4.97
C GLU A 18 -3.69 6.97 3.66
N ALA A 19 -3.98 5.70 3.42
CA ALA A 19 -4.65 5.23 2.20
C ALA A 19 -3.91 5.64 0.92
N VAL A 20 -2.99 4.80 0.48
CA VAL A 20 -2.35 4.99 -0.80
C VAL A 20 -2.64 3.81 -1.72
N GLN A 21 -3.32 4.10 -2.81
CA GLN A 21 -3.70 3.09 -3.78
C GLN A 21 -2.53 2.76 -4.69
N THR A 22 -2.36 1.49 -4.99
CA THR A 22 -1.30 1.07 -5.87
C THR A 22 -1.88 0.60 -7.20
N PRO A 23 -1.08 0.58 -8.29
CA PRO A 23 -1.53 0.08 -9.61
C PRO A 23 -1.99 -1.38 -9.53
N CYS A 24 -1.44 -2.10 -8.56
CA CYS A 24 -1.79 -3.48 -8.33
C CYS A 24 -3.23 -3.61 -7.87
N GLY A 25 -3.77 -2.55 -7.29
CA GLY A 25 -5.09 -2.61 -6.72
C GLY A 25 -5.06 -2.87 -5.23
N HIS A 26 -3.86 -2.83 -4.66
CA HIS A 26 -3.72 -3.00 -3.22
C HIS A 26 -3.72 -1.60 -2.62
N ARG A 27 -4.12 -1.46 -1.38
CA ARG A 27 -4.00 -0.19 -0.73
C ARG A 27 -3.21 -0.34 0.55
N PHE A 28 -2.35 0.61 0.83
CA PHE A 28 -1.44 0.53 1.96
C PHE A 28 -1.39 1.84 2.71
N CYS A 29 -0.79 1.83 3.87
CA CYS A 29 -0.49 3.06 4.58
C CYS A 29 0.76 3.66 3.96
N LYS A 30 0.87 4.97 4.02
CA LYS A 30 1.96 5.68 3.35
C LYS A 30 3.27 5.57 4.15
N ALA A 31 3.27 4.74 5.17
CA ALA A 31 4.48 4.47 5.92
C ALA A 31 4.87 3.02 5.75
N CYS A 32 3.86 2.15 5.74
CA CYS A 32 4.09 0.72 5.61
C CYS A 32 4.67 0.38 4.24
N ILE A 33 4.04 0.88 3.18
CA ILE A 33 4.45 0.54 1.83
C ILE A 33 5.80 1.16 1.47
N ILE A 34 6.04 2.39 1.88
CA ILE A 34 7.25 3.10 1.53
C ILE A 34 8.49 2.41 2.10
N LYS A 35 8.40 1.97 3.35
CA LYS A 35 9.53 1.36 4.00
C LYS A 35 9.71 -0.09 3.55
N SER A 36 8.85 -0.54 2.66
CA SER A 36 8.98 -1.88 2.13
C SER A 36 9.51 -1.83 0.69
N ILE A 37 9.32 -0.71 0.00
CA ILE A 37 9.70 -0.64 -1.41
C ILE A 37 10.99 0.15 -1.64
N ARG A 38 11.36 1.01 -0.71
CA ARG A 38 12.63 1.72 -0.83
C ARG A 38 13.68 1.15 0.11
N ASP A 39 13.34 0.06 0.78
CA ASP A 39 14.27 -0.60 1.68
C ASP A 39 14.61 -1.99 1.17
N ALA A 40 13.60 -2.79 0.90
CA ALA A 40 13.81 -4.12 0.37
C ALA A 40 13.97 -4.06 -1.14
N GLY A 41 12.89 -3.78 -1.83
CA GLY A 41 12.90 -3.66 -3.26
C GLY A 41 11.63 -3.03 -3.73
N HIS A 42 11.63 -2.51 -4.94
CA HIS A 42 10.44 -1.85 -5.46
C HIS A 42 9.42 -2.85 -5.97
N LYS A 43 8.76 -3.48 -5.04
CA LYS A 43 7.72 -4.44 -5.31
C LYS A 43 6.75 -4.44 -4.15
N CYS A 44 5.48 -4.71 -4.41
CA CYS A 44 4.52 -4.83 -3.35
C CYS A 44 4.77 -6.12 -2.60
N PRO A 45 4.94 -6.05 -1.28
CA PRO A 45 5.29 -7.22 -0.47
C PRO A 45 4.22 -8.31 -0.51
N VAL A 46 2.99 -7.91 -0.83
CA VAL A 46 1.88 -8.84 -0.86
C VAL A 46 2.03 -9.91 -1.96
N ASP A 47 2.31 -9.49 -3.19
CA ASP A 47 2.44 -10.48 -4.27
C ASP A 47 3.63 -10.23 -5.19
N ASN A 48 4.53 -9.34 -4.78
CA ASN A 48 5.81 -9.08 -5.47
C ASN A 48 5.64 -8.50 -6.87
N GLU A 49 4.63 -7.66 -7.05
CA GLU A 49 4.47 -6.93 -8.30
C GLU A 49 5.33 -5.68 -8.26
N ILE A 50 5.87 -5.30 -9.41
CA ILE A 50 6.78 -4.16 -9.45
C ILE A 50 6.03 -2.87 -9.12
N LEU A 51 6.40 -2.29 -8.00
CA LEU A 51 5.77 -1.07 -7.53
C LEU A 51 6.82 -0.03 -7.26
N LEU A 52 6.70 1.10 -7.91
CA LEU A 52 7.61 2.20 -7.68
C LEU A 52 6.99 3.17 -6.69
N GLU A 53 7.81 3.99 -6.06
CA GLU A 53 7.36 4.93 -5.03
C GLU A 53 6.42 5.97 -5.63
N ASN A 54 6.74 6.41 -6.84
CA ASN A 54 5.91 7.38 -7.56
C ASN A 54 4.59 6.78 -8.01
N GLN A 55 4.52 5.46 -8.02
CA GLN A 55 3.33 4.74 -8.45
C GLN A 55 2.23 4.76 -7.40
N LEU A 56 2.57 5.24 -6.22
CA LEU A 56 1.60 5.30 -5.14
C LEU A 56 0.63 6.45 -5.41
N PHE A 57 -0.65 6.14 -5.38
CA PHE A 57 -1.67 7.13 -5.63
C PHE A 57 -2.25 7.59 -4.30
N PRO A 58 -2.38 8.89 -4.10
CA PRO A 58 -2.97 9.44 -2.89
C PRO A 58 -4.47 9.18 -2.84
N ASP A 59 -5.01 9.11 -1.63
CA ASP A 59 -6.44 8.81 -1.42
C ASP A 59 -7.30 9.80 -2.19
N ASN A 60 -8.34 9.32 -2.82
CA ASN A 60 -9.16 10.17 -3.66
C ASN A 60 -10.43 10.62 -2.92
N PHE A 61 -10.77 9.92 -1.84
CA PHE A 61 -11.95 10.28 -1.05
C PHE A 61 -11.80 11.68 -0.46
N ALA A 62 -10.65 11.94 0.12
CA ALA A 62 -10.34 13.23 0.68
C ALA A 62 -8.94 13.63 0.26
N LYS A 63 -8.77 14.85 -0.16
CA LYS A 63 -7.49 15.33 -0.62
C LYS A 63 -7.03 16.51 0.22
N GLY A 1 -12.53 -6.78 13.51
CA GLY A 1 -13.17 -5.45 13.54
C GLY A 1 -14.66 -5.55 13.35
N PRO A 2 -15.38 -4.43 13.20
CA PRO A 2 -16.84 -4.43 12.95
C PRO A 2 -17.17 -5.25 11.70
N LEU A 3 -16.34 -5.10 10.71
CA LEU A 3 -16.43 -5.83 9.47
C LEU A 3 -15.03 -6.10 8.99
N GLY A 4 -14.78 -7.28 8.46
CA GLY A 4 -13.50 -7.55 7.84
C GLY A 4 -13.28 -6.57 6.71
N SER A 5 -12.40 -5.62 6.92
CA SER A 5 -12.27 -4.49 6.04
C SER A 5 -11.20 -4.74 4.99
N LYS A 6 -11.61 -4.72 3.74
CA LYS A 6 -10.71 -4.86 2.63
C LYS A 6 -9.78 -3.66 2.54
N TYR A 7 -10.32 -2.50 2.91
CA TYR A 7 -9.54 -1.26 2.92
C TYR A 7 -8.69 -1.21 4.18
N GLU A 8 -7.75 -2.13 4.23
CA GLU A 8 -6.84 -2.27 5.33
C GLU A 8 -5.46 -2.53 4.78
N CYS A 9 -4.45 -2.03 5.46
CA CYS A 9 -3.08 -2.26 5.07
C CYS A 9 -2.61 -3.58 5.66
N PRO A 10 -2.42 -4.61 4.80
CA PRO A 10 -2.07 -5.96 5.25
C PRO A 10 -0.69 -6.03 5.90
N ILE A 11 0.13 -5.02 5.65
CA ILE A 11 1.44 -4.95 6.26
C ILE A 11 1.34 -4.79 7.79
N CYS A 12 0.46 -3.92 8.23
CA CYS A 12 0.32 -3.64 9.65
C CYS A 12 -0.94 -4.29 10.25
N LEU A 13 -1.85 -4.70 9.38
CA LEU A 13 -3.16 -5.29 9.75
C LEU A 13 -3.96 -4.33 10.63
N MET A 14 -3.66 -3.05 10.54
CA MET A 14 -4.34 -2.06 11.36
C MET A 14 -5.51 -1.45 10.60
N ALA A 15 -5.18 -0.72 9.55
CA ALA A 15 -6.15 -0.04 8.68
C ALA A 15 -5.36 0.72 7.64
N LEU A 16 -6.00 1.61 6.91
CA LEU A 16 -5.26 2.46 5.99
C LEU A 16 -5.05 3.80 6.64
N ARG A 17 -3.80 4.15 6.83
CA ARG A 17 -3.46 5.43 7.43
C ARG A 17 -3.81 6.58 6.51
N GLU A 18 -3.46 6.44 5.24
CA GLU A 18 -3.72 7.51 4.28
C GLU A 18 -4.32 6.95 2.98
N ALA A 19 -4.23 5.62 2.82
CA ALA A 19 -4.75 4.88 1.65
C ALA A 19 -4.00 5.20 0.36
N VAL A 20 -2.96 4.45 0.10
CA VAL A 20 -2.23 4.60 -1.14
C VAL A 20 -2.51 3.43 -2.09
N GLN A 21 -3.10 3.75 -3.22
CA GLN A 21 -3.48 2.77 -4.22
C GLN A 21 -2.28 2.37 -5.08
N THR A 22 -2.10 1.07 -5.25
CA THR A 22 -1.05 0.55 -6.11
C THR A 22 -1.64 0.25 -7.50
N PRO A 23 -0.80 0.23 -8.56
CA PRO A 23 -1.27 -0.06 -9.92
C PRO A 23 -1.89 -1.46 -10.06
N CYS A 24 -1.42 -2.39 -9.25
CA CYS A 24 -1.91 -3.75 -9.27
C CYS A 24 -3.26 -3.87 -8.57
N GLY A 25 -3.56 -2.93 -7.68
CA GLY A 25 -4.85 -2.91 -7.05
C GLY A 25 -4.83 -3.29 -5.58
N HIS A 26 -3.97 -2.64 -4.82
CA HIS A 26 -3.95 -2.80 -3.35
C HIS A 26 -3.93 -1.43 -2.75
N ARG A 27 -4.28 -1.32 -1.49
CA ARG A 27 -4.11 -0.09 -0.77
C ARG A 27 -3.36 -0.31 0.54
N PHE A 28 -2.42 0.57 0.81
CA PHE A 28 -1.55 0.47 1.98
C PHE A 28 -1.45 1.81 2.68
N CYS A 29 -0.67 1.84 3.75
CA CYS A 29 -0.31 3.08 4.40
C CYS A 29 0.93 3.65 3.71
N LYS A 30 1.09 4.95 3.76
CA LYS A 30 2.15 5.65 3.05
C LYS A 30 3.49 5.51 3.80
N ALA A 31 3.45 4.87 4.95
CA ALA A 31 4.65 4.65 5.71
C ALA A 31 4.98 3.16 5.81
N CYS A 32 3.98 2.32 5.56
CA CYS A 32 4.19 0.89 5.59
C CYS A 32 4.77 0.39 4.27
N ILE A 33 4.06 0.64 3.17
CA ILE A 33 4.47 0.13 1.88
C ILE A 33 5.76 0.80 1.38
N ILE A 34 5.88 2.10 1.59
CA ILE A 34 7.05 2.85 1.15
C ILE A 34 8.31 2.38 1.85
N LYS A 35 8.20 2.14 3.14
CA LYS A 35 9.36 1.76 3.94
C LYS A 35 9.68 0.27 3.71
N SER A 36 8.84 -0.39 2.92
CA SER A 36 9.07 -1.78 2.58
C SER A 36 9.56 -1.90 1.13
N ILE A 37 9.28 -0.89 0.30
CA ILE A 37 9.66 -0.97 -1.10
C ILE A 37 10.88 -0.14 -1.41
N ARG A 38 11.24 0.76 -0.52
CA ARG A 38 12.47 1.53 -0.73
C ARG A 38 13.60 0.93 0.10
N ASP A 39 13.29 -0.14 0.80
CA ASP A 39 14.27 -0.78 1.66
C ASP A 39 14.58 -2.18 1.19
N ALA A 40 13.54 -3.00 1.06
CA ALA A 40 13.71 -4.35 0.57
C ALA A 40 13.91 -4.34 -0.94
N GLY A 41 12.87 -3.96 -1.63
CA GLY A 41 12.92 -3.85 -3.05
C GLY A 41 11.67 -3.19 -3.56
N HIS A 42 11.71 -2.65 -4.76
CA HIS A 42 10.57 -1.95 -5.30
C HIS A 42 9.53 -2.87 -5.90
N LYS A 43 8.84 -3.56 -5.02
CA LYS A 43 7.74 -4.40 -5.39
C LYS A 43 6.83 -4.57 -4.17
N CYS A 44 5.54 -4.71 -4.40
CA CYS A 44 4.64 -4.98 -3.32
C CYS A 44 4.78 -6.43 -2.87
N PRO A 45 5.05 -6.66 -1.58
CA PRO A 45 5.42 -7.97 -1.05
C PRO A 45 4.32 -9.03 -1.22
N VAL A 46 3.08 -8.60 -1.32
CA VAL A 46 1.97 -9.52 -1.42
C VAL A 46 1.92 -10.29 -2.75
N ASP A 47 2.08 -9.60 -3.88
CA ASP A 47 1.98 -10.25 -5.19
C ASP A 47 3.27 -10.12 -6.00
N ASN A 48 4.31 -9.56 -5.37
CA ASN A 48 5.65 -9.42 -5.98
C ASN A 48 5.63 -8.61 -7.29
N GLU A 49 4.74 -7.62 -7.35
CA GLU A 49 4.64 -6.77 -8.53
C GLU A 49 5.44 -5.50 -8.34
N ILE A 50 6.04 -5.01 -9.41
CA ILE A 50 6.96 -3.88 -9.33
C ILE A 50 6.20 -2.62 -8.92
N LEU A 51 6.60 -2.05 -7.81
CA LEU A 51 5.92 -0.92 -7.23
C LEU A 51 6.88 0.20 -6.90
N LEU A 52 6.53 1.42 -7.29
CA LEU A 52 7.32 2.60 -7.00
C LEU A 52 6.52 3.54 -6.11
N GLU A 53 7.22 4.30 -5.28
CA GLU A 53 6.60 5.23 -4.34
C GLU A 53 5.78 6.28 -5.08
N ASN A 54 6.32 6.70 -6.22
CA ASN A 54 5.68 7.72 -7.06
C ASN A 54 4.34 7.22 -7.60
N GLN A 55 4.24 5.92 -7.82
CA GLN A 55 3.03 5.35 -8.41
C GLN A 55 1.92 5.27 -7.38
N LEU A 56 2.29 5.36 -6.13
CA LEU A 56 1.34 5.34 -5.04
C LEU A 56 0.62 6.67 -4.93
N PHE A 57 -0.68 6.63 -4.72
CA PHE A 57 -1.47 7.84 -4.52
C PHE A 57 -2.77 7.53 -3.79
N PRO A 58 -3.30 8.50 -3.04
CA PRO A 58 -4.60 8.37 -2.35
C PRO A 58 -5.77 8.62 -3.31
N ASP A 59 -6.97 8.81 -2.77
CA ASP A 59 -8.13 9.04 -3.61
C ASP A 59 -8.11 10.45 -4.20
N ASN A 60 -7.54 10.57 -5.37
CA ASN A 60 -7.46 11.84 -6.07
C ASN A 60 -8.55 11.92 -7.12
N PHE A 61 -9.50 10.99 -7.02
CA PHE A 61 -10.60 10.88 -7.97
C PHE A 61 -11.44 12.16 -7.95
N ALA A 62 -11.61 12.68 -6.77
CA ALA A 62 -12.25 13.95 -6.55
C ALA A 62 -11.40 14.76 -5.60
N LYS A 63 -11.21 16.02 -5.89
CA LYS A 63 -10.39 16.88 -5.06
C LYS A 63 -11.05 18.23 -4.93
N GLY A 1 -12.11 -11.54 1.87
CA GLY A 1 -12.12 -10.64 3.03
C GLY A 1 -10.86 -9.78 3.10
N PRO A 2 -9.78 -10.28 3.75
CA PRO A 2 -8.48 -9.58 3.82
C PRO A 2 -7.86 -9.32 2.45
N LEU A 3 -7.15 -8.20 2.34
CA LEU A 3 -6.49 -7.76 1.12
C LEU A 3 -7.48 -7.67 -0.06
N GLY A 4 -8.39 -6.72 0.03
CA GLY A 4 -9.37 -6.53 -0.99
C GLY A 4 -10.65 -5.94 -0.45
N SER A 5 -11.54 -6.79 0.02
CA SER A 5 -12.83 -6.40 0.54
C SER A 5 -12.66 -5.50 1.78
N LYS A 6 -11.73 -5.88 2.63
CA LYS A 6 -11.47 -5.13 3.84
C LYS A 6 -10.48 -4.02 3.50
N TYR A 7 -10.86 -2.77 3.77
CA TYR A 7 -9.94 -1.69 3.56
C TYR A 7 -9.00 -1.65 4.73
N GLU A 8 -7.82 -2.17 4.52
CA GLU A 8 -6.89 -2.37 5.61
C GLU A 8 -5.50 -2.62 5.05
N CYS A 9 -4.51 -1.99 5.65
CA CYS A 9 -3.14 -2.20 5.27
C CYS A 9 -2.67 -3.54 5.83
N PRO A 10 -2.35 -4.50 4.94
CA PRO A 10 -1.94 -5.84 5.36
C PRO A 10 -0.61 -5.86 6.09
N ILE A 11 0.19 -4.82 5.92
CA ILE A 11 1.47 -4.72 6.61
C ILE A 11 1.29 -4.53 8.12
N CYS A 12 0.38 -3.66 8.51
CA CYS A 12 0.20 -3.32 9.90
C CYS A 12 -0.98 -4.06 10.52
N LEU A 13 -1.96 -4.45 9.69
CA LEU A 13 -3.20 -5.10 10.13
C LEU A 13 -4.03 -4.15 10.99
N MET A 14 -3.80 -2.86 10.82
CA MET A 14 -4.55 -1.84 11.54
C MET A 14 -5.69 -1.32 10.69
N ALA A 15 -5.34 -0.58 9.66
CA ALA A 15 -6.28 0.06 8.78
C ALA A 15 -5.49 0.74 7.69
N LEU A 16 -6.11 1.57 6.91
CA LEU A 16 -5.40 2.36 5.95
C LEU A 16 -5.28 3.77 6.47
N ARG A 17 -4.07 4.27 6.62
CA ARG A 17 -3.89 5.63 7.07
C ARG A 17 -3.98 6.60 5.90
N GLU A 18 -3.02 6.54 4.99
CA GLU A 18 -3.03 7.35 3.79
C GLU A 18 -3.80 6.65 2.67
N ALA A 19 -4.02 5.35 2.86
CA ALA A 19 -4.76 4.48 1.92
C ALA A 19 -4.22 4.57 0.50
N VAL A 20 -2.94 4.30 0.35
CA VAL A 20 -2.30 4.45 -0.93
C VAL A 20 -2.55 3.25 -1.83
N GLN A 21 -3.24 3.50 -2.93
CA GLN A 21 -3.49 2.47 -3.92
C GLN A 21 -2.27 2.30 -4.80
N THR A 22 -1.87 1.08 -4.99
CA THR A 22 -0.84 0.76 -5.92
C THR A 22 -1.46 0.64 -7.31
N PRO A 23 -0.67 0.77 -8.39
CA PRO A 23 -1.20 0.63 -9.77
C PRO A 23 -1.79 -0.76 -10.01
N CYS A 24 -1.32 -1.75 -9.25
CA CYS A 24 -1.82 -3.09 -9.35
C CYS A 24 -3.21 -3.25 -8.68
N GLY A 25 -3.58 -2.27 -7.85
CA GLY A 25 -4.89 -2.30 -7.20
C GLY A 25 -4.83 -2.85 -5.78
N HIS A 26 -3.75 -2.58 -5.08
CA HIS A 26 -3.60 -2.99 -3.69
C HIS A 26 -3.42 -1.77 -2.81
N ARG A 27 -3.84 -1.84 -1.56
CA ARG A 27 -3.73 -0.67 -0.70
C ARG A 27 -2.92 -0.92 0.55
N PHE A 28 -2.12 0.07 0.89
CA PHE A 28 -1.22 0.06 2.03
C PHE A 28 -1.21 1.46 2.63
N CYS A 29 -0.59 1.62 3.78
CA CYS A 29 -0.33 2.95 4.29
C CYS A 29 0.95 3.47 3.65
N LYS A 30 1.08 4.78 3.54
CA LYS A 30 2.21 5.40 2.83
C LYS A 30 3.53 5.21 3.58
N ALA A 31 3.46 4.79 4.81
CA ALA A 31 4.66 4.62 5.59
C ALA A 31 4.87 3.15 5.90
N CYS A 32 3.97 2.34 5.39
CA CYS A 32 4.14 0.91 5.46
C CYS A 32 4.75 0.41 4.16
N ILE A 33 4.10 0.70 3.05
CA ILE A 33 4.56 0.22 1.75
C ILE A 33 5.91 0.86 1.36
N ILE A 34 6.04 2.16 1.60
CA ILE A 34 7.28 2.87 1.28
C ILE A 34 8.47 2.34 2.09
N LYS A 35 8.22 2.09 3.36
CA LYS A 35 9.27 1.65 4.26
C LYS A 35 9.56 0.16 4.01
N SER A 36 8.81 -0.44 3.12
CA SER A 36 9.05 -1.83 2.76
C SER A 36 9.67 -1.95 1.37
N ILE A 37 9.58 -0.89 0.57
CA ILE A 37 10.08 -0.93 -0.80
C ILE A 37 11.36 -0.16 -1.01
N ARG A 38 11.77 0.64 -0.03
CA ARG A 38 12.98 1.43 -0.21
C ARG A 38 14.20 0.74 0.38
N ASP A 39 13.99 -0.31 1.14
CA ASP A 39 15.12 -1.02 1.74
C ASP A 39 15.22 -2.44 1.19
N ALA A 40 14.10 -3.13 1.12
CA ALA A 40 14.07 -4.46 0.55
C ALA A 40 14.12 -4.37 -0.96
N GLY A 41 13.00 -4.03 -1.57
CA GLY A 41 12.95 -3.87 -2.99
C GLY A 41 11.68 -3.19 -3.41
N HIS A 42 11.67 -2.60 -4.58
CA HIS A 42 10.51 -1.89 -5.06
C HIS A 42 9.51 -2.83 -5.69
N LYS A 43 8.92 -3.67 -4.86
CA LYS A 43 7.85 -4.55 -5.26
C LYS A 43 6.87 -4.66 -4.11
N CYS A 44 5.62 -4.87 -4.41
CA CYS A 44 4.65 -5.11 -3.37
C CYS A 44 4.69 -6.58 -2.95
N PRO A 45 4.89 -6.85 -1.65
CA PRO A 45 5.13 -8.21 -1.15
C PRO A 45 3.97 -9.17 -1.41
N VAL A 46 2.77 -8.64 -1.47
CA VAL A 46 1.58 -9.46 -1.65
C VAL A 46 1.48 -10.10 -3.05
N ASP A 47 1.73 -9.33 -4.10
CA ASP A 47 1.58 -9.85 -5.47
C ASP A 47 2.87 -9.81 -6.29
N ASN A 48 3.97 -9.43 -5.65
CA ASN A 48 5.31 -9.42 -6.27
C ASN A 48 5.38 -8.56 -7.53
N GLU A 49 4.64 -7.49 -7.57
CA GLU A 49 4.68 -6.59 -8.70
C GLU A 49 5.62 -5.46 -8.41
N ILE A 50 6.30 -4.97 -9.44
CA ILE A 50 7.21 -3.86 -9.28
C ILE A 50 6.41 -2.62 -8.90
N LEU A 51 6.72 -2.06 -7.76
CA LEU A 51 5.95 -0.99 -7.20
C LEU A 51 6.83 0.22 -7.00
N LEU A 52 6.39 1.33 -7.53
CA LEU A 52 7.11 2.57 -7.40
C LEU A 52 6.35 3.53 -6.50
N GLU A 53 7.10 4.35 -5.80
CA GLU A 53 6.61 5.22 -4.74
C GLU A 53 5.66 6.30 -5.24
N ASN A 54 5.96 6.89 -6.38
CA ASN A 54 5.13 7.99 -6.88
C ASN A 54 3.97 7.47 -7.72
N GLN A 55 3.89 6.16 -7.86
CA GLN A 55 2.82 5.52 -8.59
C GLN A 55 1.63 5.25 -7.67
N LEU A 56 1.84 5.49 -6.39
CA LEU A 56 0.82 5.29 -5.37
C LEU A 56 -0.25 6.39 -5.43
N PHE A 57 -1.50 6.00 -5.23
CA PHE A 57 -2.61 6.95 -5.19
C PHE A 57 -3.20 7.00 -3.77
N PRO A 58 -2.76 7.95 -2.94
CA PRO A 58 -3.33 8.13 -1.58
C PRO A 58 -4.83 8.39 -1.62
N ASP A 59 -5.26 9.21 -2.56
CA ASP A 59 -6.67 9.54 -2.66
C ASP A 59 -7.11 9.60 -4.11
N ASN A 60 -7.69 8.51 -4.59
CA ASN A 60 -8.22 8.48 -5.94
C ASN A 60 -9.75 8.39 -5.93
N PHE A 61 -10.31 8.42 -4.74
CA PHE A 61 -11.75 8.42 -4.58
C PHE A 61 -12.21 9.69 -3.92
N ALA A 62 -12.81 10.57 -4.72
CA ALA A 62 -13.25 11.87 -4.27
C ALA A 62 -14.21 12.46 -5.29
N LYS A 63 -14.86 13.55 -4.94
CA LYS A 63 -15.75 14.22 -5.85
C LYS A 63 -15.19 15.59 -6.24
N GLY A 1 -14.29 -11.11 10.00
CA GLY A 1 -12.97 -10.47 10.19
C GLY A 1 -13.10 -9.15 10.89
N PRO A 2 -11.97 -8.52 11.29
CA PRO A 2 -11.97 -7.25 12.03
C PRO A 2 -12.75 -6.16 11.30
N LEU A 3 -12.58 -6.08 9.98
CA LEU A 3 -13.29 -5.13 9.17
C LEU A 3 -13.87 -5.83 7.94
N GLY A 4 -15.16 -5.65 7.69
CA GLY A 4 -15.80 -6.31 6.57
C GLY A 4 -15.26 -5.86 5.22
N SER A 5 -15.17 -4.56 5.03
CA SER A 5 -14.63 -3.99 3.80
C SER A 5 -13.08 -4.07 3.84
N LYS A 6 -12.45 -4.15 2.69
CA LYS A 6 -11.01 -4.34 2.65
C LYS A 6 -10.27 -2.99 2.72
N TYR A 7 -10.16 -2.46 3.92
CA TYR A 7 -9.35 -1.28 4.19
C TYR A 7 -8.16 -1.67 5.04
N GLU A 8 -7.91 -2.95 5.11
CA GLU A 8 -6.84 -3.49 5.89
C GLU A 8 -5.52 -3.40 5.13
N CYS A 9 -4.46 -3.21 5.87
CA CYS A 9 -3.13 -3.07 5.32
C CYS A 9 -2.27 -4.20 5.87
N PRO A 10 -1.91 -5.17 5.01
CA PRO A 10 -1.24 -6.41 5.45
C PRO A 10 0.11 -6.14 6.12
N ILE A 11 0.68 -4.98 5.83
CA ILE A 11 1.93 -4.58 6.41
C ILE A 11 1.79 -4.31 7.93
N CYS A 12 0.73 -3.61 8.32
CA CYS A 12 0.56 -3.20 9.70
C CYS A 12 -0.53 -4.02 10.41
N LEU A 13 -1.37 -4.67 9.62
CA LEU A 13 -2.48 -5.48 10.10
C LEU A 13 -3.44 -4.69 11.00
N MET A 14 -3.59 -3.40 10.69
CA MET A 14 -4.50 -2.54 11.42
C MET A 14 -5.55 -1.93 10.48
N ALA A 15 -5.16 -0.92 9.72
CA ALA A 15 -6.06 -0.23 8.77
C ALA A 15 -5.27 0.79 7.95
N LEU A 16 -5.81 1.16 6.81
CA LEU A 16 -5.16 2.13 5.92
C LEU A 16 -5.25 3.54 6.51
N ARG A 17 -4.12 4.02 7.04
CA ARG A 17 -4.08 5.36 7.60
C ARG A 17 -4.18 6.44 6.52
N GLU A 18 -3.43 6.28 5.45
CA GLU A 18 -3.44 7.28 4.38
C GLU A 18 -4.06 6.74 3.10
N ALA A 19 -4.16 5.41 3.03
CA ALA A 19 -4.73 4.70 1.87
C ALA A 19 -4.11 5.13 0.53
N VAL A 20 -2.94 4.61 0.21
CA VAL A 20 -2.33 4.86 -1.08
C VAL A 20 -2.49 3.64 -1.98
N GLN A 21 -3.21 3.82 -3.06
CA GLN A 21 -3.51 2.77 -4.00
C GLN A 21 -2.35 2.54 -4.96
N THR A 22 -2.03 1.28 -5.20
CA THR A 22 -1.02 0.91 -6.14
C THR A 22 -1.70 0.39 -7.42
N PRO A 23 -1.01 0.49 -8.59
CA PRO A 23 -1.57 0.05 -9.88
C PRO A 23 -1.97 -1.43 -9.88
N CYS A 24 -1.29 -2.24 -9.08
CA CYS A 24 -1.55 -3.66 -9.03
C CYS A 24 -2.92 -3.99 -8.40
N GLY A 25 -3.52 -3.01 -7.72
CA GLY A 25 -4.83 -3.22 -7.13
C GLY A 25 -4.80 -3.34 -5.63
N HIS A 26 -3.70 -2.92 -5.02
CA HIS A 26 -3.58 -2.99 -3.58
C HIS A 26 -3.51 -1.60 -2.99
N ARG A 27 -3.87 -1.47 -1.74
CA ARG A 27 -3.80 -0.19 -1.05
C ARG A 27 -3.01 -0.35 0.24
N PHE A 28 -2.13 0.60 0.51
CA PHE A 28 -1.25 0.52 1.67
C PHE A 28 -1.19 1.88 2.38
N CYS A 29 -0.63 1.89 3.58
CA CYS A 29 -0.44 3.13 4.31
C CYS A 29 0.81 3.84 3.80
N LYS A 30 0.86 5.15 3.99
CA LYS A 30 1.92 6.02 3.44
C LYS A 30 3.27 5.77 4.12
N ALA A 31 3.26 5.06 5.22
CA ALA A 31 4.50 4.74 5.89
C ALA A 31 4.78 3.26 5.84
N CYS A 32 3.74 2.48 5.61
CA CYS A 32 3.87 1.05 5.50
C CYS A 32 4.56 0.67 4.19
N ILE A 33 4.01 1.16 3.09
CA ILE A 33 4.53 0.79 1.77
C ILE A 33 5.92 1.36 1.51
N ILE A 34 6.15 2.60 1.95
CA ILE A 34 7.45 3.24 1.74
C ILE A 34 8.56 2.49 2.46
N LYS A 35 8.29 2.07 3.68
CA LYS A 35 9.31 1.40 4.48
C LYS A 35 9.44 -0.07 4.04
N SER A 36 8.63 -0.47 3.08
CA SER A 36 8.69 -1.82 2.56
C SER A 36 9.41 -1.82 1.22
N ILE A 37 9.37 -0.69 0.52
CA ILE A 37 9.98 -0.62 -0.79
C ILE A 37 11.33 0.09 -0.75
N ARG A 38 11.66 0.66 0.40
CA ARG A 38 12.99 1.23 0.58
C ARG A 38 13.86 0.26 1.39
N ASP A 39 13.26 -0.85 1.81
CA ASP A 39 13.99 -1.86 2.57
C ASP A 39 14.07 -3.19 1.83
N ALA A 40 12.93 -3.70 1.40
CA ALA A 40 12.90 -4.95 0.67
C ALA A 40 13.22 -4.73 -0.79
N GLY A 41 12.30 -4.09 -1.48
CA GLY A 41 12.51 -3.77 -2.87
C GLY A 41 11.34 -2.99 -3.40
N HIS A 42 11.48 -2.41 -4.56
CA HIS A 42 10.40 -1.63 -5.14
C HIS A 42 9.38 -2.50 -5.83
N LYS A 43 8.69 -3.28 -5.02
CA LYS A 43 7.63 -4.13 -5.49
C LYS A 43 6.58 -4.27 -4.41
N CYS A 44 5.38 -4.62 -4.81
CA CYS A 44 4.30 -4.87 -3.88
C CYS A 44 4.65 -6.09 -3.03
N PRO A 45 4.58 -5.96 -1.70
CA PRO A 45 4.88 -7.07 -0.79
C PRO A 45 3.91 -8.25 -0.95
N VAL A 46 2.70 -7.95 -1.40
CA VAL A 46 1.68 -8.97 -1.52
C VAL A 46 1.87 -9.82 -2.78
N ASP A 47 1.58 -9.24 -3.94
CA ASP A 47 1.62 -9.99 -5.20
C ASP A 47 2.93 -9.81 -5.96
N ASN A 48 3.86 -9.11 -5.32
CA ASN A 48 5.24 -8.94 -5.81
C ASN A 48 5.30 -8.32 -7.21
N GLU A 49 4.38 -7.44 -7.51
CA GLU A 49 4.39 -6.74 -8.77
C GLU A 49 5.26 -5.50 -8.64
N ILE A 50 5.91 -5.09 -9.73
CA ILE A 50 6.88 -3.99 -9.68
C ILE A 50 6.18 -2.68 -9.36
N LEU A 51 6.61 -2.04 -8.29
CA LEU A 51 5.96 -0.86 -7.83
C LEU A 51 6.93 0.31 -7.77
N LEU A 52 6.57 1.39 -8.43
CA LEU A 52 7.36 2.60 -8.42
C LEU A 52 6.80 3.56 -7.38
N GLU A 53 7.67 4.39 -6.86
CA GLU A 53 7.35 5.28 -5.76
C GLU A 53 6.31 6.33 -6.15
N ASN A 54 6.38 6.82 -7.38
CA ASN A 54 5.42 7.80 -7.89
C ASN A 54 4.05 7.16 -8.12
N GLN A 55 3.99 5.84 -8.09
CA GLN A 55 2.75 5.11 -8.32
C GLN A 55 1.92 5.00 -7.04
N LEU A 56 2.50 5.41 -5.92
CA LEU A 56 1.85 5.32 -4.62
C LEU A 56 0.79 6.40 -4.47
N PHE A 57 -0.38 6.17 -5.09
CA PHE A 57 -1.51 7.10 -5.09
C PHE A 57 -2.52 6.63 -6.12
N PRO A 58 -3.83 6.74 -5.84
CA PRO A 58 -4.88 6.40 -6.82
C PRO A 58 -4.87 7.36 -8.00
N ASP A 59 -5.50 6.97 -9.11
CA ASP A 59 -5.50 7.78 -10.33
C ASP A 59 -6.07 9.16 -10.07
N ASN A 60 -5.22 10.16 -10.21
CA ASN A 60 -5.63 11.53 -9.96
C ASN A 60 -6.01 12.22 -11.28
N PHE A 61 -5.94 11.46 -12.38
CA PHE A 61 -6.36 11.97 -13.68
C PHE A 61 -7.85 12.31 -13.61
N ALA A 62 -8.62 11.38 -13.05
CA ALA A 62 -10.03 11.60 -12.83
C ALA A 62 -10.24 12.63 -11.72
N LYS A 63 -11.25 13.44 -11.86
CA LYS A 63 -11.60 14.42 -10.87
C LYS A 63 -13.02 14.20 -10.41
N GLY A 1 -8.78 -4.49 9.57
CA GLY A 1 -9.87 -3.76 8.89
C GLY A 1 -11.06 -3.59 9.81
N PRO A 2 -12.11 -2.85 9.39
CA PRO A 2 -13.32 -2.67 10.20
C PRO A 2 -13.94 -4.01 10.58
N LEU A 3 -14.05 -4.90 9.60
CA LEU A 3 -14.47 -6.27 9.82
C LEU A 3 -13.59 -7.16 8.96
N GLY A 4 -13.68 -6.96 7.67
CA GLY A 4 -12.86 -7.65 6.70
C GLY A 4 -12.99 -6.99 5.35
N SER A 5 -11.90 -6.42 4.86
CA SER A 5 -11.94 -5.70 3.61
C SER A 5 -10.55 -5.61 3.00
N LYS A 6 -10.50 -5.44 1.68
CA LYS A 6 -9.23 -5.26 0.97
C LYS A 6 -8.71 -3.84 1.18
N TYR A 7 -9.54 -3.02 1.80
CA TYR A 7 -9.23 -1.64 2.12
C TYR A 7 -8.41 -1.61 3.42
N GLU A 8 -7.36 -2.44 3.44
CA GLU A 8 -6.50 -2.62 4.59
C GLU A 8 -5.05 -2.71 4.12
N CYS A 9 -4.14 -2.21 4.94
CA CYS A 9 -2.72 -2.30 4.68
C CYS A 9 -2.19 -3.58 5.30
N PRO A 10 -1.83 -4.59 4.46
CA PRO A 10 -1.35 -5.90 4.94
C PRO A 10 -0.04 -5.80 5.71
N ILE A 11 0.70 -4.71 5.51
CA ILE A 11 1.96 -4.53 6.20
C ILE A 11 1.76 -4.34 7.71
N CYS A 12 0.78 -3.53 8.08
CA CYS A 12 0.51 -3.26 9.49
C CYS A 12 -0.68 -4.05 10.00
N LEU A 13 -1.53 -4.49 9.07
CA LEU A 13 -2.74 -5.29 9.37
C LEU A 13 -3.71 -4.56 10.28
N MET A 14 -3.62 -3.25 10.34
CA MET A 14 -4.56 -2.47 11.12
C MET A 14 -5.66 -1.91 10.23
N ALA A 15 -5.27 -1.02 9.34
CA ALA A 15 -6.17 -0.33 8.45
C ALA A 15 -5.33 0.48 7.48
N LEU A 16 -5.96 1.34 6.71
CA LEU A 16 -5.23 2.24 5.84
C LEU A 16 -5.15 3.61 6.48
N ARG A 17 -3.97 3.98 6.93
CA ARG A 17 -3.79 5.27 7.54
C ARG A 17 -3.90 6.37 6.50
N GLU A 18 -3.29 6.14 5.34
CA GLU A 18 -3.29 7.13 4.28
C GLU A 18 -4.00 6.61 3.03
N ALA A 19 -4.20 5.30 2.98
CA ALA A 19 -4.89 4.63 1.86
C ALA A 19 -4.28 4.94 0.50
N VAL A 20 -3.21 4.23 0.16
CA VAL A 20 -2.60 4.39 -1.15
C VAL A 20 -2.72 3.10 -1.96
N GLN A 21 -3.47 3.17 -3.05
CA GLN A 21 -3.60 2.05 -3.94
C GLN A 21 -2.41 1.97 -4.88
N THR A 22 -1.81 0.81 -4.95
CA THR A 22 -0.67 0.56 -5.79
C THR A 22 -1.11 0.39 -7.24
N PRO A 23 -0.15 0.39 -8.21
CA PRO A 23 -0.46 0.17 -9.63
C PRO A 23 -1.17 -1.16 -9.85
N CYS A 24 -0.89 -2.13 -8.98
CA CYS A 24 -1.45 -3.45 -9.11
C CYS A 24 -2.85 -3.55 -8.49
N GLY A 25 -3.17 -2.65 -7.57
CA GLY A 25 -4.49 -2.66 -6.98
C GLY A 25 -4.48 -2.98 -5.50
N HIS A 26 -3.31 -3.13 -4.91
CA HIS A 26 -3.22 -3.38 -3.47
C HIS A 26 -3.15 -2.07 -2.73
N ARG A 27 -3.65 -2.04 -1.52
CA ARG A 27 -3.68 -0.79 -0.78
C ARG A 27 -2.82 -0.88 0.45
N PHE A 28 -2.07 0.16 0.70
CA PHE A 28 -1.16 0.23 1.84
C PHE A 28 -1.21 1.63 2.42
N CYS A 29 -0.62 1.83 3.57
CA CYS A 29 -0.44 3.18 4.08
C CYS A 29 0.81 3.75 3.43
N LYS A 30 0.84 5.06 3.19
CA LYS A 30 1.93 5.68 2.44
C LYS A 30 3.25 5.68 3.22
N ALA A 31 3.19 5.28 4.48
CA ALA A 31 4.39 5.26 5.32
C ALA A 31 4.78 3.83 5.66
N CYS A 32 3.84 2.91 5.49
CA CYS A 32 4.14 1.51 5.68
C CYS A 32 4.81 0.94 4.44
N ILE A 33 4.24 1.25 3.28
CA ILE A 33 4.71 0.69 2.03
C ILE A 33 6.10 1.23 1.64
N ILE A 34 6.33 2.52 1.83
CA ILE A 34 7.60 3.12 1.45
C ILE A 34 8.76 2.55 2.26
N LYS A 35 8.55 2.35 3.55
CA LYS A 35 9.60 1.85 4.43
C LYS A 35 9.76 0.32 4.24
N SER A 36 8.95 -0.25 3.37
CA SER A 36 9.05 -1.65 3.05
C SER A 36 9.66 -1.84 1.64
N ILE A 37 9.58 -0.80 0.81
CA ILE A 37 10.05 -0.93 -0.56
C ILE A 37 11.41 -0.27 -0.76
N ARG A 38 11.86 0.46 0.24
CA ARG A 38 13.25 0.92 0.28
C ARG A 38 14.03 -0.01 1.19
N ASP A 39 13.36 -1.08 1.60
CA ASP A 39 13.91 -2.11 2.47
C ASP A 39 14.00 -3.42 1.71
N ALA A 40 12.88 -3.87 1.19
CA ALA A 40 12.85 -5.07 0.37
C ALA A 40 13.17 -4.73 -1.08
N GLY A 41 12.25 -4.05 -1.73
CA GLY A 41 12.42 -3.64 -3.09
C GLY A 41 11.16 -2.99 -3.58
N HIS A 42 11.18 -2.43 -4.77
CA HIS A 42 10.01 -1.76 -5.31
C HIS A 42 9.01 -2.75 -5.90
N LYS A 43 8.41 -3.50 -5.02
CA LYS A 43 7.40 -4.49 -5.35
C LYS A 43 6.42 -4.59 -4.21
N CYS A 44 5.19 -4.96 -4.51
CA CYS A 44 4.22 -5.18 -3.47
C CYS A 44 4.50 -6.51 -2.79
N PRO A 45 4.62 -6.55 -1.46
CA PRO A 45 4.95 -7.77 -0.74
C PRO A 45 3.88 -8.86 -0.89
N VAL A 46 2.66 -8.46 -1.21
CA VAL A 46 1.55 -9.39 -1.33
C VAL A 46 1.76 -10.39 -2.48
N ASP A 47 2.08 -9.89 -3.67
CA ASP A 47 2.24 -10.78 -4.83
C ASP A 47 3.43 -10.40 -5.72
N ASN A 48 4.34 -9.60 -5.16
CA ASN A 48 5.66 -9.29 -5.76
C ASN A 48 5.57 -8.58 -7.10
N GLU A 49 4.56 -7.75 -7.26
CA GLU A 49 4.39 -6.98 -8.49
C GLU A 49 5.12 -5.65 -8.40
N ILE A 50 5.52 -5.11 -9.54
CA ILE A 50 6.32 -3.88 -9.56
C ILE A 50 5.52 -2.69 -9.03
N LEU A 51 6.07 -2.08 -7.99
CA LEU A 51 5.43 -0.99 -7.30
C LEU A 51 6.34 0.24 -7.37
N LEU A 52 5.79 1.35 -7.85
CA LEU A 52 6.55 2.59 -7.92
C LEU A 52 6.00 3.60 -6.92
N GLU A 53 6.91 4.32 -6.28
CA GLU A 53 6.57 5.24 -5.20
C GLU A 53 5.72 6.40 -5.70
N ASN A 54 6.08 6.94 -6.84
CA ASN A 54 5.39 8.10 -7.41
C ASN A 54 4.00 7.75 -7.89
N GLN A 55 3.77 6.48 -8.18
CA GLN A 55 2.48 6.02 -8.66
C GLN A 55 1.44 5.97 -7.54
N LEU A 56 1.93 6.02 -6.32
CA LEU A 56 1.06 6.01 -5.15
C LEU A 56 0.37 7.35 -5.02
N PHE A 57 -0.86 7.33 -4.55
CA PHE A 57 -1.63 8.54 -4.40
C PHE A 57 -1.27 9.23 -3.08
N PRO A 58 -0.92 10.52 -3.12
CA PRO A 58 -0.53 11.27 -1.91
C PRO A 58 -1.60 11.24 -0.80
N ASP A 59 -2.87 11.35 -1.24
CA ASP A 59 -4.07 11.43 -0.36
C ASP A 59 -4.04 12.69 0.50
N ASN A 60 -3.09 12.74 1.42
CA ASN A 60 -2.88 13.92 2.21
C ASN A 60 -1.92 14.85 1.50
N PHE A 61 -2.46 15.90 0.94
CA PHE A 61 -1.72 16.85 0.15
C PHE A 61 -1.37 18.03 1.05
N ALA A 62 -0.12 18.42 1.06
CA ALA A 62 0.35 19.45 1.97
C ALA A 62 -0.30 20.79 1.69
N LYS A 63 -0.62 21.50 2.76
CA LYS A 63 -1.25 22.79 2.67
C LYS A 63 -0.59 23.77 3.63
N GLY A 1 -20.86 -4.49 13.50
CA GLY A 1 -20.48 -5.40 14.60
C GLY A 1 -18.99 -5.71 14.58
N PRO A 2 -18.60 -6.95 14.28
CA PRO A 2 -17.17 -7.33 14.21
C PRO A 2 -16.49 -6.64 13.03
N LEU A 3 -15.23 -6.35 13.18
CA LEU A 3 -14.53 -5.59 12.18
C LEU A 3 -13.79 -6.49 11.22
N GLY A 4 -14.05 -6.29 9.95
CA GLY A 4 -13.40 -7.03 8.90
C GLY A 4 -13.52 -6.31 7.59
N SER A 5 -13.22 -5.02 7.63
CA SER A 5 -13.39 -4.16 6.49
C SER A 5 -12.19 -4.28 5.54
N LYS A 6 -12.39 -3.92 4.29
CA LYS A 6 -11.36 -3.99 3.27
C LYS A 6 -10.41 -2.79 3.32
N TYR A 7 -10.48 -2.05 4.41
CA TYR A 7 -9.63 -0.89 4.63
C TYR A 7 -8.44 -1.28 5.51
N GLU A 8 -8.09 -2.54 5.47
CA GLU A 8 -6.99 -3.05 6.27
C GLU A 8 -5.70 -3.05 5.46
N CYS A 9 -4.60 -2.67 6.11
CA CYS A 9 -3.28 -2.66 5.50
C CYS A 9 -2.58 -3.97 5.82
N PRO A 10 -2.36 -4.82 4.81
CA PRO A 10 -1.80 -6.17 5.01
C PRO A 10 -0.33 -6.15 5.49
N ILE A 11 0.37 -5.03 5.28
CA ILE A 11 1.74 -4.90 5.76
C ILE A 11 1.81 -4.84 7.29
N CYS A 12 0.93 -4.04 7.89
CA CYS A 12 0.98 -3.81 9.32
C CYS A 12 -0.10 -4.59 10.06
N LEU A 13 -1.14 -4.98 9.33
CA LEU A 13 -2.33 -5.64 9.87
C LEU A 13 -3.09 -4.72 10.81
N MET A 14 -2.88 -3.42 10.66
CA MET A 14 -3.57 -2.44 11.48
C MET A 14 -4.79 -1.92 10.77
N ALA A 15 -4.57 -1.05 9.79
CA ALA A 15 -5.60 -0.41 8.99
C ALA A 15 -4.92 0.49 7.98
N LEU A 16 -5.63 0.89 6.94
CA LEU A 16 -5.07 1.82 5.98
C LEU A 16 -5.16 3.21 6.54
N ARG A 17 -4.04 3.72 7.01
CA ARG A 17 -4.04 5.06 7.58
C ARG A 17 -4.21 6.13 6.51
N GLU A 18 -3.48 5.97 5.41
CA GLU A 18 -3.53 6.96 4.35
C GLU A 18 -4.18 6.38 3.10
N ALA A 19 -4.26 5.05 3.05
CA ALA A 19 -4.80 4.30 1.90
C ALA A 19 -4.28 4.82 0.55
N VAL A 20 -3.02 4.53 0.26
CA VAL A 20 -2.45 4.88 -1.02
C VAL A 20 -2.58 3.72 -1.98
N GLN A 21 -3.31 3.94 -3.05
CA GLN A 21 -3.54 2.90 -4.03
C GLN A 21 -2.34 2.75 -4.96
N THR A 22 -2.06 1.53 -5.31
CA THR A 22 -1.01 1.18 -6.23
C THR A 22 -1.63 0.69 -7.55
N PRO A 23 -0.84 0.54 -8.65
CA PRO A 23 -1.37 0.15 -9.98
C PRO A 23 -2.12 -1.18 -9.96
N CYS A 24 -1.70 -2.09 -9.10
CA CYS A 24 -2.32 -3.40 -8.98
C CYS A 24 -3.68 -3.33 -8.25
N GLY A 25 -3.93 -2.20 -7.59
CA GLY A 25 -5.17 -2.02 -6.88
C GLY A 25 -5.01 -2.21 -5.38
N HIS A 26 -3.79 -2.48 -4.96
CA HIS A 26 -3.53 -2.64 -3.55
C HIS A 26 -3.41 -1.30 -2.87
N ARG A 27 -3.83 -1.23 -1.64
CA ARG A 27 -3.78 -0.01 -0.88
C ARG A 27 -2.97 -0.24 0.37
N PHE A 28 -2.15 0.73 0.71
CA PHE A 28 -1.27 0.63 1.86
C PHE A 28 -1.19 1.97 2.57
N CYS A 29 -0.60 1.99 3.75
CA CYS A 29 -0.35 3.23 4.44
C CYS A 29 0.89 3.91 3.89
N LYS A 30 1.02 5.22 4.10
CA LYS A 30 2.12 6.02 3.57
C LYS A 30 3.45 5.65 4.24
N ALA A 31 3.38 4.89 5.31
CA ALA A 31 4.59 4.51 6.03
C ALA A 31 4.82 3.01 5.93
N CYS A 32 3.81 2.27 5.55
CA CYS A 32 3.95 0.84 5.42
C CYS A 32 4.53 0.45 4.08
N ILE A 33 3.94 0.93 3.00
CA ILE A 33 4.41 0.57 1.68
C ILE A 33 5.79 1.17 1.38
N ILE A 34 6.00 2.41 1.81
CA ILE A 34 7.27 3.07 1.59
C ILE A 34 8.40 2.34 2.30
N LYS A 35 8.14 1.91 3.53
CA LYS A 35 9.12 1.16 4.30
C LYS A 35 9.15 -0.30 3.86
N SER A 36 8.47 -0.62 2.78
CA SER A 36 8.62 -1.93 2.18
C SER A 36 9.36 -1.83 0.84
N ILE A 37 9.30 -0.66 0.20
CA ILE A 37 9.85 -0.53 -1.16
C ILE A 37 11.18 0.21 -1.19
N ARG A 38 11.41 1.09 -0.24
CA ARG A 38 12.72 1.77 -0.17
C ARG A 38 13.56 1.09 0.90
N ASP A 39 12.99 0.06 1.48
CA ASP A 39 13.59 -0.57 2.63
C ASP A 39 13.97 -2.00 2.28
N ALA A 40 13.01 -2.77 1.83
CA ALA A 40 13.28 -4.12 1.38
C ALA A 40 13.54 -4.13 -0.13
N GLY A 41 12.50 -3.87 -0.90
CA GLY A 41 12.63 -3.85 -2.33
C GLY A 41 11.44 -3.23 -2.99
N HIS A 42 11.62 -2.78 -4.23
CA HIS A 42 10.56 -2.08 -4.94
C HIS A 42 9.50 -3.00 -5.51
N LYS A 43 8.75 -3.62 -4.64
CA LYS A 43 7.62 -4.42 -5.02
C LYS A 43 6.60 -4.44 -3.88
N CYS A 44 5.32 -4.58 -4.23
CA CYS A 44 4.31 -4.77 -3.23
C CYS A 44 4.30 -6.23 -2.79
N PRO A 45 4.45 -6.49 -1.49
CA PRO A 45 4.71 -7.84 -0.96
C PRO A 45 3.60 -8.86 -1.22
N VAL A 46 2.37 -8.39 -1.33
CA VAL A 46 1.22 -9.29 -1.48
C VAL A 46 1.26 -10.06 -2.82
N ASP A 47 1.49 -9.34 -3.90
CA ASP A 47 1.45 -9.93 -5.24
C ASP A 47 2.78 -9.83 -5.98
N ASN A 48 3.81 -9.37 -5.27
CA ASN A 48 5.19 -9.25 -5.82
C ASN A 48 5.26 -8.51 -7.16
N GLU A 49 4.48 -7.45 -7.28
CA GLU A 49 4.52 -6.58 -8.45
C GLU A 49 5.53 -5.47 -8.21
N ILE A 50 6.32 -5.15 -9.22
CA ILE A 50 7.34 -4.11 -9.11
C ILE A 50 6.66 -2.77 -8.90
N LEU A 51 6.99 -2.13 -7.81
CA LEU A 51 6.32 -0.92 -7.42
C LEU A 51 7.30 0.23 -7.28
N LEU A 52 6.99 1.33 -7.92
CA LEU A 52 7.76 2.55 -7.81
C LEU A 52 6.96 3.55 -7.00
N GLU A 53 7.64 4.44 -6.29
CA GLU A 53 6.98 5.39 -5.38
C GLU A 53 6.00 6.28 -6.12
N ASN A 54 6.35 6.65 -7.33
CA ASN A 54 5.50 7.49 -8.18
C ASN A 54 4.20 6.78 -8.56
N GLN A 55 4.26 5.45 -8.64
CA GLN A 55 3.10 4.64 -8.98
C GLN A 55 2.02 4.70 -7.91
N LEU A 56 2.43 5.06 -6.69
CA LEU A 56 1.49 5.24 -5.61
C LEU A 56 0.63 6.45 -5.90
N PHE A 57 -0.66 6.26 -5.85
CA PHE A 57 -1.59 7.31 -6.19
C PHE A 57 -1.94 8.12 -4.94
N PRO A 58 -2.52 9.33 -5.13
CA PRO A 58 -2.96 10.17 -4.01
C PRO A 58 -4.03 9.46 -3.20
N ASP A 59 -4.12 9.79 -1.92
CA ASP A 59 -5.01 9.09 -0.99
C ASP A 59 -6.44 9.12 -1.48
N ASN A 60 -7.12 7.99 -1.34
CA ASN A 60 -8.47 7.81 -1.85
C ASN A 60 -9.51 8.47 -0.93
N PHE A 61 -9.06 8.87 0.25
CA PHE A 61 -9.94 9.52 1.20
C PHE A 61 -10.24 10.94 0.77
N ALA A 62 -11.47 11.35 0.96
CA ALA A 62 -11.86 12.70 0.66
C ALA A 62 -11.92 13.51 1.93
N LYS A 63 -11.60 14.77 1.84
CA LYS A 63 -11.57 15.63 2.99
C LYS A 63 -12.23 16.98 2.69
N GLY A 1 -7.92 -7.65 10.48
CA GLY A 1 -8.69 -7.53 11.71
C GLY A 1 -9.62 -8.70 11.89
N PRO A 2 -10.44 -8.72 12.95
CA PRO A 2 -11.35 -9.84 13.22
C PRO A 2 -12.41 -10.04 12.14
N LEU A 3 -12.99 -8.93 11.65
CA LEU A 3 -13.98 -8.99 10.58
C LEU A 3 -13.34 -9.47 9.28
N GLY A 4 -12.16 -8.93 8.98
CA GLY A 4 -11.45 -9.32 7.79
C GLY A 4 -10.15 -8.55 7.66
N SER A 5 -9.42 -8.81 6.61
CA SER A 5 -8.17 -8.10 6.38
C SER A 5 -8.25 -7.21 5.15
N LYS A 6 -9.42 -7.18 4.51
CA LYS A 6 -9.62 -6.34 3.35
C LYS A 6 -9.86 -4.90 3.83
N TYR A 7 -9.25 -3.93 3.13
CA TYR A 7 -9.23 -2.51 3.53
C TYR A 7 -8.29 -2.30 4.70
N GLU A 8 -7.49 -3.31 4.98
CA GLU A 8 -6.51 -3.26 6.03
C GLU A 8 -5.13 -3.48 5.45
N CYS A 9 -4.22 -2.57 5.74
CA CYS A 9 -2.85 -2.68 5.29
C CYS A 9 -2.18 -3.87 5.97
N PRO A 10 -1.89 -4.94 5.19
CA PRO A 10 -1.32 -6.18 5.73
C PRO A 10 0.09 -5.98 6.27
N ILE A 11 0.71 -4.90 5.87
CA ILE A 11 2.05 -4.58 6.34
C ILE A 11 2.04 -4.27 7.84
N CYS A 12 1.06 -3.50 8.28
CA CYS A 12 0.98 -3.10 9.69
C CYS A 12 -0.10 -3.86 10.45
N LEU A 13 -1.04 -4.43 9.70
CA LEU A 13 -2.21 -5.14 10.26
C LEU A 13 -3.05 -4.24 11.16
N MET A 14 -3.00 -2.94 10.93
CA MET A 14 -3.84 -2.02 11.68
C MET A 14 -5.09 -1.66 10.89
N ALA A 15 -4.87 -0.98 9.77
CA ALA A 15 -5.93 -0.51 8.86
C ALA A 15 -5.23 0.26 7.76
N LEU A 16 -5.97 0.98 6.93
CA LEU A 16 -5.35 1.87 5.96
C LEU A 16 -5.30 3.25 6.56
N ARG A 17 -4.13 3.67 7.00
CA ARG A 17 -4.01 4.98 7.65
C ARG A 17 -4.17 6.13 6.66
N GLU A 18 -3.51 6.04 5.53
CA GLU A 18 -3.59 7.08 4.51
C GLU A 18 -4.35 6.60 3.30
N ALA A 19 -4.51 5.28 3.21
CA ALA A 19 -5.17 4.61 2.09
C ALA A 19 -4.55 5.01 0.74
N VAL A 20 -3.49 4.32 0.35
CA VAL A 20 -2.82 4.59 -0.91
C VAL A 20 -2.93 3.43 -1.88
N GLN A 21 -3.54 3.70 -3.01
CA GLN A 21 -3.72 2.73 -4.06
C GLN A 21 -2.45 2.58 -4.89
N THR A 22 -2.10 1.35 -5.17
CA THR A 22 -0.96 1.02 -6.00
C THR A 22 -1.45 0.75 -7.43
N PRO A 23 -0.55 0.85 -8.44
CA PRO A 23 -0.92 0.61 -9.84
C PRO A 23 -1.44 -0.81 -10.08
N CYS A 24 -1.00 -1.77 -9.27
CA CYS A 24 -1.45 -3.14 -9.41
C CYS A 24 -2.85 -3.32 -8.82
N GLY A 25 -3.20 -2.48 -7.85
CA GLY A 25 -4.53 -2.52 -7.29
C GLY A 25 -4.57 -3.03 -5.86
N HIS A 26 -3.64 -2.57 -5.05
CA HIS A 26 -3.62 -2.93 -3.64
C HIS A 26 -3.46 -1.66 -2.83
N ARG A 27 -4.25 -1.51 -1.80
CA ARG A 27 -4.20 -0.31 -1.00
C ARG A 27 -3.51 -0.54 0.34
N PHE A 28 -2.62 0.38 0.69
CA PHE A 28 -1.81 0.29 1.89
C PHE A 28 -1.78 1.64 2.60
N CYS A 29 -0.96 1.75 3.63
CA CYS A 29 -0.70 3.05 4.25
C CYS A 29 0.49 3.68 3.55
N LYS A 30 0.55 5.00 3.54
CA LYS A 30 1.55 5.73 2.78
C LYS A 30 2.96 5.56 3.40
N ALA A 31 3.03 5.04 4.59
CA ALA A 31 4.32 4.88 5.24
C ALA A 31 4.68 3.41 5.39
N CYS A 32 3.68 2.56 5.29
CA CYS A 32 3.91 1.14 5.34
C CYS A 32 4.43 0.64 3.99
N ILE A 33 3.78 1.08 2.92
CA ILE A 33 4.18 0.64 1.59
C ILE A 33 5.55 1.20 1.20
N ILE A 34 5.82 2.46 1.53
CA ILE A 34 7.09 3.08 1.20
C ILE A 34 8.24 2.37 1.92
N LYS A 35 8.04 2.06 3.19
CA LYS A 35 9.11 1.49 3.99
C LYS A 35 9.27 -0.02 3.73
N SER A 36 8.43 -0.56 2.88
CA SER A 36 8.59 -1.94 2.48
C SER A 36 9.13 -2.05 1.05
N ILE A 37 9.02 -0.97 0.28
CA ILE A 37 9.45 -1.02 -1.11
C ILE A 37 10.79 -0.32 -1.32
N ARG A 38 11.18 0.52 -0.39
CA ARG A 38 12.51 1.12 -0.49
C ARG A 38 13.47 0.50 0.52
N ASP A 39 13.00 -0.54 1.19
CA ASP A 39 13.79 -1.24 2.18
C ASP A 39 14.07 -2.65 1.72
N ALA A 40 13.03 -3.39 1.39
CA ALA A 40 13.19 -4.73 0.88
C ALA A 40 13.52 -4.68 -0.61
N GLY A 41 12.54 -4.29 -1.39
CA GLY A 41 12.71 -4.13 -2.81
C GLY A 41 11.54 -3.38 -3.35
N HIS A 42 11.69 -2.77 -4.51
CA HIS A 42 10.58 -2.01 -5.09
C HIS A 42 9.54 -2.91 -5.74
N LYS A 43 8.86 -3.65 -4.89
CA LYS A 43 7.80 -4.53 -5.28
C LYS A 43 6.78 -4.57 -4.16
N CYS A 44 5.53 -4.80 -4.49
CA CYS A 44 4.51 -4.91 -3.49
C CYS A 44 4.61 -6.26 -2.78
N PRO A 45 4.64 -6.27 -1.43
CA PRO A 45 4.85 -7.50 -0.64
C PRO A 45 3.77 -8.57 -0.86
N VAL A 46 2.60 -8.12 -1.30
CA VAL A 46 1.49 -9.03 -1.52
C VAL A 46 1.72 -9.92 -2.76
N ASP A 47 1.63 -9.31 -3.92
CA ASP A 47 1.66 -10.02 -5.20
C ASP A 47 2.99 -9.89 -5.94
N ASN A 48 3.97 -9.23 -5.32
CA ASN A 48 5.34 -9.13 -5.85
C ASN A 48 5.43 -8.49 -7.24
N GLU A 49 4.57 -7.51 -7.49
CA GLU A 49 4.65 -6.72 -8.73
C GLU A 49 5.61 -5.57 -8.51
N ILE A 50 6.25 -5.10 -9.58
CA ILE A 50 7.20 -4.00 -9.44
C ILE A 50 6.44 -2.75 -9.03
N LEU A 51 6.82 -2.22 -7.89
CA LEU A 51 6.08 -1.14 -7.31
C LEU A 51 7.01 0.06 -7.17
N LEU A 52 6.62 1.16 -7.78
CA LEU A 52 7.41 2.37 -7.74
C LEU A 52 6.78 3.36 -6.78
N GLU A 53 7.60 4.08 -6.03
CA GLU A 53 7.15 4.99 -4.99
C GLU A 53 6.33 6.13 -5.58
N ASN A 54 6.79 6.61 -6.72
CA ASN A 54 6.14 7.71 -7.45
C ASN A 54 4.74 7.31 -7.91
N GLN A 55 4.56 6.03 -8.18
CA GLN A 55 3.29 5.53 -8.72
C GLN A 55 2.21 5.43 -7.64
N LEU A 56 2.58 5.66 -6.38
CA LEU A 56 1.63 5.61 -5.27
C LEU A 56 0.74 6.86 -5.27
N PHE A 57 -0.53 6.66 -4.95
CA PHE A 57 -1.48 7.76 -4.88
C PHE A 57 -2.59 7.44 -3.88
N PRO A 58 -3.14 8.47 -3.20
CA PRO A 58 -4.23 8.29 -2.24
C PRO A 58 -5.49 7.71 -2.89
N ASP A 59 -6.22 6.89 -2.15
CA ASP A 59 -7.47 6.31 -2.63
C ASP A 59 -8.50 7.39 -2.91
N ASN A 60 -8.60 8.35 -2.02
CA ASN A 60 -9.54 9.46 -2.18
C ASN A 60 -9.18 10.33 -3.39
N PHE A 61 -7.89 10.60 -3.55
CA PHE A 61 -7.45 11.51 -4.59
C PHE A 61 -7.27 10.81 -5.91
N ALA A 62 -8.05 11.24 -6.88
CA ALA A 62 -7.97 10.71 -8.21
C ALA A 62 -7.59 11.83 -9.16
N LYS A 63 -6.91 11.49 -10.22
CA LYS A 63 -6.51 12.44 -11.22
C LYS A 63 -6.75 11.87 -12.61
N GLY A 1 -8.89 -15.24 0.72
CA GLY A 1 -9.53 -14.14 0.00
C GLY A 1 -10.17 -13.16 0.96
N PRO A 2 -10.15 -11.87 0.65
CA PRO A 2 -10.70 -10.84 1.52
C PRO A 2 -12.21 -10.90 1.62
N LEU A 3 -12.73 -10.55 2.79
CA LEU A 3 -14.15 -10.55 3.02
C LEU A 3 -14.64 -9.11 2.90
N GLY A 4 -15.49 -8.86 1.91
CA GLY A 4 -15.93 -7.51 1.63
C GLY A 4 -14.80 -6.72 1.01
N SER A 5 -14.95 -5.42 0.94
CA SER A 5 -13.86 -4.59 0.46
C SER A 5 -12.92 -4.31 1.62
N LYS A 6 -11.75 -4.88 1.58
CA LYS A 6 -10.82 -4.75 2.66
C LYS A 6 -9.99 -3.48 2.49
N TYR A 7 -10.31 -2.48 3.28
CA TYR A 7 -9.55 -1.26 3.29
C TYR A 7 -8.64 -1.21 4.51
N GLU A 8 -7.67 -2.08 4.46
CA GLU A 8 -6.74 -2.29 5.52
C GLU A 8 -5.39 -2.57 4.91
N CYS A 9 -4.38 -1.87 5.34
CA CYS A 9 -3.03 -2.07 4.86
C CYS A 9 -2.53 -3.44 5.30
N PRO A 10 -2.34 -4.38 4.36
CA PRO A 10 -1.92 -5.76 4.67
C PRO A 10 -0.56 -5.81 5.36
N ILE A 11 0.23 -4.76 5.22
CA ILE A 11 1.53 -4.68 5.85
C ILE A 11 1.41 -4.60 7.37
N CYS A 12 0.49 -3.78 7.86
CA CYS A 12 0.35 -3.58 9.30
C CYS A 12 -0.87 -4.30 9.86
N LEU A 13 -1.80 -4.64 8.97
CA LEU A 13 -3.05 -5.31 9.32
C LEU A 13 -3.87 -4.54 10.36
N MET A 14 -3.64 -3.23 10.44
CA MET A 14 -4.40 -2.37 11.33
C MET A 14 -5.53 -1.70 10.58
N ALA A 15 -5.17 -0.87 9.61
CA ALA A 15 -6.11 -0.05 8.86
C ALA A 15 -5.34 0.63 7.76
N LEU A 16 -5.92 1.64 7.15
CA LEU A 16 -5.20 2.48 6.22
C LEU A 16 -4.87 3.79 6.89
N ARG A 17 -3.61 4.17 6.89
CA ARG A 17 -3.20 5.42 7.49
C ARG A 17 -3.48 6.58 6.53
N GLU A 18 -2.67 6.69 5.48
CA GLU A 18 -2.89 7.74 4.48
C GLU A 18 -3.67 7.17 3.31
N ALA A 19 -3.72 5.85 3.23
CA ALA A 19 -4.41 5.11 2.18
C ALA A 19 -3.83 5.36 0.78
N VAL A 20 -2.86 4.55 0.39
CA VAL A 20 -2.30 4.61 -0.95
C VAL A 20 -2.69 3.40 -1.77
N GLN A 21 -3.45 3.63 -2.81
CA GLN A 21 -3.83 2.59 -3.71
C GLN A 21 -2.71 2.34 -4.72
N THR A 22 -2.38 1.10 -4.94
CA THR A 22 -1.36 0.71 -5.89
C THR A 22 -1.99 0.42 -7.24
N PRO A 23 -1.20 0.35 -8.34
CA PRO A 23 -1.73 0.01 -9.68
C PRO A 23 -2.34 -1.40 -9.71
N CYS A 24 -1.87 -2.27 -8.83
CA CYS A 24 -2.42 -3.61 -8.71
C CYS A 24 -3.83 -3.56 -8.11
N GLY A 25 -4.06 -2.55 -7.29
CA GLY A 25 -5.34 -2.42 -6.63
C GLY A 25 -5.27 -2.75 -5.15
N HIS A 26 -4.06 -2.89 -4.62
CA HIS A 26 -3.89 -3.14 -3.18
C HIS A 26 -3.82 -1.79 -2.51
N ARG A 27 -4.36 -1.67 -1.34
CA ARG A 27 -4.26 -0.43 -0.59
C ARG A 27 -3.38 -0.61 0.63
N PHE A 28 -2.44 0.30 0.80
CA PHE A 28 -1.47 0.26 1.89
C PHE A 28 -1.40 1.64 2.52
N CYS A 29 -0.69 1.75 3.62
CA CYS A 29 -0.40 3.05 4.20
C CYS A 29 0.80 3.64 3.47
N LYS A 30 0.85 4.95 3.40
CA LYS A 30 1.88 5.67 2.66
C LYS A 30 3.22 5.59 3.40
N ALA A 31 3.19 5.08 4.60
CA ALA A 31 4.39 4.95 5.37
C ALA A 31 4.74 3.49 5.55
N CYS A 32 3.72 2.64 5.58
CA CYS A 32 3.96 1.21 5.65
C CYS A 32 4.56 0.68 4.35
N ILE A 33 3.98 1.09 3.22
CA ILE A 33 4.48 0.61 1.93
C ILE A 33 5.87 1.14 1.63
N ILE A 34 6.10 2.43 1.92
CA ILE A 34 7.38 3.04 1.67
C ILE A 34 8.48 2.41 2.52
N LYS A 35 8.19 2.16 3.78
CA LYS A 35 9.18 1.62 4.71
C LYS A 35 9.38 0.11 4.45
N SER A 36 8.63 -0.43 3.50
CA SER A 36 8.82 -1.80 3.10
C SER A 36 9.52 -1.87 1.73
N ILE A 37 9.37 -0.83 0.91
CA ILE A 37 9.95 -0.87 -0.43
C ILE A 37 11.23 -0.05 -0.54
N ARG A 38 11.53 0.72 0.51
CA ARG A 38 12.81 1.44 0.55
C ARG A 38 13.82 0.60 1.30
N ASP A 39 13.39 -0.57 1.71
CA ASP A 39 14.25 -1.47 2.46
C ASP A 39 14.51 -2.73 1.66
N ALA A 40 13.45 -3.41 1.25
CA ALA A 40 13.57 -4.62 0.46
C ALA A 40 13.86 -4.27 -0.99
N GLY A 41 12.86 -3.76 -1.69
CA GLY A 41 13.01 -3.41 -3.07
C GLY A 41 11.74 -2.80 -3.62
N HIS A 42 11.75 -2.46 -4.89
CA HIS A 42 10.60 -1.81 -5.50
C HIS A 42 9.63 -2.81 -6.09
N LYS A 43 8.80 -3.36 -5.22
CA LYS A 43 7.73 -4.26 -5.61
C LYS A 43 6.84 -4.53 -4.42
N CYS A 44 5.54 -4.67 -4.66
CA CYS A 44 4.63 -4.99 -3.59
C CYS A 44 4.84 -6.44 -3.17
N PRO A 45 5.13 -6.66 -1.87
CA PRO A 45 5.56 -7.97 -1.36
C PRO A 45 4.51 -9.07 -1.52
N VAL A 46 3.26 -8.67 -1.59
CA VAL A 46 2.15 -9.62 -1.65
C VAL A 46 2.11 -10.43 -2.97
N ASP A 47 2.25 -9.76 -4.11
CA ASP A 47 2.16 -10.43 -5.41
C ASP A 47 3.39 -10.22 -6.29
N ASN A 48 4.42 -9.58 -5.73
CA ASN A 48 5.70 -9.35 -6.41
C ASN A 48 5.55 -8.49 -7.69
N GLU A 49 4.63 -7.54 -7.68
CA GLU A 49 4.50 -6.61 -8.79
C GLU A 49 5.35 -5.39 -8.55
N ILE A 50 5.99 -4.87 -9.59
CA ILE A 50 6.93 -3.77 -9.46
C ILE A 50 6.21 -2.50 -9.01
N LEU A 51 6.61 -1.98 -7.90
CA LEU A 51 5.95 -0.84 -7.31
C LEU A 51 6.96 0.26 -7.02
N LEU A 52 6.65 1.44 -7.48
CA LEU A 52 7.46 2.61 -7.24
C LEU A 52 6.69 3.56 -6.34
N GLU A 53 7.40 4.39 -5.60
CA GLU A 53 6.76 5.38 -4.72
C GLU A 53 5.93 6.32 -5.58
N ASN A 54 6.45 6.63 -6.76
CA ASN A 54 5.81 7.50 -7.73
C ASN A 54 4.48 6.88 -8.21
N GLN A 55 4.43 5.55 -8.23
CA GLN A 55 3.28 4.78 -8.71
C GLN A 55 2.13 4.73 -7.68
N LEU A 56 2.38 5.19 -6.48
CA LEU A 56 1.36 5.15 -5.43
C LEU A 56 0.30 6.20 -5.69
N PHE A 57 -0.96 5.85 -5.47
CA PHE A 57 -2.06 6.79 -5.63
C PHE A 57 -2.80 6.96 -4.30
N PRO A 58 -2.38 7.94 -3.47
CA PRO A 58 -3.05 8.19 -2.20
C PRO A 58 -4.44 8.77 -2.38
N ASP A 59 -5.36 8.35 -1.54
CA ASP A 59 -6.67 8.96 -1.51
C ASP A 59 -6.72 9.91 -0.35
N ASN A 60 -6.92 11.17 -0.62
CA ASN A 60 -6.81 12.16 0.42
C ASN A 60 -8.06 12.28 1.26
N PHE A 61 -8.11 11.46 2.28
CA PHE A 61 -9.10 11.59 3.33
C PHE A 61 -8.76 12.83 4.13
N ALA A 62 -7.46 13.04 4.30
CA ALA A 62 -6.91 14.22 4.95
C ALA A 62 -5.49 14.40 4.47
N LYS A 63 -5.01 15.61 4.45
CA LYS A 63 -3.66 15.88 4.02
C LYS A 63 -3.14 17.16 4.65
N GLY A 1 -9.13 -7.66 6.03
CA GLY A 1 -10.05 -8.61 6.70
C GLY A 1 -11.49 -8.28 6.39
N PRO A 2 -12.18 -9.11 5.57
CA PRO A 2 -13.57 -8.81 5.14
C PRO A 2 -14.52 -8.66 6.32
N LEU A 3 -15.44 -7.71 6.20
CA LEU A 3 -16.39 -7.34 7.26
C LEU A 3 -15.65 -7.08 8.57
N GLY A 4 -15.16 -5.88 8.72
CA GLY A 4 -14.43 -5.52 9.91
C GLY A 4 -13.27 -4.62 9.58
N SER A 5 -12.41 -5.06 8.69
CA SER A 5 -11.27 -4.28 8.31
C SER A 5 -11.00 -4.34 6.81
N LYS A 6 -11.84 -3.65 6.03
CA LYS A 6 -11.59 -3.53 4.60
C LYS A 6 -10.48 -2.52 4.37
N TYR A 7 -10.41 -1.51 5.21
CA TYR A 7 -9.31 -0.58 5.16
C TYR A 7 -8.13 -1.10 5.98
N GLU A 8 -7.56 -2.17 5.47
CA GLU A 8 -6.51 -2.86 6.15
C GLU A 8 -5.28 -2.92 5.27
N CYS A 9 -4.20 -2.37 5.76
CA CYS A 9 -2.91 -2.46 5.12
C CYS A 9 -2.35 -3.83 5.39
N PRO A 10 -2.14 -4.66 4.36
CA PRO A 10 -1.65 -6.03 4.54
C PRO A 10 -0.26 -6.07 5.19
N ILE A 11 0.47 -4.97 5.11
CA ILE A 11 1.78 -4.89 5.72
C ILE A 11 1.69 -4.95 7.25
N CYS A 12 0.76 -4.19 7.82
CA CYS A 12 0.66 -4.08 9.28
C CYS A 12 -0.56 -4.80 9.83
N LEU A 13 -1.55 -5.00 8.97
CA LEU A 13 -2.84 -5.61 9.33
C LEU A 13 -3.57 -4.83 10.42
N MET A 14 -3.25 -3.55 10.56
CA MET A 14 -3.94 -2.71 11.52
C MET A 14 -5.06 -1.93 10.84
N ALA A 15 -4.69 -1.05 9.94
CA ALA A 15 -5.62 -0.21 9.21
C ALA A 15 -4.87 0.46 8.09
N LEU A 16 -5.50 1.39 7.39
CA LEU A 16 -4.82 2.16 6.36
C LEU A 16 -4.59 3.58 6.83
N ARG A 17 -3.35 4.02 6.79
CA ARG A 17 -3.09 5.44 6.99
C ARG A 17 -3.05 6.13 5.65
N GLU A 18 -4.01 7.03 5.43
CA GLU A 18 -4.16 7.82 4.18
C GLU A 18 -4.58 6.95 2.99
N ALA A 19 -4.42 5.63 3.12
CA ALA A 19 -4.81 4.63 2.13
C ALA A 19 -4.29 4.94 0.73
N VAL A 20 -3.05 4.58 0.46
CA VAL A 20 -2.46 4.79 -0.86
C VAL A 20 -2.57 3.52 -1.69
N GLN A 21 -3.31 3.61 -2.76
CA GLN A 21 -3.52 2.50 -3.66
C GLN A 21 -2.35 2.35 -4.63
N THR A 22 -2.00 1.11 -4.93
CA THR A 22 -1.01 0.82 -5.94
C THR A 22 -1.72 0.58 -7.29
N PRO A 23 -0.99 0.62 -8.42
CA PRO A 23 -1.57 0.34 -9.75
C PRO A 23 -2.22 -1.05 -9.80
N CYS A 24 -1.63 -2.00 -9.09
CA CYS A 24 -2.18 -3.34 -9.01
C CYS A 24 -3.50 -3.41 -8.23
N GLY A 25 -3.80 -2.34 -7.49
CA GLY A 25 -5.05 -2.28 -6.76
C GLY A 25 -4.92 -2.71 -5.32
N HIS A 26 -3.73 -2.62 -4.78
CA HIS A 26 -3.51 -2.98 -3.40
C HIS A 26 -3.29 -1.71 -2.61
N ARG A 27 -3.99 -1.56 -1.52
CA ARG A 27 -3.93 -0.32 -0.79
C ARG A 27 -3.12 -0.51 0.48
N PHE A 28 -2.21 0.39 0.72
CA PHE A 28 -1.31 0.31 1.86
C PHE A 28 -1.26 1.65 2.57
N CYS A 29 -0.69 1.67 3.75
CA CYS A 29 -0.49 2.92 4.44
C CYS A 29 0.59 3.72 3.75
N LYS A 30 0.45 5.03 3.81
CA LYS A 30 1.38 5.96 3.20
C LYS A 30 2.76 5.95 3.91
N ALA A 31 2.85 5.20 4.98
CA ALA A 31 4.09 5.08 5.72
C ALA A 31 4.62 3.65 5.64
N CYS A 32 3.71 2.68 5.71
CA CYS A 32 4.12 1.28 5.64
C CYS A 32 4.70 0.93 4.28
N ILE A 33 4.02 1.34 3.22
CA ILE A 33 4.44 0.93 1.87
C ILE A 33 5.80 1.51 1.49
N ILE A 34 6.03 2.78 1.83
CA ILE A 34 7.28 3.44 1.50
C ILE A 34 8.45 2.76 2.21
N LYS A 35 8.24 2.43 3.47
CA LYS A 35 9.29 1.86 4.30
C LYS A 35 9.44 0.35 4.01
N SER A 36 8.62 -0.16 3.14
CA SER A 36 8.74 -1.56 2.76
C SER A 36 9.32 -1.71 1.35
N ILE A 37 9.25 -0.66 0.54
CA ILE A 37 9.67 -0.78 -0.86
C ILE A 37 11.04 -0.16 -1.10
N ARG A 38 11.42 0.78 -0.28
CA ARG A 38 12.76 1.36 -0.40
C ARG A 38 13.69 0.74 0.61
N ASP A 39 13.18 -0.28 1.29
CA ASP A 39 13.93 -0.97 2.34
C ASP A 39 14.19 -2.41 1.91
N ALA A 40 13.12 -3.13 1.60
CA ALA A 40 13.24 -4.52 1.18
C ALA A 40 13.44 -4.60 -0.32
N GLY A 41 12.41 -4.23 -1.07
CA GLY A 41 12.50 -4.21 -2.51
C GLY A 41 11.35 -3.44 -3.09
N HIS A 42 11.48 -2.98 -4.32
CA HIS A 42 10.44 -2.16 -4.93
C HIS A 42 9.38 -3.00 -5.60
N LYS A 43 8.68 -3.75 -4.78
CA LYS A 43 7.58 -4.57 -5.22
C LYS A 43 6.62 -4.79 -4.08
N CYS A 44 5.35 -4.95 -4.38
CA CYS A 44 4.37 -5.18 -3.35
C CYS A 44 4.53 -6.57 -2.71
N PRO A 45 4.46 -6.64 -1.37
CA PRO A 45 4.77 -7.87 -0.62
C PRO A 45 3.86 -9.06 -0.93
N VAL A 46 2.66 -8.79 -1.41
CA VAL A 46 1.71 -9.86 -1.66
C VAL A 46 1.78 -10.43 -3.09
N ASP A 47 1.64 -9.58 -4.09
CA ASP A 47 1.60 -10.05 -5.48
C ASP A 47 2.92 -9.79 -6.23
N ASN A 48 3.91 -9.28 -5.49
CA ASN A 48 5.30 -9.09 -5.97
C ASN A 48 5.43 -8.32 -7.31
N GLU A 49 4.54 -7.38 -7.54
CA GLU A 49 4.61 -6.56 -8.75
C GLU A 49 5.53 -5.38 -8.50
N ILE A 50 6.24 -4.94 -9.53
CA ILE A 50 7.21 -3.87 -9.38
C ILE A 50 6.49 -2.58 -9.03
N LEU A 51 6.84 -2.04 -7.89
CA LEU A 51 6.17 -0.89 -7.35
C LEU A 51 7.13 0.27 -7.17
N LEU A 52 6.72 1.41 -7.67
CA LEU A 52 7.50 2.61 -7.57
C LEU A 52 6.80 3.60 -6.67
N GLU A 53 7.57 4.47 -6.05
CA GLU A 53 7.04 5.49 -5.14
C GLU A 53 6.15 6.46 -5.92
N ASN A 54 6.55 6.76 -7.13
CA ASN A 54 5.78 7.62 -8.04
C ASN A 54 4.45 6.97 -8.39
N GLN A 55 4.44 5.64 -8.42
CA GLN A 55 3.26 4.87 -8.82
C GLN A 55 2.22 4.76 -7.71
N LEU A 56 2.56 5.21 -6.51
CA LEU A 56 1.60 5.21 -5.43
C LEU A 56 0.59 6.32 -5.67
N PHE A 57 -0.67 5.99 -5.54
CA PHE A 57 -1.74 6.95 -5.74
C PHE A 57 -1.85 7.89 -4.55
N PRO A 58 -2.43 9.08 -4.76
CA PRO A 58 -2.65 10.06 -3.69
C PRO A 58 -3.63 9.55 -2.64
N ASP A 59 -3.66 10.23 -1.50
CA ASP A 59 -4.45 9.81 -0.35
C ASP A 59 -5.93 9.61 -0.68
N ASN A 60 -6.54 8.68 0.03
CA ASN A 60 -7.93 8.31 -0.15
C ASN A 60 -8.87 9.48 0.08
N PHE A 61 -9.08 9.81 1.33
CA PHE A 61 -10.01 10.84 1.71
C PHE A 61 -9.69 11.32 3.10
N ALA A 62 -9.66 12.64 3.29
CA ALA A 62 -9.41 13.21 4.59
C ALA A 62 -10.58 12.93 5.52
N LYS A 63 -10.42 11.91 6.34
CA LYS A 63 -11.46 11.49 7.23
C LYS A 63 -10.87 11.39 8.63
N GLY A 1 -7.82 -11.09 5.53
CA GLY A 1 -8.92 -12.08 5.52
C GLY A 1 -9.39 -12.37 4.11
N PRO A 2 -10.67 -12.78 3.95
CA PRO A 2 -11.27 -13.12 2.64
C PRO A 2 -11.13 -12.00 1.61
N LEU A 3 -11.23 -10.76 2.06
CA LEU A 3 -11.02 -9.64 1.17
C LEU A 3 -9.69 -8.97 1.46
N GLY A 4 -8.86 -8.90 0.44
CA GLY A 4 -7.61 -8.18 0.55
C GLY A 4 -7.71 -6.85 -0.15
N SER A 5 -8.82 -6.67 -0.83
CA SER A 5 -9.09 -5.49 -1.60
C SER A 5 -9.70 -4.39 -0.73
N LYS A 6 -9.99 -4.73 0.51
CA LYS A 6 -10.57 -3.80 1.44
C LYS A 6 -9.49 -2.90 2.02
N TYR A 7 -9.87 -1.97 2.86
CA TYR A 7 -8.93 -0.97 3.32
C TYR A 7 -8.21 -1.40 4.57
N GLU A 8 -7.14 -2.15 4.35
CA GLU A 8 -6.28 -2.69 5.38
C GLU A 8 -5.06 -3.26 4.69
N CYS A 9 -3.88 -2.87 5.11
CA CYS A 9 -2.68 -3.34 4.45
C CYS A 9 -2.14 -4.58 5.15
N PRO A 10 -1.77 -5.62 4.37
CA PRO A 10 -1.27 -6.89 4.91
C PRO A 10 -0.01 -6.70 5.77
N ILE A 11 0.67 -5.59 5.56
CA ILE A 11 1.91 -5.30 6.25
C ILE A 11 1.70 -5.12 7.77
N CYS A 12 0.68 -4.38 8.17
CA CYS A 12 0.45 -4.14 9.59
C CYS A 12 -0.93 -4.64 10.04
N LEU A 13 -1.83 -4.79 9.07
CA LEU A 13 -3.24 -5.13 9.32
C LEU A 13 -3.94 -4.06 10.15
N MET A 14 -3.46 -2.83 10.05
CA MET A 14 -4.11 -1.70 10.71
C MET A 14 -4.90 -0.89 9.70
N ALA A 15 -5.61 0.12 10.17
CA ALA A 15 -6.33 1.03 9.31
C ALA A 15 -5.34 1.89 8.52
N LEU A 16 -5.71 2.26 7.31
CA LEU A 16 -4.81 3.01 6.45
C LEU A 16 -4.80 4.48 6.88
N ARG A 17 -3.61 5.04 7.05
CA ARG A 17 -3.51 6.45 7.47
C ARG A 17 -3.99 7.39 6.36
N GLU A 18 -3.33 7.33 5.20
CA GLU A 18 -3.67 8.20 4.08
C GLU A 18 -4.37 7.40 2.99
N ALA A 19 -4.26 6.07 3.11
CA ALA A 19 -4.82 5.12 2.15
C ALA A 19 -4.21 5.30 0.76
N VAL A 20 -3.12 4.60 0.49
CA VAL A 20 -2.48 4.71 -0.80
C VAL A 20 -2.74 3.46 -1.64
N GLN A 21 -3.42 3.68 -2.75
CA GLN A 21 -3.71 2.64 -3.71
C GLN A 21 -2.50 2.42 -4.60
N THR A 22 -2.19 1.18 -4.85
CA THR A 22 -1.13 0.83 -5.77
C THR A 22 -1.70 0.59 -7.17
N PRO A 23 -0.86 0.65 -8.23
CA PRO A 23 -1.31 0.39 -9.61
C PRO A 23 -1.99 -0.97 -9.76
N CYS A 24 -1.49 -1.97 -9.05
CA CYS A 24 -2.08 -3.29 -9.09
C CYS A 24 -3.45 -3.33 -8.40
N GLY A 25 -3.70 -2.35 -7.51
CA GLY A 25 -5.01 -2.23 -6.90
C GLY A 25 -5.04 -2.51 -5.41
N HIS A 26 -3.89 -2.75 -4.82
CA HIS A 26 -3.84 -3.07 -3.40
C HIS A 26 -3.77 -1.77 -2.62
N ARG A 27 -4.40 -1.72 -1.48
CA ARG A 27 -4.32 -0.53 -0.64
C ARG A 27 -3.34 -0.76 0.50
N PHE A 28 -2.46 0.20 0.72
CA PHE A 28 -1.47 0.13 1.78
C PHE A 28 -1.43 1.44 2.56
N CYS A 29 -0.80 1.41 3.73
CA CYS A 29 -0.57 2.62 4.49
C CYS A 29 0.65 3.34 3.93
N LYS A 30 0.74 4.61 4.22
CA LYS A 30 1.74 5.49 3.62
C LYS A 30 3.12 5.28 4.26
N ALA A 31 3.14 4.57 5.37
CA ALA A 31 4.41 4.34 6.05
C ALA A 31 4.74 2.85 6.01
N CYS A 32 3.79 2.05 5.60
CA CYS A 32 4.01 0.63 5.48
C CYS A 32 4.62 0.27 4.13
N ILE A 33 3.93 0.64 3.05
CA ILE A 33 4.39 0.28 1.72
C ILE A 33 5.70 0.98 1.34
N ILE A 34 5.83 2.25 1.69
CA ILE A 34 7.00 3.02 1.34
C ILE A 34 8.26 2.45 2.00
N LYS A 35 8.15 2.09 3.27
CA LYS A 35 9.30 1.59 4.01
C LYS A 35 9.57 0.12 3.67
N SER A 36 8.74 -0.45 2.82
CA SER A 36 8.96 -1.80 2.41
C SER A 36 9.51 -1.85 0.99
N ILE A 37 9.37 -0.74 0.26
CA ILE A 37 9.81 -0.72 -1.12
C ILE A 37 11.11 0.06 -1.32
N ARG A 38 11.36 1.05 -0.49
CA ARG A 38 12.61 1.80 -0.61
C ARG A 38 13.65 1.29 0.36
N ASP A 39 13.29 0.25 1.11
CA ASP A 39 14.19 -0.34 2.07
C ASP A 39 14.53 -1.78 1.69
N ALA A 40 13.51 -2.61 1.49
CA ALA A 40 13.72 -4.00 1.08
C ALA A 40 13.91 -4.09 -0.43
N GLY A 41 12.85 -3.84 -1.16
CA GLY A 41 12.92 -3.84 -2.61
C GLY A 41 11.71 -3.18 -3.19
N HIS A 42 11.82 -2.65 -4.39
CA HIS A 42 10.70 -1.94 -5.00
C HIS A 42 9.70 -2.90 -5.61
N LYS A 43 8.99 -3.61 -4.76
CA LYS A 43 7.97 -4.54 -5.19
C LYS A 43 6.81 -4.56 -4.21
N CYS A 44 5.64 -4.89 -4.73
CA CYS A 44 4.46 -5.06 -3.96
C CYS A 44 4.59 -6.41 -3.22
N PRO A 45 4.50 -6.40 -1.88
CA PRO A 45 4.78 -7.58 -1.04
C PRO A 45 3.91 -8.79 -1.36
N VAL A 46 2.68 -8.55 -1.76
CA VAL A 46 1.73 -9.64 -1.93
C VAL A 46 1.83 -10.34 -3.29
N ASP A 47 1.83 -9.59 -4.38
CA ASP A 47 1.80 -10.21 -5.71
C ASP A 47 3.15 -10.14 -6.40
N ASN A 48 4.15 -9.65 -5.68
CA ASN A 48 5.54 -9.56 -6.17
C ASN A 48 5.65 -8.77 -7.48
N GLU A 49 4.79 -7.79 -7.64
CA GLU A 49 4.86 -6.88 -8.79
C GLU A 49 5.78 -5.74 -8.46
N ILE A 50 6.46 -5.19 -9.45
CA ILE A 50 7.32 -4.04 -9.22
C ILE A 50 6.48 -2.85 -8.84
N LEU A 51 6.76 -2.31 -7.67
CA LEU A 51 6.00 -1.22 -7.14
C LEU A 51 6.93 -0.05 -6.90
N LEU A 52 6.67 1.04 -7.56
CA LEU A 52 7.52 2.21 -7.43
C LEU A 52 6.85 3.23 -6.52
N GLU A 53 7.67 4.06 -5.88
CA GLU A 53 7.22 5.02 -4.87
C GLU A 53 6.28 6.06 -5.48
N ASN A 54 6.59 6.50 -6.67
CA ASN A 54 5.78 7.51 -7.40
C ASN A 54 4.42 6.96 -7.82
N GLN A 55 4.31 5.64 -7.90
CA GLN A 55 3.13 4.97 -8.44
C GLN A 55 1.94 4.99 -7.47
N LEU A 56 2.17 5.42 -6.24
CA LEU A 56 1.12 5.39 -5.22
C LEU A 56 0.05 6.46 -5.45
N PHE A 57 -1.20 6.06 -5.25
CA PHE A 57 -2.34 6.98 -5.38
C PHE A 57 -3.00 7.19 -4.00
N PRO A 58 -2.81 8.37 -3.40
CA PRO A 58 -3.44 8.72 -2.12
C PRO A 58 -4.94 8.96 -2.28
N ASP A 59 -5.68 8.79 -1.19
CA ASP A 59 -7.14 8.97 -1.22
C ASP A 59 -7.50 10.40 -1.61
N ASN A 60 -8.46 10.53 -2.51
CA ASN A 60 -8.85 11.83 -3.05
C ASN A 60 -9.41 12.76 -1.99
N PHE A 61 -10.30 12.24 -1.14
CA PHE A 61 -10.92 13.03 -0.09
C PHE A 61 -9.89 13.45 0.97
N ALA A 62 -9.07 12.50 1.38
CA ALA A 62 -8.05 12.75 2.39
C ALA A 62 -6.86 13.47 1.76
N LYS A 63 -6.94 14.78 1.73
CA LYS A 63 -5.96 15.61 1.05
C LYS A 63 -4.73 15.83 1.92
N GLY A 1 -17.91 -5.36 13.58
CA GLY A 1 -18.52 -4.43 12.61
C GLY A 1 -18.60 -5.04 11.23
N PRO A 2 -17.56 -4.88 10.41
CA PRO A 2 -17.50 -5.47 9.07
C PRO A 2 -17.32 -6.99 9.14
N LEU A 3 -17.80 -7.69 8.13
CA LEU A 3 -17.61 -9.12 8.09
C LEU A 3 -16.33 -9.41 7.33
N GLY A 4 -15.39 -10.04 8.00
CA GLY A 4 -14.09 -10.30 7.41
C GLY A 4 -13.17 -9.11 7.62
N SER A 5 -11.92 -9.26 7.27
CA SER A 5 -11.00 -8.16 7.40
C SER A 5 -10.60 -7.62 6.04
N LYS A 6 -10.91 -6.36 5.81
CA LYS A 6 -10.62 -5.69 4.55
C LYS A 6 -10.29 -4.23 4.83
N TYR A 7 -9.85 -3.51 3.80
CA TYR A 7 -9.38 -2.12 3.95
C TYR A 7 -8.18 -2.10 4.90
N GLU A 8 -7.35 -3.11 4.78
CA GLU A 8 -6.24 -3.28 5.67
C GLU A 8 -4.92 -3.33 4.91
N CYS A 9 -3.95 -2.57 5.41
CA CYS A 9 -2.61 -2.62 4.93
C CYS A 9 -1.92 -3.84 5.56
N PRO A 10 -1.63 -4.88 4.76
CA PRO A 10 -1.06 -6.13 5.25
C PRO A 10 0.31 -5.95 5.90
N ILE A 11 0.95 -4.85 5.59
CA ILE A 11 2.27 -4.54 6.13
C ILE A 11 2.21 -4.31 7.65
N CYS A 12 1.21 -3.56 8.09
CA CYS A 12 1.09 -3.23 9.50
C CYS A 12 0.06 -4.11 10.21
N LEU A 13 -0.84 -4.70 9.42
CA LEU A 13 -1.94 -5.55 9.91
C LEU A 13 -2.94 -4.74 10.75
N MET A 14 -2.95 -3.43 10.56
CA MET A 14 -3.89 -2.61 11.31
C MET A 14 -5.09 -2.25 10.45
N ALA A 15 -4.85 -1.40 9.47
CA ALA A 15 -5.89 -0.84 8.62
C ALA A 15 -5.20 -0.01 7.55
N LEU A 16 -5.94 0.85 6.89
CA LEU A 16 -5.34 1.78 5.95
C LEU A 16 -5.35 3.16 6.57
N ARG A 17 -4.20 3.78 6.62
CA ARG A 17 -4.15 5.15 7.11
C ARG A 17 -4.48 6.11 5.98
N GLU A 18 -3.56 6.26 5.04
CA GLU A 18 -3.79 7.13 3.91
C GLU A 18 -4.45 6.40 2.75
N ALA A 19 -4.40 5.07 2.80
CA ALA A 19 -4.92 4.21 1.73
C ALA A 19 -4.36 4.59 0.36
N VAL A 20 -3.13 4.18 0.12
CA VAL A 20 -2.49 4.48 -1.13
C VAL A 20 -2.72 3.34 -2.12
N GLN A 21 -3.41 3.65 -3.20
CA GLN A 21 -3.68 2.66 -4.22
C GLN A 21 -2.49 2.46 -5.13
N THR A 22 -2.12 1.23 -5.32
CA THR A 22 -1.05 0.86 -6.19
C THR A 22 -1.59 0.57 -7.59
N PRO A 23 -0.72 0.52 -8.63
CA PRO A 23 -1.14 0.21 -10.00
C PRO A 23 -1.90 -1.12 -10.10
N CYS A 24 -1.48 -2.10 -9.31
CA CYS A 24 -2.09 -3.41 -9.32
C CYS A 24 -3.50 -3.40 -8.73
N GLY A 25 -3.82 -2.39 -7.94
CA GLY A 25 -5.13 -2.29 -7.33
C GLY A 25 -5.14 -2.63 -5.86
N HIS A 26 -4.01 -2.44 -5.20
CA HIS A 26 -3.90 -2.74 -3.78
C HIS A 26 -3.69 -1.46 -3.00
N ARG A 27 -4.09 -1.47 -1.74
CA ARG A 27 -3.98 -0.26 -0.94
C ARG A 27 -3.15 -0.50 0.32
N PHE A 28 -2.30 0.47 0.63
CA PHE A 28 -1.39 0.39 1.76
C PHE A 28 -1.33 1.74 2.48
N CYS A 29 -0.66 1.80 3.60
CA CYS A 29 -0.47 3.06 4.30
C CYS A 29 0.74 3.81 3.74
N LYS A 30 0.72 5.13 3.87
CA LYS A 30 1.75 6.01 3.32
C LYS A 30 3.09 5.84 4.04
N ALA A 31 3.07 5.18 5.17
CA ALA A 31 4.29 5.04 5.94
C ALA A 31 4.71 3.58 6.03
N CYS A 32 3.81 2.69 5.66
CA CYS A 32 4.12 1.29 5.66
C CYS A 32 4.75 0.87 4.33
N ILE A 33 4.11 1.27 3.23
CA ILE A 33 4.52 0.81 1.91
C ILE A 33 5.89 1.34 1.48
N ILE A 34 6.18 2.60 1.81
CA ILE A 34 7.43 3.22 1.41
C ILE A 34 8.62 2.49 2.04
N LYS A 35 8.48 2.14 3.31
CA LYS A 35 9.53 1.46 4.06
C LYS A 35 9.57 -0.02 3.68
N SER A 36 8.69 -0.43 2.81
CA SER A 36 8.68 -1.79 2.33
C SER A 36 9.23 -1.84 0.90
N ILE A 37 9.19 -0.71 0.19
CA ILE A 37 9.63 -0.71 -1.19
C ILE A 37 11.00 -0.04 -1.39
N ARG A 38 11.36 0.91 -0.53
CA ARG A 38 12.69 1.52 -0.67
C ARG A 38 13.68 0.87 0.25
N ASP A 39 13.19 -0.01 1.10
CA ASP A 39 14.04 -0.63 2.10
C ASP A 39 14.17 -2.12 1.86
N ALA A 40 13.07 -2.76 1.50
CA ALA A 40 13.08 -4.18 1.18
C ALA A 40 13.32 -4.37 -0.32
N GLY A 41 12.29 -4.07 -1.10
CA GLY A 41 12.39 -4.18 -2.53
C GLY A 41 11.24 -3.46 -3.18
N HIS A 42 11.40 -3.06 -4.42
CA HIS A 42 10.37 -2.28 -5.10
C HIS A 42 9.27 -3.17 -5.66
N LYS A 43 8.50 -3.75 -4.76
CA LYS A 43 7.42 -4.63 -5.09
C LYS A 43 6.37 -4.53 -4.00
N CYS A 44 5.13 -4.80 -4.33
CA CYS A 44 4.12 -4.91 -3.31
C CYS A 44 4.25 -6.26 -2.62
N PRO A 45 4.22 -6.28 -1.27
CA PRO A 45 4.53 -7.47 -0.47
C PRO A 45 3.59 -8.65 -0.71
N VAL A 46 2.38 -8.38 -1.18
CA VAL A 46 1.40 -9.42 -1.33
C VAL A 46 1.42 -10.10 -2.71
N ASP A 47 1.16 -9.33 -3.77
CA ASP A 47 1.10 -9.92 -5.11
C ASP A 47 2.38 -9.69 -5.90
N ASN A 48 3.37 -9.10 -5.25
CA ASN A 48 4.74 -8.96 -5.79
C ASN A 48 4.82 -8.25 -7.14
N GLU A 49 3.97 -7.29 -7.37
CA GLU A 49 4.08 -6.47 -8.56
C GLU A 49 5.08 -5.36 -8.33
N ILE A 50 5.74 -4.92 -9.39
CA ILE A 50 6.78 -3.88 -9.27
C ILE A 50 6.14 -2.57 -8.84
N LEU A 51 6.58 -2.05 -7.72
CA LEU A 51 6.01 -0.86 -7.17
C LEU A 51 7.08 0.19 -6.88
N LEU A 52 6.84 1.40 -7.36
CA LEU A 52 7.75 2.52 -7.15
C LEU A 52 7.08 3.56 -6.27
N GLU A 53 7.87 4.37 -5.60
CA GLU A 53 7.37 5.41 -4.70
C GLU A 53 6.50 6.41 -5.46
N ASN A 54 6.92 6.75 -6.68
CA ASN A 54 6.15 7.70 -7.49
C ASN A 54 4.88 7.06 -8.07
N GLN A 55 4.78 5.74 -7.94
CA GLN A 55 3.62 5.00 -8.41
C GLN A 55 2.56 4.87 -7.31
N LEU A 56 2.94 5.29 -6.11
CA LEU A 56 2.06 5.25 -4.96
C LEU A 56 1.00 6.34 -5.05
N PHE A 57 -0.13 6.11 -4.38
CA PHE A 57 -1.28 7.03 -4.33
C PHE A 57 -2.14 6.91 -5.58
N PRO A 58 -3.46 7.16 -5.45
CA PRO A 58 -4.37 7.21 -6.59
C PRO A 58 -3.95 8.33 -7.52
N ASP A 59 -4.18 8.14 -8.82
CA ASP A 59 -3.74 9.12 -9.81
C ASP A 59 -4.34 10.48 -9.54
N ASN A 60 -3.50 11.39 -9.10
CA ASN A 60 -3.92 12.75 -8.87
C ASN A 60 -2.78 13.72 -9.11
N PHE A 61 -3.07 14.77 -9.83
CA PHE A 61 -2.12 15.82 -10.06
C PHE A 61 -2.69 17.13 -9.58
N ALA A 62 -2.20 17.57 -8.45
CA ALA A 62 -2.72 18.75 -7.80
C ALA A 62 -1.61 19.45 -7.06
N LYS A 63 -1.88 20.68 -6.66
CA LYS A 63 -0.94 21.44 -5.87
C LYS A 63 -1.55 21.64 -4.50
N GLY A 1 -17.50 -10.85 11.81
CA GLY A 1 -16.07 -10.94 11.49
C GLY A 1 -15.82 -10.61 10.04
N PRO A 2 -14.69 -9.95 9.71
CA PRO A 2 -14.39 -9.55 8.33
C PRO A 2 -14.29 -10.74 7.38
N LEU A 3 -14.84 -10.58 6.18
CA LEU A 3 -14.77 -11.61 5.15
C LEU A 3 -13.33 -11.82 4.69
N GLY A 4 -12.64 -10.73 4.51
CA GLY A 4 -11.27 -10.72 4.05
C GLY A 4 -10.86 -9.29 3.83
N SER A 5 -10.63 -8.60 4.92
CA SER A 5 -10.47 -7.17 4.90
C SER A 5 -9.13 -6.71 4.34
N LYS A 6 -9.14 -6.27 3.09
CA LYS A 6 -7.98 -5.66 2.47
C LYS A 6 -7.95 -4.17 2.78
N TYR A 7 -9.02 -3.71 3.42
CA TYR A 7 -9.11 -2.37 3.99
C TYR A 7 -8.06 -2.21 5.10
N GLU A 8 -7.55 -3.33 5.56
CA GLU A 8 -6.50 -3.33 6.51
C GLU A 8 -5.18 -3.58 5.81
N CYS A 9 -4.30 -2.59 5.86
CA CYS A 9 -2.98 -2.66 5.28
C CYS A 9 -2.24 -3.85 5.87
N PRO A 10 -1.95 -4.87 5.05
CA PRO A 10 -1.36 -6.15 5.53
C PRO A 10 0.01 -5.94 6.15
N ILE A 11 0.65 -4.85 5.82
CA ILE A 11 1.96 -4.54 6.36
C ILE A 11 1.87 -4.26 7.87
N CYS A 12 0.87 -3.49 8.29
CA CYS A 12 0.75 -3.10 9.68
C CYS A 12 -0.40 -3.81 10.39
N LEU A 13 -1.35 -4.31 9.60
CA LEU A 13 -2.59 -4.94 10.10
C LEU A 13 -3.37 -3.99 11.02
N MET A 14 -3.26 -2.69 10.78
CA MET A 14 -4.07 -1.74 11.51
C MET A 14 -5.30 -1.37 10.70
N ALA A 15 -5.06 -0.70 9.58
CA ALA A 15 -6.09 -0.18 8.68
C ALA A 15 -5.36 0.51 7.55
N LEU A 16 -6.07 1.18 6.67
CA LEU A 16 -5.39 1.96 5.63
C LEU A 16 -5.24 3.38 6.11
N ARG A 17 -4.02 3.73 6.51
CA ARG A 17 -3.72 5.05 7.01
C ARG A 17 -3.86 6.09 5.90
N GLU A 18 -3.33 5.76 4.74
CA GLU A 18 -3.41 6.68 3.61
C GLU A 18 -4.09 6.04 2.41
N ALA A 19 -4.20 4.71 2.45
CA ALA A 19 -4.88 3.94 1.41
C ALA A 19 -4.34 4.24 0.02
N VAL A 20 -3.05 4.07 -0.17
CA VAL A 20 -2.44 4.30 -1.46
C VAL A 20 -2.75 3.13 -2.38
N GLN A 21 -3.48 3.41 -3.43
CA GLN A 21 -3.92 2.40 -4.35
C GLN A 21 -2.80 2.04 -5.33
N THR A 22 -2.43 0.79 -5.33
CA THR A 22 -1.40 0.32 -6.21
C THR A 22 -2.05 -0.12 -7.54
N PRO A 23 -1.26 -0.22 -8.62
CA PRO A 23 -1.76 -0.66 -9.94
C PRO A 23 -2.40 -2.04 -9.85
N CYS A 24 -1.90 -2.86 -8.94
CA CYS A 24 -2.41 -4.20 -8.73
C CYS A 24 -3.85 -4.21 -8.18
N GLY A 25 -4.31 -3.07 -7.69
CA GLY A 25 -5.70 -2.96 -7.25
C GLY A 25 -5.87 -2.98 -5.75
N HIS A 26 -4.79 -2.99 -5.01
CA HIS A 26 -4.87 -3.00 -3.55
C HIS A 26 -4.24 -1.77 -2.93
N ARG A 27 -4.47 -1.58 -1.64
CA ARG A 27 -4.11 -0.32 -0.98
C ARG A 27 -3.26 -0.55 0.26
N PHE A 28 -2.30 0.32 0.48
CA PHE A 28 -1.41 0.26 1.64
C PHE A 28 -1.33 1.63 2.30
N CYS A 29 -0.73 1.71 3.47
CA CYS A 29 -0.48 3.00 4.09
C CYS A 29 0.76 3.60 3.46
N LYS A 30 0.81 4.92 3.38
CA LYS A 30 1.90 5.60 2.68
C LYS A 30 3.24 5.47 3.43
N ALA A 31 3.19 5.02 4.66
CA ALA A 31 4.41 4.94 5.44
C ALA A 31 4.76 3.49 5.70
N CYS A 32 3.79 2.62 5.53
CA CYS A 32 4.03 1.21 5.60
C CYS A 32 4.63 0.72 4.29
N ILE A 33 4.05 1.16 3.19
CA ILE A 33 4.48 0.72 1.87
C ILE A 33 5.90 1.20 1.55
N ILE A 34 6.21 2.45 1.89
CA ILE A 34 7.51 3.03 1.61
C ILE A 34 8.61 2.27 2.34
N LYS A 35 8.35 1.93 3.60
CA LYS A 35 9.37 1.31 4.42
C LYS A 35 9.50 -0.19 4.08
N SER A 36 8.66 -0.64 3.17
CA SER A 36 8.72 -2.01 2.71
C SER A 36 9.34 -2.08 1.32
N ILE A 37 9.28 -0.98 0.57
CA ILE A 37 9.81 -0.97 -0.79
C ILE A 37 11.14 -0.25 -0.89
N ARG A 38 11.58 0.36 0.21
CA ARG A 38 12.87 1.03 0.23
C ARG A 38 13.94 0.11 0.81
N ASP A 39 13.50 -0.94 1.50
CA ASP A 39 14.43 -1.83 2.20
C ASP A 39 14.43 -3.23 1.64
N ALA A 40 13.26 -3.85 1.61
CA ALA A 40 13.12 -5.21 1.12
C ALA A 40 13.33 -5.27 -0.39
N GLY A 41 12.43 -4.65 -1.11
CA GLY A 41 12.54 -4.58 -2.54
C GLY A 41 11.59 -3.55 -3.08
N HIS A 42 11.89 -3.01 -4.24
CA HIS A 42 11.09 -1.95 -4.83
C HIS A 42 9.92 -2.56 -5.60
N LYS A 43 9.17 -3.38 -4.89
CA LYS A 43 8.07 -4.13 -5.44
C LYS A 43 7.01 -4.29 -4.38
N CYS A 44 5.78 -4.47 -4.84
CA CYS A 44 4.65 -4.66 -3.96
C CYS A 44 4.87 -5.93 -3.12
N PRO A 45 4.85 -5.81 -1.78
CA PRO A 45 5.22 -6.92 -0.87
C PRO A 45 4.39 -8.18 -1.06
N VAL A 46 3.13 -8.02 -1.37
CA VAL A 46 2.20 -9.15 -1.40
C VAL A 46 2.25 -9.96 -2.69
N ASP A 47 2.24 -9.31 -3.82
CA ASP A 47 2.13 -10.00 -5.10
C ASP A 47 3.37 -9.84 -5.97
N ASN A 48 4.40 -9.23 -5.41
CA ASN A 48 5.70 -9.05 -6.10
C ASN A 48 5.57 -8.33 -7.44
N GLU A 49 4.63 -7.41 -7.52
CA GLU A 49 4.45 -6.61 -8.71
C GLU A 49 5.25 -5.31 -8.59
N ILE A 50 5.70 -4.79 -9.72
CA ILE A 50 6.55 -3.60 -9.72
C ILE A 50 5.75 -2.39 -9.24
N LEU A 51 6.24 -1.77 -8.19
CA LEU A 51 5.59 -0.62 -7.63
C LEU A 51 6.56 0.53 -7.53
N LEU A 52 6.18 1.66 -8.07
CA LEU A 52 6.97 2.87 -7.99
C LEU A 52 6.43 3.79 -6.91
N GLU A 53 7.35 4.46 -6.25
CA GLU A 53 7.06 5.32 -5.12
C GLU A 53 6.25 6.53 -5.58
N ASN A 54 6.55 7.01 -6.78
CA ASN A 54 5.82 8.12 -7.39
C ASN A 54 4.36 7.77 -7.70
N GLN A 55 4.10 6.49 -7.98
CA GLN A 55 2.74 6.02 -8.27
C GLN A 55 1.83 6.16 -7.06
N LEU A 56 2.43 6.09 -5.89
CA LEU A 56 1.70 6.14 -4.65
C LEU A 56 1.14 7.55 -4.40
N PHE A 57 -0.06 7.61 -3.86
CA PHE A 57 -0.77 8.86 -3.62
C PHE A 57 -0.04 9.73 -2.59
N PRO A 58 -0.07 11.07 -2.80
CA PRO A 58 0.55 12.04 -1.87
C PRO A 58 -0.02 11.92 -0.46
N ASP A 59 -1.35 11.79 -0.35
CA ASP A 59 -2.03 11.75 0.95
C ASP A 59 -3.53 11.56 0.79
N ASN A 60 -4.16 11.00 1.81
CA ASN A 60 -5.62 10.98 1.88
C ASN A 60 -6.07 11.78 3.09
N PHE A 61 -5.09 12.28 3.83
CA PHE A 61 -5.31 13.01 5.06
C PHE A 61 -4.90 14.45 4.87
N ALA A 62 -5.83 15.36 5.10
CA ALA A 62 -5.55 16.77 4.97
C ALA A 62 -4.60 17.21 6.08
N LYS A 63 -3.53 17.87 5.69
CA LYS A 63 -2.52 18.27 6.63
C LYS A 63 -2.72 19.73 6.99
N GLY A 1 -19.96 -7.64 8.64
CA GLY A 1 -18.98 -8.36 9.49
C GLY A 1 -17.68 -7.59 9.60
N PRO A 2 -16.58 -8.25 9.99
CA PRO A 2 -15.27 -7.61 10.12
C PRO A 2 -14.70 -7.21 8.75
N LEU A 3 -13.89 -6.16 8.74
CA LEU A 3 -13.34 -5.63 7.51
C LEU A 3 -12.35 -6.61 6.87
N GLY A 4 -12.79 -7.26 5.81
CA GLY A 4 -11.95 -8.15 5.06
C GLY A 4 -11.69 -7.59 3.68
N SER A 5 -12.38 -6.50 3.36
CA SER A 5 -12.17 -5.79 2.12
C SER A 5 -10.82 -5.05 2.19
N LYS A 6 -10.17 -4.86 1.04
CA LYS A 6 -8.85 -4.23 1.04
C LYS A 6 -8.85 -2.73 1.29
N TYR A 7 -9.22 -2.40 2.51
CA TYR A 7 -9.05 -1.08 3.09
C TYR A 7 -8.16 -1.22 4.30
N GLU A 8 -7.53 -2.37 4.39
CA GLU A 8 -6.65 -2.71 5.47
C GLU A 8 -5.26 -2.96 4.92
N CYS A 9 -4.26 -2.44 5.60
CA CYS A 9 -2.88 -2.56 5.18
C CYS A 9 -2.34 -3.90 5.65
N PRO A 10 -2.05 -4.83 4.73
CA PRO A 10 -1.60 -6.17 5.10
C PRO A 10 -0.20 -6.15 5.72
N ILE A 11 0.53 -5.07 5.50
CA ILE A 11 1.86 -4.90 6.05
C ILE A 11 1.82 -4.78 7.57
N CYS A 12 0.87 -4.01 8.08
CA CYS A 12 0.78 -3.76 9.51
C CYS A 12 -0.44 -4.45 10.12
N LEU A 13 -1.27 -5.03 9.24
CA LEU A 13 -2.55 -5.65 9.62
C LEU A 13 -3.46 -4.65 10.33
N MET A 14 -3.37 -3.39 9.93
CA MET A 14 -4.20 -2.32 10.50
C MET A 14 -4.91 -1.55 9.40
N ALA A 15 -5.88 -0.73 9.81
CA ALA A 15 -6.64 0.12 8.91
C ALA A 15 -5.71 1.12 8.23
N LEU A 16 -6.06 1.53 7.02
CA LEU A 16 -5.18 2.37 6.23
C LEU A 16 -5.08 3.76 6.84
N ARG A 17 -3.89 4.13 7.23
CA ARG A 17 -3.65 5.44 7.83
C ARG A 17 -3.80 6.56 6.79
N GLU A 18 -3.22 6.36 5.63
CA GLU A 18 -3.31 7.34 4.56
C GLU A 18 -4.02 6.81 3.33
N ALA A 19 -4.14 5.48 3.27
CA ALA A 19 -4.77 4.78 2.14
C ALA A 19 -4.13 5.14 0.79
N VAL A 20 -3.09 4.42 0.41
CA VAL A 20 -2.48 4.65 -0.88
C VAL A 20 -2.83 3.54 -1.85
N GLN A 21 -3.53 3.92 -2.90
CA GLN A 21 -3.85 3.01 -3.98
C GLN A 21 -2.61 2.74 -4.80
N THR A 22 -2.37 1.48 -5.08
CA THR A 22 -1.22 1.07 -5.87
C THR A 22 -1.68 0.65 -7.27
N PRO A 23 -0.78 0.66 -8.26
CA PRO A 23 -1.10 0.28 -9.65
C PRO A 23 -1.55 -1.19 -9.77
N CYS A 24 -1.14 -2.02 -8.84
CA CYS A 24 -1.53 -3.42 -8.85
C CYS A 24 -2.95 -3.59 -8.29
N GLY A 25 -3.46 -2.56 -7.63
CA GLY A 25 -4.82 -2.60 -7.14
C GLY A 25 -4.93 -2.81 -5.65
N HIS A 26 -3.81 -2.78 -4.97
CA HIS A 26 -3.78 -2.99 -3.53
C HIS A 26 -3.71 -1.65 -2.79
N ARG A 27 -4.04 -1.67 -1.52
CA ARG A 27 -3.96 -0.47 -0.72
C ARG A 27 -3.08 -0.70 0.49
N PHE A 28 -2.25 0.27 0.78
CA PHE A 28 -1.33 0.22 1.91
C PHE A 28 -1.33 1.57 2.58
N CYS A 29 -0.77 1.66 3.77
CA CYS A 29 -0.55 2.95 4.38
C CYS A 29 0.63 3.64 3.70
N LYS A 30 0.67 4.96 3.79
CA LYS A 30 1.63 5.75 3.03
C LYS A 30 3.03 5.66 3.63
N ALA A 31 3.15 4.99 4.75
CA ALA A 31 4.43 4.82 5.39
C ALA A 31 4.84 3.36 5.39
N CYS A 32 3.87 2.47 5.35
CA CYS A 32 4.15 1.04 5.33
C CYS A 32 4.72 0.61 3.98
N ILE A 33 4.10 1.07 2.90
CA ILE A 33 4.53 0.69 1.56
C ILE A 33 5.93 1.23 1.26
N ILE A 34 6.20 2.46 1.72
CA ILE A 34 7.52 3.07 1.53
C ILE A 34 8.59 2.26 2.24
N LYS A 35 8.29 1.81 3.44
CA LYS A 35 9.24 1.07 4.26
C LYS A 35 9.32 -0.39 3.79
N SER A 36 8.56 -0.73 2.78
CA SER A 36 8.60 -2.06 2.23
C SER A 36 9.35 -2.04 0.89
N ILE A 37 9.36 -0.88 0.23
CA ILE A 37 9.93 -0.80 -1.10
C ILE A 37 11.30 -0.13 -1.14
N ARG A 38 11.68 0.54 -0.06
CA ARG A 38 13.03 1.12 0.00
C ARG A 38 13.88 0.32 0.98
N ASP A 39 13.27 -0.66 1.60
CA ASP A 39 13.95 -1.44 2.63
C ASP A 39 14.10 -2.90 2.22
N ALA A 40 13.00 -3.52 1.81
CA ALA A 40 13.03 -4.92 1.40
C ALA A 40 13.27 -5.03 -0.09
N GLY A 41 12.30 -4.61 -0.88
CA GLY A 41 12.44 -4.65 -2.32
C GLY A 41 11.46 -3.69 -2.95
N HIS A 42 11.76 -3.22 -4.14
CA HIS A 42 10.96 -2.16 -4.79
C HIS A 42 9.71 -2.76 -5.45
N LYS A 43 9.05 -3.63 -4.72
CA LYS A 43 7.85 -4.31 -5.18
C LYS A 43 6.91 -4.47 -4.00
N CYS A 44 5.62 -4.57 -4.27
CA CYS A 44 4.66 -4.80 -3.22
C CYS A 44 4.90 -6.17 -2.56
N PRO A 45 4.86 -6.22 -1.22
CA PRO A 45 5.23 -7.43 -0.45
C PRO A 45 4.33 -8.63 -0.75
N VAL A 46 3.08 -8.36 -1.09
CA VAL A 46 2.09 -9.40 -1.28
C VAL A 46 2.25 -10.10 -2.63
N ASP A 47 1.89 -9.40 -3.69
CA ASP A 47 1.85 -9.96 -5.03
C ASP A 47 3.13 -9.68 -5.82
N ASN A 48 4.10 -9.08 -5.15
CA ASN A 48 5.48 -8.93 -5.66
C ASN A 48 5.59 -8.22 -7.01
N GLU A 49 4.72 -7.26 -7.27
CA GLU A 49 4.79 -6.50 -8.51
C GLU A 49 5.72 -5.33 -8.35
N ILE A 50 6.49 -5.02 -9.40
CA ILE A 50 7.45 -3.92 -9.32
C ILE A 50 6.66 -2.64 -9.17
N LEU A 51 6.90 -1.96 -8.08
CA LEU A 51 6.06 -0.87 -7.70
C LEU A 51 6.77 0.45 -7.85
N LEU A 52 6.14 1.37 -8.55
CA LEU A 52 6.69 2.68 -8.74
C LEU A 52 6.10 3.63 -7.74
N GLU A 53 6.97 4.40 -7.13
CA GLU A 53 6.65 5.29 -6.04
C GLU A 53 5.75 6.43 -6.51
N ASN A 54 5.98 6.87 -7.73
CA ASN A 54 5.17 7.93 -8.33
C ASN A 54 3.72 7.48 -8.49
N GLN A 55 3.52 6.19 -8.68
CA GLN A 55 2.19 5.63 -8.83
C GLN A 55 1.45 5.44 -7.50
N LEU A 56 2.14 5.63 -6.39
CA LEU A 56 1.49 5.51 -5.09
C LEU A 56 0.53 6.67 -4.88
N PHE A 57 -0.73 6.35 -4.57
CA PHE A 57 -1.81 7.32 -4.35
C PHE A 57 -2.18 8.00 -5.69
N PRO A 58 -3.46 8.35 -5.91
CA PRO A 58 -3.88 9.04 -7.13
C PRO A 58 -3.21 10.40 -7.27
N ASP A 59 -2.99 10.80 -8.51
CA ASP A 59 -2.25 12.00 -8.85
C ASP A 59 -2.92 13.23 -8.29
N ASN A 60 -2.19 13.96 -7.48
CA ASN A 60 -2.71 15.17 -6.87
C ASN A 60 -2.24 16.39 -7.62
N PHE A 61 -3.09 17.39 -7.66
CA PHE A 61 -2.73 18.65 -8.26
C PHE A 61 -2.64 19.72 -7.17
N ALA A 62 -1.53 20.41 -7.12
CA ALA A 62 -1.31 21.39 -6.08
C ALA A 62 -1.70 22.77 -6.54
N LYS A 63 -2.95 23.11 -6.31
CA LYS A 63 -3.43 24.43 -6.60
C LYS A 63 -3.83 25.11 -5.31
N GLY A 1 -16.74 -1.99 4.74
CA GLY A 1 -16.54 -1.85 3.29
C GLY A 1 -17.23 -2.95 2.52
N PRO A 2 -17.14 -2.94 1.18
CA PRO A 2 -17.70 -3.99 0.34
C PRO A 2 -17.05 -5.35 0.64
N LEU A 3 -17.82 -6.40 0.56
CA LEU A 3 -17.30 -7.72 0.86
C LEU A 3 -16.43 -8.18 -0.30
N GLY A 4 -15.22 -8.58 0.01
CA GLY A 4 -14.27 -8.96 -1.01
C GLY A 4 -13.30 -7.83 -1.30
N SER A 5 -13.53 -6.72 -0.64
CA SER A 5 -12.67 -5.56 -0.73
C SER A 5 -12.35 -5.08 0.68
N LYS A 6 -11.20 -4.48 0.87
CA LYS A 6 -10.84 -4.00 2.19
C LYS A 6 -10.07 -2.71 2.13
N TYR A 7 -10.28 -1.88 3.13
CA TYR A 7 -9.56 -0.62 3.27
C TYR A 7 -8.48 -0.84 4.32
N GLU A 8 -7.86 -1.98 4.22
CA GLU A 8 -6.92 -2.43 5.21
C GLU A 8 -5.57 -2.71 4.55
N CYS A 9 -4.54 -2.07 5.06
CA CYS A 9 -3.17 -2.28 4.61
C CYS A 9 -2.72 -3.69 4.98
N PRO A 10 -2.51 -4.57 3.99
CA PRO A 10 -2.10 -5.96 4.25
C PRO A 10 -0.75 -6.07 4.95
N ILE A 11 0.07 -5.01 4.85
CA ILE A 11 1.38 -5.02 5.51
C ILE A 11 1.26 -5.05 7.03
N CYS A 12 0.36 -4.23 7.57
CA CYS A 12 0.20 -4.15 9.02
C CYS A 12 -1.06 -4.86 9.49
N LEU A 13 -1.98 -5.08 8.56
CA LEU A 13 -3.28 -5.69 8.82
C LEU A 13 -4.06 -4.91 9.87
N MET A 14 -3.79 -3.62 9.99
CA MET A 14 -4.53 -2.79 10.92
C MET A 14 -5.67 -2.07 10.20
N ALA A 15 -5.28 -1.18 9.30
CA ALA A 15 -6.18 -0.34 8.53
C ALA A 15 -5.31 0.47 7.59
N LEU A 16 -5.85 1.53 7.01
CA LEU A 16 -5.01 2.43 6.24
C LEU A 16 -4.74 3.68 7.05
N ARG A 17 -3.49 3.89 7.43
CA ARG A 17 -3.10 5.09 8.18
C ARG A 17 -3.31 6.37 7.37
N GLU A 18 -2.91 6.36 6.11
CA GLU A 18 -3.09 7.54 5.26
C GLU A 18 -3.67 7.18 3.90
N ALA A 19 -3.78 5.87 3.64
CA ALA A 19 -4.40 5.35 2.43
C ALA A 19 -3.63 5.70 1.15
N VAL A 20 -2.74 4.81 0.75
CA VAL A 20 -2.08 4.94 -0.54
C VAL A 20 -2.43 3.77 -1.44
N GLN A 21 -3.18 4.04 -2.47
CA GLN A 21 -3.56 3.03 -3.43
C GLN A 21 -2.43 2.78 -4.42
N THR A 22 -2.26 1.54 -4.82
CA THR A 22 -1.26 1.18 -5.79
C THR A 22 -1.94 0.81 -7.10
N PRO A 23 -1.23 0.94 -8.24
CA PRO A 23 -1.77 0.56 -9.57
C PRO A 23 -2.01 -0.96 -9.66
N CYS A 24 -1.36 -1.69 -8.77
CA CYS A 24 -1.48 -3.13 -8.71
C CYS A 24 -2.83 -3.53 -8.08
N GLY A 25 -3.51 -2.59 -7.45
CA GLY A 25 -4.81 -2.87 -6.86
C GLY A 25 -4.74 -3.17 -5.38
N HIS A 26 -3.67 -2.73 -4.74
CA HIS A 26 -3.54 -2.90 -3.30
C HIS A 26 -3.60 -1.54 -2.64
N ARG A 27 -4.05 -1.48 -1.41
CA ARG A 27 -4.01 -0.23 -0.66
C ARG A 27 -3.17 -0.44 0.58
N PHE A 28 -2.31 0.52 0.87
CA PHE A 28 -1.40 0.41 2.00
C PHE A 28 -1.34 1.71 2.76
N CYS A 29 -0.66 1.69 3.89
CA CYS A 29 -0.36 2.90 4.61
C CYS A 29 0.85 3.57 4.00
N LYS A 30 0.91 4.89 4.14
CA LYS A 30 1.97 5.72 3.57
C LYS A 30 3.32 5.48 4.27
N ALA A 31 3.29 4.77 5.38
CA ALA A 31 4.51 4.46 6.11
C ALA A 31 4.80 2.98 6.05
N CYS A 32 3.84 2.21 5.61
CA CYS A 32 4.02 0.79 5.48
C CYS A 32 4.65 0.45 4.13
N ILE A 33 3.94 0.75 3.04
CA ILE A 33 4.40 0.37 1.71
C ILE A 33 5.66 1.12 1.30
N ILE A 34 5.71 2.41 1.62
CA ILE A 34 6.85 3.24 1.24
C ILE A 34 8.12 2.72 1.91
N LYS A 35 8.02 2.39 3.17
CA LYS A 35 9.16 1.92 3.95
C LYS A 35 9.41 0.43 3.64
N SER A 36 8.63 -0.13 2.76
CA SER A 36 8.81 -1.50 2.35
C SER A 36 9.39 -1.57 0.93
N ILE A 37 9.19 -0.52 0.12
CA ILE A 37 9.63 -0.57 -1.28
C ILE A 37 10.90 0.23 -1.55
N ARG A 38 11.16 1.25 -0.75
CA ARG A 38 12.41 2.01 -0.91
C ARG A 38 13.44 1.52 0.08
N ASP A 39 13.06 0.49 0.81
CA ASP A 39 13.88 -0.06 1.87
C ASP A 39 14.27 -1.50 1.54
N ALA A 40 13.28 -2.35 1.30
CA ALA A 40 13.53 -3.73 0.96
C ALA A 40 13.71 -3.89 -0.53
N GLY A 41 12.62 -3.78 -1.26
CA GLY A 41 12.67 -3.89 -2.71
C GLY A 41 11.47 -3.24 -3.33
N HIS A 42 11.56 -2.91 -4.61
CA HIS A 42 10.48 -2.20 -5.27
C HIS A 42 9.44 -3.16 -5.78
N LYS A 43 8.71 -3.73 -4.88
CA LYS A 43 7.64 -4.65 -5.19
C LYS A 43 6.62 -4.59 -4.08
N CYS A 44 5.37 -4.84 -4.39
CA CYS A 44 4.40 -4.99 -3.35
C CYS A 44 4.54 -6.40 -2.80
N PRO A 45 4.81 -6.53 -1.51
CA PRO A 45 5.16 -7.80 -0.89
C PRO A 45 4.03 -8.84 -0.94
N VAL A 46 2.82 -8.36 -1.15
CA VAL A 46 1.65 -9.23 -1.18
C VAL A 46 1.72 -10.26 -2.32
N ASP A 47 2.04 -9.79 -3.53
CA ASP A 47 2.14 -10.69 -4.69
C ASP A 47 3.40 -10.45 -5.53
N ASN A 48 4.33 -9.70 -4.95
CA ASN A 48 5.69 -9.44 -5.50
C ASN A 48 5.69 -8.66 -6.84
N GLU A 49 4.61 -7.96 -7.13
CA GLU A 49 4.53 -7.14 -8.33
C GLU A 49 5.41 -5.90 -8.16
N ILE A 50 6.08 -5.47 -9.23
CA ILE A 50 7.01 -4.35 -9.15
C ILE A 50 6.26 -3.04 -8.84
N LEU A 51 6.63 -2.41 -7.75
CA LEU A 51 5.96 -1.20 -7.30
C LEU A 51 6.97 -0.10 -7.04
N LEU A 52 6.67 1.09 -7.52
CA LEU A 52 7.53 2.24 -7.36
C LEU A 52 6.81 3.29 -6.54
N GLU A 53 7.56 4.17 -5.87
CA GLU A 53 6.98 5.24 -5.05
C GLU A 53 6.19 6.20 -5.93
N ASN A 54 6.69 6.42 -7.14
CA ASN A 54 6.05 7.32 -8.11
C ASN A 54 4.69 6.80 -8.52
N GLN A 55 4.55 5.49 -8.52
CA GLN A 55 3.36 4.82 -9.01
C GLN A 55 2.23 4.84 -7.99
N LEU A 56 2.52 5.28 -6.79
CA LEU A 56 1.52 5.35 -5.75
C LEU A 56 0.50 6.44 -6.03
N PHE A 57 -0.76 6.14 -5.73
CA PHE A 57 -1.87 7.06 -5.88
C PHE A 57 -1.81 8.03 -4.69
N PRO A 58 -2.23 9.31 -4.88
CA PRO A 58 -2.09 10.35 -3.83
C PRO A 58 -2.76 9.97 -2.50
N ASP A 59 -2.07 10.29 -1.42
CA ASP A 59 -2.50 10.01 -0.06
C ASP A 59 -3.47 11.07 0.43
N ASN A 60 -4.41 10.66 1.27
CA ASN A 60 -5.40 11.59 1.82
C ASN A 60 -5.75 11.25 3.25
N PHE A 61 -5.15 11.99 4.17
CA PHE A 61 -5.46 11.91 5.57
C PHE A 61 -5.21 13.27 6.18
N ALA A 62 -6.26 14.00 6.51
CA ALA A 62 -6.14 15.39 6.88
C ALA A 62 -6.17 15.60 8.38
N LYS A 63 -5.04 16.01 8.93
CA LYS A 63 -4.94 16.33 10.34
C LYS A 63 -4.29 17.69 10.49
N GLY A 1 -11.92 -9.52 13.43
CA GLY A 1 -13.35 -9.40 13.14
C GLY A 1 -13.66 -9.78 11.72
N PRO A 2 -14.90 -9.59 11.26
CA PRO A 2 -15.28 -9.86 9.89
C PRO A 2 -14.69 -8.84 8.92
N LEU A 3 -14.41 -9.27 7.73
CA LEU A 3 -13.89 -8.39 6.71
C LEU A 3 -15.04 -8.03 5.77
N GLY A 4 -15.63 -6.87 6.00
CA GLY A 4 -16.73 -6.41 5.17
C GLY A 4 -16.25 -5.51 4.05
N SER A 5 -15.09 -4.92 4.26
CA SER A 5 -14.47 -4.07 3.27
C SER A 5 -12.97 -4.24 3.40
N LYS A 6 -12.25 -4.17 2.30
CA LYS A 6 -10.81 -4.38 2.33
C LYS A 6 -10.11 -3.05 2.64
N TYR A 7 -10.12 -2.71 3.90
CA TYR A 7 -9.59 -1.45 4.37
C TYR A 7 -8.39 -1.74 5.29
N GLU A 8 -7.90 -2.95 5.18
CA GLU A 8 -6.82 -3.42 6.01
C GLU A 8 -5.51 -3.44 5.24
N CYS A 9 -4.47 -2.96 5.88
CA CYS A 9 -3.14 -2.95 5.34
C CYS A 9 -2.41 -4.17 5.88
N PRO A 10 -2.13 -5.18 5.04
CA PRO A 10 -1.55 -6.44 5.49
C PRO A 10 -0.13 -6.27 6.05
N ILE A 11 0.51 -5.17 5.69
CA ILE A 11 1.85 -4.86 6.18
C ILE A 11 1.84 -4.60 7.69
N CYS A 12 0.87 -3.83 8.15
CA CYS A 12 0.81 -3.46 9.57
C CYS A 12 -0.31 -4.21 10.29
N LEU A 13 -1.08 -4.98 9.53
CA LEU A 13 -2.23 -5.73 10.05
C LEU A 13 -3.22 -4.80 10.77
N MET A 14 -3.34 -3.59 10.26
CA MET A 14 -4.23 -2.58 10.81
C MET A 14 -5.03 -1.91 9.69
N ALA A 15 -5.81 -0.90 10.05
CA ALA A 15 -6.59 -0.14 9.07
C ALA A 15 -5.67 0.76 8.23
N LEU A 16 -6.15 1.13 7.04
CA LEU A 16 -5.37 1.96 6.13
C LEU A 16 -5.27 3.37 6.67
N ARG A 17 -4.07 3.93 6.62
CA ARG A 17 -3.86 5.29 7.07
C ARG A 17 -4.15 6.28 5.93
N GLU A 18 -3.24 6.36 4.95
CA GLU A 18 -3.45 7.25 3.80
C GLU A 18 -4.13 6.53 2.65
N ALA A 19 -4.11 5.19 2.71
CA ALA A 19 -4.71 4.32 1.68
C ALA A 19 -4.17 4.64 0.28
N VAL A 20 -2.89 4.38 0.07
CA VAL A 20 -2.27 4.65 -1.21
C VAL A 20 -2.47 3.49 -2.17
N GLN A 21 -3.15 3.77 -3.27
CA GLN A 21 -3.49 2.76 -4.26
C GLN A 21 -2.31 2.48 -5.19
N THR A 22 -2.05 1.21 -5.39
CA THR A 22 -0.95 0.74 -6.21
C THR A 22 -1.46 0.32 -7.61
N PRO A 23 -0.57 0.29 -8.64
CA PRO A 23 -0.95 -0.12 -10.01
C PRO A 23 -1.55 -1.52 -10.06
N CYS A 24 -1.07 -2.40 -9.19
CA CYS A 24 -1.53 -3.77 -9.15
C CYS A 24 -2.97 -3.87 -8.65
N GLY A 25 -3.40 -2.91 -7.85
CA GLY A 25 -4.73 -2.94 -7.30
C GLY A 25 -4.73 -3.24 -5.81
N HIS A 26 -3.93 -2.49 -5.07
CA HIS A 26 -3.86 -2.61 -3.62
C HIS A 26 -3.79 -1.26 -2.97
N ARG A 27 -4.13 -1.21 -1.69
CA ARG A 27 -4.05 0.00 -0.92
C ARG A 27 -3.23 -0.27 0.32
N PHE A 28 -2.33 0.63 0.66
CA PHE A 28 -1.48 0.49 1.84
C PHE A 28 -1.33 1.84 2.53
N CYS A 29 -0.77 1.85 3.71
CA CYS A 29 -0.45 3.09 4.39
C CYS A 29 0.85 3.66 3.80
N LYS A 30 1.00 4.97 3.84
CA LYS A 30 2.13 5.64 3.19
C LYS A 30 3.47 5.34 3.90
N ALA A 31 3.41 4.79 5.09
CA ALA A 31 4.63 4.50 5.82
C ALA A 31 4.83 3.01 5.97
N CYS A 32 3.86 2.25 5.49
CA CYS A 32 3.99 0.81 5.47
C CYS A 32 4.59 0.34 4.15
N ILE A 33 3.90 0.65 3.06
CA ILE A 33 4.32 0.18 1.75
C ILE A 33 5.63 0.82 1.29
N ILE A 34 5.79 2.12 1.56
CA ILE A 34 7.00 2.84 1.15
C ILE A 34 8.24 2.26 1.84
N LYS A 35 8.11 1.97 3.12
CA LYS A 35 9.23 1.46 3.91
C LYS A 35 9.44 -0.04 3.58
N SER A 36 8.60 -0.58 2.72
CA SER A 36 8.75 -1.95 2.28
C SER A 36 9.28 -2.01 0.83
N ILE A 37 9.15 -0.91 0.09
CA ILE A 37 9.58 -0.90 -1.32
C ILE A 37 10.88 -0.15 -1.55
N ARG A 38 11.17 0.84 -0.73
CA ARG A 38 12.42 1.58 -0.90
C ARG A 38 13.47 1.06 0.08
N ASP A 39 13.11 0.03 0.82
CA ASP A 39 14.00 -0.55 1.83
C ASP A 39 14.35 -1.96 1.44
N ALA A 40 13.32 -2.78 1.25
CA ALA A 40 13.52 -4.17 0.84
C ALA A 40 13.69 -4.25 -0.66
N GLY A 41 12.60 -4.09 -1.38
CA GLY A 41 12.62 -4.13 -2.81
C GLY A 41 11.40 -3.47 -3.38
N HIS A 42 11.48 -2.98 -4.60
CA HIS A 42 10.38 -2.24 -5.19
C HIS A 42 9.28 -3.15 -5.72
N LYS A 43 8.65 -3.83 -4.80
CA LYS A 43 7.51 -4.65 -5.09
C LYS A 43 6.62 -4.73 -3.87
N CYS A 44 5.34 -4.89 -4.07
CA CYS A 44 4.43 -5.08 -2.99
C CYS A 44 4.57 -6.50 -2.44
N PRO A 45 4.79 -6.63 -1.12
CA PRO A 45 5.14 -7.92 -0.48
C PRO A 45 4.06 -9.00 -0.65
N VAL A 46 2.83 -8.59 -0.87
CA VAL A 46 1.76 -9.55 -0.98
C VAL A 46 1.71 -10.28 -2.34
N ASP A 47 1.75 -9.54 -3.43
CA ASP A 47 1.58 -10.13 -4.77
C ASP A 47 2.82 -9.97 -5.66
N ASN A 48 3.90 -9.43 -5.09
CA ASN A 48 5.20 -9.30 -5.77
C ASN A 48 5.15 -8.47 -7.06
N GLU A 49 4.34 -7.44 -7.07
CA GLU A 49 4.28 -6.56 -8.21
C GLU A 49 5.16 -5.36 -8.00
N ILE A 50 5.84 -4.95 -9.06
CA ILE A 50 6.79 -3.84 -8.98
C ILE A 50 6.06 -2.54 -8.66
N LEU A 51 6.42 -1.93 -7.57
CA LEU A 51 5.77 -0.74 -7.10
C LEU A 51 6.74 0.41 -6.94
N LEU A 52 6.34 1.58 -7.43
CA LEU A 52 7.14 2.78 -7.33
C LEU A 52 6.44 3.80 -6.43
N GLU A 53 7.23 4.60 -5.74
CA GLU A 53 6.71 5.64 -4.84
C GLU A 53 5.94 6.67 -5.66
N ASN A 54 6.43 6.92 -6.86
CA ASN A 54 5.84 7.88 -7.80
C ASN A 54 4.45 7.44 -8.27
N GLN A 55 4.23 6.13 -8.32
CA GLN A 55 2.93 5.56 -8.71
C GLN A 55 1.88 5.79 -7.62
N LEU A 56 2.35 5.89 -6.40
CA LEU A 56 1.48 6.09 -5.24
C LEU A 56 0.99 7.53 -5.19
N PHE A 57 -0.20 7.73 -4.66
CA PHE A 57 -0.74 9.07 -4.46
C PHE A 57 0.18 9.86 -3.52
N PRO A 58 0.51 11.13 -3.87
CA PRO A 58 1.48 11.92 -3.10
C PRO A 58 1.09 12.08 -1.64
N ASP A 59 -0.17 12.47 -1.41
CA ASP A 59 -0.71 12.66 -0.05
C ASP A 59 0.21 13.50 0.82
N ASN A 60 0.86 14.47 0.21
CA ASN A 60 1.85 15.27 0.89
C ASN A 60 1.38 16.70 1.06
N PHE A 61 1.33 17.44 -0.04
CA PHE A 61 0.99 18.86 -0.03
C PHE A 61 -0.42 19.13 0.52
N ALA A 62 -1.39 18.36 0.05
CA ALA A 62 -2.78 18.57 0.40
C ALA A 62 -3.16 17.83 1.70
N LYS A 63 -2.15 17.38 2.42
CA LYS A 63 -2.38 16.66 3.65
C LYS A 63 -1.80 17.44 4.82
N GLY A 1 -18.94 -6.35 2.01
CA GLY A 1 -19.74 -6.96 3.09
C GLY A 1 -19.59 -6.21 4.38
N PRO A 2 -19.95 -6.82 5.53
CA PRO A 2 -19.87 -6.18 6.86
C PRO A 2 -18.46 -5.67 7.18
N LEU A 3 -17.46 -6.44 6.80
CA LEU A 3 -16.08 -6.06 7.02
C LEU A 3 -15.35 -6.08 5.69
N GLY A 4 -14.73 -4.98 5.33
CA GLY A 4 -14.02 -4.88 4.07
C GLY A 4 -12.54 -4.77 4.26
N SER A 5 -11.88 -5.91 4.37
CA SER A 5 -10.46 -5.96 4.67
C SER A 5 -9.58 -5.69 3.43
N LYS A 6 -10.21 -5.49 2.26
CA LYS A 6 -9.44 -5.07 1.08
C LYS A 6 -8.97 -3.62 1.23
N TYR A 7 -9.47 -2.96 2.26
CA TYR A 7 -9.07 -1.62 2.61
C TYR A 7 -8.12 -1.68 3.80
N GLU A 8 -7.66 -2.87 4.12
CA GLU A 8 -6.74 -3.04 5.22
C GLU A 8 -5.34 -3.24 4.66
N CYS A 9 -4.43 -2.34 5.02
CA CYS A 9 -3.03 -2.39 4.57
C CYS A 9 -2.40 -3.74 4.92
N PRO A 10 -2.08 -4.57 3.90
CA PRO A 10 -1.55 -5.93 4.09
C PRO A 10 -0.22 -5.95 4.83
N ILE A 11 0.50 -4.85 4.83
CA ILE A 11 1.75 -4.78 5.59
C ILE A 11 1.52 -4.84 7.09
N CYS A 12 0.54 -4.09 7.58
CA CYS A 12 0.35 -3.94 9.00
C CYS A 12 -0.88 -4.66 9.53
N LEU A 13 -1.88 -4.86 8.66
CA LEU A 13 -3.15 -5.50 9.02
C LEU A 13 -3.92 -4.69 10.06
N MET A 14 -3.65 -3.40 10.12
CA MET A 14 -4.36 -2.53 11.06
C MET A 14 -5.54 -1.88 10.36
N ALA A 15 -5.21 -1.02 9.41
CA ALA A 15 -6.15 -0.22 8.65
C ALA A 15 -5.34 0.60 7.68
N LEU A 16 -5.92 1.64 7.12
CA LEU A 16 -5.15 2.56 6.30
C LEU A 16 -4.93 3.85 7.03
N ARG A 17 -3.68 4.25 7.17
CA ARG A 17 -3.36 5.53 7.76
C ARG A 17 -3.57 6.64 6.74
N GLU A 18 -2.84 6.58 5.63
CA GLU A 18 -2.97 7.61 4.63
C GLU A 18 -3.73 7.13 3.40
N ALA A 19 -3.87 5.81 3.29
CA ALA A 19 -4.63 5.16 2.22
C ALA A 19 -4.08 5.47 0.83
N VAL A 20 -3.16 4.65 0.35
CA VAL A 20 -2.65 4.79 -0.99
C VAL A 20 -2.90 3.51 -1.80
N GLN A 21 -3.68 3.64 -2.85
CA GLN A 21 -3.97 2.52 -3.71
C GLN A 21 -2.82 2.29 -4.69
N THR A 22 -2.42 1.04 -4.82
CA THR A 22 -1.35 0.68 -5.71
C THR A 22 -1.89 0.39 -7.12
N PRO A 23 -1.01 0.42 -8.15
CA PRO A 23 -1.39 0.11 -9.54
C PRO A 23 -1.98 -1.30 -9.67
N CYS A 24 -1.55 -2.21 -8.80
CA CYS A 24 -2.03 -3.57 -8.82
C CYS A 24 -3.49 -3.67 -8.34
N GLY A 25 -3.95 -2.67 -7.59
CA GLY A 25 -5.36 -2.63 -7.21
C GLY A 25 -5.64 -2.94 -5.75
N HIS A 26 -4.77 -2.50 -4.86
CA HIS A 26 -4.99 -2.67 -3.42
C HIS A 26 -4.36 -1.53 -2.61
N ARG A 27 -4.71 -1.45 -1.34
CA ARG A 27 -4.38 -0.26 -0.54
C ARG A 27 -3.31 -0.53 0.52
N PHE A 28 -2.43 0.45 0.68
CA PHE A 28 -1.41 0.45 1.73
C PHE A 28 -1.40 1.79 2.44
N CYS A 29 -0.72 1.85 3.56
CA CYS A 29 -0.47 3.12 4.23
C CYS A 29 0.77 3.75 3.61
N LYS A 30 0.83 5.08 3.60
CA LYS A 30 1.89 5.81 2.91
C LYS A 30 3.26 5.68 3.61
N ALA A 31 3.28 5.11 4.79
CA ALA A 31 4.55 4.96 5.49
C ALA A 31 4.92 3.49 5.63
N CYS A 32 3.93 2.62 5.67
CA CYS A 32 4.19 1.19 5.72
C CYS A 32 4.87 0.73 4.43
N ILE A 33 4.25 1.06 3.31
CA ILE A 33 4.71 0.60 2.02
C ILE A 33 6.03 1.25 1.56
N ILE A 34 6.19 2.55 1.80
CA ILE A 34 7.40 3.26 1.34
C ILE A 34 8.66 2.71 1.98
N LYS A 35 8.58 2.45 3.27
CA LYS A 35 9.75 1.98 4.01
C LYS A 35 9.96 0.48 3.77
N SER A 36 9.08 -0.12 3.00
CA SER A 36 9.24 -1.49 2.63
C SER A 36 9.67 -1.62 1.16
N ILE A 37 9.49 -0.57 0.36
CA ILE A 37 9.86 -0.65 -1.04
C ILE A 37 11.16 0.08 -1.37
N ARG A 38 11.48 1.11 -0.61
CA ARG A 38 12.73 1.80 -0.87
C ARG A 38 13.84 1.28 0.04
N ASP A 39 13.48 0.38 0.93
CA ASP A 39 14.46 -0.14 1.87
C ASP A 39 14.68 -1.64 1.65
N ALA A 40 13.58 -2.37 1.54
CA ALA A 40 13.64 -3.80 1.32
C ALA A 40 13.72 -4.12 -0.17
N GLY A 41 12.63 -3.88 -0.88
CA GLY A 41 12.62 -4.12 -2.30
C GLY A 41 11.43 -3.47 -2.95
N HIS A 42 11.52 -3.23 -4.25
CA HIS A 42 10.47 -2.54 -4.98
C HIS A 42 9.41 -3.47 -5.50
N LYS A 43 9.33 -4.65 -4.95
CA LYS A 43 8.25 -5.55 -5.28
C LYS A 43 7.15 -5.42 -4.24
N CYS A 44 5.92 -5.46 -4.70
CA CYS A 44 4.77 -5.47 -3.82
C CYS A 44 4.84 -6.71 -2.93
N PRO A 45 4.67 -6.54 -1.62
CA PRO A 45 4.88 -7.62 -0.64
C PRO A 45 3.97 -8.83 -0.85
N VAL A 46 2.79 -8.61 -1.39
CA VAL A 46 1.87 -9.70 -1.58
C VAL A 46 1.93 -10.31 -3.00
N ASP A 47 1.74 -9.49 -4.03
CA ASP A 47 1.64 -10.01 -5.39
C ASP A 47 2.91 -9.81 -6.21
N ASN A 48 3.94 -9.29 -5.56
CA ASN A 48 5.29 -9.14 -6.15
C ASN A 48 5.30 -8.33 -7.45
N GLU A 49 4.37 -7.40 -7.58
CA GLU A 49 4.36 -6.51 -8.72
C GLU A 49 5.37 -5.41 -8.48
N ILE A 50 6.03 -4.93 -9.53
CA ILE A 50 7.00 -3.86 -9.36
C ILE A 50 6.27 -2.57 -8.95
N LEU A 51 6.63 -2.08 -7.80
CA LEU A 51 5.96 -0.98 -7.19
C LEU A 51 6.94 0.14 -6.86
N LEU A 52 6.60 1.35 -7.22
CA LEU A 52 7.46 2.51 -6.98
C LEU A 52 6.72 3.49 -6.07
N GLU A 53 7.47 4.34 -5.36
CA GLU A 53 6.90 5.29 -4.41
C GLU A 53 5.92 6.25 -5.09
N ASN A 54 6.29 6.66 -6.30
CA ASN A 54 5.46 7.56 -7.10
C ASN A 54 4.15 6.88 -7.49
N GLN A 55 4.21 5.57 -7.64
CA GLN A 55 3.08 4.78 -8.10
C GLN A 55 2.08 4.50 -6.96
N LEU A 56 2.49 4.79 -5.73
CA LEU A 56 1.63 4.64 -4.58
C LEU A 56 0.66 5.79 -4.55
N PHE A 57 -0.58 5.54 -5.02
CA PHE A 57 -1.55 6.59 -5.30
C PHE A 57 -1.00 7.44 -6.45
N PRO A 58 -1.65 7.41 -7.63
CA PRO A 58 -1.11 8.03 -8.84
C PRO A 58 -0.78 9.49 -8.63
N ASP A 59 0.30 9.93 -9.25
CA ASP A 59 0.89 11.23 -9.01
C ASP A 59 0.05 12.38 -9.53
N ASN A 60 -0.95 12.72 -8.75
CA ASN A 60 -1.85 13.80 -9.03
C ASN A 60 -1.52 14.95 -8.08
N PHE A 61 -0.32 15.48 -8.22
CA PHE A 61 0.16 16.56 -7.38
C PHE A 61 0.86 17.59 -8.23
N ALA A 62 0.68 18.85 -7.88
CA ALA A 62 1.35 19.94 -8.59
C ALA A 62 2.82 20.01 -8.19
N LYS A 63 3.65 20.37 -9.14
CA LYS A 63 5.07 20.48 -8.88
C LYS A 63 5.65 21.53 -9.82
N GLY A 1 -9.81 -6.59 5.72
CA GLY A 1 -10.60 -7.82 5.83
C GLY A 1 -9.94 -8.95 5.08
N PRO A 2 -9.96 -10.17 5.63
CA PRO A 2 -9.29 -11.32 5.02
C PRO A 2 -9.82 -11.70 3.64
N LEU A 3 -11.09 -11.43 3.38
CA LEU A 3 -11.67 -11.86 2.12
C LEU A 3 -12.25 -10.72 1.31
N GLY A 4 -11.62 -10.45 0.17
CA GLY A 4 -12.16 -9.54 -0.83
C GLY A 4 -12.34 -8.12 -0.35
N SER A 5 -11.60 -7.72 0.65
CA SER A 5 -11.69 -6.38 1.19
C SER A 5 -10.39 -5.99 1.85
N LYS A 6 -9.48 -5.48 1.08
CA LYS A 6 -8.23 -5.04 1.62
C LYS A 6 -8.17 -3.54 1.80
N TYR A 7 -8.97 -3.09 2.75
CA TYR A 7 -9.00 -1.70 3.18
C TYR A 7 -8.24 -1.61 4.48
N GLU A 8 -7.54 -2.68 4.76
CA GLU A 8 -6.67 -2.81 5.88
C GLU A 8 -5.27 -3.03 5.32
N CYS A 9 -4.33 -2.17 5.69
CA CYS A 9 -2.96 -2.29 5.23
C CYS A 9 -2.37 -3.61 5.74
N PRO A 10 -2.07 -4.56 4.83
CA PRO A 10 -1.61 -5.90 5.20
C PRO A 10 -0.29 -5.89 5.97
N ILE A 11 0.46 -4.82 5.81
CA ILE A 11 1.73 -4.67 6.49
C ILE A 11 1.56 -4.56 8.02
N CYS A 12 0.59 -3.76 8.44
CA CYS A 12 0.36 -3.54 9.87
C CYS A 12 -0.89 -4.27 10.38
N LEU A 13 -1.78 -4.63 9.44
CA LEU A 13 -3.07 -5.26 9.72
C LEU A 13 -3.89 -4.45 10.72
N MET A 14 -3.68 -3.15 10.74
CA MET A 14 -4.49 -2.28 11.58
C MET A 14 -5.61 -1.70 10.75
N ALA A 15 -5.24 -0.90 9.77
CA ALA A 15 -6.16 -0.22 8.87
C ALA A 15 -5.32 0.54 7.87
N LEU A 16 -5.94 1.37 7.06
CA LEU A 16 -5.21 2.24 6.15
C LEU A 16 -5.08 3.60 6.78
N ARG A 17 -3.88 3.96 7.21
CA ARG A 17 -3.69 5.27 7.80
C ARG A 17 -3.81 6.36 6.75
N GLU A 18 -3.18 6.15 5.61
CA GLU A 18 -3.19 7.16 4.57
C GLU A 18 -4.00 6.70 3.35
N ALA A 19 -4.25 5.40 3.30
CA ALA A 19 -5.06 4.78 2.24
C ALA A 19 -4.57 5.10 0.82
N VAL A 20 -3.56 4.36 0.36
CA VAL A 20 -3.08 4.53 -1.01
C VAL A 20 -3.22 3.21 -1.80
N GLN A 21 -4.03 3.25 -2.84
CA GLN A 21 -4.21 2.11 -3.71
C GLN A 21 -3.06 2.04 -4.73
N THR A 22 -2.39 0.93 -4.78
CA THR A 22 -1.32 0.72 -5.72
C THR A 22 -1.90 0.48 -7.11
N PRO A 23 -1.12 0.72 -8.18
CA PRO A 23 -1.58 0.47 -9.56
C PRO A 23 -1.89 -1.01 -9.80
N CYS A 24 -1.28 -1.89 -9.00
CA CYS A 24 -1.55 -3.32 -9.10
C CYS A 24 -2.89 -3.68 -8.43
N GLY A 25 -3.37 -2.83 -7.53
CA GLY A 25 -4.68 -3.03 -6.94
C GLY A 25 -4.64 -3.51 -5.50
N HIS A 26 -3.79 -2.90 -4.70
CA HIS A 26 -3.75 -3.20 -3.26
C HIS A 26 -3.78 -1.89 -2.51
N ARG A 27 -4.28 -1.89 -1.31
CA ARG A 27 -4.29 -0.67 -0.54
C ARG A 27 -3.36 -0.79 0.66
N PHE A 28 -2.54 0.22 0.86
CA PHE A 28 -1.57 0.28 1.95
C PHE A 28 -1.54 1.66 2.55
N CYS A 29 -0.90 1.79 3.71
CA CYS A 29 -0.63 3.09 4.27
C CYS A 29 0.57 3.69 3.53
N LYS A 30 0.62 5.02 3.46
CA LYS A 30 1.60 5.71 2.63
C LYS A 30 3.04 5.55 3.15
N ALA A 31 3.20 5.07 4.35
CA ALA A 31 4.53 4.93 4.88
C ALA A 31 4.88 3.47 5.08
N CYS A 32 3.87 2.64 5.30
CA CYS A 32 4.09 1.22 5.41
C CYS A 32 4.57 0.68 4.08
N ILE A 33 3.90 1.07 3.00
CA ILE A 33 4.26 0.58 1.68
C ILE A 33 5.62 1.13 1.20
N ILE A 34 5.87 2.41 1.45
CA ILE A 34 7.11 3.03 1.00
C ILE A 34 8.33 2.41 1.67
N LYS A 35 8.24 2.16 2.97
CA LYS A 35 9.37 1.60 3.70
C LYS A 35 9.48 0.10 3.46
N SER A 36 8.56 -0.44 2.68
CA SER A 36 8.61 -1.82 2.33
C SER A 36 9.09 -1.99 0.88
N ILE A 37 8.95 -0.94 0.07
CA ILE A 37 9.36 -1.04 -1.33
C ILE A 37 10.67 -0.33 -1.63
N ARG A 38 11.15 0.51 -0.73
CA ARG A 38 12.45 1.14 -0.94
C ARG A 38 13.50 0.57 -0.01
N ASP A 39 13.10 -0.36 0.85
CA ASP A 39 14.03 -0.97 1.79
C ASP A 39 14.09 -2.48 1.63
N ALA A 40 12.95 -3.14 1.78
CA ALA A 40 12.89 -4.60 1.69
C ALA A 40 13.15 -5.05 0.26
N GLY A 41 12.26 -4.68 -0.63
CA GLY A 41 12.41 -4.97 -2.01
C GLY A 41 11.60 -4.01 -2.82
N HIS A 42 11.93 -3.84 -4.08
CA HIS A 42 11.25 -2.87 -4.92
C HIS A 42 9.91 -3.41 -5.42
N LYS A 43 9.70 -4.68 -5.17
CA LYS A 43 8.45 -5.34 -5.50
C LYS A 43 7.39 -5.07 -4.44
N CYS A 44 6.15 -5.04 -4.89
CA CYS A 44 5.01 -5.03 -4.02
C CYS A 44 5.08 -6.29 -3.16
N PRO A 45 5.02 -6.14 -1.84
CA PRO A 45 5.34 -7.23 -0.89
C PRO A 45 4.41 -8.44 -1.03
N VAL A 46 3.24 -8.22 -1.58
CA VAL A 46 2.24 -9.26 -1.65
C VAL A 46 2.20 -10.01 -2.99
N ASP A 47 2.18 -9.29 -4.11
CA ASP A 47 2.02 -9.95 -5.43
C ASP A 47 3.29 -9.92 -6.27
N ASN A 48 4.38 -9.44 -5.68
CA ASN A 48 5.70 -9.42 -6.32
C ASN A 48 5.73 -8.63 -7.64
N GLU A 49 4.92 -7.59 -7.74
CA GLU A 49 4.97 -6.70 -8.89
C GLU A 49 5.80 -5.49 -8.52
N ILE A 50 6.67 -5.04 -9.41
CA ILE A 50 7.54 -3.91 -9.07
C ILE A 50 6.72 -2.64 -8.87
N LEU A 51 6.82 -2.08 -7.69
CA LEU A 51 5.99 -0.99 -7.31
C LEU A 51 6.79 0.29 -7.22
N LEU A 52 6.27 1.32 -7.85
CA LEU A 52 6.92 2.60 -7.95
C LEU A 52 6.34 3.56 -6.93
N GLU A 53 7.23 4.28 -6.25
CA GLU A 53 6.85 5.25 -5.23
C GLU A 53 6.07 6.41 -5.86
N ASN A 54 6.47 6.79 -7.06
CA ASN A 54 5.87 7.91 -7.77
C ASN A 54 4.40 7.68 -8.08
N GLN A 55 4.05 6.42 -8.32
CA GLN A 55 2.67 6.05 -8.62
C GLN A 55 1.77 6.18 -7.39
N LEU A 56 2.37 6.07 -6.23
CA LEU A 56 1.63 6.07 -4.99
C LEU A 56 1.20 7.49 -4.62
N PHE A 57 -0.10 7.62 -4.30
CA PHE A 57 -0.71 8.87 -3.85
C PHE A 57 -0.71 9.96 -4.93
N PRO A 58 -1.88 10.28 -5.49
CA PRO A 58 -2.03 11.38 -6.44
C PRO A 58 -1.65 12.70 -5.78
N ASP A 59 -1.04 13.61 -6.53
CA ASP A 59 -0.49 14.83 -5.93
C ASP A 59 -1.55 15.65 -5.22
N ASN A 60 -1.26 15.94 -3.97
CA ASN A 60 -2.10 16.75 -3.10
C ASN A 60 -1.30 17.07 -1.86
N PHE A 61 -1.17 18.34 -1.54
CA PHE A 61 -0.35 18.72 -0.41
C PHE A 61 -0.86 19.97 0.27
N ALA A 62 -0.54 20.08 1.55
CA ALA A 62 -0.94 21.21 2.35
C ALA A 62 0.20 22.21 2.42
N LYS A 63 0.10 23.26 1.64
CA LYS A 63 1.09 24.30 1.59
C LYS A 63 0.40 25.62 1.34
N GLY A 1 -16.74 2.88 9.53
CA GLY A 1 -16.83 1.85 8.47
C GLY A 1 -16.47 0.49 9.00
N PRO A 2 -16.97 -0.58 8.37
CA PRO A 2 -16.72 -1.96 8.81
C PRO A 2 -15.25 -2.38 8.68
N LEU A 3 -14.83 -3.25 9.58
CA LEU A 3 -13.46 -3.75 9.65
C LEU A 3 -13.08 -4.52 8.40
N GLY A 4 -13.97 -5.40 7.97
CA GLY A 4 -13.67 -6.23 6.83
C GLY A 4 -14.18 -5.64 5.54
N SER A 5 -13.33 -4.91 4.85
CA SER A 5 -13.69 -4.33 3.58
C SER A 5 -12.48 -4.34 2.63
N LYS A 6 -11.54 -3.44 2.88
CA LYS A 6 -10.33 -3.30 2.08
C LYS A 6 -9.49 -2.15 2.69
N TYR A 7 -9.67 -1.94 3.97
CA TYR A 7 -9.08 -0.82 4.66
C TYR A 7 -8.04 -1.24 5.69
N GLU A 8 -7.60 -2.46 5.61
CA GLU A 8 -6.52 -2.93 6.46
C GLU A 8 -5.24 -3.09 5.65
N CYS A 9 -4.20 -2.36 6.03
CA CYS A 9 -2.89 -2.48 5.41
C CYS A 9 -2.27 -3.79 5.85
N PRO A 10 -2.06 -4.74 4.93
CA PRO A 10 -1.52 -6.07 5.25
C PRO A 10 -0.12 -6.02 5.87
N ILE A 11 0.59 -4.93 5.63
CA ILE A 11 1.93 -4.75 6.17
C ILE A 11 1.91 -4.63 7.70
N CYS A 12 0.99 -3.83 8.21
CA CYS A 12 0.91 -3.59 9.65
C CYS A 12 -0.25 -4.33 10.28
N LEU A 13 -1.25 -4.64 9.46
CA LEU A 13 -2.47 -5.32 9.87
C LEU A 13 -3.26 -4.49 10.88
N MET A 14 -3.03 -3.19 10.90
CA MET A 14 -3.78 -2.31 11.77
C MET A 14 -4.96 -1.72 11.02
N ALA A 15 -4.64 -0.94 10.01
CA ALA A 15 -5.63 -0.23 9.22
C ALA A 15 -4.89 0.47 8.10
N LEU A 16 -5.59 1.25 7.30
CA LEU A 16 -4.92 2.10 6.34
C LEU A 16 -4.79 3.48 6.95
N ARG A 17 -3.57 3.91 7.15
CA ARG A 17 -3.30 5.24 7.69
C ARG A 17 -3.73 6.34 6.72
N GLU A 18 -3.39 6.16 5.45
CA GLU A 18 -3.70 7.18 4.45
C GLU A 18 -4.34 6.58 3.21
N ALA A 19 -4.24 5.25 3.09
CA ALA A 19 -4.81 4.51 1.96
C ALA A 19 -4.26 4.94 0.61
N VAL A 20 -3.13 4.38 0.23
CA VAL A 20 -2.56 4.63 -1.07
C VAL A 20 -2.71 3.43 -1.98
N GLN A 21 -3.44 3.63 -3.05
CA GLN A 21 -3.68 2.60 -4.03
C GLN A 21 -2.46 2.46 -4.94
N THR A 22 -2.04 1.24 -5.15
CA THR A 22 -0.97 0.96 -6.07
C THR A 22 -1.56 0.79 -7.48
N PRO A 23 -0.75 0.92 -8.55
CA PRO A 23 -1.23 0.76 -9.93
C PRO A 23 -1.76 -0.67 -10.20
N CYS A 24 -1.30 -1.63 -9.43
CA CYS A 24 -1.79 -3.00 -9.53
C CYS A 24 -3.12 -3.17 -8.80
N GLY A 25 -3.46 -2.22 -7.94
CA GLY A 25 -4.75 -2.24 -7.28
C GLY A 25 -4.70 -2.81 -5.88
N HIS A 26 -3.83 -2.29 -5.04
CA HIS A 26 -3.77 -2.67 -3.62
C HIS A 26 -3.63 -1.41 -2.79
N ARG A 27 -4.30 -1.34 -1.65
CA ARG A 27 -4.13 -0.20 -0.78
C ARG A 27 -3.29 -0.53 0.44
N PHE A 28 -2.34 0.33 0.73
CA PHE A 28 -1.47 0.23 1.88
C PHE A 28 -1.38 1.59 2.54
N CYS A 29 -0.80 1.64 3.73
CA CYS A 29 -0.51 2.92 4.34
C CYS A 29 0.61 3.60 3.56
N LYS A 30 0.58 4.91 3.53
CA LYS A 30 1.50 5.69 2.72
C LYS A 30 2.92 5.68 3.30
N ALA A 31 3.07 5.09 4.46
CA ALA A 31 4.37 5.01 5.08
C ALA A 31 4.81 3.57 5.17
N CYS A 32 3.87 2.66 5.38
CA CYS A 32 4.19 1.25 5.46
C CYS A 32 4.71 0.73 4.13
N ILE A 33 4.01 1.07 3.05
CA ILE A 33 4.40 0.57 1.74
C ILE A 33 5.72 1.19 1.26
N ILE A 34 5.90 2.48 1.50
CA ILE A 34 7.12 3.15 1.09
C ILE A 34 8.33 2.57 1.81
N LYS A 35 8.21 2.34 3.11
CA LYS A 35 9.30 1.77 3.89
C LYS A 35 9.37 0.26 3.73
N SER A 36 8.53 -0.28 2.87
CA SER A 36 8.58 -1.69 2.57
C SER A 36 9.20 -1.89 1.18
N ILE A 37 9.11 -0.87 0.32
CA ILE A 37 9.63 -1.01 -1.04
C ILE A 37 10.96 -0.30 -1.24
N ARG A 38 11.29 0.65 -0.39
CA ARG A 38 12.59 1.30 -0.50
C ARG A 38 13.55 0.71 0.52
N ASP A 39 13.10 -0.30 1.25
CA ASP A 39 13.92 -0.92 2.28
C ASP A 39 14.00 -2.44 2.12
N ALA A 40 12.84 -3.10 2.06
CA ALA A 40 12.81 -4.55 1.92
C ALA A 40 12.97 -4.97 0.47
N GLY A 41 12.00 -4.65 -0.35
CA GLY A 41 12.07 -4.98 -1.75
C GLY A 41 11.22 -4.03 -2.54
N HIS A 42 11.66 -3.69 -3.73
CA HIS A 42 11.03 -2.63 -4.52
C HIS A 42 9.82 -3.17 -5.30
N LYS A 43 9.05 -4.01 -4.66
CA LYS A 43 7.89 -4.62 -5.23
C LYS A 43 6.82 -4.74 -4.15
N CYS A 44 5.56 -4.75 -4.54
CA CYS A 44 4.49 -4.93 -3.60
C CYS A 44 4.50 -6.37 -3.08
N PRO A 45 4.59 -6.56 -1.76
CA PRO A 45 4.82 -7.87 -1.14
C PRO A 45 3.70 -8.88 -1.40
N VAL A 46 2.52 -8.39 -1.67
CA VAL A 46 1.38 -9.26 -1.89
C VAL A 46 1.45 -10.02 -3.24
N ASP A 47 1.69 -9.30 -4.33
CA ASP A 47 1.68 -9.91 -5.66
C ASP A 47 3.06 -9.88 -6.35
N ASN A 48 4.07 -9.42 -5.62
CA ASN A 48 5.47 -9.41 -6.09
C ASN A 48 5.67 -8.60 -7.38
N GLU A 49 4.91 -7.54 -7.54
CA GLU A 49 5.03 -6.69 -8.73
C GLU A 49 5.84 -5.45 -8.42
N ILE A 50 6.62 -4.99 -9.37
CA ILE A 50 7.51 -3.85 -9.17
C ILE A 50 6.71 -2.59 -8.91
N LEU A 51 6.95 -1.99 -7.79
CA LEU A 51 6.20 -0.86 -7.36
C LEU A 51 7.09 0.38 -7.29
N LEU A 52 6.66 1.44 -7.94
CA LEU A 52 7.38 2.69 -7.92
C LEU A 52 6.68 3.64 -6.96
N GLU A 53 7.45 4.38 -6.19
CA GLU A 53 6.93 5.25 -5.16
C GLU A 53 5.99 6.32 -5.73
N ASN A 54 6.31 6.83 -6.91
CA ASN A 54 5.49 7.87 -7.56
C ASN A 54 4.16 7.30 -8.07
N GLN A 55 4.09 5.98 -8.19
CA GLN A 55 2.91 5.32 -8.72
C GLN A 55 1.83 5.15 -7.67
N LEU A 56 2.18 5.45 -6.43
CA LEU A 56 1.23 5.36 -5.33
C LEU A 56 0.29 6.56 -5.36
N PHE A 57 -0.99 6.31 -5.22
CA PHE A 57 -1.98 7.37 -5.22
C PHE A 57 -3.09 7.12 -4.21
N PRO A 58 -3.35 8.09 -3.34
CA PRO A 58 -4.43 8.01 -2.34
C PRO A 58 -5.80 8.14 -3.00
N ASP A 59 -6.86 7.90 -2.24
CA ASP A 59 -8.20 8.03 -2.79
C ASP A 59 -8.54 9.49 -2.92
N ASN A 60 -8.76 9.93 -4.14
CA ASN A 60 -9.15 11.30 -4.39
C ASN A 60 -10.66 11.42 -4.27
N PHE A 61 -11.09 11.85 -3.10
CA PHE A 61 -12.49 11.96 -2.79
C PHE A 61 -13.12 13.07 -3.63
N ALA A 62 -12.36 14.14 -3.82
CA ALA A 62 -12.75 15.28 -4.66
C ALA A 62 -11.64 16.31 -4.68
N LYS A 63 -11.19 16.66 -3.48
CA LYS A 63 -10.16 17.65 -3.27
C LYS A 63 -9.61 17.51 -1.87
N GLY A 1 -18.90 -13.75 5.21
CA GLY A 1 -18.95 -12.28 5.25
C GLY A 1 -18.36 -11.68 4.01
N PRO A 2 -18.85 -10.52 3.55
CA PRO A 2 -18.36 -9.87 2.32
C PRO A 2 -16.88 -9.50 2.41
N LEU A 3 -16.19 -9.65 1.30
CA LEU A 3 -14.79 -9.29 1.20
C LEU A 3 -14.59 -8.52 -0.10
N GLY A 4 -14.06 -7.33 0.02
CA GLY A 4 -13.80 -6.51 -1.14
C GLY A 4 -12.77 -5.47 -0.83
N SER A 5 -12.91 -4.29 -1.40
CA SER A 5 -12.00 -3.21 -1.09
C SER A 5 -12.24 -2.77 0.36
N LYS A 6 -11.18 -2.63 1.11
CA LYS A 6 -11.30 -2.33 2.51
C LYS A 6 -10.16 -1.45 2.97
N TYR A 7 -10.37 -0.74 4.04
CA TYR A 7 -9.35 0.12 4.58
C TYR A 7 -8.55 -0.60 5.65
N GLU A 8 -7.79 -1.58 5.21
CA GLU A 8 -6.92 -2.34 6.06
C GLU A 8 -5.67 -2.73 5.29
N CYS A 9 -4.53 -2.37 5.82
CA CYS A 9 -3.26 -2.72 5.25
C CYS A 9 -2.80 -4.04 5.85
N PRO A 10 -2.63 -5.08 5.02
CA PRO A 10 -2.27 -6.41 5.49
C PRO A 10 -0.88 -6.48 6.13
N ILE A 11 -0.05 -5.48 5.86
CA ILE A 11 1.28 -5.42 6.45
C ILE A 11 1.18 -5.20 7.97
N CYS A 12 0.31 -4.29 8.39
CA CYS A 12 0.19 -3.96 9.81
C CYS A 12 -1.09 -4.54 10.42
N LEU A 13 -2.10 -4.75 9.58
CA LEU A 13 -3.40 -5.29 9.97
C LEU A 13 -4.17 -4.35 10.92
N MET A 14 -3.83 -3.07 10.86
CA MET A 14 -4.54 -2.07 11.66
C MET A 14 -5.61 -1.37 10.82
N ALA A 15 -5.16 -0.61 9.85
CA ALA A 15 -6.01 0.19 8.99
C ALA A 15 -5.17 0.65 7.81
N LEU A 16 -5.61 1.69 7.11
CA LEU A 16 -4.79 2.28 6.07
C LEU A 16 -4.32 3.66 6.50
N ARG A 17 -3.01 3.84 6.51
CA ARG A 17 -2.45 5.15 6.76
C ARG A 17 -2.36 5.88 5.43
N GLU A 18 -3.22 6.89 5.28
CA GLU A 18 -3.32 7.73 4.08
C GLU A 18 -3.93 7.01 2.87
N ALA A 19 -4.08 5.69 2.99
CA ALA A 19 -4.73 4.83 1.99
C ALA A 19 -4.18 5.03 0.57
N VAL A 20 -3.09 4.37 0.26
CA VAL A 20 -2.55 4.49 -1.07
C VAL A 20 -2.81 3.22 -1.89
N GLN A 21 -3.60 3.37 -2.94
CA GLN A 21 -3.90 2.27 -3.82
C GLN A 21 -2.76 2.04 -4.81
N THR A 22 -2.31 0.83 -4.88
CA THR A 22 -1.28 0.45 -5.82
C THR A 22 -1.90 0.25 -7.21
N PRO A 23 -1.08 0.27 -8.28
CA PRO A 23 -1.58 0.00 -9.64
C PRO A 23 -2.12 -1.42 -9.77
N CYS A 24 -1.73 -2.28 -8.84
CA CYS A 24 -2.25 -3.63 -8.76
C CYS A 24 -3.75 -3.59 -8.41
N GLY A 25 -4.13 -2.62 -7.58
CA GLY A 25 -5.52 -2.47 -7.17
C GLY A 25 -5.69 -2.50 -5.67
N HIS A 26 -4.78 -3.18 -4.97
CA HIS A 26 -4.86 -3.27 -3.51
C HIS A 26 -4.25 -2.05 -2.82
N ARG A 27 -4.71 -1.79 -1.62
CA ARG A 27 -4.30 -0.60 -0.87
C ARG A 27 -3.40 -0.96 0.32
N PHE A 28 -2.41 -0.12 0.54
CA PHE A 28 -1.49 -0.25 1.68
C PHE A 28 -1.35 1.07 2.38
N CYS A 29 -0.76 1.07 3.56
CA CYS A 29 -0.46 2.31 4.24
C CYS A 29 0.71 2.98 3.57
N LYS A 30 0.69 4.28 3.56
CA LYS A 30 1.75 5.08 2.97
C LYS A 30 3.05 4.98 3.79
N ALA A 31 2.95 4.45 4.98
CA ALA A 31 4.10 4.35 5.85
C ALA A 31 4.47 2.89 6.05
N CYS A 32 3.76 2.02 5.37
CA CYS A 32 4.10 0.61 5.36
C CYS A 32 4.71 0.25 4.00
N ILE A 33 3.97 0.51 2.93
CA ILE A 33 4.39 0.10 1.60
C ILE A 33 5.61 0.88 1.09
N ILE A 34 5.65 2.18 1.32
CA ILE A 34 6.78 3.00 0.90
C ILE A 34 8.05 2.57 1.62
N LYS A 35 7.90 2.30 2.90
CA LYS A 35 9.02 1.92 3.75
C LYS A 35 9.38 0.44 3.50
N SER A 36 8.66 -0.20 2.61
CA SER A 36 8.97 -1.56 2.23
C SER A 36 9.60 -1.60 0.84
N ILE A 37 9.37 -0.57 0.03
CA ILE A 37 9.80 -0.63 -1.37
C ILE A 37 11.06 0.17 -1.63
N ARG A 38 11.35 1.15 -0.79
CA ARG A 38 12.61 1.87 -0.93
C ARG A 38 13.60 1.41 0.13
N ASP A 39 13.21 0.38 0.86
CA ASP A 39 14.03 -0.16 1.93
C ASP A 39 14.46 -1.58 1.61
N ALA A 40 13.51 -2.42 1.26
CA ALA A 40 13.82 -3.79 0.87
C ALA A 40 14.00 -3.89 -0.65
N GLY A 41 12.90 -3.74 -1.36
CA GLY A 41 12.94 -3.80 -2.80
C GLY A 41 11.69 -3.21 -3.38
N HIS A 42 11.73 -2.82 -4.63
CA HIS A 42 10.63 -2.10 -5.25
C HIS A 42 9.53 -3.01 -5.75
N LYS A 43 8.88 -3.68 -4.82
CA LYS A 43 7.74 -4.50 -5.12
C LYS A 43 6.82 -4.59 -3.91
N CYS A 44 5.54 -4.70 -4.14
CA CYS A 44 4.61 -4.96 -3.06
C CYS A 44 4.69 -6.44 -2.70
N PRO A 45 4.96 -6.75 -1.42
CA PRO A 45 5.30 -8.11 -0.98
C PRO A 45 4.20 -9.16 -1.22
N VAL A 46 2.95 -8.73 -1.25
CA VAL A 46 1.84 -9.68 -1.39
C VAL A 46 1.79 -10.36 -2.78
N ASP A 47 1.98 -9.59 -3.84
CA ASP A 47 1.89 -10.12 -5.20
C ASP A 47 3.19 -9.90 -5.97
N ASN A 48 4.20 -9.40 -5.27
CA ASN A 48 5.56 -9.16 -5.80
C ASN A 48 5.58 -8.32 -7.07
N GLU A 49 4.66 -7.37 -7.19
CA GLU A 49 4.61 -6.50 -8.36
C GLU A 49 5.46 -5.28 -8.15
N ILE A 50 6.11 -4.84 -9.22
CA ILE A 50 7.04 -3.74 -9.14
C ILE A 50 6.31 -2.45 -8.79
N LEU A 51 6.69 -1.87 -7.68
CA LEU A 51 6.04 -0.68 -7.20
C LEU A 51 7.06 0.39 -6.90
N LEU A 52 6.79 1.58 -7.37
CA LEU A 52 7.65 2.73 -7.17
C LEU A 52 6.89 3.77 -6.37
N GLU A 53 7.58 4.60 -5.62
CA GLU A 53 6.94 5.65 -4.83
C GLU A 53 6.20 6.62 -5.74
N ASN A 54 6.73 6.80 -6.95
CA ASN A 54 6.14 7.67 -7.96
C ASN A 54 4.76 7.15 -8.39
N GLN A 55 4.61 5.84 -8.37
CA GLN A 55 3.35 5.21 -8.73
C GLN A 55 2.30 5.51 -7.67
N LEU A 56 2.76 5.59 -6.44
CA LEU A 56 1.92 5.90 -5.32
C LEU A 56 1.57 7.38 -5.27
N PHE A 57 0.44 7.67 -4.66
CA PHE A 57 -0.07 9.02 -4.55
C PHE A 57 0.88 9.91 -3.75
N PRO A 58 0.88 11.23 -4.03
CA PRO A 58 1.77 12.19 -3.35
C PRO A 58 1.40 12.42 -1.89
N ASP A 59 2.39 12.82 -1.10
CA ASP A 59 2.20 13.06 0.31
C ASP A 59 1.59 14.41 0.55
N ASN A 60 0.41 14.42 1.12
CA ASN A 60 -0.24 15.65 1.49
C ASN A 60 -0.62 15.59 2.96
N PHE A 61 0.40 15.62 3.81
CA PHE A 61 0.20 15.58 5.26
C PHE A 61 -0.59 16.78 5.76
N ALA A 62 -0.23 17.96 5.27
CA ALA A 62 -0.82 19.18 5.74
C ALA A 62 -0.96 20.17 4.59
N LYS A 63 -1.82 21.14 4.74
CA LYS A 63 -2.04 22.14 3.71
C LYS A 63 -1.09 23.32 3.90
N GLY A 1 -16.86 -5.42 9.87
CA GLY A 1 -17.02 -6.02 8.54
C GLY A 1 -17.19 -7.52 8.63
N PRO A 2 -17.86 -8.15 7.65
CA PRO A 2 -18.11 -9.60 7.66
C PRO A 2 -16.82 -10.43 7.68
N LEU A 3 -15.82 -10.00 6.93
CA LEU A 3 -14.50 -10.60 7.01
C LEU A 3 -13.78 -10.02 8.20
N GLY A 4 -13.89 -8.73 8.32
CA GLY A 4 -13.23 -7.98 9.36
C GLY A 4 -12.95 -6.60 8.86
N SER A 5 -11.74 -6.39 8.39
CA SER A 5 -11.40 -5.14 7.75
C SER A 5 -10.88 -5.39 6.34
N LYS A 6 -11.60 -4.89 5.34
CA LYS A 6 -11.13 -5.01 3.97
C LYS A 6 -10.23 -3.82 3.63
N TYR A 7 -10.33 -2.78 4.45
CA TYR A 7 -9.47 -1.61 4.31
C TYR A 7 -8.32 -1.72 5.29
N GLU A 8 -7.78 -2.92 5.35
CA GLU A 8 -6.70 -3.26 6.22
C GLU A 8 -5.40 -3.25 5.43
N CYS A 9 -4.38 -2.64 5.98
CA CYS A 9 -3.07 -2.62 5.38
C CYS A 9 -2.35 -3.91 5.78
N PRO A 10 -2.05 -4.79 4.82
CA PRO A 10 -1.45 -6.10 5.11
C PRO A 10 -0.07 -5.99 5.74
N ILE A 11 0.59 -4.86 5.54
CA ILE A 11 1.88 -4.61 6.15
C ILE A 11 1.81 -4.46 7.68
N CYS A 12 0.81 -3.72 8.16
CA CYS A 12 0.72 -3.42 9.58
C CYS A 12 -0.40 -4.20 10.28
N LEU A 13 -1.37 -4.65 9.49
CA LEU A 13 -2.60 -5.32 9.99
C LEU A 13 -3.43 -4.38 10.85
N MET A 14 -3.22 -3.09 10.68
CA MET A 14 -3.99 -2.12 11.44
C MET A 14 -5.17 -1.65 10.63
N ALA A 15 -4.88 -0.85 9.63
CA ALA A 15 -5.87 -0.23 8.78
C ALA A 15 -5.13 0.53 7.71
N LEU A 16 -5.82 0.95 6.68
CA LEU A 16 -5.21 1.83 5.72
C LEU A 16 -5.34 3.24 6.24
N ARG A 17 -4.27 3.81 6.76
CA ARG A 17 -4.38 5.13 7.33
C ARG A 17 -4.27 6.22 6.26
N GLU A 18 -3.20 6.17 5.48
CA GLU A 18 -3.06 7.15 4.40
C GLU A 18 -3.74 6.62 3.16
N ALA A 19 -4.01 5.32 3.17
CA ALA A 19 -4.67 4.59 2.10
C ALA A 19 -4.18 4.98 0.70
N VAL A 20 -2.98 4.55 0.37
CA VAL A 20 -2.45 4.83 -0.93
C VAL A 20 -2.61 3.63 -1.83
N GLN A 21 -3.40 3.80 -2.88
CA GLN A 21 -3.65 2.75 -3.82
C GLN A 21 -2.47 2.63 -4.78
N THR A 22 -2.08 1.42 -5.05
CA THR A 22 -1.05 1.15 -6.02
C THR A 22 -1.72 0.94 -7.38
N PRO A 23 -0.97 1.08 -8.49
CA PRO A 23 -1.49 0.79 -9.83
C PRO A 23 -1.92 -0.68 -9.92
N CYS A 24 -1.29 -1.49 -9.09
CA CYS A 24 -1.56 -2.91 -8.97
C CYS A 24 -2.97 -3.15 -8.41
N GLY A 25 -3.55 -2.13 -7.80
CA GLY A 25 -4.89 -2.26 -7.25
C GLY A 25 -4.89 -2.68 -5.79
N HIS A 26 -3.74 -2.60 -5.16
CA HIS A 26 -3.62 -2.93 -3.74
C HIS A 26 -3.38 -1.65 -2.95
N ARG A 27 -3.95 -1.56 -1.77
CA ARG A 27 -3.79 -0.37 -0.94
C ARG A 27 -2.93 -0.65 0.28
N PHE A 28 -2.09 0.30 0.59
CA PHE A 28 -1.21 0.25 1.74
C PHE A 28 -1.15 1.64 2.37
N CYS A 29 -0.58 1.75 3.53
CA CYS A 29 -0.35 3.05 4.12
C CYS A 29 0.94 3.66 3.55
N LYS A 30 1.03 4.97 3.55
CA LYS A 30 2.17 5.68 2.96
C LYS A 30 3.41 5.50 3.82
N ALA A 31 3.22 5.03 5.03
CA ALA A 31 4.34 4.85 5.94
C ALA A 31 4.56 3.38 6.20
N CYS A 32 3.76 2.56 5.54
CA CYS A 32 3.92 1.13 5.58
C CYS A 32 4.58 0.63 4.29
N ILE A 33 3.97 0.94 3.15
CA ILE A 33 4.47 0.43 1.87
C ILE A 33 5.84 1.01 1.53
N ILE A 34 6.00 2.30 1.74
CA ILE A 34 7.25 2.99 1.46
C ILE A 34 8.36 2.46 2.34
N LYS A 35 8.03 2.24 3.60
CA LYS A 35 9.00 1.81 4.60
C LYS A 35 9.31 0.31 4.41
N SER A 36 8.61 -0.33 3.48
CA SER A 36 8.88 -1.71 3.16
C SER A 36 9.50 -1.87 1.77
N ILE A 37 9.29 -0.91 0.87
CA ILE A 37 9.74 -1.09 -0.50
C ILE A 37 10.99 -0.31 -0.83
N ARG A 38 11.43 0.53 0.08
CA ARG A 38 12.68 1.27 -0.15
C ARG A 38 13.85 0.54 0.49
N ASP A 39 13.54 -0.47 1.28
CA ASP A 39 14.56 -1.22 2.00
C ASP A 39 14.61 -2.68 1.56
N ALA A 40 13.46 -3.30 1.40
CA ALA A 40 13.41 -4.67 0.92
C ALA A 40 13.50 -4.69 -0.61
N GLY A 41 12.42 -4.29 -1.25
CA GLY A 41 12.42 -4.23 -2.69
C GLY A 41 11.26 -3.44 -3.20
N HIS A 42 11.41 -2.83 -4.37
CA HIS A 42 10.34 -2.02 -4.94
C HIS A 42 9.31 -2.86 -5.68
N LYS A 43 8.57 -3.62 -4.91
CA LYS A 43 7.51 -4.45 -5.39
C LYS A 43 6.49 -4.61 -4.28
N CYS A 44 5.22 -4.80 -4.63
CA CYS A 44 4.21 -5.02 -3.62
C CYS A 44 4.41 -6.39 -2.98
N PRO A 45 4.57 -6.45 -1.65
CA PRO A 45 4.95 -7.69 -0.95
C PRO A 45 3.92 -8.81 -1.09
N VAL A 46 2.68 -8.44 -1.28
CA VAL A 46 1.61 -9.42 -1.38
C VAL A 46 1.77 -10.31 -2.62
N ASP A 47 2.00 -9.70 -3.77
CA ASP A 47 2.01 -10.44 -5.04
C ASP A 47 3.27 -10.22 -5.88
N ASN A 48 4.24 -9.52 -5.32
CA ASN A 48 5.58 -9.35 -5.93
C ASN A 48 5.59 -8.68 -7.30
N GLU A 49 4.70 -7.72 -7.50
CA GLU A 49 4.72 -6.94 -8.72
C GLU A 49 5.50 -5.66 -8.52
N ILE A 50 6.23 -5.24 -9.54
CA ILE A 50 7.13 -4.09 -9.42
C ILE A 50 6.34 -2.81 -9.14
N LEU A 51 6.68 -2.17 -8.04
CA LEU A 51 5.96 -1.02 -7.58
C LEU A 51 6.88 0.19 -7.46
N LEU A 52 6.44 1.29 -8.02
CA LEU A 52 7.17 2.54 -7.95
C LEU A 52 6.48 3.48 -6.97
N GLU A 53 7.27 4.18 -6.19
CA GLU A 53 6.76 5.03 -5.11
C GLU A 53 5.94 6.20 -5.66
N ASN A 54 6.37 6.77 -6.77
CA ASN A 54 5.65 7.88 -7.42
C ASN A 54 4.31 7.42 -8.01
N GLN A 55 4.17 6.13 -8.21
CA GLN A 55 2.98 5.57 -8.85
C GLN A 55 1.82 5.42 -7.87
N LEU A 56 2.07 5.63 -6.59
CA LEU A 56 1.04 5.51 -5.57
C LEU A 56 0.04 6.65 -5.72
N PHE A 57 -1.25 6.33 -5.59
CA PHE A 57 -2.30 7.34 -5.70
C PHE A 57 -2.22 8.33 -4.54
N PRO A 58 -2.32 9.65 -4.83
CA PRO A 58 -2.19 10.71 -3.82
C PRO A 58 -3.24 10.61 -2.72
N ASP A 59 -2.81 10.95 -1.52
CA ASP A 59 -3.67 10.97 -0.34
C ASP A 59 -4.28 12.34 -0.18
N ASN A 60 -5.07 12.53 0.87
CA ASN A 60 -5.60 13.84 1.18
C ASN A 60 -5.49 14.12 2.67
N PHE A 61 -4.27 14.39 3.11
CA PHE A 61 -4.01 14.79 4.49
C PHE A 61 -3.36 16.15 4.52
N ALA A 62 -2.28 16.28 3.78
CA ALA A 62 -1.51 17.50 3.70
C ALA A 62 -0.68 17.45 2.44
N LYS A 63 -0.30 18.59 1.92
CA LYS A 63 0.53 18.63 0.73
C LYS A 63 1.98 18.40 1.13
N GLY A 1 -15.34 -6.22 9.93
CA GLY A 1 -16.72 -5.69 10.01
C GLY A 1 -17.68 -6.51 9.17
N PRO A 2 -18.75 -5.88 8.64
CA PRO A 2 -19.79 -6.57 7.84
C PRO A 2 -19.20 -7.34 6.67
N LEU A 3 -18.23 -6.75 6.01
CA LEU A 3 -17.53 -7.40 4.93
C LEU A 3 -16.06 -7.49 5.25
N GLY A 4 -15.43 -8.57 4.83
CA GLY A 4 -13.99 -8.68 4.93
C GLY A 4 -13.34 -7.95 3.77
N SER A 5 -13.65 -6.67 3.68
CA SER A 5 -13.25 -5.84 2.57
C SER A 5 -11.77 -5.48 2.63
N LYS A 6 -11.23 -5.13 1.48
CA LYS A 6 -9.81 -4.90 1.33
C LYS A 6 -9.45 -3.45 1.69
N TYR A 7 -9.67 -3.10 2.94
CA TYR A 7 -9.26 -1.81 3.49
C TYR A 7 -8.19 -2.03 4.54
N GLU A 8 -7.66 -3.22 4.56
CA GLU A 8 -6.64 -3.55 5.53
C GLU A 8 -5.29 -3.61 4.87
N CYS A 9 -4.41 -2.73 5.29
CA CYS A 9 -3.02 -2.74 4.87
C CYS A 9 -2.32 -3.90 5.54
N PRO A 10 -1.97 -4.95 4.78
CA PRO A 10 -1.46 -6.21 5.33
C PRO A 10 -0.10 -6.08 5.99
N ILE A 11 0.62 -5.01 5.67
CA ILE A 11 1.92 -4.77 6.26
C ILE A 11 1.81 -4.48 7.77
N CYS A 12 0.83 -3.66 8.13
CA CYS A 12 0.61 -3.34 9.53
C CYS A 12 -0.51 -4.18 10.11
N LEU A 13 -1.42 -4.64 9.24
CA LEU A 13 -2.61 -5.39 9.61
C LEU A 13 -3.51 -4.58 10.54
N MET A 14 -3.47 -3.27 10.39
CA MET A 14 -4.35 -2.40 11.14
C MET A 14 -5.55 -2.00 10.27
N ALA A 15 -5.25 -1.21 9.24
CA ALA A 15 -6.24 -0.64 8.32
C ALA A 15 -5.48 0.25 7.37
N LEU A 16 -6.15 1.13 6.66
CA LEU A 16 -5.48 2.09 5.81
C LEU A 16 -5.42 3.42 6.53
N ARG A 17 -4.24 3.97 6.70
CA ARG A 17 -4.15 5.27 7.32
C ARG A 17 -4.26 6.37 6.26
N GLU A 18 -3.23 6.54 5.45
CA GLU A 18 -3.30 7.52 4.37
C GLU A 18 -4.04 6.97 3.16
N ALA A 19 -4.19 5.64 3.15
CA ALA A 19 -4.84 4.91 2.06
C ALA A 19 -4.22 5.25 0.71
N VAL A 20 -3.08 4.67 0.44
CA VAL A 20 -2.43 4.88 -0.82
C VAL A 20 -2.64 3.68 -1.73
N GLN A 21 -3.36 3.90 -2.81
CA GLN A 21 -3.69 2.86 -3.75
C GLN A 21 -2.53 2.60 -4.71
N THR A 22 -2.25 1.35 -4.93
CA THR A 22 -1.20 0.93 -5.83
C THR A 22 -1.83 0.53 -7.18
N PRO A 23 -1.06 0.61 -8.28
CA PRO A 23 -1.59 0.33 -9.63
C PRO A 23 -2.06 -1.11 -9.81
N CYS A 24 -1.52 -2.02 -9.02
CA CYS A 24 -1.91 -3.41 -9.07
C CYS A 24 -3.28 -3.64 -8.42
N GLY A 25 -3.72 -2.67 -7.63
CA GLY A 25 -5.04 -2.75 -7.02
C GLY A 25 -5.02 -3.03 -5.54
N HIS A 26 -3.92 -2.70 -4.89
CA HIS A 26 -3.81 -2.90 -3.44
C HIS A 26 -3.75 -1.55 -2.77
N ARG A 27 -4.14 -1.50 -1.53
CA ARG A 27 -4.09 -0.25 -0.79
C ARG A 27 -3.30 -0.44 0.50
N PHE A 28 -2.46 0.53 0.80
CA PHE A 28 -1.56 0.47 1.96
C PHE A 28 -1.51 1.84 2.63
N CYS A 29 -0.78 1.94 3.74
CA CYS A 29 -0.49 3.22 4.36
C CYS A 29 0.84 3.73 3.79
N LYS A 30 1.12 5.04 3.90
CA LYS A 30 2.33 5.62 3.28
C LYS A 30 3.57 5.25 4.08
N ALA A 31 3.37 4.65 5.24
CA ALA A 31 4.48 4.37 6.12
C ALA A 31 4.68 2.88 6.20
N CYS A 32 3.83 2.17 5.49
CA CYS A 32 3.93 0.76 5.38
C CYS A 32 4.55 0.37 4.04
N ILE A 33 3.86 0.67 2.93
CA ILE A 33 4.34 0.28 1.60
C ILE A 33 5.63 1.02 1.22
N ILE A 34 5.69 2.31 1.51
CA ILE A 34 6.84 3.14 1.16
C ILE A 34 8.10 2.66 1.89
N LYS A 35 7.95 2.33 3.15
CA LYS A 35 9.07 1.93 3.98
C LYS A 35 9.41 0.45 3.72
N SER A 36 8.65 -0.21 2.88
CA SER A 36 8.92 -1.59 2.55
C SER A 36 9.49 -1.73 1.14
N ILE A 37 9.31 -0.69 0.32
CA ILE A 37 9.72 -0.79 -1.07
C ILE A 37 11.02 -0.06 -1.30
N ARG A 38 11.43 0.75 -0.35
CA ARG A 38 12.73 1.39 -0.46
C ARG A 38 13.72 0.73 0.47
N ASP A 39 13.25 -0.27 1.18
CA ASP A 39 14.07 -0.95 2.18
C ASP A 39 14.34 -2.38 1.75
N ALA A 40 13.31 -3.11 1.42
CA ALA A 40 13.46 -4.45 0.90
C ALA A 40 13.77 -4.38 -0.59
N GLY A 41 12.79 -3.99 -1.36
CA GLY A 41 12.93 -3.82 -2.77
C GLY A 41 11.68 -3.23 -3.31
N HIS A 42 11.72 -2.69 -4.51
CA HIS A 42 10.54 -2.04 -5.05
C HIS A 42 9.54 -3.03 -5.60
N LYS A 43 8.89 -3.73 -4.70
CA LYS A 43 7.84 -4.66 -5.03
C LYS A 43 6.79 -4.61 -3.93
N CYS A 44 5.55 -4.87 -4.28
CA CYS A 44 4.54 -5.06 -3.29
C CYS A 44 4.59 -6.51 -2.80
N PRO A 45 4.76 -6.71 -1.48
CA PRO A 45 5.07 -8.04 -0.91
C PRO A 45 3.97 -9.08 -1.13
N VAL A 46 2.75 -8.62 -1.28
CA VAL A 46 1.61 -9.51 -1.43
C VAL A 46 1.55 -10.24 -2.79
N ASP A 47 1.83 -9.53 -3.87
CA ASP A 47 1.75 -10.12 -5.21
C ASP A 47 3.08 -10.05 -5.96
N ASN A 48 4.12 -9.60 -5.25
CA ASN A 48 5.52 -9.54 -5.76
C ASN A 48 5.66 -8.83 -7.11
N GLU A 49 4.87 -7.80 -7.31
CA GLU A 49 4.96 -6.97 -8.50
C GLU A 49 5.79 -5.74 -8.25
N ILE A 50 6.40 -5.22 -9.28
CA ILE A 50 7.26 -4.06 -9.16
C ILE A 50 6.42 -2.85 -8.76
N LEU A 51 6.77 -2.26 -7.65
CA LEU A 51 6.02 -1.17 -7.12
C LEU A 51 6.87 0.09 -7.23
N LEU A 52 6.38 1.05 -7.99
CA LEU A 52 7.08 2.30 -8.18
C LEU A 52 6.50 3.35 -7.25
N GLU A 53 7.37 4.11 -6.60
CA GLU A 53 6.96 5.07 -5.57
C GLU A 53 6.11 6.18 -6.15
N ASN A 54 6.43 6.61 -7.36
CA ASN A 54 5.68 7.70 -8.01
C ASN A 54 4.23 7.33 -8.31
N GLN A 55 3.98 6.05 -8.55
CA GLN A 55 2.63 5.57 -8.81
C GLN A 55 1.74 5.66 -7.57
N LEU A 56 2.35 5.72 -6.41
CA LEU A 56 1.62 5.84 -5.16
C LEU A 56 0.94 7.20 -5.07
N PHE A 57 -0.26 7.21 -4.54
CA PHE A 57 -1.01 8.43 -4.33
C PHE A 57 -0.30 9.32 -3.32
N PRO A 58 -0.26 10.63 -3.57
CA PRO A 58 0.40 11.57 -2.70
C PRO A 58 -0.30 11.71 -1.36
N ASP A 59 0.47 12.02 -0.34
CA ASP A 59 -0.05 12.22 1.00
C ASP A 59 -0.68 13.60 1.12
N ASN A 60 -1.95 13.63 1.46
CA ASN A 60 -2.68 14.89 1.53
C ASN A 60 -2.49 15.56 2.88
N PHE A 61 -1.77 16.65 2.88
CA PHE A 61 -1.49 17.40 4.10
C PHE A 61 -2.65 18.26 4.52
N ALA A 62 -2.79 18.42 5.81
CA ALA A 62 -3.78 19.28 6.40
C ALA A 62 -3.11 20.16 7.44
N LYS A 63 -3.73 21.27 7.76
CA LYS A 63 -3.16 22.19 8.72
C LYS A 63 -3.36 21.64 10.12
N GLY A 1 -8.81 -11.07 11.82
CA GLY A 1 -10.07 -10.34 11.64
C GLY A 1 -10.88 -10.95 10.53
N PRO A 2 -11.77 -10.20 9.89
CA PRO A 2 -12.57 -10.69 8.77
C PRO A 2 -11.73 -10.94 7.52
N LEU A 3 -12.17 -11.89 6.72
CA LEU A 3 -11.49 -12.23 5.49
C LEU A 3 -11.75 -11.14 4.47
N GLY A 4 -10.68 -10.60 3.89
CA GLY A 4 -10.84 -9.48 2.98
C GLY A 4 -11.40 -8.27 3.69
N SER A 5 -10.59 -7.68 4.57
CA SER A 5 -11.02 -6.55 5.35
C SER A 5 -11.19 -5.30 4.49
N LYS A 6 -12.08 -4.41 4.90
CA LYS A 6 -12.40 -3.23 4.13
C LYS A 6 -11.52 -2.07 4.58
N TYR A 7 -10.78 -1.50 3.63
CA TYR A 7 -9.83 -0.41 3.88
C TYR A 7 -8.85 -0.77 5.01
N GLU A 8 -7.97 -1.70 4.73
CA GLU A 8 -6.99 -2.09 5.71
C GLU A 8 -5.69 -2.48 5.02
N CYS A 9 -4.60 -1.90 5.49
CA CYS A 9 -3.27 -2.16 4.97
C CYS A 9 -2.83 -3.56 5.37
N PRO A 10 -2.66 -4.47 4.40
CA PRO A 10 -2.29 -5.87 4.69
C PRO A 10 -0.93 -5.99 5.36
N ILE A 11 -0.10 -4.97 5.20
CA ILE A 11 1.22 -4.96 5.84
C ILE A 11 1.10 -4.88 7.36
N CYS A 12 0.23 -4.01 7.86
CA CYS A 12 0.11 -3.79 9.30
C CYS A 12 -1.13 -4.47 9.89
N LEU A 13 -2.12 -4.73 9.03
CA LEU A 13 -3.41 -5.30 9.43
C LEU A 13 -4.10 -4.46 10.51
N MET A 14 -3.79 -3.18 10.55
CA MET A 14 -4.46 -2.26 11.44
C MET A 14 -5.59 -1.54 10.71
N ALA A 15 -5.19 -0.76 9.71
CA ALA A 15 -6.11 0.04 8.89
C ALA A 15 -5.29 0.76 7.83
N LEU A 16 -5.91 1.65 7.08
CA LEU A 16 -5.17 2.47 6.14
C LEU A 16 -4.90 3.83 6.76
N ARG A 17 -3.66 4.06 7.14
CA ARG A 17 -3.27 5.34 7.73
C ARG A 17 -3.30 6.45 6.68
N GLU A 18 -2.78 6.16 5.50
CA GLU A 18 -2.79 7.13 4.40
C GLU A 18 -3.63 6.67 3.23
N ALA A 19 -3.94 5.37 3.18
CA ALA A 19 -4.72 4.78 2.09
C ALA A 19 -4.12 5.09 0.72
N VAL A 20 -2.98 4.49 0.42
CA VAL A 20 -2.34 4.70 -0.86
C VAL A 20 -2.76 3.63 -1.85
N GLN A 21 -3.41 4.05 -2.91
CA GLN A 21 -3.77 3.14 -3.97
C GLN A 21 -2.57 2.91 -4.88
N THR A 22 -2.35 1.66 -5.23
CA THR A 22 -1.25 1.28 -6.07
C THR A 22 -1.79 0.83 -7.43
N PRO A 23 -1.00 0.98 -8.53
CA PRO A 23 -1.41 0.56 -9.89
C PRO A 23 -1.78 -0.91 -9.92
N CYS A 24 -1.04 -1.70 -9.16
CA CYS A 24 -1.21 -3.13 -9.07
C CYS A 24 -2.62 -3.51 -8.57
N GLY A 25 -3.19 -2.66 -7.73
CA GLY A 25 -4.52 -2.94 -7.21
C GLY A 25 -4.50 -3.28 -5.75
N HIS A 26 -3.62 -2.64 -5.00
CA HIS A 26 -3.53 -2.85 -3.58
C HIS A 26 -3.63 -1.52 -2.88
N ARG A 27 -4.03 -1.54 -1.63
CA ARG A 27 -4.09 -0.34 -0.82
C ARG A 27 -3.25 -0.55 0.42
N PHE A 28 -2.39 0.42 0.72
CA PHE A 28 -1.47 0.31 1.86
C PHE A 28 -1.37 1.65 2.57
N CYS A 29 -0.58 1.69 3.62
CA CYS A 29 -0.24 2.95 4.24
C CYS A 29 1.03 3.51 3.60
N LYS A 30 1.16 4.82 3.60
CA LYS A 30 2.28 5.51 2.96
C LYS A 30 3.58 5.30 3.75
N ALA A 31 3.49 4.69 4.91
CA ALA A 31 4.66 4.46 5.72
C ALA A 31 4.95 2.97 5.82
N CYS A 32 3.96 2.18 5.46
CA CYS A 32 4.14 0.75 5.41
C CYS A 32 4.76 0.34 4.08
N ILE A 33 4.08 0.65 2.99
CA ILE A 33 4.52 0.22 1.67
C ILE A 33 5.83 0.90 1.25
N ILE A 34 5.95 2.19 1.52
CA ILE A 34 7.15 2.94 1.14
C ILE A 34 8.39 2.41 1.82
N LYS A 35 8.28 2.12 3.10
CA LYS A 35 9.44 1.70 3.88
C LYS A 35 9.74 0.22 3.59
N SER A 36 8.91 -0.38 2.75
CA SER A 36 9.14 -1.75 2.33
C SER A 36 9.66 -1.79 0.89
N ILE A 37 9.42 -0.72 0.12
CA ILE A 37 9.81 -0.73 -1.29
C ILE A 37 11.06 0.09 -1.56
N ARG A 38 11.36 1.07 -0.72
CA ARG A 38 12.59 1.84 -0.92
C ARG A 38 13.69 1.34 0.00
N ASP A 39 13.39 0.32 0.77
CA ASP A 39 14.35 -0.23 1.72
C ASP A 39 14.73 -1.66 1.38
N ALA A 40 13.74 -2.48 1.08
CA ALA A 40 14.01 -3.87 0.69
C ALA A 40 14.09 -3.98 -0.84
N GLY A 41 12.97 -3.79 -1.49
CA GLY A 41 12.91 -3.86 -2.93
C GLY A 41 11.60 -3.29 -3.43
N HIS A 42 11.53 -2.94 -4.69
CA HIS A 42 10.35 -2.26 -5.22
C HIS A 42 9.28 -3.26 -5.64
N LYS A 43 8.58 -3.81 -4.68
CA LYS A 43 7.55 -4.78 -4.94
C LYS A 43 6.52 -4.80 -3.83
N CYS A 44 5.25 -5.02 -4.17
CA CYS A 44 4.25 -5.25 -3.16
C CYS A 44 4.39 -6.68 -2.64
N PRO A 45 4.57 -6.85 -1.33
CA PRO A 45 4.99 -8.14 -0.72
C PRO A 45 4.00 -9.28 -0.94
N VAL A 46 2.75 -8.92 -1.14
CA VAL A 46 1.71 -9.90 -1.32
C VAL A 46 1.85 -10.72 -2.62
N ASP A 47 2.12 -10.06 -3.74
CA ASP A 47 2.17 -10.75 -5.03
C ASP A 47 3.46 -10.47 -5.80
N ASN A 48 4.40 -9.79 -5.16
CA ASN A 48 5.72 -9.43 -5.71
C ASN A 48 5.68 -8.68 -7.05
N GLU A 49 4.71 -7.80 -7.20
CA GLU A 49 4.64 -6.93 -8.35
C GLU A 49 5.47 -5.70 -8.13
N ILE A 50 6.13 -5.23 -9.17
CA ILE A 50 7.00 -4.08 -9.07
C ILE A 50 6.21 -2.82 -8.76
N LEU A 51 6.54 -2.18 -7.65
CA LEU A 51 5.85 -1.00 -7.21
C LEU A 51 6.82 0.10 -6.83
N LEU A 52 6.56 1.31 -7.31
CA LEU A 52 7.37 2.47 -7.01
C LEU A 52 6.59 3.44 -6.12
N GLU A 53 7.32 4.28 -5.41
CA GLU A 53 6.74 5.28 -4.50
C GLU A 53 5.87 6.26 -5.28
N ASN A 54 6.34 6.60 -6.45
CA ASN A 54 5.71 7.62 -7.27
C ASN A 54 4.46 7.11 -7.96
N GLN A 55 4.18 5.82 -7.83
CA GLN A 55 2.99 5.24 -8.41
C GLN A 55 1.80 5.31 -7.47
N LEU A 56 2.07 5.71 -6.23
CA LEU A 56 1.05 5.73 -5.20
C LEU A 56 0.06 6.87 -5.42
N PHE A 57 -1.19 6.63 -5.04
CA PHE A 57 -2.22 7.66 -5.00
C PHE A 57 -2.68 7.87 -3.55
N PRO A 58 -1.90 8.62 -2.76
CA PRO A 58 -2.16 8.84 -1.32
C PRO A 58 -3.47 9.58 -0.99
N ASP A 59 -3.79 10.61 -1.75
CA ASP A 59 -4.87 11.47 -1.34
C ASP A 59 -6.04 11.46 -2.30
N ASN A 60 -6.91 10.49 -2.11
CA ASN A 60 -8.17 10.43 -2.82
C ASN A 60 -9.19 9.62 -2.01
N PHE A 61 -8.84 9.34 -0.77
CA PHE A 61 -9.69 8.57 0.13
C PHE A 61 -9.91 9.39 1.39
N ALA A 62 -11.13 9.31 1.94
CA ALA A 62 -11.47 9.93 3.24
C ALA A 62 -11.06 11.41 3.29
N LYS A 63 -11.28 12.11 2.19
CA LYS A 63 -10.82 13.49 2.10
C LYS A 63 -11.96 14.39 1.66
N GLY A 1 -11.55 -10.97 3.34
CA GLY A 1 -11.27 -12.28 3.94
C GLY A 1 -9.89 -12.32 4.56
N PRO A 2 -9.53 -13.42 5.23
CA PRO A 2 -8.20 -13.59 5.85
C PRO A 2 -7.05 -13.57 4.84
N LEU A 3 -7.33 -14.03 3.62
CA LEU A 3 -6.31 -14.09 2.59
C LEU A 3 -6.71 -13.23 1.41
N GLY A 4 -5.80 -12.39 0.95
CA GLY A 4 -6.08 -11.59 -0.20
C GLY A 4 -5.78 -10.13 0.05
N SER A 5 -6.50 -9.27 -0.61
CA SER A 5 -6.33 -7.85 -0.46
C SER A 5 -7.58 -7.21 0.17
N LYS A 6 -7.46 -6.87 1.43
CA LYS A 6 -8.53 -6.23 2.18
C LYS A 6 -8.28 -4.72 2.20
N TYR A 7 -9.30 -3.92 2.53
CA TYR A 7 -9.11 -2.47 2.66
C TYR A 7 -8.47 -2.15 4.00
N GLU A 8 -7.43 -2.89 4.26
CA GLU A 8 -6.64 -2.83 5.43
C GLU A 8 -5.22 -3.04 4.96
N CYS A 9 -4.29 -2.28 5.50
CA CYS A 9 -2.91 -2.41 5.12
C CYS A 9 -2.34 -3.70 5.71
N PRO A 10 -2.08 -4.71 4.86
CA PRO A 10 -1.65 -6.03 5.33
C PRO A 10 -0.26 -6.00 5.93
N ILE A 11 0.48 -4.95 5.64
CA ILE A 11 1.81 -4.77 6.19
C ILE A 11 1.74 -4.56 7.71
N CYS A 12 0.80 -3.74 8.16
CA CYS A 12 0.68 -3.43 9.57
C CYS A 12 -0.50 -4.16 10.23
N LEU A 13 -1.43 -4.66 9.40
CA LEU A 13 -2.66 -5.32 9.86
C LEU A 13 -3.51 -4.40 10.74
N MET A 14 -3.31 -3.11 10.60
CA MET A 14 -4.04 -2.16 11.41
C MET A 14 -5.27 -1.66 10.67
N ALA A 15 -5.02 -0.93 9.60
CA ALA A 15 -6.05 -0.32 8.77
C ALA A 15 -5.33 0.43 7.68
N LEU A 16 -6.05 1.24 6.93
CA LEU A 16 -5.41 2.12 5.97
C LEU A 16 -5.28 3.47 6.61
N ARG A 17 -4.06 3.88 6.95
CA ARG A 17 -3.86 5.17 7.60
C ARG A 17 -4.24 6.32 6.66
N GLU A 18 -3.79 6.24 5.42
CA GLU A 18 -4.16 7.24 4.42
C GLU A 18 -4.61 6.60 3.11
N ALA A 19 -4.34 5.31 2.97
CA ALA A 19 -4.73 4.52 1.80
C ALA A 19 -4.07 5.01 0.52
N VAL A 20 -2.94 4.43 0.19
CA VAL A 20 -2.31 4.67 -1.08
C VAL A 20 -2.54 3.49 -1.99
N GLN A 21 -3.21 3.73 -3.09
CA GLN A 21 -3.55 2.68 -4.03
C GLN A 21 -2.36 2.38 -4.92
N THR A 22 -2.02 1.12 -5.00
CA THR A 22 -0.99 0.66 -5.91
C THR A 22 -1.65 0.30 -7.24
N PRO A 23 -0.90 0.33 -8.35
CA PRO A 23 -1.47 0.13 -9.70
C PRO A 23 -2.14 -1.23 -9.87
N CYS A 24 -1.66 -2.24 -9.16
CA CYS A 24 -2.24 -3.56 -9.23
C CYS A 24 -3.57 -3.65 -8.45
N GLY A 25 -3.82 -2.67 -7.59
CA GLY A 25 -5.09 -2.60 -6.90
C GLY A 25 -5.03 -3.00 -5.44
N HIS A 26 -3.99 -2.56 -4.75
CA HIS A 26 -3.86 -2.85 -3.33
C HIS A 26 -3.69 -1.53 -2.59
N ARG A 27 -4.25 -1.41 -1.41
CA ARG A 27 -4.12 -0.17 -0.66
C ARG A 27 -3.22 -0.39 0.56
N PHE A 28 -2.33 0.54 0.78
CA PHE A 28 -1.39 0.47 1.91
C PHE A 28 -1.33 1.82 2.61
N CYS A 29 -0.73 1.87 3.78
CA CYS A 29 -0.50 3.14 4.44
C CYS A 29 0.66 3.87 3.76
N LYS A 30 0.68 5.18 3.92
CA LYS A 30 1.65 6.04 3.25
C LYS A 30 3.07 5.83 3.80
N ALA A 31 3.18 5.11 4.89
CA ALA A 31 4.47 4.87 5.50
C ALA A 31 4.83 3.40 5.44
N CYS A 32 3.83 2.53 5.62
CA CYS A 32 4.08 1.10 5.66
C CYS A 32 4.62 0.58 4.32
N ILE A 33 4.00 0.98 3.21
CA ILE A 33 4.45 0.51 1.91
C ILE A 33 5.80 1.11 1.52
N ILE A 34 5.98 2.39 1.79
CA ILE A 34 7.20 3.09 1.45
C ILE A 34 8.41 2.53 2.21
N LYS A 35 8.22 2.25 3.48
CA LYS A 35 9.29 1.73 4.32
C LYS A 35 9.48 0.23 4.05
N SER A 36 8.68 -0.32 3.17
CA SER A 36 8.88 -1.68 2.77
C SER A 36 9.48 -1.75 1.35
N ILE A 37 9.34 -0.67 0.58
CA ILE A 37 9.83 -0.69 -0.81
C ILE A 37 11.13 0.06 -1.00
N ARG A 38 11.46 0.98 -0.10
CA ARG A 38 12.78 1.59 -0.14
C ARG A 38 13.69 0.90 0.84
N ASP A 39 13.19 -0.18 1.40
CA ASP A 39 13.93 -0.93 2.41
C ASP A 39 14.23 -2.33 1.88
N ALA A 40 13.19 -3.04 1.49
CA ALA A 40 13.37 -4.37 0.92
C ALA A 40 13.62 -4.29 -0.58
N GLY A 41 12.57 -3.96 -1.32
CA GLY A 41 12.68 -3.83 -2.75
C GLY A 41 11.46 -3.14 -3.30
N HIS A 42 11.56 -2.66 -4.51
CA HIS A 42 10.46 -1.92 -5.10
C HIS A 42 9.47 -2.83 -5.82
N LYS A 43 8.67 -3.50 -5.01
CA LYS A 43 7.60 -4.36 -5.48
C LYS A 43 6.60 -4.55 -4.35
N CYS A 44 5.37 -4.85 -4.69
CA CYS A 44 4.39 -5.13 -3.67
C CYS A 44 4.57 -6.56 -3.16
N PRO A 45 4.76 -6.73 -1.85
CA PRO A 45 5.09 -8.03 -1.25
C PRO A 45 4.02 -9.11 -1.44
N VAL A 46 2.78 -8.67 -1.58
CA VAL A 46 1.66 -9.59 -1.70
C VAL A 46 1.62 -10.36 -3.03
N ASP A 47 1.81 -9.67 -4.14
CA ASP A 47 1.76 -10.32 -5.46
C ASP A 47 3.04 -10.15 -6.25
N ASN A 48 4.05 -9.54 -5.64
CA ASN A 48 5.39 -9.37 -6.21
C ASN A 48 5.39 -8.63 -7.55
N GLU A 49 4.50 -7.68 -7.70
CA GLU A 49 4.47 -6.86 -8.90
C GLU A 49 5.35 -5.64 -8.69
N ILE A 50 5.96 -5.15 -9.76
CA ILE A 50 6.91 -4.06 -9.66
C ILE A 50 6.20 -2.77 -9.23
N LEU A 51 6.62 -2.23 -8.11
CA LEU A 51 6.00 -1.07 -7.56
C LEU A 51 7.00 0.07 -7.42
N LEU A 52 6.65 1.22 -7.94
CA LEU A 52 7.48 2.39 -7.82
C LEU A 52 6.86 3.37 -6.85
N GLU A 53 7.71 4.13 -6.18
CA GLU A 53 7.27 5.05 -5.14
C GLU A 53 6.42 6.18 -5.74
N ASN A 54 6.80 6.61 -6.93
CA ASN A 54 6.06 7.65 -7.67
C ASN A 54 4.67 7.16 -8.06
N GLN A 55 4.54 5.86 -8.26
CA GLN A 55 3.27 5.24 -8.66
C GLN A 55 2.27 5.22 -7.51
N LEU A 56 2.75 5.46 -6.30
CA LEU A 56 1.88 5.50 -5.13
C LEU A 56 1.10 6.82 -5.08
N PHE A 57 -0.18 6.72 -4.78
CA PHE A 57 -1.02 7.90 -4.64
C PHE A 57 -2.15 7.61 -3.65
N PRO A 58 -2.55 8.61 -2.84
CA PRO A 58 -3.67 8.44 -1.91
C PRO A 58 -4.98 8.24 -2.66
N ASP A 59 -5.84 7.40 -2.15
CA ASP A 59 -7.10 7.16 -2.80
C ASP A 59 -8.21 6.80 -1.84
N ASN A 60 -9.32 7.50 -1.97
CA ASN A 60 -10.52 7.19 -1.21
C ASN A 60 -11.66 6.88 -2.19
N PHE A 61 -11.27 6.34 -3.37
CA PHE A 61 -12.20 6.13 -4.50
C PHE A 61 -12.75 7.46 -4.97
N ALA A 62 -11.89 8.46 -4.92
CA ALA A 62 -12.25 9.80 -5.29
C ALA A 62 -11.10 10.43 -6.04
N LYS A 63 -11.40 11.07 -7.14
CA LYS A 63 -10.40 11.71 -7.96
C LYS A 63 -11.04 12.90 -8.63
N GLY A 1 -15.65 -15.35 12.32
CA GLY A 1 -16.09 -14.98 10.97
C GLY A 1 -14.96 -15.06 9.96
N PRO A 2 -15.28 -15.13 8.66
CA PRO A 2 -14.28 -15.23 7.59
C PRO A 2 -13.36 -14.01 7.51
N LEU A 3 -12.11 -14.26 7.10
CA LEU A 3 -11.15 -13.21 6.87
C LEU A 3 -11.66 -12.33 5.75
N GLY A 4 -12.18 -12.98 4.70
CA GLY A 4 -12.84 -12.28 3.61
C GLY A 4 -11.95 -11.26 2.93
N SER A 5 -12.50 -10.09 2.71
CA SER A 5 -11.78 -9.00 2.13
C SER A 5 -12.02 -7.75 2.98
N LYS A 6 -11.02 -6.90 3.06
CA LYS A 6 -11.09 -5.72 3.89
C LYS A 6 -10.31 -4.58 3.28
N TYR A 7 -10.60 -3.38 3.70
CA TYR A 7 -9.79 -2.25 3.33
C TYR A 7 -8.84 -1.96 4.45
N GLU A 8 -7.72 -2.62 4.39
CA GLU A 8 -6.73 -2.61 5.42
C GLU A 8 -5.36 -2.72 4.77
N CYS A 9 -4.36 -2.16 5.41
CA CYS A 9 -3.00 -2.25 4.94
C CYS A 9 -2.44 -3.59 5.35
N PRO A 10 -2.22 -4.51 4.38
CA PRO A 10 -1.80 -5.88 4.68
C PRO A 10 -0.43 -5.94 5.36
N ILE A 11 0.34 -4.88 5.21
CA ILE A 11 1.65 -4.81 5.86
C ILE A 11 1.52 -4.72 7.38
N CYS A 12 0.62 -3.90 7.87
CA CYS A 12 0.52 -3.65 9.31
C CYS A 12 -0.67 -4.38 9.93
N LEU A 13 -1.63 -4.76 9.09
CA LEU A 13 -2.87 -5.41 9.53
C LEU A 13 -3.66 -4.55 10.51
N MET A 14 -3.42 -3.24 10.48
CA MET A 14 -4.14 -2.33 11.36
C MET A 14 -5.33 -1.74 10.63
N ALA A 15 -5.04 -0.97 9.59
CA ALA A 15 -6.02 -0.30 8.74
C ALA A 15 -5.25 0.53 7.76
N LEU A 16 -5.92 1.32 6.95
CA LEU A 16 -5.20 2.22 6.10
C LEU A 16 -5.13 3.54 6.81
N ARG A 17 -3.98 3.87 7.39
CA ARG A 17 -3.86 5.13 8.10
C ARG A 17 -3.85 6.27 7.11
N GLU A 18 -3.06 6.10 6.05
CA GLU A 18 -2.85 7.14 5.07
C GLU A 18 -3.61 6.81 3.78
N ALA A 19 -3.98 5.52 3.66
CA ALA A 19 -4.64 4.95 2.48
C ALA A 19 -4.04 5.39 1.14
N VAL A 20 -3.06 4.64 0.67
CA VAL A 20 -2.45 4.88 -0.64
C VAL A 20 -2.62 3.67 -1.57
N GLN A 21 -3.24 3.91 -2.71
CA GLN A 21 -3.52 2.88 -3.69
C GLN A 21 -2.29 2.59 -4.52
N THR A 22 -2.16 1.35 -4.91
CA THR A 22 -1.13 0.93 -5.80
C THR A 22 -1.74 0.55 -7.15
N PRO A 23 -0.98 0.70 -8.26
CA PRO A 23 -1.48 0.39 -9.60
C PRO A 23 -1.86 -1.09 -9.79
N CYS A 24 -1.28 -1.98 -9.01
CA CYS A 24 -1.63 -3.38 -9.09
C CYS A 24 -2.94 -3.70 -8.37
N GLY A 25 -3.39 -2.77 -7.52
CA GLY A 25 -4.69 -2.92 -6.89
C GLY A 25 -4.63 -3.30 -5.43
N HIS A 26 -3.77 -2.66 -4.68
CA HIS A 26 -3.70 -2.90 -3.23
C HIS A 26 -3.65 -1.56 -2.54
N ARG A 27 -4.17 -1.48 -1.36
CA ARG A 27 -4.09 -0.27 -0.58
C ARG A 27 -3.20 -0.48 0.62
N PHE A 28 -2.32 0.48 0.86
CA PHE A 28 -1.37 0.41 1.96
C PHE A 28 -1.31 1.75 2.67
N CYS A 29 -0.59 1.81 3.77
CA CYS A 29 -0.30 3.07 4.40
C CYS A 29 0.97 3.66 3.78
N LYS A 30 1.05 4.99 3.77
CA LYS A 30 2.18 5.70 3.20
C LYS A 30 3.46 5.49 4.01
N ALA A 31 3.32 4.91 5.19
CA ALA A 31 4.48 4.69 6.02
C ALA A 31 4.75 3.20 6.16
N CYS A 32 3.94 2.41 5.48
CA CYS A 32 4.15 0.99 5.44
C CYS A 32 4.72 0.55 4.09
N ILE A 33 4.04 0.95 3.01
CA ILE A 33 4.45 0.54 1.67
C ILE A 33 5.77 1.19 1.24
N ILE A 34 5.96 2.45 1.62
CA ILE A 34 7.20 3.15 1.30
C ILE A 34 8.38 2.46 1.98
N LYS A 35 8.18 2.05 3.20
CA LYS A 35 9.23 1.40 3.97
C LYS A 35 9.35 -0.06 3.56
N SER A 36 8.57 -0.46 2.58
CA SER A 36 8.69 -1.78 2.01
C SER A 36 9.33 -1.68 0.61
N ILE A 37 9.20 -0.52 -0.04
CA ILE A 37 9.73 -0.36 -1.38
C ILE A 37 11.00 0.48 -1.45
N ARG A 38 11.42 1.05 -0.33
CA ARG A 38 12.73 1.68 -0.29
C ARG A 38 13.60 1.12 0.82
N ASP A 39 13.08 0.13 1.53
CA ASP A 39 13.79 -0.50 2.64
C ASP A 39 13.88 -2.02 2.50
N ALA A 40 12.78 -2.65 2.10
CA ALA A 40 12.74 -4.10 1.97
C ALA A 40 13.10 -4.51 0.55
N GLY A 41 12.26 -4.15 -0.38
CA GLY A 41 12.49 -4.38 -1.78
C GLY A 41 12.10 -3.16 -2.56
N HIS A 42 11.65 -3.35 -3.77
CA HIS A 42 11.08 -2.24 -4.54
C HIS A 42 9.85 -2.77 -5.27
N LYS A 43 9.21 -3.71 -4.64
CA LYS A 43 8.09 -4.41 -5.23
C LYS A 43 6.95 -4.48 -4.24
N CYS A 44 5.76 -4.72 -4.74
CA CYS A 44 4.62 -4.93 -3.92
C CYS A 44 4.72 -6.31 -3.31
N PRO A 45 4.71 -6.40 -1.97
CA PRO A 45 4.90 -7.67 -1.27
C PRO A 45 3.79 -8.69 -1.53
N VAL A 46 2.58 -8.19 -1.74
CA VAL A 46 1.41 -9.05 -1.85
C VAL A 46 1.43 -9.91 -3.11
N ASP A 47 1.70 -9.31 -4.25
CA ASP A 47 1.67 -10.03 -5.51
C ASP A 47 3.04 -10.13 -6.17
N ASN A 48 4.06 -9.66 -5.45
CA ASN A 48 5.47 -9.73 -5.90
C ASN A 48 5.70 -8.99 -7.23
N GLU A 49 4.92 -7.95 -7.45
CA GLU A 49 5.07 -7.17 -8.67
C GLU A 49 5.86 -5.91 -8.40
N ILE A 50 6.62 -5.46 -9.39
CA ILE A 50 7.47 -4.29 -9.24
C ILE A 50 6.60 -3.04 -9.07
N LEU A 51 6.81 -2.35 -7.97
CA LEU A 51 5.99 -1.22 -7.62
C LEU A 51 6.79 0.05 -7.72
N LEU A 52 6.23 1.03 -8.39
CA LEU A 52 6.90 2.29 -8.59
C LEU A 52 6.41 3.31 -7.56
N GLU A 53 7.34 4.07 -7.03
CA GLU A 53 7.08 5.01 -5.96
C GLU A 53 6.15 6.14 -6.41
N ASN A 54 6.34 6.59 -7.64
CA ASN A 54 5.49 7.65 -8.23
C ASN A 54 4.07 7.18 -8.42
N GLN A 55 3.92 5.88 -8.65
CA GLN A 55 2.63 5.29 -8.97
C GLN A 55 1.70 5.16 -7.77
N LEU A 56 2.20 5.46 -6.59
CA LEU A 56 1.36 5.47 -5.40
C LEU A 56 0.47 6.71 -5.44
N PHE A 57 -0.81 6.53 -5.19
CA PHE A 57 -1.78 7.62 -5.18
C PHE A 57 -2.67 7.48 -3.95
N PRO A 58 -2.97 8.57 -3.23
CA PRO A 58 -3.86 8.51 -2.07
C PRO A 58 -5.24 8.00 -2.45
N ASP A 59 -5.82 7.16 -1.61
CA ASP A 59 -7.14 6.59 -1.86
C ASP A 59 -8.18 7.69 -1.83
N ASN A 60 -8.07 8.53 -0.82
CA ASN A 60 -8.89 9.71 -0.74
C ASN A 60 -8.03 10.93 -0.93
N PHE A 61 -8.13 11.53 -2.08
CA PHE A 61 -7.41 12.74 -2.37
C PHE A 61 -8.42 13.86 -2.61
N ALA A 62 -8.58 14.70 -1.61
CA ALA A 62 -9.59 15.74 -1.65
C ALA A 62 -9.10 16.97 -2.39
N LYS A 63 -9.69 17.19 -3.55
CA LYS A 63 -9.41 18.35 -4.39
C LYS A 63 -10.36 18.31 -5.57
N GLY A 1 -15.77 -4.68 11.25
CA GLY A 1 -14.36 -4.30 11.45
C GLY A 1 -14.18 -2.79 11.42
N PRO A 2 -12.97 -2.30 11.76
CA PRO A 2 -12.67 -0.86 11.78
C PRO A 2 -12.29 -0.32 10.40
N LEU A 3 -13.04 -0.77 9.37
CA LEU A 3 -12.82 -0.40 7.96
C LEU A 3 -11.52 -1.01 7.44
N GLY A 4 -11.01 -1.99 8.17
CA GLY A 4 -9.76 -2.61 7.80
C GLY A 4 -9.97 -3.93 7.10
N SER A 5 -10.99 -4.01 6.29
CA SER A 5 -11.24 -5.22 5.53
C SER A 5 -10.69 -5.09 4.11
N LYS A 6 -11.32 -4.25 3.30
CA LYS A 6 -10.84 -3.98 1.96
C LYS A 6 -9.92 -2.77 1.97
N TYR A 7 -9.98 -2.01 3.05
CA TYR A 7 -9.09 -0.89 3.26
C TYR A 7 -8.06 -1.26 4.32
N GLU A 8 -7.50 -2.44 4.17
CA GLU A 8 -6.47 -2.92 5.05
C GLU A 8 -5.11 -2.80 4.38
N CYS A 9 -4.12 -2.43 5.15
CA CYS A 9 -2.75 -2.39 4.70
C CYS A 9 -2.10 -3.70 5.09
N PRO A 10 -1.82 -4.57 4.12
CA PRO A 10 -1.29 -5.91 4.39
C PRO A 10 0.09 -5.89 5.06
N ILE A 11 0.78 -4.78 4.96
CA ILE A 11 2.10 -4.61 5.59
C ILE A 11 1.99 -4.63 7.12
N CYS A 12 1.02 -3.91 7.65
CA CYS A 12 0.85 -3.83 9.09
C CYS A 12 -0.29 -4.71 9.59
N LEU A 13 -1.11 -5.19 8.65
CA LEU A 13 -2.27 -6.06 8.93
C LEU A 13 -3.36 -5.26 9.65
N MET A 14 -3.33 -3.95 9.45
CA MET A 14 -4.28 -3.05 10.07
C MET A 14 -4.91 -2.16 9.00
N ALA A 15 -5.94 -1.43 9.39
CA ALA A 15 -6.62 -0.49 8.50
C ALA A 15 -5.65 0.58 8.00
N LEU A 16 -5.99 1.18 6.87
CA LEU A 16 -5.12 2.14 6.22
C LEU A 16 -5.03 3.43 7.03
N ARG A 17 -3.83 3.92 7.22
CA ARG A 17 -3.59 5.22 7.82
C ARG A 17 -3.84 6.35 6.83
N GLU A 18 -3.06 6.39 5.76
CA GLU A 18 -3.19 7.46 4.79
C GLU A 18 -4.01 7.00 3.60
N ALA A 19 -4.12 5.68 3.47
CA ALA A 19 -4.79 5.03 2.33
C ALA A 19 -4.20 5.46 0.98
N VAL A 20 -3.17 4.76 0.55
CA VAL A 20 -2.58 5.00 -0.76
C VAL A 20 -2.89 3.85 -1.71
N GLN A 21 -3.59 4.17 -2.78
CA GLN A 21 -3.97 3.22 -3.79
C GLN A 21 -2.81 2.96 -4.73
N THR A 22 -2.62 1.70 -5.11
CA THR A 22 -1.58 1.36 -6.06
C THR A 22 -2.22 0.92 -7.38
N PRO A 23 -1.49 1.04 -8.52
CA PRO A 23 -2.00 0.63 -9.85
C PRO A 23 -2.23 -0.88 -9.91
N CYS A 24 -1.58 -1.60 -9.01
CA CYS A 24 -1.71 -3.04 -8.91
C CYS A 24 -3.07 -3.39 -8.29
N GLY A 25 -3.66 -2.43 -7.60
CA GLY A 25 -4.94 -2.63 -6.99
C GLY A 25 -4.84 -3.00 -5.52
N HIS A 26 -3.77 -2.58 -4.88
CA HIS A 26 -3.59 -2.83 -3.45
C HIS A 26 -3.64 -1.49 -2.74
N ARG A 27 -4.02 -1.49 -1.49
CA ARG A 27 -4.04 -0.26 -0.71
C ARG A 27 -3.08 -0.41 0.46
N PHE A 28 -2.33 0.64 0.74
CA PHE A 28 -1.35 0.62 1.82
C PHE A 28 -1.36 1.94 2.58
N CYS A 29 -0.70 1.97 3.72
CA CYS A 29 -0.46 3.22 4.42
C CYS A 29 0.82 3.84 3.85
N LYS A 30 0.91 5.15 3.83
CA LYS A 30 2.02 5.82 3.12
C LYS A 30 3.36 5.62 3.86
N ALA A 31 3.31 5.15 5.09
CA ALA A 31 4.53 4.98 5.85
C ALA A 31 4.79 3.51 6.11
N CYS A 32 3.82 2.69 5.77
CA CYS A 32 4.04 1.26 5.78
C CYS A 32 4.64 0.84 4.43
N ILE A 33 4.06 1.35 3.33
CA ILE A 33 4.51 0.96 2.00
C ILE A 33 5.92 1.48 1.69
N ILE A 34 6.19 2.73 2.03
CA ILE A 34 7.49 3.32 1.73
C ILE A 34 8.60 2.60 2.46
N LYS A 35 8.36 2.26 3.72
CA LYS A 35 9.38 1.65 4.54
C LYS A 35 9.51 0.15 4.23
N SER A 36 8.69 -0.34 3.32
CA SER A 36 8.77 -1.71 2.89
C SER A 36 9.38 -1.79 1.49
N ILE A 37 9.25 -0.71 0.70
CA ILE A 37 9.72 -0.75 -0.68
C ILE A 37 11.03 -0.01 -0.90
N ARG A 38 11.42 0.83 0.05
CA ARG A 38 12.73 1.46 -0.06
C ARG A 38 13.73 0.70 0.80
N ASP A 39 13.24 -0.37 1.40
CA ASP A 39 14.02 -1.10 2.37
C ASP A 39 14.34 -2.50 1.85
N ALA A 40 13.31 -3.22 1.42
CA ALA A 40 13.52 -4.52 0.82
C ALA A 40 13.70 -4.39 -0.67
N GLY A 41 12.64 -4.02 -1.35
CA GLY A 41 12.68 -3.79 -2.77
C GLY A 41 11.42 -3.12 -3.22
N HIS A 42 11.39 -2.58 -4.41
CA HIS A 42 10.22 -1.87 -4.89
C HIS A 42 9.24 -2.82 -5.56
N LYS A 43 8.47 -3.50 -4.74
CA LYS A 43 7.46 -4.45 -5.19
C LYS A 43 6.37 -4.53 -4.15
N CYS A 44 5.20 -5.01 -4.55
CA CYS A 44 4.14 -5.27 -3.61
C CYS A 44 4.58 -6.43 -2.72
N PRO A 45 4.54 -6.26 -1.40
CA PRO A 45 4.95 -7.31 -0.45
C PRO A 45 4.07 -8.57 -0.54
N VAL A 46 2.88 -8.42 -1.09
CA VAL A 46 1.93 -9.50 -1.16
C VAL A 46 2.07 -10.35 -2.44
N ASP A 47 1.89 -9.76 -3.61
CA ASP A 47 1.89 -10.55 -4.85
C ASP A 47 3.18 -10.37 -5.60
N ASN A 48 4.13 -9.65 -4.99
CA ASN A 48 5.48 -9.45 -5.52
C ASN A 48 5.50 -8.84 -6.92
N GLU A 49 4.57 -7.98 -7.21
CA GLU A 49 4.58 -7.25 -8.47
C GLU A 49 5.36 -5.95 -8.29
N ILE A 50 6.06 -5.52 -9.32
CA ILE A 50 6.93 -4.35 -9.21
C ILE A 50 6.10 -3.09 -8.95
N LEU A 51 6.40 -2.44 -7.85
CA LEU A 51 5.66 -1.29 -7.41
C LEU A 51 6.61 -0.13 -7.16
N LEU A 52 6.32 1.02 -7.74
CA LEU A 52 7.20 2.17 -7.64
C LEU A 52 6.55 3.25 -6.81
N GLU A 53 7.37 4.08 -6.17
CA GLU A 53 6.90 5.15 -5.30
C GLU A 53 6.15 6.22 -6.09
N ASN A 54 6.61 6.48 -7.30
CA ASN A 54 5.94 7.42 -8.20
C ASN A 54 4.56 6.91 -8.57
N GLN A 55 4.42 5.59 -8.61
CA GLN A 55 3.17 4.96 -9.03
C GLN A 55 2.12 4.96 -7.92
N LEU A 56 2.51 5.36 -6.72
CA LEU A 56 1.59 5.39 -5.59
C LEU A 56 0.61 6.54 -5.75
N PHE A 57 -0.66 6.25 -5.58
CA PHE A 57 -1.69 7.27 -5.64
C PHE A 57 -2.01 7.73 -4.23
N PRO A 58 -1.59 8.96 -3.88
CA PRO A 58 -1.70 9.48 -2.51
C PRO A 58 -3.13 9.47 -1.98
N ASP A 59 -4.07 9.87 -2.84
CA ASP A 59 -5.51 10.01 -2.52
C ASP A 59 -5.74 11.17 -1.55
N ASN A 60 -4.97 11.21 -0.50
CA ASN A 60 -5.01 12.26 0.49
C ASN A 60 -3.82 13.17 0.28
N PHE A 61 -3.82 14.32 0.91
CA PHE A 61 -2.66 15.19 0.86
C PHE A 61 -1.81 14.99 2.10
N ALA A 62 -0.60 14.56 1.89
CA ALA A 62 0.37 14.35 2.96
C ALA A 62 1.75 14.28 2.34
N LYS A 63 2.76 14.58 3.10
CA LYS A 63 4.11 14.51 2.59
C LYS A 63 4.83 13.32 3.20
N GLY A 1 -15.90 -5.80 13.42
CA GLY A 1 -16.47 -6.97 12.73
C GLY A 1 -15.48 -8.11 12.67
N PRO A 2 -15.81 -9.17 11.91
CA PRO A 2 -14.94 -10.35 11.76
C PRO A 2 -13.71 -10.01 10.93
N LEU A 3 -12.66 -10.78 11.10
CA LEU A 3 -11.45 -10.56 10.35
C LEU A 3 -11.71 -10.93 8.89
N GLY A 4 -11.89 -9.92 8.08
CA GLY A 4 -12.12 -10.09 6.67
C GLY A 4 -11.80 -8.82 5.97
N SER A 5 -10.56 -8.43 6.06
CA SER A 5 -10.11 -7.13 5.62
C SER A 5 -9.86 -7.10 4.11
N LYS A 6 -10.86 -6.64 3.38
CA LYS A 6 -10.77 -6.43 1.95
C LYS A 6 -9.81 -5.29 1.64
N TYR A 7 -9.95 -4.20 2.38
CA TYR A 7 -9.06 -3.07 2.25
C TYR A 7 -8.36 -2.76 3.56
N GLU A 8 -7.19 -3.32 3.71
CA GLU A 8 -6.37 -3.13 4.87
C GLU A 8 -4.93 -3.36 4.47
N CYS A 9 -4.05 -2.59 5.06
CA CYS A 9 -2.63 -2.73 4.82
C CYS A 9 -2.09 -3.91 5.62
N PRO A 10 -1.75 -5.03 4.93
CA PRO A 10 -1.27 -6.26 5.58
C PRO A 10 0.04 -6.05 6.31
N ILE A 11 0.75 -5.00 5.94
CA ILE A 11 2.03 -4.69 6.54
C ILE A 11 1.86 -4.31 8.01
N CYS A 12 0.86 -3.49 8.30
CA CYS A 12 0.61 -3.07 9.67
C CYS A 12 -0.52 -3.87 10.31
N LEU A 13 -1.41 -4.37 9.45
CA LEU A 13 -2.57 -5.18 9.84
C LEU A 13 -3.56 -4.38 10.70
N MET A 14 -3.50 -3.06 10.59
CA MET A 14 -4.41 -2.20 11.31
C MET A 14 -5.53 -1.71 10.42
N ALA A 15 -5.15 -0.93 9.42
CA ALA A 15 -6.08 -0.30 8.48
C ALA A 15 -5.26 0.41 7.44
N LEU A 16 -5.89 1.21 6.61
CA LEU A 16 -5.18 2.03 5.65
C LEU A 16 -5.07 3.45 6.18
N ARG A 17 -3.86 3.84 6.57
CA ARG A 17 -3.63 5.20 7.08
C ARG A 17 -3.81 6.26 5.98
N GLU A 18 -3.23 6.02 4.81
CA GLU A 18 -3.41 6.94 3.69
C GLU A 18 -4.21 6.29 2.58
N ALA A 19 -4.32 4.97 2.62
CA ALA A 19 -4.97 4.20 1.57
C ALA A 19 -4.38 4.52 0.19
N VAL A 20 -3.10 4.23 0.03
CA VAL A 20 -2.42 4.53 -1.21
C VAL A 20 -2.65 3.43 -2.24
N GLN A 21 -3.26 3.82 -3.34
CA GLN A 21 -3.53 2.91 -4.43
C GLN A 21 -2.25 2.62 -5.20
N THR A 22 -1.94 1.35 -5.34
CA THR A 22 -0.73 0.92 -6.00
C THR A 22 -1.00 0.63 -7.47
N PRO A 23 0.06 0.50 -8.31
CA PRO A 23 -0.08 0.17 -9.74
C PRO A 23 -0.85 -1.14 -9.95
N CYS A 24 -0.65 -2.08 -9.04
CA CYS A 24 -1.29 -3.39 -9.14
C CYS A 24 -2.77 -3.35 -8.75
N GLY A 25 -3.20 -2.27 -8.10
CA GLY A 25 -4.60 -2.14 -7.71
C GLY A 25 -4.82 -2.39 -6.22
N HIS A 26 -3.76 -2.64 -5.50
CA HIS A 26 -3.83 -2.88 -4.06
C HIS A 26 -3.67 -1.57 -3.31
N ARG A 27 -3.97 -1.57 -2.03
CA ARG A 27 -3.83 -0.36 -1.24
C ARG A 27 -3.06 -0.63 0.04
N PHE A 28 -2.19 0.30 0.40
CA PHE A 28 -1.37 0.20 1.61
C PHE A 28 -1.32 1.56 2.30
N CYS A 29 -0.56 1.66 3.37
CA CYS A 29 -0.32 2.94 4.01
C CYS A 29 0.94 3.56 3.43
N LYS A 30 1.01 4.88 3.44
CA LYS A 30 2.13 5.61 2.84
C LYS A 30 3.41 5.42 3.65
N ALA A 31 3.28 4.89 4.85
CA ALA A 31 4.43 4.73 5.71
C ALA A 31 4.76 3.26 5.92
N CYS A 32 3.88 2.39 5.49
CA CYS A 32 4.12 0.97 5.58
C CYS A 32 4.77 0.45 4.31
N ILE A 33 4.11 0.67 3.18
CA ILE A 33 4.61 0.16 1.90
C ILE A 33 5.90 0.88 1.47
N ILE A 34 5.95 2.18 1.67
CA ILE A 34 7.11 2.96 1.28
C ILE A 34 8.37 2.54 2.03
N LYS A 35 8.23 2.30 3.33
CA LYS A 35 9.36 1.98 4.17
C LYS A 35 9.79 0.51 3.98
N SER A 36 9.04 -0.22 3.15
CA SER A 36 9.42 -1.57 2.82
C SER A 36 9.92 -1.70 1.37
N ILE A 37 9.58 -0.73 0.53
CA ILE A 37 9.92 -0.82 -0.90
C ILE A 37 11.11 0.04 -1.27
N ARG A 38 11.49 0.93 -0.38
CA ARG A 38 12.76 1.62 -0.52
C ARG A 38 13.78 0.94 0.36
N ASP A 39 13.37 -0.20 0.91
CA ASP A 39 14.17 -0.93 1.86
C ASP A 39 14.55 -2.28 1.27
N ALA A 40 13.55 -3.04 0.85
CA ALA A 40 13.80 -4.30 0.17
C ALA A 40 13.86 -4.08 -1.34
N GLY A 41 12.70 -3.84 -1.93
CA GLY A 41 12.61 -3.62 -3.34
C GLY A 41 11.27 -3.08 -3.70
N HIS A 42 11.12 -2.58 -4.91
CA HIS A 42 9.87 -1.96 -5.32
C HIS A 42 8.86 -2.97 -5.78
N LYS A 43 8.29 -3.67 -4.82
CA LYS A 43 7.27 -4.65 -5.07
C LYS A 43 6.38 -4.76 -3.85
N CYS A 44 5.13 -5.12 -4.06
CA CYS A 44 4.25 -5.38 -2.95
C CYS A 44 4.57 -6.74 -2.34
N PRO A 45 4.63 -6.84 -1.00
CA PRO A 45 4.94 -8.10 -0.31
C PRO A 45 3.87 -9.16 -0.54
N VAL A 46 2.67 -8.72 -0.90
CA VAL A 46 1.55 -9.61 -1.09
C VAL A 46 1.66 -10.36 -2.43
N ASP A 47 1.38 -9.66 -3.52
CA ASP A 47 1.34 -10.27 -4.84
C ASP A 47 2.62 -10.05 -5.63
N ASN A 48 3.61 -9.44 -4.98
CA ASN A 48 4.97 -9.29 -5.53
C ASN A 48 5.04 -8.60 -6.90
N GLU A 49 4.16 -7.67 -7.14
CA GLU A 49 4.20 -6.91 -8.38
C GLU A 49 5.00 -5.65 -8.20
N ILE A 50 5.57 -5.13 -9.29
CA ILE A 50 6.43 -3.96 -9.19
C ILE A 50 5.63 -2.75 -8.77
N LEU A 51 6.01 -2.18 -7.67
CA LEU A 51 5.27 -1.12 -7.04
C LEU A 51 6.18 0.08 -6.85
N LEU A 52 5.79 1.20 -7.42
CA LEU A 52 6.62 2.40 -7.39
C LEU A 52 6.10 3.39 -6.36
N GLU A 53 7.03 4.04 -5.66
CA GLU A 53 6.74 4.96 -4.56
C GLU A 53 6.01 6.20 -5.07
N ASN A 54 6.48 6.72 -6.18
CA ASN A 54 5.92 7.95 -6.77
C ASN A 54 4.50 7.74 -7.28
N GLN A 55 4.23 6.52 -7.71
CA GLN A 55 2.94 6.15 -8.27
C GLN A 55 1.88 5.92 -7.21
N LEU A 56 2.28 5.92 -5.96
CA LEU A 56 1.33 5.71 -4.87
C LEU A 56 0.54 6.98 -4.61
N PHE A 57 -0.77 6.86 -4.59
CA PHE A 57 -1.64 7.99 -4.35
C PHE A 57 -2.74 7.60 -3.38
N PRO A 58 -2.93 8.37 -2.30
CA PRO A 58 -4.01 8.13 -1.35
C PRO A 58 -5.39 8.29 -2.00
N ASP A 59 -6.30 7.41 -1.64
CA ASP A 59 -7.69 7.54 -2.07
C ASP A 59 -8.54 7.94 -0.89
N ASN A 60 -9.17 9.12 -1.00
CA ASN A 60 -9.96 9.69 0.10
C ASN A 60 -9.07 10.00 1.29
N PHE A 61 -8.36 11.10 1.20
CA PHE A 61 -7.38 11.46 2.20
C PHE A 61 -7.81 12.66 3.00
N ALA A 62 -7.57 12.61 4.29
CA ALA A 62 -7.92 13.69 5.18
C ALA A 62 -6.98 14.87 4.97
N LYS A 63 -7.52 16.06 4.98
CA LYS A 63 -6.74 17.27 4.85
C LYS A 63 -7.30 18.33 5.77
N GLY A 1 -18.56 -11.93 3.55
CA GLY A 1 -19.44 -12.03 2.38
C GLY A 1 -18.84 -11.34 1.19
N PRO A 2 -19.67 -10.74 0.31
CA PRO A 2 -19.17 -10.09 -0.91
C PRO A 2 -18.34 -8.86 -0.61
N LEU A 3 -17.06 -8.92 -1.02
CA LEU A 3 -16.05 -7.86 -0.87
C LEU A 3 -15.70 -7.60 0.61
N GLY A 4 -16.70 -7.36 1.43
CA GLY A 4 -16.48 -7.03 2.81
C GLY A 4 -15.92 -5.63 2.97
N SER A 5 -14.82 -5.52 3.66
CA SER A 5 -14.20 -4.25 3.84
C SER A 5 -12.76 -4.32 3.37
N LYS A 6 -12.53 -3.89 2.16
CA LYS A 6 -11.22 -3.91 1.59
C LYS A 6 -10.52 -2.60 1.89
N TYR A 7 -10.07 -2.47 3.12
CA TYR A 7 -9.45 -1.24 3.58
C TYR A 7 -8.32 -1.60 4.56
N GLU A 8 -7.75 -2.76 4.36
CA GLU A 8 -6.73 -3.26 5.26
C GLU A 8 -5.36 -3.20 4.61
N CYS A 9 -4.41 -2.63 5.34
CA CYS A 9 -3.02 -2.61 4.91
C CYS A 9 -2.35 -3.88 5.43
N PRO A 10 -2.03 -4.84 4.52
CA PRO A 10 -1.47 -6.15 4.91
C PRO A 10 -0.12 -6.05 5.61
N ILE A 11 0.57 -4.95 5.40
CA ILE A 11 1.86 -4.73 6.03
C ILE A 11 1.73 -4.59 7.56
N CYS A 12 0.75 -3.84 8.01
CA CYS A 12 0.60 -3.57 9.44
C CYS A 12 -0.63 -4.23 10.04
N LEU A 13 -1.47 -4.81 9.18
CA LEU A 13 -2.75 -5.45 9.59
C LEU A 13 -3.69 -4.42 10.23
N MET A 14 -3.52 -3.16 9.84
CA MET A 14 -4.34 -2.09 10.36
C MET A 14 -5.09 -1.40 9.24
N ALA A 15 -6.04 -0.55 9.63
CA ALA A 15 -6.78 0.27 8.68
C ALA A 15 -5.83 1.24 7.98
N LEU A 16 -6.18 1.64 6.77
CA LEU A 16 -5.28 2.42 5.93
C LEU A 16 -5.12 3.81 6.51
N ARG A 17 -3.92 4.12 6.95
CA ARG A 17 -3.65 5.40 7.57
C ARG A 17 -3.67 6.54 6.54
N GLU A 18 -3.00 6.35 5.41
CA GLU A 18 -2.99 7.37 4.37
C GLU A 18 -3.71 6.89 3.11
N ALA A 19 -3.89 5.58 3.01
CA ALA A 19 -4.59 4.92 1.89
C ALA A 19 -3.98 5.25 0.51
N VAL A 20 -2.93 4.55 0.13
CA VAL A 20 -2.35 4.69 -1.21
C VAL A 20 -2.51 3.39 -2.00
N GLN A 21 -3.26 3.48 -3.08
CA GLN A 21 -3.53 2.34 -3.92
C GLN A 21 -2.40 2.09 -4.92
N THR A 22 -2.01 0.84 -5.03
CA THR A 22 -1.04 0.42 -6.01
C THR A 22 -1.76 0.10 -7.32
N PRO A 23 -1.04 0.08 -8.48
CA PRO A 23 -1.65 -0.23 -9.78
C PRO A 23 -2.38 -1.57 -9.78
N CYS A 24 -1.81 -2.55 -9.09
CA CYS A 24 -2.39 -3.87 -8.99
C CYS A 24 -3.70 -3.88 -8.19
N GLY A 25 -3.93 -2.82 -7.42
CA GLY A 25 -5.19 -2.68 -6.73
C GLY A 25 -5.14 -3.05 -5.27
N HIS A 26 -4.09 -2.65 -4.60
CA HIS A 26 -3.98 -2.86 -3.16
C HIS A 26 -3.78 -1.51 -2.54
N ARG A 27 -4.35 -1.29 -1.38
CA ARG A 27 -4.09 -0.04 -0.70
C ARG A 27 -3.28 -0.27 0.54
N PHE A 28 -2.32 0.59 0.74
CA PHE A 28 -1.41 0.52 1.86
C PHE A 28 -1.32 1.87 2.52
N CYS A 29 -0.75 1.90 3.70
CA CYS A 29 -0.45 3.15 4.34
C CYS A 29 0.85 3.69 3.73
N LYS A 30 0.99 5.00 3.67
CA LYS A 30 2.11 5.64 2.99
C LYS A 30 3.40 5.53 3.80
N ALA A 31 3.32 4.98 4.98
CA ALA A 31 4.49 4.81 5.77
C ALA A 31 4.82 3.34 5.92
N CYS A 32 3.83 2.50 5.76
CA CYS A 32 4.03 1.08 5.78
C CYS A 32 4.71 0.64 4.48
N ILE A 33 4.14 1.04 3.34
CA ILE A 33 4.65 0.60 2.05
C ILE A 33 6.04 1.17 1.76
N ILE A 34 6.27 2.44 2.13
CA ILE A 34 7.55 3.09 1.88
C ILE A 34 8.69 2.41 2.62
N LYS A 35 8.46 2.02 3.87
CA LYS A 35 9.53 1.42 4.67
C LYS A 35 9.76 -0.05 4.28
N SER A 36 8.96 -0.55 3.35
CA SER A 36 9.16 -1.88 2.81
C SER A 36 9.76 -1.81 1.40
N ILE A 37 9.58 -0.69 0.71
CA ILE A 37 10.02 -0.61 -0.67
C ILE A 37 11.31 0.15 -0.83
N ARG A 38 11.69 0.92 0.18
CA ARG A 38 12.98 1.61 0.14
C ARG A 38 14.00 0.83 0.95
N ASP A 39 13.58 -0.29 1.50
CA ASP A 39 14.44 -1.10 2.34
C ASP A 39 14.69 -2.46 1.71
N ALA A 40 13.62 -3.16 1.38
CA ALA A 40 13.74 -4.46 0.76
C ALA A 40 13.86 -4.32 -0.75
N GLY A 41 12.79 -3.85 -1.38
CA GLY A 41 12.82 -3.62 -2.80
C GLY A 41 11.57 -2.91 -3.24
N HIS A 42 11.61 -2.32 -4.41
CA HIS A 42 10.44 -1.62 -4.92
C HIS A 42 9.48 -2.59 -5.58
N LYS A 43 8.67 -3.22 -4.75
CA LYS A 43 7.73 -4.23 -5.19
C LYS A 43 6.52 -4.26 -4.27
N CYS A 44 5.42 -4.76 -4.77
CA CYS A 44 4.26 -5.00 -3.96
C CYS A 44 4.49 -6.33 -3.24
N PRO A 45 4.45 -6.34 -1.89
CA PRO A 45 4.87 -7.50 -1.08
C PRO A 45 4.01 -8.77 -1.30
N VAL A 46 2.75 -8.59 -1.65
CA VAL A 46 1.84 -9.74 -1.72
C VAL A 46 1.88 -10.48 -3.06
N ASP A 47 1.78 -9.76 -4.15
CA ASP A 47 1.73 -10.35 -5.49
C ASP A 47 3.03 -10.13 -6.24
N ASN A 48 4.02 -9.57 -5.53
CA ASN A 48 5.38 -9.30 -6.05
C ASN A 48 5.40 -8.55 -7.38
N GLU A 49 4.50 -7.59 -7.51
CA GLU A 49 4.47 -6.72 -8.68
C GLU A 49 5.52 -5.64 -8.54
N ILE A 50 6.07 -5.18 -9.66
CA ILE A 50 7.02 -4.09 -9.64
C ILE A 50 6.29 -2.81 -9.21
N LEU A 51 6.74 -2.21 -8.13
CA LEU A 51 6.06 -1.03 -7.60
C LEU A 51 7.03 0.13 -7.47
N LEU A 52 6.64 1.27 -8.00
CA LEU A 52 7.45 2.46 -7.90
C LEU A 52 6.79 3.44 -6.92
N GLU A 53 7.60 4.27 -6.30
CA GLU A 53 7.14 5.18 -5.25
C GLU A 53 6.16 6.24 -5.77
N ASN A 54 6.22 6.55 -7.05
CA ASN A 54 5.30 7.54 -7.61
C ASN A 54 4.02 6.90 -8.10
N GLN A 55 3.87 5.61 -7.86
CA GLN A 55 2.63 4.89 -8.16
C GLN A 55 1.65 5.04 -7.01
N LEU A 56 2.14 5.57 -5.91
CA LEU A 56 1.35 5.70 -4.71
C LEU A 56 0.38 6.88 -4.83
N PHE A 57 -0.89 6.56 -5.02
CA PHE A 57 -1.93 7.56 -5.14
C PHE A 57 -3.13 7.16 -4.32
N PRO A 58 -3.89 8.13 -3.80
CA PRO A 58 -5.20 7.85 -3.23
C PRO A 58 -6.16 7.48 -4.36
N ASP A 59 -7.16 6.67 -4.07
CA ASP A 59 -8.05 6.13 -5.11
C ASP A 59 -8.80 7.22 -5.87
N ASN A 60 -8.63 7.23 -7.19
CA ASN A 60 -9.12 8.29 -8.06
C ASN A 60 -10.62 8.28 -8.23
N PHE A 61 -11.15 9.47 -8.29
CA PHE A 61 -12.57 9.73 -8.48
C PHE A 61 -12.61 11.16 -9.00
N ALA A 62 -13.77 11.78 -9.12
CA ALA A 62 -13.82 13.20 -9.44
C ALA A 62 -13.37 14.00 -8.22
N LYS A 63 -12.06 14.14 -8.08
CA LYS A 63 -11.44 14.77 -6.94
C LYS A 63 -10.07 15.33 -7.33
N GLY A 1 -17.21 -6.53 8.57
CA GLY A 1 -18.34 -7.27 7.98
C GLY A 1 -17.94 -7.93 6.68
N PRO A 2 -18.74 -7.76 5.61
CA PRO A 2 -18.39 -8.28 4.28
C PRO A 2 -17.10 -7.65 3.79
N LEU A 3 -16.28 -8.41 3.12
CA LEU A 3 -15.01 -7.90 2.66
C LEU A 3 -14.99 -7.88 1.14
N GLY A 4 -14.93 -6.69 0.61
CA GLY A 4 -14.77 -6.48 -0.81
C GLY A 4 -13.91 -5.28 -1.03
N SER A 5 -14.32 -4.20 -0.41
CA SER A 5 -13.53 -3.02 -0.31
C SER A 5 -12.64 -3.12 0.93
N LYS A 6 -11.39 -3.48 0.72
CA LYS A 6 -10.49 -3.67 1.84
C LYS A 6 -9.89 -2.32 2.22
N TYR A 7 -10.11 -1.93 3.45
CA TYR A 7 -9.55 -0.70 3.99
C TYR A 7 -8.43 -1.04 4.94
N GLU A 8 -8.05 -2.29 4.92
CA GLU A 8 -6.98 -2.77 5.73
C GLU A 8 -5.69 -2.80 4.90
N CYS A 9 -4.68 -2.09 5.38
CA CYS A 9 -3.36 -2.12 4.78
C CYS A 9 -2.77 -3.51 5.01
N PRO A 10 -2.53 -4.27 3.93
CA PRO A 10 -2.06 -5.66 4.05
C PRO A 10 -0.71 -5.79 4.76
N ILE A 11 0.08 -4.73 4.75
CA ILE A 11 1.37 -4.74 5.43
C ILE A 11 1.24 -4.81 6.96
N CYS A 12 0.33 -4.01 7.50
CA CYS A 12 0.16 -3.96 8.94
C CYS A 12 -1.00 -4.82 9.41
N LEU A 13 -1.86 -5.21 8.46
CA LEU A 13 -3.11 -5.95 8.73
C LEU A 13 -3.95 -5.18 9.75
N MET A 14 -3.76 -3.87 9.75
CA MET A 14 -4.37 -3.01 10.73
C MET A 14 -5.48 -2.17 10.10
N ALA A 15 -5.08 -1.17 9.31
CA ALA A 15 -5.99 -0.24 8.65
C ALA A 15 -5.17 0.67 7.76
N LEU A 16 -5.83 1.34 6.83
CA LEU A 16 -5.16 2.32 6.00
C LEU A 16 -4.94 3.61 6.78
N ARG A 17 -3.72 3.84 7.20
CA ARG A 17 -3.39 5.05 7.91
C ARG A 17 -3.42 6.25 6.96
N GLU A 18 -2.82 6.07 5.80
CA GLU A 18 -2.75 7.17 4.83
C GLU A 18 -3.53 6.86 3.56
N ALA A 19 -3.86 5.58 3.38
CA ALA A 19 -4.58 5.09 2.21
C ALA A 19 -3.91 5.50 0.88
N VAL A 20 -2.90 4.74 0.47
CA VAL A 20 -2.26 4.94 -0.83
C VAL A 20 -2.55 3.78 -1.76
N GLN A 21 -3.21 4.08 -2.86
CA GLN A 21 -3.61 3.08 -3.84
C GLN A 21 -2.45 2.73 -4.77
N THR A 22 -2.32 1.45 -5.06
CA THR A 22 -1.27 0.95 -5.93
C THR A 22 -1.88 0.38 -7.21
N PRO A 23 -1.10 0.30 -8.31
CA PRO A 23 -1.60 -0.15 -9.62
C PRO A 23 -2.09 -1.61 -9.62
N CYS A 24 -1.62 -2.39 -8.67
CA CYS A 24 -2.05 -3.77 -8.53
C CYS A 24 -3.47 -3.86 -7.96
N GLY A 25 -3.93 -2.79 -7.32
CA GLY A 25 -5.21 -2.83 -6.67
C GLY A 25 -5.10 -3.10 -5.18
N HIS A 26 -4.00 -2.67 -4.59
CA HIS A 26 -3.83 -2.79 -3.16
C HIS A 26 -3.80 -1.39 -2.59
N ARG A 27 -4.21 -1.23 -1.37
CA ARG A 27 -4.04 0.05 -0.72
C ARG A 27 -3.23 -0.14 0.54
N PHE A 28 -2.26 0.73 0.74
CA PHE A 28 -1.35 0.62 1.88
C PHE A 28 -1.25 1.96 2.61
N CYS A 29 -0.42 2.02 3.63
CA CYS A 29 -0.13 3.26 4.31
C CYS A 29 1.19 3.84 3.81
N LYS A 30 1.37 5.14 3.99
CA LYS A 30 2.58 5.83 3.53
C LYS A 30 3.82 5.42 4.34
N ALA A 31 3.60 4.76 5.46
CA ALA A 31 4.70 4.35 6.31
C ALA A 31 4.83 2.84 6.28
N CYS A 32 3.96 2.24 5.50
CA CYS A 32 4.01 0.82 5.30
C CYS A 32 4.63 0.47 3.96
N ILE A 33 3.98 0.90 2.87
CA ILE A 33 4.44 0.54 1.53
C ILE A 33 5.79 1.17 1.20
N ILE A 34 5.97 2.43 1.58
CA ILE A 34 7.22 3.13 1.32
C ILE A 34 8.36 2.47 2.08
N LYS A 35 8.09 2.09 3.32
CA LYS A 35 9.09 1.44 4.18
C LYS A 35 9.22 -0.05 3.81
N SER A 36 8.53 -0.46 2.77
CA SER A 36 8.67 -1.79 2.23
C SER A 36 9.46 -1.75 0.91
N ILE A 37 9.39 -0.60 0.21
CA ILE A 37 9.98 -0.51 -1.12
C ILE A 37 11.30 0.26 -1.15
N ARG A 38 11.56 1.05 -0.12
CA ARG A 38 12.87 1.71 -0.01
C ARG A 38 13.73 0.95 0.99
N ASP A 39 13.22 -0.20 1.40
CA ASP A 39 13.85 -1.00 2.43
C ASP A 39 14.32 -2.32 1.85
N ALA A 40 13.38 -3.05 1.26
CA ALA A 40 13.71 -4.31 0.63
C ALA A 40 14.00 -4.08 -0.85
N GLY A 41 12.96 -3.73 -1.59
CA GLY A 41 13.10 -3.45 -2.98
C GLY A 41 11.80 -2.91 -3.51
N HIS A 42 11.76 -2.53 -4.77
CA HIS A 42 10.53 -2.00 -5.33
C HIS A 42 9.56 -3.11 -5.69
N LYS A 43 8.68 -3.44 -4.74
CA LYS A 43 7.65 -4.44 -4.93
C LYS A 43 6.66 -4.37 -3.77
N CYS A 44 5.40 -4.67 -4.04
CA CYS A 44 4.44 -4.83 -2.97
C CYS A 44 4.52 -6.27 -2.44
N PRO A 45 4.73 -6.44 -1.13
CA PRO A 45 5.08 -7.73 -0.52
C PRO A 45 4.02 -8.84 -0.72
N VAL A 46 2.77 -8.44 -0.90
CA VAL A 46 1.70 -9.43 -1.05
C VAL A 46 1.77 -10.23 -2.36
N ASP A 47 2.03 -9.57 -3.48
CA ASP A 47 2.05 -10.26 -4.78
C ASP A 47 3.40 -10.12 -5.49
N ASN A 48 4.35 -9.51 -4.79
CA ASN A 48 5.73 -9.27 -5.27
C ASN A 48 5.81 -8.59 -6.65
N GLU A 49 4.83 -7.77 -6.97
CA GLU A 49 4.85 -6.98 -8.20
C GLU A 49 5.68 -5.73 -7.99
N ILE A 50 6.48 -5.36 -8.98
CA ILE A 50 7.37 -4.22 -8.86
C ILE A 50 6.56 -2.93 -8.74
N LEU A 51 6.77 -2.23 -7.65
CA LEU A 51 5.99 -1.06 -7.31
C LEU A 51 6.90 0.16 -7.15
N LEU A 52 6.52 1.25 -7.79
CA LEU A 52 7.30 2.48 -7.77
C LEU A 52 6.58 3.56 -6.98
N GLU A 53 7.34 4.50 -6.42
CA GLU A 53 6.81 5.56 -5.59
C GLU A 53 5.85 6.46 -6.38
N ASN A 54 6.14 6.65 -7.66
CA ASN A 54 5.34 7.51 -8.53
C ASN A 54 4.01 6.85 -8.90
N GLN A 55 3.91 5.57 -8.61
CA GLN A 55 2.71 4.81 -8.85
C GLN A 55 1.75 4.91 -7.66
N LEU A 56 2.23 5.46 -6.56
CA LEU A 56 1.39 5.67 -5.38
C LEU A 56 0.49 6.88 -5.55
N PHE A 57 -0.78 6.70 -5.28
CA PHE A 57 -1.74 7.80 -5.31
C PHE A 57 -2.64 7.69 -4.10
N PRO A 58 -2.96 8.82 -3.44
CA PRO A 58 -3.81 8.82 -2.26
C PRO A 58 -5.24 8.37 -2.60
N ASP A 59 -5.83 7.64 -1.70
CA ASP A 59 -7.16 7.09 -1.90
C ASP A 59 -8.25 8.15 -1.78
N ASN A 60 -9.23 8.08 -2.67
CA ASN A 60 -10.29 9.09 -2.75
C ASN A 60 -11.17 9.12 -1.50
N PHE A 61 -11.41 7.95 -0.92
CA PHE A 61 -12.27 7.83 0.26
C PHE A 61 -11.61 8.52 1.45
N ALA A 62 -10.30 8.39 1.54
CA ALA A 62 -9.53 9.01 2.60
C ALA A 62 -9.32 10.49 2.30
N LYS A 63 -10.35 11.26 2.50
CA LYS A 63 -10.33 12.68 2.23
C LYS A 63 -11.53 13.31 2.90
#